data_5DN6
#
_entry.id   5DN6
#
_cell.length_a   112.001
_cell.length_b   187.943
_cell.length_c   164.724
_cell.angle_alpha   90.00
_cell.angle_beta   97.44
_cell.angle_gamma   90.00
#
_symmetry.space_group_name_H-M   'P 1 21 1'
#
loop_
_entity.id
_entity.type
_entity.pdbx_description
1 polymer 'Chain A'
2 polymer 'Chain B'
3 polymer 'Chain C'
4 polymer 'ATP synthase subunit alpha'
5 polymer 'ATP synthase subunit beta'
6 polymer 'ATP synthase gamma chain'
7 polymer 'ATP synthase subunit delta'
8 polymer 'ATP synthase epsilon chain'
9 polymer 'ATP synthase F0 subcomplex C subunit'
10 polymer 'Chain V'
11 polymer 'Chain W'
12 polymer 'ATP synthase subunit a,ATP synthase subunit a,ATP synthase subunit a,ATP synthase subunit a'
13 polymer 'Chain Y'
14 polymer 'Zeta inhibitor protein'
15 non-polymer "ADENOSINE-5'-TRIPHOSPHATE"
16 non-polymer 'MAGNESIUM ION'
17 non-polymer "ADENOSINE-5'-DIPHOSPHATE"
#
loop_
_entity_poly.entity_id
_entity_poly.type
_entity_poly.pdbx_seq_one_letter_code
_entity_poly.pdbx_strand_id
1 'polypeptide(L)'
;(UNK)(UNK)(UNK)(UNK)(UNK)(UNK)(UNK)(UNK)(UNK)(UNK)(UNK)(UNK)(UNK)(UNK)(UNK)(UNK)
(UNK)(UNK)(UNK)(UNK)
;
1
2 'polypeptide(L)' (UNK)(UNK)(UNK)(UNK)(UNK)(UNK)(UNK)(UNK)(UNK)(UNK)(UNK)(UNK)(UNK)(UNK)(UNK) 2
3 'polypeptide(L)'
;(UNK)(UNK)(UNK)(UNK)(UNK)(UNK)(UNK)(UNK)(UNK)(UNK)(UNK)(UNK)(UNK)(UNK)(UNK)(UNK)
(UNK)(UNK)(UNK)
;
3
4 'polypeptide(L)'
;MGIQAAEISAILKDQIKNFGQDAEVAEVGQVLSVGDGIARVYGLDKVQAGEMVEFPGGIRGMVLNLETDNVGVVIFGDDR
DIKEGDTVKRTGAIVEVPAGKELLGRVVDALGNPIDGKGPLNASERRIADVKAPGIMPRKSVHEPMATGLKSVDAMIPVG
RGQRELIIGDRQTGKTAIALDTILNQANYNGREADGMKTLHCIYVAVGQKRSTVAQLVKKLEETGAMAYTTVVAATASDP
APMQYLAPYSATAMGEYFRDNGMDALIIYDDLSKQAVAYRQMSLLLRRPPGREAYPGDVFYLHSRLLERSAKLNEANGAG
SLTALPIIETQAGDVSAYIPTNVISITDGQIFLETELFFQGIRPAVNTGLSVSRVGSAAQTKAMKSVAGPVKLELAQYRE
MAAFAQFGSDLDAATQKLLNRGARLTELMKQPQYSPLTNAEIVIVIYAGTKGYLDGIPVRDVTKWEHGLLQYLRNQKADL
LEDMTKNDRKVAGELEDAIKAALDGYAKTYA
;
A,B,C
5 'polypeptide(L)'
;MAEANGKITQVIGAVVDVQFDGQLPAILNALETENNGKRLVLEVAQHLGENTVRTIAMDATEGLVRGLPVKDTGGPIMVP
VGDATLGRILNVVGEPVDEGGPVEATQTRAIHQQAPDFAAQATASEILVTGIKVIDLLAPYSKGGKIGLFGGAGVGKTVL
IMELINNIAKVHSGYSVFAGVGERTREGNDLYHEMVESGVIKPDDLSKSQVALVYGQMNEPPGARMRVALTGLTVAEQFR
DATGTDVLFFVDNIFRFTQAGSEVSALLGRIPSAVGYQPTLATDMGAMQERITSTKNGSITSIQAVYVPADDLTDPAPAT
TFAHLDATTVLSRAISELGIYPAVDPLDSNSRILDPAVVGEEHYQVARDVQGILQKYKSLQDIIAILGMDELSEEDKLTV
ARARKIQRFLSQPFDVAKVFTGSDGVQVPLEDTIKSFKAVVAGEYDHLPEAAFYMVGGIEDVKAKAQRLAADAA
;
D,E,F
6 'polypeptide(L)'
;MPSLKDLKNRIGSVKNTRKITKAMQMVAAAKLRRAQEAAEAARPYADRMAAVMAGLTAAAAGSDMAPRLLAGTGEDRRHL
LVVMTSERGLAGGFNSSIVKLARLRLQELQAQGKQVSILTVGKKGREQLKREYGDLFVNHVDLSEVKRIGYDNARAIADE
ILDRFDNGEFDVATLFYNRFESVISQVPTARQVIPAVIEEGEAGASSLYDYEPDENAILNDLLPRSVATQVFAALLENAA
SEQGARMTAMDNATRNAGDMIDRLTTVYNRSRQAAITKELIEIISGAEAL
;
G
7 'polypeptide(L)'
;MTVANSASISADIAGRYAQALFDLVRDSGGIDALSSQIDDLASAYDASQDLRDLTLSPLYDRQQQEAAVGALSERMGLSA
ELANTLRLLARNRRLFTLPQFVAKLRNLIADAKGEVTADVVSAQALTDEQKARLADTLAAKSGKTVKLNARVDESLIGGM
IVKLGSQMIDSSIRSKLASLQNAMKEVG
;
H
8 'polypeptide(L)'
;MADTMQFDLVSPERNLVSVPVREVRLPGADGDLTAMPGHAPAIVNLRPGLVTVVAGDGSETEFAVTGGFAEINNESVTLL
AERGHPRAEMTQEVFNEMMAQARRRVEAAKERESAGEELVAAAVKLLADMEALGTHIGLDPNHANFPH
;
I
9 'polypeptide(L)' MENLGQLGQYLGAGLACVGMAGAAMGVGNVAGNYLAGALRNPSAAASQTATLFIGMAFAEALGIFSFLVALLLLFAV J,K,L,M,N,O,P,Q,R,S,T,U
10 'polypeptide(L)'
;(UNK)(UNK)(UNK)(UNK)(UNK)(UNK)(UNK)(UNK)(UNK)(UNK)(UNK)(UNK)(UNK)(UNK)(UNK)(UNK)
(UNK)(UNK)(UNK)(UNK)(UNK)(UNK)(UNK)(UNK)(UNK)(UNK)(UNK)(UNK)(UNK)(UNK)(UNK)(UNK)
(UNK)(UNK)(UNK)(UNK)(UNK)(UNK)(UNK)(UNK)(UNK)(UNK)(UNK)(UNK)(UNK)(UNK)(UNK)(UNK)
(UNK)(UNK)(UNK)(UNK)(UNK)(UNK)(UNK)(UNK)(UNK)(UNK)(UNK)(UNK)(UNK)(UNK)(UNK)(UNK)
(UNK)(UNK)(UNK)(UNK)(UNK)(UNK)(UNK)(UNK)(UNK)(UNK)(UNK)(UNK)(UNK)(UNK)
;
V
11 'polypeptide(L)'
;(UNK)(UNK)(UNK)(UNK)(UNK)(UNK)(UNK)(UNK)(UNK)(UNK)(UNK)(UNK)(UNK)(UNK)(UNK)(UNK)
(UNK)(UNK)(UNK)(UNK)(UNK)(UNK)(UNK)(UNK)(UNK)(UNK)(UNK)(UNK)(UNK)(UNK)(UNK)(UNK)
(UNK)(UNK)(UNK)(UNK)(UNK)(UNK)(UNK)(UNK)(UNK)(UNK)(UNK)(UNK)(UNK)(UNK)(UNK)(UNK)
(UNK)(UNK)(UNK)(UNK)(UNK)(UNK)(UNK)(UNK)(UNK)(UNK)(UNK)(UNK)(UNK)(UNK)(UNK)(UNK)
(UNK)(UNK)(UNK)(UNK)(UNK)(UNK)(UNK)(UNK)(UNK)(UNK)(UNK)(UNK)(UNK)(UNK)(UNK)(UNK)
(UNK)(UNK)(UNK)(UNK)(UNK)(UNK)(UNK)(UNK)(UNK)(UNK)(UNK)(UNK)(UNK)(UNK)(UNK)(UNK)
(UNK)(UNK)(UNK)(UNK)(UNK)(UNK)(UNK)(UNK)(UNK)(UNK)(UNK)(UNK)(UNK)(UNK)(UNK)(UNK)
(UNK)(UNK)(UNK)(UNK)(UNK)(UNK)(UNK)(UNK)(UNK)(UNK)(UNK)(UNK)
;
W
12 'polypeptide(L)'
;(UNK)(UNK)(UNK)(UNK)(UNK)(UNK)(UNK)(UNK)(UNK)(UNK)(UNK)(UNK)(UNK)(UNK)(UNK)(UNK)
(UNK)(UNK)(UNK)(UNK)(UNK)(UNK)(UNK)(UNK)(UNK)(UNK)(UNK)(UNK)(UNK)(UNK)(UNK)(UNK)
(UNK)(UNK)(UNK)MAEEEAGGLVFHPMDQFVIKPLFGEGPVNWYTPTNATLWMALAALAITALLVFGTRGRAIVPNRV
QSIAELLYGMVHKMVEDVTGKDGLKYFPYVMTLFCFILFANFLGLLPKSFSPTSHIAVTAVLAVLVFAGVTVLGFVKNGA
HFLGLFWVSSAPLALRPVLAVIELISYFVRPVSHSIRLAGNIMAGHAVIKVFAAFAAVAAIAPVSVVAITAMYGLEVLVC
LIQAYVFTILTCVYLKDALHPAH
;
X
13 'polypeptide(L)'
;(UNK)(UNK)(UNK)(UNK)(UNK)(UNK)(UNK)(UNK)(UNK)(UNK)(UNK)(UNK)(UNK)(UNK)(UNK)(UNK)
(UNK)(UNK)(UNK)(UNK)(UNK)(UNK)(UNK)(UNK)(UNK)(UNK)(UNK)(UNK)(UNK)(UNK)(UNK)(UNK)
(UNK)(UNK)(UNK)(UNK)(UNK)(UNK)(UNK)(UNK)(UNK)(UNK)(UNK)(UNK)(UNK)(UNK)(UNK)(UNK)
(UNK)(UNK)(UNK)(UNK)(UNK)(UNK)
;
Y
14 'polypeptide(L)'
;MTTFDDRERAHEAKFAHDAELNFKAEARRNRLLGEWAAGLLGKTGDDARAYALTVVTSDFDEPGDEDVFRKLAADLEGKA
DEETIRAKMVELRATAREQIISEI
;
Z
#
loop_
_chem_comp.id
_chem_comp.type
_chem_comp.name
_chem_comp.formula
ADP non-polymer ADENOSINE-5'-DIPHOSPHATE 'C10 H15 N5 O10 P2'
ATP non-polymer ADENOSINE-5'-TRIPHOSPHATE 'C10 H16 N5 O13 P3'
MG non-polymer 'MAGNESIUM ION' 'Mg 2'
#
# COMPACT_ATOMS: atom_id res chain seq x y z
N UNK A 1 -82.20 -0.17 -24.49
CA UNK A 1 -82.70 0.05 -25.88
C UNK A 1 -81.66 -0.39 -26.92
N UNK A 2 -80.46 0.18 -26.83
CA UNK A 2 -79.37 -0.13 -27.77
C UNK A 2 -78.81 -1.54 -27.62
N UNK A 3 -78.94 -2.14 -26.43
CA UNK A 3 -78.44 -3.49 -26.15
C UNK A 3 -79.20 -4.61 -26.88
N UNK A 4 -80.44 -4.34 -27.31
CA UNK A 4 -81.25 -5.31 -28.06
C UNK A 4 -80.66 -5.65 -29.45
N UNK A 5 -79.93 -4.72 -30.06
CA UNK A 5 -79.33 -4.92 -31.38
C UNK A 5 -78.18 -5.93 -31.35
N UNK A 6 -77.29 -5.77 -30.37
CA UNK A 6 -76.15 -6.68 -30.20
C UNK A 6 -76.57 -8.09 -29.75
N UNK A 7 -77.65 -8.18 -28.98
CA UNK A 7 -78.18 -9.48 -28.51
C UNK A 7 -78.76 -10.31 -29.65
N UNK A 8 -79.50 -9.67 -30.56
CA UNK A 8 -80.08 -10.34 -31.73
C UNK A 8 -79.04 -10.76 -32.75
N UNK A 9 -78.07 -9.88 -33.02
CA UNK A 9 -76.97 -10.15 -33.95
C UNK A 9 -76.03 -11.25 -33.44
N UNK A 10 -75.70 -11.20 -32.15
CA UNK A 10 -74.82 -12.21 -31.52
C UNK A 10 -75.49 -13.58 -31.35
N UNK A 11 -76.82 -13.62 -31.31
CA UNK A 11 -77.57 -14.88 -31.21
C UNK A 11 -77.34 -15.79 -32.41
N UNK A 12 -77.46 -15.22 -33.61
CA UNK A 12 -77.17 -15.93 -34.86
C UNK A 12 -75.65 -16.02 -35.07
N UNK A 13 -75.06 -17.11 -34.58
CA UNK A 13 -73.61 -17.33 -34.67
C UNK A 13 -73.25 -18.82 -34.67
N UNK A 14 -73.57 -19.52 -33.58
CA UNK A 14 -73.27 -20.95 -33.44
C UNK A 14 -74.19 -21.79 -34.33
N UNK A 15 -73.66 -22.94 -34.78
CA UNK A 15 -74.39 -23.86 -35.68
C UNK A 15 -74.08 -25.32 -35.40
N UNK A 16 -72.82 -25.73 -35.63
CA UNK A 16 -72.38 -27.12 -35.48
C UNK A 16 -71.50 -27.33 -34.25
N UNK A 17 -70.36 -26.64 -34.22
CA UNK A 17 -69.35 -26.77 -33.15
C UNK A 17 -68.83 -28.22 -32.98
N UNK A 18 -68.62 -28.89 -34.11
CA UNK A 18 -68.24 -30.31 -34.14
C UNK A 18 -66.72 -30.49 -34.16
N UNK A 19 -66.29 -31.74 -33.96
CA UNK A 19 -64.87 -32.15 -34.06
C UNK A 19 -63.95 -31.42 -33.08
N UNK A 20 -63.83 -31.96 -31.88
CA UNK A 20 -62.95 -31.42 -30.83
C UNK A 20 -61.88 -32.44 -30.46
N UNK B 1 -70.97 -32.49 -31.66
CA UNK B 1 -70.64 -33.38 -30.52
C UNK B 1 -71.57 -33.18 -29.31
N UNK B 2 -71.91 -31.92 -29.02
CA UNK B 2 -72.80 -31.58 -27.91
C UNK B 2 -73.63 -30.33 -28.24
N UNK B 3 -74.94 -30.52 -28.43
CA UNK B 3 -75.86 -29.41 -28.76
C UNK B 3 -76.15 -28.51 -27.56
N UNK B 4 -76.29 -29.10 -26.38
CA UNK B 4 -76.45 -28.34 -25.12
C UNK B 4 -75.20 -27.53 -24.77
N UNK B 5 -74.03 -28.06 -25.12
CA UNK B 5 -72.75 -27.34 -24.98
C UNK B 5 -72.65 -26.17 -25.96
N UNK B 6 -73.17 -26.34 -27.18
CA UNK B 6 -73.22 -25.27 -28.18
C UNK B 6 -74.12 -24.10 -27.77
N UNK B 7 -75.16 -24.38 -26.98
CA UNK B 7 -75.99 -23.35 -26.37
C UNK B 7 -75.21 -22.54 -25.31
N UNK B 8 -74.42 -23.24 -24.50
CA UNK B 8 -73.53 -22.60 -23.53
C UNK B 8 -72.38 -21.83 -24.19
N UNK B 9 -71.89 -22.32 -25.32
CA UNK B 9 -70.83 -21.67 -26.09
C UNK B 9 -71.28 -20.34 -26.69
N UNK B 10 -72.49 -20.31 -27.24
CA UNK B 10 -73.09 -19.07 -27.75
C UNK B 10 -73.44 -18.07 -26.64
N UNK B 11 -73.75 -18.58 -25.45
CA UNK B 11 -74.06 -17.75 -24.27
C UNK B 11 -72.86 -16.98 -23.73
N UNK B 12 -71.69 -17.63 -23.71
CA UNK B 12 -70.45 -17.00 -23.23
C UNK B 12 -69.94 -15.90 -24.15
N UNK B 13 -70.09 -16.10 -25.46
CA UNK B 13 -69.71 -15.09 -26.47
C UNK B 13 -70.56 -13.81 -26.39
N UNK B 14 -71.84 -13.97 -26.03
CA UNK B 14 -72.73 -12.83 -25.82
C UNK B 14 -72.28 -11.97 -24.64
N UNK B 15 -71.92 -12.63 -23.53
CA UNK B 15 -71.39 -11.94 -22.35
C UNK B 15 -69.95 -11.48 -22.58
N UNK C 1 30.14 72.01 -23.19
CA UNK C 1 28.89 71.29 -22.83
C UNK C 1 29.13 70.25 -21.72
N UNK C 2 30.06 69.34 -21.96
CA UNK C 2 30.40 68.27 -21.00
C UNK C 2 31.29 68.80 -19.86
N UNK C 3 32.37 69.49 -20.23
CA UNK C 3 33.33 70.03 -19.26
C UNK C 3 32.76 71.20 -18.45
N UNK C 4 31.99 72.07 -19.10
CA UNK C 4 31.37 73.23 -18.45
C UNK C 4 30.29 72.84 -17.44
N UNK C 5 29.49 71.82 -17.78
CA UNK C 5 28.47 71.28 -16.87
C UNK C 5 29.09 70.60 -15.64
N UNK C 6 30.27 70.00 -15.80
CA UNK C 6 31.00 69.35 -14.70
C UNK C 6 31.47 70.32 -13.62
N UNK C 7 31.84 71.55 -14.02
CA UNK C 7 32.24 72.60 -13.07
C UNK C 7 31.06 73.12 -12.24
N UNK C 8 29.89 73.23 -12.88
CA UNK C 8 28.65 73.61 -12.19
C UNK C 8 28.16 72.52 -11.23
N UNK C 9 28.30 71.25 -11.65
CA UNK C 9 27.85 70.10 -10.86
C UNK C 9 28.76 69.81 -9.66
N UNK C 10 30.09 69.89 -9.88
CA UNK C 10 31.07 69.68 -8.81
C UNK C 10 30.97 70.75 -7.71
N UNK C 11 30.67 71.98 -8.11
CA UNK C 11 30.43 73.09 -7.18
C UNK C 11 29.09 72.92 -6.45
N UNK C 12 28.04 72.57 -7.20
CA UNK C 12 26.69 72.34 -6.65
C UNK C 12 26.63 71.13 -5.71
N UNK C 13 27.43 70.10 -6.01
CA UNK C 13 27.56 68.91 -5.14
C UNK C 13 28.30 69.24 -3.84
N UNK C 14 29.31 70.10 -3.93
CA UNK C 14 30.03 70.60 -2.74
C UNK C 14 29.14 71.45 -1.83
N UNK C 15 28.23 72.20 -2.43
CA UNK C 15 27.24 72.99 -1.69
C UNK C 15 26.19 72.12 -0.99
N UNK C 16 25.74 71.06 -1.68
CA UNK C 16 24.75 70.13 -1.15
C UNK C 16 25.30 69.24 -0.02
N UNK C 17 26.56 68.83 -0.16
CA UNK C 17 27.26 68.06 0.89
C UNK C 17 27.49 68.89 2.16
N UNK C 18 27.83 70.17 1.97
CA UNK C 18 28.00 71.11 3.08
C UNK C 18 26.65 71.45 3.73
N UNK C 19 25.67 71.80 2.92
CA UNK C 19 24.31 72.11 3.39
C UNK C 19 23.58 70.84 3.80
N GLY D 2 -40.04 -48.55 -9.88
CA GLY D 2 -39.22 -48.81 -11.10
C GLY D 2 -39.56 -50.14 -11.76
N ILE D 3 -39.35 -50.20 -13.08
CA ILE D 3 -39.68 -51.40 -13.86
C ILE D 3 -38.57 -52.44 -13.71
N GLN D 4 -37.31 -52.01 -13.94
CA GLN D 4 -36.13 -52.87 -14.06
C GLN D 4 -36.06 -53.57 -15.43
N ALA D 5 -34.85 -53.90 -15.86
CA ALA D 5 -34.63 -54.62 -17.12
C ALA D 5 -35.08 -56.08 -16.97
N ALA D 6 -35.16 -56.78 -18.10
CA ALA D 6 -35.71 -58.14 -18.17
C ALA D 6 -37.19 -58.20 -17.76
N GLU D 7 -37.92 -57.13 -18.09
CA GLU D 7 -39.38 -57.09 -17.96
C GLU D 7 -39.91 -56.45 -19.25
N ILE D 8 -39.56 -57.10 -20.35
CA ILE D 8 -39.80 -56.62 -21.71
C ILE D 8 -40.64 -57.67 -22.44
N SER D 9 -41.47 -57.20 -23.37
CA SER D 9 -42.41 -58.06 -24.10
C SER D 9 -41.73 -59.26 -24.78
N ALA D 10 -40.64 -58.99 -25.51
CA ALA D 10 -39.88 -60.03 -26.21
C ALA D 10 -39.21 -61.04 -25.29
N ILE D 11 -38.71 -60.58 -24.14
CA ILE D 11 -37.96 -61.42 -23.20
C ILE D 11 -38.90 -62.29 -22.38
N LEU D 12 -40.02 -61.72 -21.95
CA LEU D 12 -41.03 -62.44 -21.17
C LEU D 12 -41.75 -63.55 -21.96
N LYS D 13 -41.71 -63.50 -23.29
CA LYS D 13 -42.22 -64.60 -24.12
C LYS D 13 -41.49 -65.91 -23.84
N ASP D 14 -40.16 -65.89 -23.99
CA ASP D 14 -39.34 -67.10 -23.79
C ASP D 14 -39.34 -67.62 -22.34
N GLN D 15 -39.62 -66.75 -21.37
CA GLN D 15 -39.75 -67.16 -19.97
C GLN D 15 -41.04 -67.97 -19.69
N ILE D 16 -42.12 -67.66 -20.41
CA ILE D 16 -43.41 -68.36 -20.24
C ILE D 16 -43.66 -69.46 -21.30
N LYS D 17 -43.30 -69.20 -22.56
CA LYS D 17 -43.49 -70.17 -23.66
C LYS D 17 -42.67 -71.43 -23.47
N ASN D 18 -41.35 -71.24 -23.34
CA ASN D 18 -40.37 -72.33 -23.20
C ASN D 18 -40.26 -73.20 -24.46
N PHE D 19 -39.28 -72.89 -25.31
CA PHE D 19 -38.96 -73.68 -26.51
C PHE D 19 -38.19 -74.95 -26.12
N GLY D 20 -37.57 -75.62 -27.09
CA GLY D 20 -36.65 -76.75 -26.82
C GLY D 20 -35.26 -76.28 -26.47
N GLN D 21 -34.63 -76.96 -25.49
CA GLN D 21 -33.34 -76.54 -24.93
C GLN D 21 -33.20 -75.01 -24.90
N ASP D 22 -34.30 -74.34 -24.58
CA ASP D 22 -34.38 -72.88 -24.72
C ASP D 22 -33.56 -72.16 -23.65
N ALA D 23 -33.50 -72.74 -22.45
CA ALA D 23 -32.91 -72.08 -21.28
C ALA D 23 -31.59 -71.37 -21.57
N GLU D 24 -30.47 -72.09 -21.51
CA GLU D 24 -29.11 -71.52 -21.55
C GLU D 24 -28.91 -70.12 -20.93
N VAL D 25 -29.60 -69.85 -19.82
CA VAL D 25 -29.46 -68.58 -19.12
C VAL D 25 -28.23 -68.60 -18.23
N ALA D 26 -27.57 -69.76 -18.13
CA ALA D 26 -26.42 -69.97 -17.25
C ALA D 26 -25.11 -69.44 -17.85
N GLU D 27 -24.82 -69.82 -19.09
CA GLU D 27 -23.55 -69.50 -19.72
C GLU D 27 -23.70 -68.51 -20.89
N VAL D 28 -24.92 -68.06 -21.17
CA VAL D 28 -25.23 -67.20 -22.33
C VAL D 28 -26.28 -66.17 -21.91
N GLY D 29 -26.31 -65.04 -22.62
CA GLY D 29 -27.30 -63.99 -22.36
C GLY D 29 -27.66 -63.20 -23.61
N GLN D 30 -28.63 -62.29 -23.45
CA GLN D 30 -29.15 -61.49 -24.56
C GLN D 30 -29.25 -60.02 -24.15
N VAL D 31 -28.71 -59.12 -24.96
CA VAL D 31 -28.68 -57.70 -24.62
C VAL D 31 -30.10 -57.14 -24.47
N LEU D 32 -30.39 -56.58 -23.30
CA LEU D 32 -31.66 -55.92 -23.03
C LEU D 32 -31.61 -54.47 -23.51
N SER D 33 -30.45 -53.84 -23.31
CA SER D 33 -30.28 -52.41 -23.53
C SER D 33 -28.81 -52.11 -23.81
N VAL D 34 -28.53 -51.08 -24.60
CA VAL D 34 -27.15 -50.70 -24.90
C VAL D 34 -27.01 -49.21 -25.22
N GLY D 35 -25.94 -48.61 -24.70
CA GLY D 35 -25.65 -47.19 -24.96
C GLY D 35 -24.47 -46.69 -24.14
N ASP D 36 -23.73 -45.73 -24.69
CA ASP D 36 -22.61 -45.09 -24.00
C ASP D 36 -21.61 -46.09 -23.40
N GLY D 37 -21.28 -47.13 -24.17
CA GLY D 37 -20.35 -48.17 -23.74
C GLY D 37 -20.87 -49.09 -22.65
N ILE D 38 -22.18 -49.08 -22.43
CA ILE D 38 -22.81 -49.93 -21.41
C ILE D 38 -23.88 -50.79 -22.07
N ALA D 39 -23.79 -52.10 -21.83
CA ALA D 39 -24.79 -53.06 -22.29
C ALA D 39 -25.42 -53.74 -21.07
N ARG D 40 -26.73 -53.60 -20.91
CA ARG D 40 -27.48 -54.36 -19.92
C ARG D 40 -27.79 -55.73 -20.51
N VAL D 41 -27.44 -56.81 -19.84
CA VAL D 41 -27.64 -58.15 -20.43
C VAL D 41 -28.45 -59.09 -19.53
N TYR D 42 -29.46 -59.72 -20.13
CA TYR D 42 -30.29 -60.72 -19.45
C TYR D 42 -29.61 -62.08 -19.50
N GLY D 43 -29.72 -62.84 -18.41
CA GLY D 43 -29.20 -64.20 -18.34
C GLY D 43 -27.81 -64.26 -17.72
N LEU D 44 -26.91 -65.00 -18.35
CA LEU D 44 -25.55 -65.17 -17.82
C LEU D 44 -25.59 -65.38 -16.30
N ASP D 45 -26.43 -66.30 -15.84
CA ASP D 45 -26.59 -66.52 -14.40
C ASP D 45 -25.30 -66.90 -13.69
N LYS D 46 -24.39 -67.56 -14.41
CA LYS D 46 -23.13 -68.02 -13.82
C LYS D 46 -21.93 -67.08 -14.02
N VAL D 47 -22.09 -66.00 -14.79
CA VAL D 47 -20.96 -65.09 -15.05
C VAL D 47 -20.52 -64.45 -13.73
N GLN D 48 -19.21 -64.32 -13.57
CA GLN D 48 -18.59 -63.82 -12.34
C GLN D 48 -18.42 -62.32 -12.38
N ALA D 49 -18.45 -61.68 -11.21
CA ALA D 49 -18.15 -60.25 -11.13
C ALA D 49 -16.74 -60.04 -11.67
N GLY D 50 -16.59 -59.09 -12.59
CA GLY D 50 -15.31 -58.80 -13.22
C GLY D 50 -14.90 -59.72 -14.37
N GLU D 51 -15.78 -60.64 -14.77
CA GLU D 51 -15.45 -61.59 -15.85
C GLU D 51 -15.51 -60.93 -17.23
N MET D 52 -14.55 -61.28 -18.08
CA MET D 52 -14.51 -60.79 -19.44
C MET D 52 -15.34 -61.68 -20.36
N VAL D 53 -16.43 -61.12 -20.87
CA VAL D 53 -17.38 -61.86 -21.70
C VAL D 53 -17.25 -61.40 -23.15
N GLU D 54 -17.95 -62.06 -24.06
CA GLU D 54 -17.78 -61.79 -25.49
C GLU D 54 -19.10 -61.56 -26.23
N PHE D 55 -19.13 -60.45 -26.98
CA PHE D 55 -20.26 -60.03 -27.79
C PHE D 55 -20.25 -60.73 -29.15
N PRO D 56 -21.38 -60.69 -29.91
CA PRO D 56 -21.36 -61.48 -31.14
C PRO D 56 -20.38 -60.94 -32.17
N GLY D 57 -20.09 -59.64 -32.15
CA GLY D 57 -19.10 -59.05 -33.05
C GLY D 57 -17.67 -59.49 -32.77
N GLY D 58 -17.44 -60.18 -31.65
CA GLY D 58 -16.11 -60.58 -31.21
C GLY D 58 -15.56 -59.62 -30.16
N ILE D 59 -16.27 -58.52 -29.93
CA ILE D 59 -15.83 -57.48 -29.00
C ILE D 59 -15.88 -58.04 -27.57
N ARG D 60 -14.91 -57.62 -26.75
CA ARG D 60 -14.85 -57.99 -25.34
C ARG D 60 -15.61 -57.00 -24.46
N GLY D 61 -16.01 -57.46 -23.28
CA GLY D 61 -16.71 -56.60 -22.30
C GLY D 61 -16.52 -57.12 -20.89
N MET D 62 -16.46 -56.22 -19.91
CA MET D 62 -16.27 -56.63 -18.52
C MET D 62 -17.55 -56.49 -17.73
N VAL D 63 -17.89 -57.56 -17.03
CA VAL D 63 -19.06 -57.62 -16.16
C VAL D 63 -18.70 -56.92 -14.84
N LEU D 64 -19.04 -55.64 -14.72
CA LEU D 64 -18.76 -54.90 -13.49
C LEU D 64 -19.95 -54.90 -12.53
N ASN D 65 -21.16 -55.03 -13.05
CA ASN D 65 -22.37 -55.01 -12.22
C ASN D 65 -23.12 -56.35 -12.37
N LEU D 66 -23.20 -57.13 -11.28
CA LEU D 66 -24.10 -58.27 -11.20
C LEU D 66 -25.34 -57.83 -10.46
N GLU D 67 -26.47 -57.73 -11.16
CA GLU D 67 -27.74 -57.32 -10.55
C GLU D 67 -28.74 -58.46 -10.63
N THR D 68 -29.85 -58.32 -9.91
CA THR D 68 -30.85 -59.40 -9.77
C THR D 68 -31.30 -60.02 -11.08
N ASP D 69 -31.64 -59.19 -12.06
CA ASP D 69 -32.17 -59.67 -13.35
C ASP D 69 -31.39 -59.17 -14.56
N ASN D 70 -30.14 -58.76 -14.35
CA ASN D 70 -29.30 -58.30 -15.45
C ASN D 70 -27.83 -58.18 -15.06
N VAL D 71 -26.98 -58.11 -16.07
CA VAL D 71 -25.58 -57.86 -15.86
C VAL D 71 -25.21 -56.59 -16.64
N GLY D 72 -24.54 -55.66 -15.95
CA GLY D 72 -24.05 -54.42 -16.58
C GLY D 72 -22.67 -54.69 -17.13
N VAL D 73 -22.52 -54.62 -18.45
CA VAL D 73 -21.23 -54.89 -19.11
C VAL D 73 -20.63 -53.63 -19.71
N VAL D 74 -19.39 -53.31 -19.35
CA VAL D 74 -18.68 -52.19 -19.98
C VAL D 74 -17.94 -52.67 -21.24
N ILE D 75 -18.17 -51.97 -22.36
CA ILE D 75 -17.74 -52.43 -23.69
C ILE D 75 -16.34 -51.98 -24.08
N PHE D 76 -15.49 -52.94 -24.47
CA PHE D 76 -14.13 -52.67 -24.96
C PHE D 76 -14.17 -52.54 -26.48
N GLY D 77 -14.88 -51.54 -26.98
CA GLY D 77 -15.05 -51.35 -28.42
C GLY D 77 -16.13 -50.35 -28.77
N ASP D 78 -16.50 -50.33 -30.05
CA ASP D 78 -17.50 -49.39 -30.58
C ASP D 78 -18.89 -49.96 -30.32
N ASP D 79 -19.74 -49.26 -29.55
CA ASP D 79 -21.07 -49.81 -29.24
C ASP D 79 -22.02 -49.86 -30.45
N ARG D 80 -21.66 -49.21 -31.55
CA ARG D 80 -22.44 -49.31 -32.79
C ARG D 80 -22.61 -50.76 -33.27
N ASP D 81 -21.65 -51.62 -32.90
CA ASP D 81 -21.68 -53.04 -33.28
C ASP D 81 -22.45 -53.93 -32.29
N ILE D 82 -23.15 -53.33 -31.32
CA ILE D 82 -23.98 -54.07 -30.38
C ILE D 82 -25.40 -53.52 -30.37
N LYS D 83 -26.38 -54.42 -30.46
CA LYS D 83 -27.80 -54.05 -30.49
C LYS D 83 -28.63 -54.91 -29.56
N GLU D 84 -29.88 -54.48 -29.37
CA GLU D 84 -30.82 -55.20 -28.52
C GLU D 84 -30.90 -56.64 -29.04
N GLY D 85 -30.82 -57.60 -28.12
CA GLY D 85 -30.94 -59.01 -28.46
C GLY D 85 -29.66 -59.71 -28.88
N ASP D 86 -28.54 -59.00 -28.95
CA ASP D 86 -27.29 -59.64 -29.37
C ASP D 86 -26.84 -60.67 -28.35
N THR D 87 -26.27 -61.76 -28.85
CA THR D 87 -25.85 -62.88 -28.01
C THR D 87 -24.54 -62.53 -27.32
N VAL D 88 -24.47 -62.83 -26.03
CA VAL D 88 -23.28 -62.61 -25.22
C VAL D 88 -22.91 -63.93 -24.58
N LYS D 89 -21.63 -64.30 -24.62
CA LYS D 89 -21.22 -65.57 -24.03
C LYS D 89 -20.10 -65.44 -23.03
N ARG D 90 -20.15 -66.34 -22.03
CA ARG D 90 -19.07 -66.52 -21.11
C ARG D 90 -17.91 -67.17 -21.82
N THR D 91 -16.71 -66.68 -21.50
CA THR D 91 -15.48 -67.36 -21.82
C THR D 91 -14.79 -67.83 -20.53
N GLY D 92 -15.40 -67.55 -19.37
CA GLY D 92 -14.79 -67.81 -18.07
C GLY D 92 -13.64 -66.86 -17.76
N ALA D 93 -13.36 -65.93 -18.66
CA ALA D 93 -12.08 -65.24 -18.66
C ALA D 93 -12.04 -64.20 -17.56
N ILE D 94 -10.82 -63.94 -17.12
CA ILE D 94 -10.49 -62.76 -16.33
C ILE D 94 -9.37 -62.09 -17.13
N VAL D 95 -9.37 -60.76 -17.16
CA VAL D 95 -8.64 -60.03 -18.19
C VAL D 95 -7.12 -60.18 -18.05
N GLU D 96 -6.54 -61.01 -18.90
CA GLU D 96 -5.13 -61.41 -18.83
C GLU D 96 -4.33 -60.87 -20.03
N VAL D 97 -3.05 -60.58 -19.80
CA VAL D 97 -2.19 -59.99 -20.83
C VAL D 97 -0.88 -60.75 -20.97
N PRO D 98 -0.28 -60.69 -22.16
CA PRO D 98 1.06 -61.25 -22.32
C PRO D 98 2.06 -60.52 -21.43
N ALA D 99 3.06 -61.23 -20.95
CA ALA D 99 4.16 -60.63 -20.17
C ALA D 99 5.50 -61.19 -20.66
N GLY D 100 6.61 -60.55 -20.27
CA GLY D 100 7.95 -61.06 -20.58
C GLY D 100 8.81 -60.10 -21.38
N LYS D 101 10.06 -60.50 -21.59
CA LYS D 101 11.04 -59.68 -22.32
C LYS D 101 10.68 -59.46 -23.79
N GLU D 102 9.79 -60.30 -24.32
CA GLU D 102 9.32 -60.19 -25.70
C GLU D 102 8.60 -58.87 -25.95
N LEU D 103 8.07 -58.26 -24.90
CA LEU D 103 7.41 -56.96 -24.99
C LEU D 103 8.38 -55.78 -25.09
N LEU D 104 9.63 -55.97 -24.70
CA LEU D 104 10.63 -54.92 -24.78
C LEU D 104 10.80 -54.47 -26.22
N GLY D 105 10.88 -53.16 -26.43
CA GLY D 105 10.97 -52.58 -27.77
C GLY D 105 9.70 -52.57 -28.60
N ARG D 106 8.55 -52.89 -28.01
CA ARG D 106 7.28 -52.89 -28.72
C ARG D 106 6.31 -51.85 -28.20
N VAL D 107 5.36 -51.46 -29.04
CA VAL D 107 4.25 -50.61 -28.62
C VAL D 107 2.96 -51.44 -28.66
N VAL D 108 2.26 -51.49 -27.53
CA VAL D 108 1.05 -52.33 -27.39
C VAL D 108 -0.16 -51.56 -26.89
N ASP D 109 -1.34 -52.12 -27.11
CA ASP D 109 -2.59 -51.53 -26.62
C ASP D 109 -2.82 -51.92 -25.17
N ALA D 110 -3.91 -51.42 -24.60
CA ALA D 110 -4.27 -51.71 -23.22
C ALA D 110 -4.27 -53.20 -22.85
N LEU D 111 -4.49 -54.08 -23.83
CA LEU D 111 -4.61 -55.53 -23.58
C LEU D 111 -3.42 -56.40 -24.05
N GLY D 112 -2.27 -55.79 -24.32
CA GLY D 112 -1.05 -56.51 -24.72
C GLY D 112 -0.88 -56.71 -26.22
N ASN D 113 -1.86 -56.27 -27.01
CA ASN D 113 -1.84 -56.52 -28.43
C ASN D 113 -0.91 -55.50 -29.10
N PRO D 114 0.03 -55.98 -29.95
CA PRO D 114 0.91 -55.05 -30.67
C PRO D 114 0.15 -54.10 -31.60
N ILE D 115 0.52 -52.83 -31.57
CA ILE D 115 -0.05 -51.83 -32.46
C ILE D 115 1.02 -51.13 -33.31
N ASP D 116 2.26 -51.57 -33.17
CA ASP D 116 3.38 -51.00 -33.93
C ASP D 116 3.48 -51.55 -35.37
N GLY D 117 2.65 -52.55 -35.71
CA GLY D 117 2.59 -53.13 -37.05
C GLY D 117 3.80 -54.00 -37.39
N LYS D 118 4.58 -54.32 -36.37
CA LYS D 118 5.96 -54.71 -36.54
C LYS D 118 6.13 -56.09 -35.93
N GLY D 119 6.02 -56.15 -34.61
CA GLY D 119 6.43 -57.33 -33.88
C GLY D 119 5.29 -58.30 -33.67
N PRO D 120 5.52 -59.61 -33.93
CA PRO D 120 4.60 -60.63 -33.43
C PRO D 120 4.62 -60.75 -31.90
N LEU D 121 3.49 -61.21 -31.36
CA LEU D 121 3.31 -61.58 -29.94
C LEU D 121 4.55 -62.20 -29.27
N ASN D 122 4.82 -63.48 -29.54
CA ASN D 122 6.01 -64.18 -29.04
C ASN D 122 6.15 -64.38 -27.52
N ALA D 123 5.21 -63.86 -26.73
CA ALA D 123 5.30 -63.91 -25.27
C ALA D 123 5.02 -65.30 -24.69
N SER D 124 5.89 -65.73 -23.78
CA SER D 124 5.86 -67.08 -23.19
C SER D 124 4.95 -67.16 -21.97
N GLU D 125 4.80 -66.03 -21.27
CA GLU D 125 3.97 -65.94 -20.06
C GLU D 125 2.80 -64.98 -20.28
N ARG D 126 1.71 -65.22 -19.56
CA ARG D 126 0.55 -64.32 -19.55
C ARG D 126 0.10 -64.16 -18.10
N ARG D 127 -0.59 -63.07 -17.79
CA ARG D 127 -0.87 -62.70 -16.39
C ARG D 127 -2.18 -61.93 -16.23
N ILE D 128 -2.95 -62.26 -15.20
CA ILE D 128 -4.20 -61.54 -14.92
C ILE D 128 -3.80 -60.12 -14.53
N ALA D 129 -4.55 -59.13 -15.02
CA ALA D 129 -4.22 -57.73 -14.82
C ALA D 129 -4.64 -57.27 -13.43
N ASP D 130 -5.73 -57.82 -12.90
CA ASP D 130 -6.21 -57.47 -11.56
C ASP D 130 -5.74 -58.50 -10.54
N VAL D 131 -4.71 -58.16 -9.75
CA VAL D 131 -4.18 -59.07 -8.74
C VAL D 131 -3.79 -58.32 -7.47
N LYS D 132 -3.69 -59.07 -6.37
CA LYS D 132 -3.33 -58.50 -5.08
C LYS D 132 -1.83 -58.20 -5.03
N ALA D 133 -1.49 -57.06 -4.42
CA ALA D 133 -0.11 -56.65 -4.26
C ALA D 133 0.61 -57.51 -3.23
N PRO D 134 1.94 -57.60 -3.33
CA PRO D 134 2.73 -58.29 -2.32
C PRO D 134 2.37 -57.80 -0.92
N GLY D 135 2.28 -58.72 0.03
CA GLY D 135 1.87 -58.39 1.39
C GLY D 135 2.95 -57.69 2.19
N ILE D 136 2.78 -57.73 3.51
CA ILE D 136 3.69 -57.06 4.45
C ILE D 136 5.04 -57.79 4.57
N MET D 137 4.98 -59.11 4.74
CA MET D 137 6.17 -59.92 5.07
C MET D 137 7.26 -60.09 4.02
N PRO D 138 6.89 -60.40 2.76
CA PRO D 138 7.90 -60.73 1.74
C PRO D 138 8.55 -59.50 1.10
N ARG D 139 8.63 -58.38 1.83
CA ARG D 139 9.27 -57.18 1.33
C ARG D 139 10.54 -56.84 2.10
N LYS D 140 11.39 -56.03 1.45
CA LYS D 140 12.59 -55.47 2.07
C LYS D 140 12.51 -53.95 1.94
N SER D 141 13.03 -53.25 2.94
CA SER D 141 13.10 -51.79 2.90
C SER D 141 13.80 -51.34 1.61
N VAL D 142 13.37 -50.20 1.08
CA VAL D 142 13.91 -49.68 -0.18
C VAL D 142 15.34 -49.17 0.05
N HIS D 143 16.30 -49.72 -0.69
CA HIS D 143 17.70 -49.31 -0.57
C HIS D 143 18.50 -49.12 -1.86
N GLU D 144 17.93 -49.47 -3.01
CA GLU D 144 18.66 -49.39 -4.27
C GLU D 144 18.25 -48.14 -5.03
N PRO D 145 19.21 -47.32 -5.46
CA PRO D 145 18.87 -46.08 -6.17
C PRO D 145 18.18 -46.35 -7.50
N MET D 146 17.19 -45.53 -7.80
CA MET D 146 16.53 -45.52 -9.11
C MET D 146 16.86 -44.16 -9.70
N ALA D 147 17.99 -44.14 -10.41
CA ALA D 147 18.56 -42.92 -10.95
C ALA D 147 17.68 -42.32 -12.04
N THR D 148 17.22 -41.10 -11.82
CA THR D 148 16.52 -40.36 -12.86
C THR D 148 17.52 -39.70 -13.80
N GLY D 149 18.70 -39.38 -13.27
CA GLY D 149 19.71 -38.66 -14.03
C GLY D 149 19.51 -37.16 -13.96
N LEU D 150 18.46 -36.71 -13.26
CA LEU D 150 18.22 -35.31 -13.01
C LEU D 150 18.78 -34.98 -11.64
N LYS D 151 19.77 -34.10 -11.59
CA LYS D 151 20.50 -33.85 -10.35
C LYS D 151 19.63 -33.31 -9.22
N SER D 152 18.72 -32.40 -9.52
CA SER D 152 17.74 -31.91 -8.53
C SER D 152 17.00 -33.05 -7.81
N VAL D 153 16.58 -34.05 -8.57
CA VAL D 153 15.83 -35.19 -8.04
C VAL D 153 16.74 -36.22 -7.36
N ASP D 154 17.77 -36.67 -8.07
CA ASP D 154 18.68 -37.69 -7.51
C ASP D 154 19.38 -37.22 -6.22
N ALA D 155 19.51 -35.90 -6.03
CA ALA D 155 20.15 -35.33 -4.85
C ALA D 155 19.16 -34.96 -3.74
N MET D 156 18.09 -34.24 -4.08
CA MET D 156 17.20 -33.68 -3.06
C MET D 156 15.81 -34.33 -2.92
N ILE D 157 15.37 -35.08 -3.94
CA ILE D 157 14.11 -35.86 -3.86
C ILE D 157 14.37 -37.29 -4.37
N PRO D 158 15.31 -38.01 -3.73
CA PRO D 158 15.80 -39.30 -4.23
C PRO D 158 14.77 -40.42 -4.25
N VAL D 159 14.75 -41.16 -5.35
CA VAL D 159 13.86 -42.30 -5.56
C VAL D 159 14.66 -43.61 -5.48
N GLY D 160 14.09 -44.61 -4.82
CA GLY D 160 14.71 -45.92 -4.69
C GLY D 160 13.92 -46.98 -5.42
N ARG D 161 14.54 -48.12 -5.67
CA ARG D 161 13.89 -49.21 -6.40
C ARG D 161 12.84 -49.85 -5.50
N GLY D 162 11.57 -49.74 -5.89
CA GLY D 162 10.46 -50.23 -5.12
C GLY D 162 9.59 -49.12 -4.56
N GLN D 163 10.07 -47.89 -4.69
CA GLN D 163 9.36 -46.71 -4.22
C GLN D 163 8.24 -46.34 -5.17
N ARG D 164 7.25 -45.60 -4.63
CA ARG D 164 6.23 -44.94 -5.41
C ARG D 164 6.41 -43.44 -5.16
N GLU D 165 6.94 -42.75 -6.16
CA GLU D 165 7.11 -41.30 -6.10
C GLU D 165 6.19 -40.69 -7.14
N LEU D 166 5.39 -39.70 -6.72
CA LEU D 166 4.44 -39.03 -7.60
C LEU D 166 5.08 -37.84 -8.30
N ILE D 167 4.81 -37.71 -9.60
CA ILE D 167 5.20 -36.53 -10.37
C ILE D 167 3.93 -35.72 -10.55
N ILE D 168 3.89 -34.54 -9.97
CA ILE D 168 2.66 -33.75 -9.94
C ILE D 168 2.95 -32.29 -10.32
N GLY D 169 2.04 -31.73 -11.11
CA GLY D 169 2.08 -30.31 -11.39
C GLY D 169 0.94 -29.87 -12.28
N ASP D 170 0.82 -28.56 -12.48
CA ASP D 170 -0.13 -28.04 -13.44
C ASP D 170 0.27 -28.40 -14.87
N ARG D 171 -0.63 -28.14 -15.81
CA ARG D 171 -0.47 -28.55 -17.23
C ARG D 171 0.96 -28.44 -17.78
N GLN D 172 1.42 -27.26 -18.18
CA GLN D 172 2.62 -27.15 -18.95
C GLN D 172 3.91 -27.13 -18.09
N THR D 173 4.00 -27.95 -17.04
CA THR D 173 5.10 -27.80 -16.08
C THR D 173 6.30 -28.74 -16.31
N GLY D 174 6.14 -29.72 -17.20
CA GLY D 174 7.23 -30.62 -17.58
C GLY D 174 7.25 -31.98 -16.89
N LYS D 175 6.09 -32.47 -16.46
CA LYS D 175 6.09 -33.68 -15.66
C LYS D 175 6.34 -34.94 -16.51
N THR D 176 5.75 -35.04 -17.70
CA THR D 176 6.10 -36.13 -18.65
C THR D 176 7.60 -36.16 -18.96
N ALA D 177 8.16 -34.97 -19.23
CA ALA D 177 9.58 -34.83 -19.52
C ALA D 177 10.47 -35.49 -18.48
N ILE D 178 10.08 -35.37 -17.21
CA ILE D 178 10.85 -36.00 -16.13
C ILE D 178 10.87 -37.50 -16.30
N ALA D 179 9.72 -38.08 -16.64
CA ALA D 179 9.62 -39.52 -16.89
C ALA D 179 10.47 -39.97 -18.09
N LEU D 180 10.39 -39.21 -19.18
CA LEU D 180 11.13 -39.53 -20.41
C LEU D 180 12.65 -39.48 -20.22
N ASP D 181 13.13 -38.41 -19.58
CA ASP D 181 14.57 -38.28 -19.26
C ASP D 181 15.04 -39.40 -18.34
N THR D 182 14.16 -39.85 -17.45
CA THR D 182 14.45 -40.98 -16.58
C THR D 182 14.62 -42.28 -17.36
N ILE D 183 13.76 -42.50 -18.36
CA ILE D 183 13.90 -43.69 -19.21
C ILE D 183 15.20 -43.61 -20.00
N LEU D 184 15.47 -42.45 -20.60
CA LEU D 184 16.71 -42.23 -21.36
C LEU D 184 17.96 -42.47 -20.50
N ASN D 185 17.90 -42.08 -19.23
CA ASN D 185 19.02 -42.25 -18.31
C ASN D 185 19.46 -43.69 -18.07
N GLN D 186 18.52 -44.63 -18.16
CA GLN D 186 18.85 -46.01 -17.86
C GLN D 186 19.83 -46.64 -18.84
N ALA D 187 19.84 -46.18 -20.10
CA ALA D 187 20.74 -46.71 -21.12
C ALA D 187 22.21 -46.74 -20.67
N ASN D 188 22.62 -45.71 -19.93
CA ASN D 188 23.97 -45.64 -19.36
C ASN D 188 24.30 -46.84 -18.45
N TYR D 189 23.28 -47.39 -17.80
CA TYR D 189 23.46 -48.54 -16.92
C TYR D 189 23.16 -49.86 -17.64
N ASN D 190 22.13 -49.88 -18.47
CA ASN D 190 21.79 -51.09 -19.23
C ASN D 190 22.82 -51.38 -20.30
N GLY D 196 26.72 -56.28 -14.70
CA GLY D 196 25.45 -55.66 -15.07
C GLY D 196 24.49 -55.57 -13.89
N MET D 197 25.01 -55.14 -12.75
CA MET D 197 24.28 -55.14 -11.48
C MET D 197 23.06 -54.23 -11.51
N LYS D 198 23.18 -53.12 -12.21
CA LYS D 198 22.21 -52.04 -12.10
C LYS D 198 20.92 -52.41 -12.82
N THR D 199 21.03 -52.87 -14.06
CA THR D 199 19.88 -53.19 -14.96
C THR D 199 18.47 -52.69 -14.56
N LEU D 200 17.85 -51.82 -15.35
CA LEU D 200 16.48 -51.36 -15.08
C LEU D 200 15.60 -51.32 -16.35
N HIS D 201 14.57 -52.17 -16.36
CA HIS D 201 13.59 -52.23 -17.45
C HIS D 201 12.54 -51.13 -17.24
N CYS D 202 12.08 -50.53 -18.33
CA CYS D 202 11.13 -49.41 -18.25
C CYS D 202 9.80 -49.74 -18.93
N ILE D 203 8.71 -49.28 -18.31
CA ILE D 203 7.35 -49.42 -18.85
C ILE D 203 6.67 -48.06 -18.76
N TYR D 204 6.36 -47.47 -19.92
CA TYR D 204 5.65 -46.20 -19.99
C TYR D 204 4.21 -46.45 -20.41
N VAL D 205 3.28 -46.11 -19.52
CA VAL D 205 1.86 -46.30 -19.80
C VAL D 205 1.24 -44.98 -20.21
N ALA D 206 0.76 -44.89 -21.45
CA ALA D 206 0.05 -43.71 -21.94
C ALA D 206 -1.45 -43.94 -21.72
N VAL D 207 -2.11 -42.97 -21.09
CA VAL D 207 -3.53 -43.06 -20.73
C VAL D 207 -4.24 -41.75 -21.11
N GLY D 208 -5.06 -41.81 -22.15
CA GLY D 208 -5.79 -40.64 -22.62
C GLY D 208 -5.00 -39.61 -23.42
N GLN D 209 -3.77 -39.96 -23.81
CA GLN D 209 -2.96 -39.07 -24.65
C GLN D 209 -3.38 -39.16 -26.11
N LYS D 210 -2.81 -38.28 -26.93
CA LYS D 210 -2.96 -38.34 -28.39
C LYS D 210 -2.11 -39.44 -28.96
N ARG D 211 -2.52 -40.00 -30.09
CA ARG D 211 -1.64 -40.95 -30.81
C ARG D 211 -0.35 -40.26 -31.27
N SER D 212 -0.46 -39.05 -31.83
CA SER D 212 0.70 -38.28 -32.26
C SER D 212 1.71 -38.04 -31.12
N THR D 213 1.20 -37.75 -29.93
CA THR D 213 2.04 -37.52 -28.76
C THR D 213 2.89 -38.74 -28.44
N VAL D 214 2.24 -39.91 -28.39
CA VAL D 214 2.97 -41.13 -28.04
C VAL D 214 3.92 -41.54 -29.16
N ALA D 215 3.56 -41.27 -30.41
CA ALA D 215 4.43 -41.55 -31.56
C ALA D 215 5.69 -40.72 -31.49
N GLN D 216 5.55 -39.45 -31.12
CA GLN D 216 6.71 -38.59 -30.93
C GLN D 216 7.56 -39.14 -29.81
N LEU D 217 6.89 -39.55 -28.73
CA LEU D 217 7.54 -40.13 -27.56
C LEU D 217 8.40 -41.32 -27.96
N VAL D 218 7.81 -42.29 -28.65
CA VAL D 218 8.55 -43.48 -29.07
C VAL D 218 9.67 -43.12 -30.07
N LYS D 219 9.42 -42.17 -30.96
CA LYS D 219 10.47 -41.67 -31.86
C LYS D 219 11.71 -41.28 -31.08
N LYS D 220 11.52 -40.51 -30.02
CA LYS D 220 12.63 -40.06 -29.18
C LYS D 220 13.34 -41.25 -28.55
N LEU D 221 12.57 -42.13 -27.92
CA LEU D 221 13.12 -43.34 -27.30
C LEU D 221 13.87 -44.18 -28.35
N GLU D 222 13.30 -44.27 -29.55
CA GLU D 222 13.91 -45.00 -30.66
C GLU D 222 15.23 -44.35 -31.08
N GLU D 223 15.20 -43.04 -31.30
CA GLU D 223 16.38 -42.28 -31.72
C GLU D 223 17.49 -42.31 -30.68
N THR D 224 17.12 -42.41 -29.40
CA THR D 224 18.08 -42.49 -28.31
C THR D 224 18.50 -43.93 -28.03
N GLY D 225 17.88 -44.88 -28.73
CA GLY D 225 18.13 -46.30 -28.50
C GLY D 225 17.69 -46.76 -27.12
N ALA D 226 16.64 -46.14 -26.58
CA ALA D 226 16.07 -46.56 -25.30
C ALA D 226 14.95 -47.58 -25.45
N MET D 227 14.35 -47.66 -26.65
CA MET D 227 13.26 -48.63 -26.88
C MET D 227 13.64 -50.07 -26.54
N ALA D 228 14.89 -50.46 -26.82
CA ALA D 228 15.37 -51.83 -26.56
C ALA D 228 15.02 -52.39 -25.18
N TYR D 229 14.95 -51.53 -24.17
CA TYR D 229 14.63 -51.93 -22.80
C TYR D 229 13.32 -51.32 -22.31
N THR D 230 12.48 -50.84 -23.22
CA THR D 230 11.25 -50.15 -22.85
C THR D 230 10.02 -50.77 -23.51
N THR D 231 8.92 -50.82 -22.76
CA THR D 231 7.62 -51.25 -23.25
C THR D 231 6.71 -50.03 -23.24
N VAL D 232 6.04 -49.75 -24.35
CA VAL D 232 5.07 -48.66 -24.40
C VAL D 232 3.68 -49.26 -24.44
N VAL D 233 2.90 -49.02 -23.39
CA VAL D 233 1.51 -49.48 -23.33
C VAL D 233 0.62 -48.25 -23.54
N ALA D 234 -0.22 -48.28 -24.57
CA ALA D 234 -0.95 -47.09 -25.01
C ALA D 234 -2.46 -47.29 -25.10
N ALA D 235 -3.20 -46.51 -24.32
CA ALA D 235 -4.66 -46.44 -24.41
C ALA D 235 -5.02 -44.96 -24.62
N THR D 236 -5.06 -44.55 -25.88
CA THR D 236 -5.19 -43.14 -26.25
C THR D 236 -6.60 -42.58 -26.12
N ALA D 237 -6.73 -41.27 -26.34
CA ALA D 237 -7.98 -40.53 -26.10
C ALA D 237 -9.19 -41.03 -26.89
N SER D 238 -8.97 -41.63 -28.05
CA SER D 238 -10.08 -42.20 -28.82
C SER D 238 -10.38 -43.65 -28.44
N ASP D 239 -9.57 -44.25 -27.56
CA ASP D 239 -9.87 -45.60 -27.09
C ASP D 239 -11.02 -45.55 -26.08
N PRO D 240 -11.90 -46.57 -26.10
CA PRO D 240 -13.03 -46.54 -25.17
C PRO D 240 -12.59 -46.57 -23.70
N ALA D 241 -13.39 -45.93 -22.85
CA ALA D 241 -13.06 -45.75 -21.43
C ALA D 241 -12.49 -46.98 -20.74
N PRO D 242 -13.14 -48.14 -20.91
CA PRO D 242 -12.68 -49.35 -20.20
C PRO D 242 -11.23 -49.69 -20.51
N MET D 243 -10.82 -49.53 -21.77
CA MET D 243 -9.42 -49.74 -22.17
C MET D 243 -8.49 -48.81 -21.40
N GLN D 244 -8.87 -47.53 -21.29
CA GLN D 244 -8.06 -46.56 -20.53
C GLN D 244 -8.02 -46.94 -19.05
N TYR D 245 -9.09 -47.59 -18.60
CA TYR D 245 -9.20 -48.08 -17.22
C TYR D 245 -8.22 -49.22 -16.90
N LEU D 246 -8.03 -50.13 -17.85
CA LEU D 246 -7.24 -51.34 -17.63
C LEU D 246 -5.75 -51.13 -17.89
N ALA D 247 -5.43 -50.31 -18.89
CA ALA D 247 -4.06 -50.04 -19.32
C ALA D 247 -3.03 -50.05 -18.19
N PRO D 248 -3.24 -49.23 -17.14
CA PRO D 248 -2.29 -49.19 -16.03
C PRO D 248 -2.08 -50.54 -15.35
N TYR D 249 -3.15 -51.32 -15.20
CA TYR D 249 -3.06 -52.64 -14.56
C TYR D 249 -2.35 -53.66 -15.45
N SER D 250 -2.51 -53.51 -16.76
CA SER D 250 -1.83 -54.38 -17.72
C SER D 250 -0.30 -54.16 -17.71
N ALA D 251 0.09 -52.90 -17.79
CA ALA D 251 1.49 -52.54 -17.67
C ALA D 251 2.06 -52.98 -16.33
N THR D 252 1.29 -52.82 -15.26
CA THR D 252 1.69 -53.28 -13.93
C THR D 252 2.08 -54.75 -13.98
N ALA D 253 1.19 -55.57 -14.54
CA ALA D 253 1.44 -57.01 -14.67
C ALA D 253 2.69 -57.31 -15.52
N MET D 254 2.98 -56.46 -16.51
CA MET D 254 4.19 -56.61 -17.32
C MET D 254 5.45 -56.32 -16.50
N GLY D 255 5.34 -55.35 -15.59
CA GLY D 255 6.44 -55.00 -14.69
C GLY D 255 6.64 -56.03 -13.60
N GLU D 256 5.55 -56.63 -13.15
CA GLU D 256 5.60 -57.64 -12.09
C GLU D 256 6.35 -58.88 -12.52
N TYR D 257 6.38 -59.15 -13.84
CA TYR D 257 7.17 -60.23 -14.39
C TYR D 257 8.63 -60.07 -13.99
N PHE D 258 9.16 -58.87 -14.17
CA PHE D 258 10.54 -58.57 -13.82
C PHE D 258 10.69 -58.61 -12.30
N ARG D 259 9.84 -57.87 -11.60
CA ARG D 259 9.86 -57.83 -10.14
C ARG D 259 9.98 -59.22 -9.51
N ASP D 260 9.14 -60.15 -9.96
CA ASP D 260 9.11 -61.50 -9.38
C ASP D 260 10.18 -62.47 -9.91
N ASN D 261 10.91 -62.10 -10.96
CA ASN D 261 11.93 -62.98 -11.55
C ASN D 261 13.35 -62.41 -11.36
N GLY D 262 13.60 -61.81 -10.19
CA GLY D 262 14.91 -61.28 -9.84
C GLY D 262 15.44 -60.12 -10.67
N MET D 263 14.54 -59.37 -11.30
CA MET D 263 14.90 -58.23 -12.14
C MET D 263 14.25 -56.97 -11.59
N ASP D 264 14.60 -55.81 -12.15
CA ASP D 264 14.08 -54.52 -11.71
C ASP D 264 13.39 -53.78 -12.85
N ALA D 265 12.17 -53.31 -12.58
CA ALA D 265 11.39 -52.57 -13.58
C ALA D 265 10.93 -51.22 -13.05
N LEU D 266 10.72 -50.30 -13.98
CA LEU D 266 10.22 -48.97 -13.70
C LEU D 266 8.95 -48.79 -14.51
N ILE D 267 7.84 -48.48 -13.84
CA ILE D 267 6.58 -48.20 -14.54
C ILE D 267 6.17 -46.74 -14.37
N ILE D 268 5.65 -46.17 -15.45
CA ILE D 268 5.23 -44.76 -15.46
C ILE D 268 3.77 -44.69 -15.85
N TYR D 269 2.93 -44.11 -14.99
CA TYR D 269 1.51 -43.94 -15.28
C TYR D 269 1.22 -42.48 -15.61
N ASP D 270 1.18 -42.16 -16.91
CA ASP D 270 0.97 -40.81 -17.40
C ASP D 270 -0.40 -40.72 -18.08
N ASP D 271 -1.45 -40.25 -17.41
CA ASP D 271 -1.43 -39.88 -15.99
C ASP D 271 -2.61 -40.57 -15.31
N LEU D 272 -2.63 -40.59 -13.99
CA LEU D 272 -3.73 -41.22 -13.27
C LEU D 272 -4.96 -40.33 -13.25
N SER D 273 -4.76 -39.04 -13.51
CA SER D 273 -5.86 -38.08 -13.63
C SER D 273 -6.86 -38.51 -14.70
N LYS D 274 -6.34 -38.93 -15.86
CA LYS D 274 -7.19 -39.34 -16.98
C LYS D 274 -7.77 -40.74 -16.77
N GLN D 275 -7.03 -41.60 -16.07
CA GLN D 275 -7.54 -42.93 -15.75
C GLN D 275 -8.76 -42.83 -14.86
N ALA D 276 -8.65 -41.99 -13.83
CA ALA D 276 -9.79 -41.77 -12.93
C ALA D 276 -11.01 -41.24 -13.68
N VAL D 277 -10.79 -40.36 -14.66
CA VAL D 277 -11.88 -39.82 -15.48
C VAL D 277 -12.64 -40.93 -16.23
N ALA D 278 -11.90 -41.88 -16.78
CA ALA D 278 -12.51 -43.02 -17.50
C ALA D 278 -13.30 -43.92 -16.56
N TYR D 279 -12.70 -44.25 -15.41
CA TYR D 279 -13.40 -45.03 -14.39
C TYR D 279 -14.68 -44.33 -13.94
N ARG D 280 -14.63 -43.00 -13.79
CA ARG D 280 -15.81 -42.24 -13.43
C ARG D 280 -16.88 -42.40 -14.49
N GLN D 281 -16.48 -42.29 -15.77
CA GLN D 281 -17.44 -42.41 -16.86
C GLN D 281 -18.26 -43.70 -16.71
N MET D 282 -17.55 -44.81 -16.59
CA MET D 282 -18.18 -46.12 -16.44
C MET D 282 -19.03 -46.28 -15.18
N SER D 283 -18.61 -45.67 -14.07
CA SER D 283 -19.37 -45.76 -12.81
C SER D 283 -20.67 -44.98 -12.93
N LEU D 284 -20.59 -43.75 -13.42
CA LEU D 284 -21.77 -42.91 -13.58
C LEU D 284 -22.80 -43.52 -14.56
N LEU D 285 -22.30 -44.12 -15.64
CA LEU D 285 -23.18 -44.74 -16.64
C LEU D 285 -23.73 -46.11 -16.19
N LEU D 286 -23.06 -46.77 -15.24
CA LEU D 286 -23.64 -47.95 -14.58
C LEU D 286 -24.60 -47.51 -13.47
N ARG D 287 -24.59 -46.21 -13.18
CA ARG D 287 -25.44 -45.59 -12.19
C ARG D 287 -25.03 -45.94 -10.75
N ARG D 288 -23.73 -46.04 -10.54
CA ARG D 288 -23.18 -46.19 -9.20
C ARG D 288 -23.21 -44.79 -8.58
N PRO D 289 -23.34 -44.72 -7.25
CA PRO D 289 -23.53 -43.45 -6.57
C PRO D 289 -22.36 -42.49 -6.74
N PRO D 290 -22.63 -41.23 -7.13
CA PRO D 290 -21.62 -40.21 -7.32
C PRO D 290 -21.26 -39.48 -6.02
N GLY D 291 -19.99 -39.11 -5.90
CA GLY D 291 -19.48 -38.39 -4.73
C GLY D 291 -18.76 -37.12 -5.14
N ARG D 292 -17.69 -36.80 -4.41
CA ARG D 292 -16.92 -35.57 -4.65
C ARG D 292 -16.43 -35.48 -6.09
N GLU D 293 -16.72 -34.36 -6.75
CA GLU D 293 -16.40 -34.15 -8.16
C GLU D 293 -17.03 -35.23 -9.05
N ALA D 294 -18.12 -35.82 -8.55
CA ALA D 294 -18.84 -36.91 -9.20
C ALA D 294 -18.09 -38.24 -9.31
N TYR D 295 -16.97 -38.40 -8.61
CA TYR D 295 -16.25 -39.68 -8.62
C TYR D 295 -16.94 -40.66 -7.69
N PRO D 296 -16.81 -41.95 -7.97
CA PRO D 296 -17.41 -42.98 -7.12
C PRO D 296 -16.64 -43.13 -5.81
N GLY D 297 -17.27 -43.76 -4.83
CA GLY D 297 -16.65 -44.00 -3.53
C GLY D 297 -15.45 -44.92 -3.56
N ASP D 298 -15.27 -45.65 -4.66
CA ASP D 298 -14.14 -46.57 -4.79
C ASP D 298 -13.02 -46.07 -5.70
N VAL D 299 -12.97 -44.77 -6.02
CA VAL D 299 -11.87 -44.26 -6.85
C VAL D 299 -10.53 -44.21 -6.09
N PHE D 300 -10.58 -44.10 -4.76
CA PHE D 300 -9.35 -44.20 -3.97
C PHE D 300 -8.81 -45.62 -4.08
N TYR D 301 -9.72 -46.56 -3.85
CA TYR D 301 -9.45 -48.00 -3.91
C TYR D 301 -8.86 -48.38 -5.26
N LEU D 302 -9.36 -47.73 -6.32
CA LEU D 302 -8.85 -47.87 -7.68
C LEU D 302 -7.33 -47.69 -7.76
N HIS D 303 -6.86 -46.56 -7.24
CA HIS D 303 -5.44 -46.23 -7.29
C HIS D 303 -4.61 -46.97 -6.23
N SER D 304 -5.18 -47.22 -5.06
CA SER D 304 -4.45 -47.92 -3.99
C SER D 304 -4.05 -49.35 -4.39
N ARG D 305 -4.95 -50.07 -5.06
CA ARG D 305 -4.63 -51.41 -5.59
C ARG D 305 -3.48 -51.38 -6.58
N LEU D 306 -3.44 -50.32 -7.38
CA LEU D 306 -2.49 -50.18 -8.46
C LEU D 306 -1.08 -49.88 -7.93
N LEU D 307 -0.99 -48.85 -7.09
CA LEU D 307 0.31 -48.38 -6.61
C LEU D 307 0.95 -49.27 -5.55
N GLU D 308 0.16 -50.05 -4.81
CA GLU D 308 0.72 -50.94 -3.82
C GLU D 308 1.44 -52.10 -4.49
N ARG D 309 1.07 -52.42 -5.73
CA ARG D 309 1.74 -53.51 -6.45
C ARG D 309 3.19 -53.19 -6.77
N SER D 310 3.56 -51.91 -6.77
CA SER D 310 4.97 -51.54 -6.85
C SER D 310 5.62 -51.86 -5.50
N ALA D 311 6.77 -52.50 -5.51
CA ALA D 311 7.39 -52.97 -4.27
C ALA D 311 8.82 -53.48 -4.45
N LYS D 312 9.52 -53.59 -3.33
CA LYS D 312 10.86 -54.16 -3.27
C LYS D 312 10.73 -55.51 -2.58
N LEU D 313 11.00 -56.58 -3.33
CA LEU D 313 10.83 -57.94 -2.83
C LEU D 313 12.01 -58.39 -1.98
N ASN D 314 11.70 -59.40 -1.18
CA ASN D 314 12.61 -60.17 -0.34
C ASN D 314 13.71 -60.83 -1.13
N GLU D 315 14.84 -61.11 -0.48
CA GLU D 315 15.86 -61.98 -1.07
C GLU D 315 15.28 -63.38 -1.28
N ALA D 316 14.63 -63.91 -0.25
CA ALA D 316 13.96 -65.21 -0.32
C ALA D 316 13.00 -65.34 -1.51
N ASN D 317 12.50 -64.22 -2.02
CA ASN D 317 11.56 -64.21 -3.12
C ASN D 317 12.19 -63.76 -4.45
N GLY D 318 13.52 -63.67 -4.49
CA GLY D 318 14.25 -63.33 -5.72
C GLY D 318 14.89 -61.95 -5.73
N ALA D 319 14.48 -61.08 -4.81
CA ALA D 319 15.11 -59.77 -4.60
C ALA D 319 14.80 -58.72 -5.68
N GLY D 320 13.95 -59.06 -6.66
CA GLY D 320 13.60 -58.10 -7.72
C GLY D 320 12.80 -56.93 -7.18
N SER D 321 12.38 -56.04 -8.09
CA SER D 321 11.64 -54.84 -7.70
C SER D 321 10.82 -54.23 -8.83
N LEU D 322 9.93 -53.32 -8.43
CA LEU D 322 9.11 -52.54 -9.36
C LEU D 322 8.92 -51.14 -8.77
N THR D 323 9.44 -50.13 -9.47
CA THR D 323 9.40 -48.76 -9.01
C THR D 323 8.33 -48.02 -9.82
N ALA D 324 7.55 -47.16 -9.18
CA ALA D 324 6.44 -46.49 -9.84
C ALA D 324 6.55 -44.96 -9.84
N LEU D 325 6.33 -44.38 -11.00
CA LEU D 325 6.22 -42.93 -11.14
C LEU D 325 4.84 -42.57 -11.68
N PRO D 326 3.83 -42.56 -10.80
CA PRO D 326 2.52 -42.05 -11.19
C PRO D 326 2.58 -40.57 -11.49
N ILE D 327 1.71 -40.13 -12.39
CA ILE D 327 1.67 -38.73 -12.80
C ILE D 327 0.26 -38.19 -12.57
N ILE D 328 0.17 -37.01 -11.95
CA ILE D 328 -1.09 -36.32 -11.69
C ILE D 328 -1.03 -34.93 -12.28
N GLU D 329 -2.09 -34.50 -12.96
CA GLU D 329 -2.20 -33.11 -13.41
C GLU D 329 -3.09 -32.35 -12.43
N THR D 330 -2.52 -31.35 -11.75
CA THR D 330 -3.31 -30.45 -10.91
C THR D 330 -3.85 -29.31 -11.76
N GLN D 331 -4.84 -28.62 -11.21
CA GLN D 331 -5.39 -27.43 -11.83
C GLN D 331 -5.14 -26.27 -10.88
N ALA D 332 -4.44 -25.25 -11.36
CA ALA D 332 -4.12 -24.08 -10.56
C ALA D 332 -3.46 -24.46 -9.22
N GLY D 333 -2.60 -25.48 -9.26
CA GLY D 333 -1.81 -25.89 -8.12
C GLY D 333 -2.61 -26.38 -6.92
N ASP D 334 -3.84 -26.85 -7.13
CA ASP D 334 -4.70 -27.31 -6.04
C ASP D 334 -4.42 -28.78 -5.74
N VAL D 335 -3.40 -29.00 -4.91
CA VAL D 335 -3.07 -30.34 -4.47
C VAL D 335 -4.10 -30.93 -3.52
N SER D 336 -5.05 -30.12 -3.05
CA SER D 336 -6.10 -30.62 -2.16
C SER D 336 -7.38 -31.01 -2.89
N ALA D 337 -7.34 -31.03 -4.22
CA ALA D 337 -8.45 -31.58 -5.01
C ALA D 337 -8.53 -33.09 -4.74
N TYR D 338 -9.65 -33.72 -5.12
CA TYR D 338 -9.90 -35.12 -4.70
C TYR D 338 -8.90 -36.16 -5.21
N ILE D 339 -8.77 -36.30 -6.52
CA ILE D 339 -7.87 -37.32 -7.07
C ILE D 339 -6.43 -37.10 -6.60
N PRO D 340 -5.92 -35.85 -6.72
CA PRO D 340 -4.57 -35.55 -6.21
C PRO D 340 -4.42 -35.92 -4.74
N THR D 341 -5.39 -35.58 -3.90
CA THR D 341 -5.35 -35.93 -2.48
C THR D 341 -5.15 -37.44 -2.31
N ASN D 342 -5.91 -38.23 -3.06
CA ASN D 342 -5.84 -39.68 -2.99
C ASN D 342 -4.44 -40.22 -3.31
N VAL D 343 -3.90 -39.79 -4.45
CA VAL D 343 -2.60 -40.28 -4.92
C VAL D 343 -1.45 -39.76 -4.05
N ILE D 344 -1.53 -38.51 -3.59
CA ILE D 344 -0.51 -37.97 -2.69
C ILE D 344 -0.38 -38.80 -1.41
N SER D 345 -1.51 -39.25 -0.85
CA SER D 345 -1.47 -40.00 0.40
C SER D 345 -1.02 -41.44 0.18
N ILE D 346 -1.33 -42.00 -0.98
CA ILE D 346 -0.92 -43.38 -1.29
C ILE D 346 0.60 -43.50 -1.45
N THR D 347 1.19 -42.57 -2.21
CA THR D 347 2.62 -42.60 -2.53
C THR D 347 3.58 -42.36 -1.36
N ASP D 348 4.85 -42.68 -1.61
CA ASP D 348 5.94 -42.51 -0.64
C ASP D 348 6.56 -41.12 -0.66
N GLY D 349 6.18 -40.28 -1.62
CA GLY D 349 6.74 -38.95 -1.75
C GLY D 349 6.28 -38.30 -3.04
N GLN D 350 6.60 -37.02 -3.23
CA GLN D 350 6.10 -36.28 -4.38
C GLN D 350 7.11 -35.26 -4.94
N ILE D 351 7.14 -35.13 -6.26
CA ILE D 351 7.93 -34.12 -6.95
C ILE D 351 6.95 -33.11 -7.52
N PHE D 352 6.88 -31.93 -6.91
CA PHE D 352 5.98 -30.90 -7.35
C PHE D 352 6.64 -29.93 -8.33
N LEU D 353 5.96 -29.69 -9.45
CA LEU D 353 6.46 -28.80 -10.49
C LEU D 353 5.66 -27.51 -10.53
N GLU D 354 6.30 -26.42 -10.96
CA GLU D 354 5.64 -25.10 -10.97
C GLU D 354 5.95 -24.27 -12.21
N THR D 355 4.91 -23.60 -12.71
CA THR D 355 4.99 -22.82 -13.94
C THR D 355 5.90 -21.61 -13.77
N GLU D 356 5.76 -20.93 -12.62
CA GLU D 356 6.60 -19.77 -12.28
C GLU D 356 8.07 -20.11 -12.33
N LEU D 357 8.43 -21.23 -11.70
CA LEU D 357 9.82 -21.71 -11.71
C LEU D 357 10.29 -21.95 -13.14
N PHE D 358 9.43 -22.62 -13.93
CA PHE D 358 9.73 -22.99 -15.31
C PHE D 358 10.10 -21.77 -16.16
N PHE D 359 9.20 -20.80 -16.26
CA PHE D 359 9.45 -19.63 -17.11
C PHE D 359 10.52 -18.68 -16.60
N GLN D 360 10.92 -18.83 -15.33
CA GLN D 360 12.03 -18.06 -14.76
C GLN D 360 13.40 -18.59 -15.24
N GLY D 361 13.40 -19.82 -15.74
CA GLY D 361 14.62 -20.47 -16.19
C GLY D 361 15.04 -21.64 -15.30
N ILE D 362 14.29 -21.90 -14.23
CA ILE D 362 14.50 -23.08 -13.38
C ILE D 362 13.85 -24.30 -14.04
N ARG D 363 14.66 -25.08 -14.73
CA ARG D 363 14.19 -26.26 -15.44
C ARG D 363 15.25 -27.34 -15.23
N PRO D 364 14.86 -28.51 -14.72
CA PRO D 364 13.48 -28.88 -14.36
C PRO D 364 12.86 -27.97 -13.29
N ALA D 365 11.56 -27.75 -13.42
CA ALA D 365 10.84 -26.77 -12.59
C ALA D 365 10.40 -27.34 -11.22
N VAL D 366 11.33 -28.00 -10.53
CA VAL D 366 11.02 -28.71 -9.29
C VAL D 366 11.07 -27.76 -8.08
N ASN D 367 10.02 -27.77 -7.27
CA ASN D 367 10.02 -27.00 -6.02
C ASN D 367 10.72 -27.83 -4.95
N THR D 368 11.99 -27.50 -4.74
CA THR D 368 12.84 -28.17 -3.75
C THR D 368 12.27 -28.01 -2.33
N GLY D 369 11.54 -26.93 -2.10
CA GLY D 369 10.93 -26.66 -0.80
C GLY D 369 9.81 -27.63 -0.42
N LEU D 370 8.93 -27.95 -1.36
CA LEU D 370 7.74 -28.78 -1.09
C LEU D 370 7.93 -30.26 -1.43
N SER D 371 8.62 -30.53 -2.53
CA SER D 371 8.86 -31.91 -2.96
C SER D 371 9.50 -32.73 -1.86
N VAL D 372 9.17 -34.02 -1.80
CA VAL D 372 9.72 -34.89 -0.77
C VAL D 372 9.78 -36.37 -1.16
N SER D 373 10.66 -37.08 -0.46
CA SER D 373 10.83 -38.52 -0.60
C SER D 373 10.97 -39.08 0.81
N ARG D 374 9.94 -39.76 1.31
CA ARG D 374 10.01 -40.34 2.67
C ARG D 374 11.11 -41.40 2.76
N VAL D 375 11.44 -42.04 1.64
CA VAL D 375 12.54 -42.99 1.58
C VAL D 375 13.87 -42.24 1.74
N GLY D 376 13.94 -41.08 1.08
CA GLY D 376 15.04 -40.13 1.25
C GLY D 376 16.44 -40.73 1.20
N SER D 377 17.22 -40.44 2.24
CA SER D 377 18.64 -40.81 2.33
C SER D 377 18.94 -42.28 2.01
N ALA D 378 18.01 -43.18 2.37
CA ALA D 378 18.22 -44.61 2.16
C ALA D 378 18.25 -45.05 0.69
N ALA D 379 17.80 -44.19 -0.23
CA ALA D 379 17.75 -44.52 -1.66
C ALA D 379 18.90 -43.95 -2.50
N GLN D 380 19.89 -43.31 -1.88
CA GLN D 380 20.97 -42.66 -2.63
C GLN D 380 22.34 -43.25 -2.27
N THR D 381 23.28 -43.15 -3.21
CA THR D 381 24.62 -43.72 -3.03
C THR D 381 25.45 -42.92 -2.02
N LYS D 382 26.44 -43.57 -1.43
CA LYS D 382 27.29 -42.93 -0.43
C LYS D 382 27.83 -41.59 -0.95
N ALA D 383 28.40 -41.61 -2.15
CA ALA D 383 28.93 -40.40 -2.78
C ALA D 383 27.92 -39.25 -2.65
N MET D 384 26.74 -39.43 -3.24
CA MET D 384 25.68 -38.42 -3.21
C MET D 384 25.30 -38.07 -1.78
N LYS D 385 25.16 -39.07 -0.90
CA LYS D 385 24.85 -38.83 0.52
C LYS D 385 25.81 -37.82 1.16
N SER D 386 27.08 -37.87 0.74
CA SER D 386 28.11 -37.01 1.30
C SER D 386 27.92 -35.51 1.02
N VAL D 387 27.26 -35.17 -0.09
CA VAL D 387 27.04 -33.77 -0.46
C VAL D 387 25.56 -33.32 -0.48
N ALA D 388 24.67 -34.22 -0.89
CA ALA D 388 23.24 -33.91 -1.06
C ALA D 388 22.60 -33.17 0.12
N GLY D 389 22.77 -33.71 1.32
CA GLY D 389 22.16 -33.13 2.52
C GLY D 389 22.59 -31.68 2.75
N PRO D 390 23.89 -31.41 2.61
CA PRO D 390 24.40 -30.03 2.69
C PRO D 390 23.85 -29.10 1.62
N VAL D 391 23.72 -29.57 0.39
CA VAL D 391 23.20 -28.76 -0.70
C VAL D 391 21.74 -28.42 -0.43
N LYS D 392 21.02 -29.43 0.06
CA LYS D 392 19.62 -29.25 0.42
C LYS D 392 19.48 -28.16 1.47
N LEU D 393 20.31 -28.23 2.50
CA LEU D 393 20.30 -27.21 3.57
C LEU D 393 20.71 -25.82 3.09
N GLU D 394 21.75 -25.72 2.27
CA GLU D 394 22.24 -24.41 1.80
C GLU D 394 21.24 -23.70 0.86
N LEU D 395 20.54 -24.47 0.04
CA LEU D 395 19.51 -23.89 -0.84
C LEU D 395 18.27 -23.51 -0.04
N ALA D 396 17.99 -24.26 1.02
CA ALA D 396 16.89 -23.96 1.93
C ALA D 396 17.10 -22.61 2.60
N GLN D 397 18.33 -22.39 3.08
CA GLN D 397 18.74 -21.12 3.69
C GLN D 397 18.61 -19.97 2.71
N TYR D 398 18.98 -20.22 1.46
CA TYR D 398 18.93 -19.22 0.41
C TYR D 398 17.47 -18.79 0.09
N ARG D 399 16.58 -19.79 0.02
CA ARG D 399 15.17 -19.54 -0.32
C ARG D 399 14.42 -18.68 0.69
N GLU D 400 14.76 -18.83 1.97
CA GLU D 400 14.09 -18.07 3.03
C GLU D 400 14.50 -16.60 3.05
N MET D 401 15.72 -16.31 2.57
CA MET D 401 16.25 -14.95 2.52
C MET D 401 16.28 -14.35 1.10
N ALA D 402 15.91 -15.14 0.09
CA ALA D 402 15.81 -14.67 -1.29
C ALA D 402 15.05 -13.35 -1.46
N ALA D 403 14.26 -12.92 -0.47
CA ALA D 403 13.68 -11.57 -0.46
C ALA D 403 14.73 -10.43 -0.45
N PHE D 404 15.98 -10.73 -0.09
CA PHE D 404 17.04 -9.73 -0.08
C PHE D 404 17.79 -9.66 -1.41
N ALA D 405 17.72 -10.73 -2.20
CA ALA D 405 18.26 -10.72 -3.57
C ALA D 405 17.74 -9.53 -4.38
N GLN D 406 16.47 -9.17 -4.18
CA GLN D 406 15.86 -8.01 -4.82
C GLN D 406 15.84 -6.78 -3.90
N PHE D 407 16.78 -6.72 -2.98
CA PHE D 407 17.00 -5.57 -2.14
C PHE D 407 18.51 -5.52 -1.85
N GLY D 408 18.94 -5.86 -0.62
CA GLY D 408 20.35 -6.01 -0.24
C GLY D 408 20.94 -4.86 0.57
N SER D 409 21.56 -3.92 -0.15
CA SER D 409 22.08 -2.63 0.33
C SER D 409 23.07 -2.72 1.50
N ASP D 410 22.54 -2.71 2.73
CA ASP D 410 23.38 -2.67 3.93
C ASP D 410 23.69 -4.08 4.46
N LEU D 411 23.74 -5.07 3.57
CA LEU D 411 24.06 -6.44 3.97
C LEU D 411 25.50 -6.57 4.47
N ASP D 412 25.75 -7.59 5.28
CA ASP D 412 27.08 -7.92 5.78
C ASP D 412 27.68 -9.07 4.97
N ALA D 413 28.96 -9.34 5.19
CA ALA D 413 29.70 -10.39 4.47
C ALA D 413 28.98 -11.74 4.46
N ALA D 414 28.54 -12.20 5.62
CA ALA D 414 27.86 -13.50 5.75
C ALA D 414 26.61 -13.61 4.86
N THR D 415 25.61 -12.76 5.08
CA THR D 415 24.40 -12.81 4.25
C THR D 415 24.72 -12.62 2.78
N GLN D 416 25.75 -11.84 2.48
CA GLN D 416 26.17 -11.64 1.08
C GLN D 416 26.74 -12.93 0.49
N LYS D 417 27.41 -13.74 1.31
CA LYS D 417 27.96 -15.02 0.86
C LYS D 417 26.87 -16.06 0.62
N LEU D 418 25.83 -16.05 1.45
CA LEU D 418 24.68 -16.94 1.27
C LEU D 418 23.98 -16.67 -0.07
N LEU D 419 23.83 -15.39 -0.40
CA LEU D 419 23.22 -14.98 -1.66
C LEU D 419 24.02 -15.47 -2.86
N ASN D 420 25.33 -15.25 -2.81
CA ASN D 420 26.25 -15.61 -3.90
C ASN D 420 26.31 -17.11 -4.12
N ARG D 421 26.41 -17.89 -3.05
CA ARG D 421 26.45 -19.33 -3.23
C ARG D 421 25.11 -19.82 -3.75
N GLY D 422 24.00 -19.39 -3.14
CA GLY D 422 22.64 -19.81 -3.53
C GLY D 422 22.29 -19.56 -5.00
N ALA D 423 22.54 -18.34 -5.48
CA ALA D 423 22.30 -18.01 -6.88
C ALA D 423 23.06 -18.98 -7.80
N ARG D 424 24.24 -19.37 -7.37
CA ARG D 424 25.09 -20.28 -8.12
C ARG D 424 24.67 -21.75 -8.01
N LEU D 425 24.38 -22.22 -6.80
CA LEU D 425 23.88 -23.59 -6.63
C LEU D 425 22.57 -23.73 -7.39
N THR D 426 21.78 -22.65 -7.46
CA THR D 426 20.53 -22.62 -8.22
C THR D 426 20.79 -22.80 -9.72
N GLU D 427 21.83 -22.16 -10.25
CA GLU D 427 22.20 -22.35 -11.65
C GLU D 427 22.66 -23.78 -11.91
N LEU D 428 23.37 -24.35 -10.95
CA LEU D 428 23.88 -25.71 -11.03
C LEU D 428 22.78 -26.78 -10.97
N MET D 429 21.55 -26.39 -10.61
CA MET D 429 20.42 -27.33 -10.63
C MET D 429 19.64 -27.27 -11.94
N LYS D 430 19.88 -26.24 -12.74
CA LYS D 430 19.28 -26.16 -14.07
C LYS D 430 19.85 -27.28 -14.90
N GLN D 431 19.08 -27.78 -15.86
CA GLN D 431 19.51 -28.93 -16.66
C GLN D 431 18.66 -29.01 -17.91
N PRO D 432 19.31 -29.22 -19.07
CA PRO D 432 18.54 -29.31 -20.32
C PRO D 432 17.85 -30.66 -20.47
N GLN D 433 16.92 -30.72 -21.43
CA GLN D 433 16.11 -31.89 -21.70
C GLN D 433 16.91 -32.95 -22.45
N TYR D 434 16.58 -34.21 -22.20
CA TYR D 434 17.22 -35.37 -22.83
C TYR D 434 18.71 -35.46 -22.52
N SER D 435 19.09 -34.99 -21.31
CA SER D 435 20.48 -34.91 -20.91
C SER D 435 20.72 -35.40 -19.46
N PRO D 436 20.19 -36.58 -19.11
CA PRO D 436 20.40 -37.11 -17.77
C PRO D 436 21.89 -37.37 -17.53
N LEU D 437 22.32 -37.21 -16.29
CA LEU D 437 23.73 -37.33 -15.93
C LEU D 437 24.02 -38.60 -15.12
N THR D 438 25.13 -39.26 -15.43
CA THR D 438 25.51 -40.45 -14.67
C THR D 438 25.79 -40.03 -13.23
N ASN D 439 25.69 -40.97 -12.29
CA ASN D 439 25.82 -40.69 -10.86
C ASN D 439 27.12 -39.94 -10.52
N ALA D 440 28.23 -40.43 -11.06
CA ALA D 440 29.55 -39.85 -10.80
C ALA D 440 29.63 -38.40 -11.28
N GLU D 441 28.96 -38.11 -12.40
CA GLU D 441 28.91 -36.76 -12.96
C GLU D 441 28.10 -35.82 -12.08
N ILE D 442 26.96 -36.30 -11.59
CA ILE D 442 26.11 -35.52 -10.69
C ILE D 442 26.88 -35.12 -9.43
N VAL D 443 27.61 -36.05 -8.82
CA VAL D 443 28.33 -35.76 -7.57
C VAL D 443 29.46 -34.77 -7.79
N ILE D 444 30.22 -34.96 -8.88
CA ILE D 444 31.35 -34.07 -9.20
C ILE D 444 30.89 -32.61 -9.30
N VAL D 445 29.75 -32.34 -9.93
CA VAL D 445 29.29 -30.95 -10.10
C VAL D 445 28.68 -30.41 -8.80
N ILE D 446 27.99 -31.27 -8.04
CA ILE D 446 27.41 -30.85 -6.77
C ILE D 446 28.53 -30.54 -5.75
N TYR D 447 29.55 -31.40 -5.76
CA TYR D 447 30.70 -31.23 -4.87
C TYR D 447 31.39 -29.89 -5.12
N ALA D 448 31.60 -29.57 -6.39
CA ALA D 448 32.24 -28.32 -6.79
C ALA D 448 31.60 -27.12 -6.12
N GLY D 449 30.29 -26.97 -6.30
CA GLY D 449 29.54 -25.85 -5.71
C GLY D 449 29.61 -25.84 -4.20
N THR D 450 29.42 -27.00 -3.58
CA THR D 450 29.46 -27.10 -2.11
C THR D 450 30.81 -26.72 -1.52
N LYS D 451 31.89 -26.96 -2.27
CA LYS D 451 33.24 -26.60 -1.81
C LYS D 451 33.70 -25.25 -2.34
N GLY D 452 32.79 -24.50 -2.97
CA GLY D 452 33.06 -23.14 -3.41
C GLY D 452 33.97 -22.93 -4.62
N TYR D 453 34.20 -23.96 -5.45
CA TYR D 453 34.97 -23.78 -6.68
C TYR D 453 34.22 -22.92 -7.72
N LEU D 454 32.94 -22.62 -7.50
CA LEU D 454 32.17 -21.77 -8.41
C LEU D 454 31.84 -20.37 -7.86
N ASP D 455 32.18 -20.09 -6.61
CA ASP D 455 31.78 -18.83 -5.96
C ASP D 455 32.28 -17.57 -6.68
N GLY D 456 33.41 -17.68 -7.39
CA GLY D 456 33.98 -16.56 -8.14
C GLY D 456 33.51 -16.44 -9.58
N ILE D 457 32.92 -17.51 -10.11
CA ILE D 457 32.47 -17.55 -11.50
C ILE D 457 31.20 -16.69 -11.64
N PRO D 458 31.06 -15.97 -12.77
CA PRO D 458 29.81 -15.23 -13.03
C PRO D 458 28.59 -16.14 -13.17
N VAL D 459 27.56 -15.85 -12.36
CA VAL D 459 26.36 -16.68 -12.24
C VAL D 459 25.80 -17.14 -13.61
N ARG D 460 25.73 -16.19 -14.55
CA ARG D 460 25.13 -16.46 -15.87
C ARG D 460 25.95 -17.46 -16.72
N ASP D 461 27.20 -17.70 -16.36
CA ASP D 461 28.07 -18.60 -17.11
C ASP D 461 28.17 -20.01 -16.50
N VAL D 462 27.51 -20.28 -15.37
CA VAL D 462 27.63 -21.58 -14.70
C VAL D 462 27.16 -22.74 -15.59
N THR D 463 26.01 -22.55 -16.23
CA THR D 463 25.48 -23.54 -17.20
C THR D 463 26.52 -23.89 -18.26
N LYS D 464 27.16 -22.88 -18.82
CA LYS D 464 28.23 -23.07 -19.81
C LYS D 464 29.42 -23.78 -19.19
N TRP D 465 29.75 -23.40 -17.96
CA TRP D 465 30.84 -24.03 -17.22
C TRP D 465 30.59 -25.52 -16.99
N GLU D 466 29.39 -25.85 -16.52
CA GLU D 466 29.05 -27.24 -16.26
C GLU D 466 29.05 -28.08 -17.54
N HIS D 467 28.56 -27.51 -18.62
CA HIS D 467 28.55 -28.17 -19.93
C HIS D 467 29.97 -28.57 -20.35
N GLY D 468 30.87 -27.59 -20.40
CA GLY D 468 32.27 -27.83 -20.71
C GLY D 468 32.93 -28.81 -19.76
N LEU D 469 32.68 -28.64 -18.46
CA LEU D 469 33.21 -29.53 -17.42
C LEU D 469 32.84 -30.99 -17.66
N LEU D 470 31.57 -31.22 -17.97
CA LEU D 470 31.06 -32.59 -18.17
C LEU D 470 31.72 -33.26 -19.39
N GLN D 471 31.86 -32.50 -20.48
CA GLN D 471 32.54 -33.01 -21.68
C GLN D 471 33.97 -33.42 -21.36
N TYR D 472 34.68 -32.57 -20.62
CA TYR D 472 36.07 -32.82 -20.18
C TYR D 472 36.21 -34.15 -19.43
N LEU D 473 35.39 -34.33 -18.40
CA LEU D 473 35.41 -35.56 -17.59
C LEU D 473 35.01 -36.78 -18.40
N ARG D 474 33.98 -36.65 -19.23
CA ARG D 474 33.56 -37.74 -20.12
C ARG D 474 34.69 -38.07 -21.09
N ASN D 475 35.33 -37.03 -21.63
CA ASN D 475 36.45 -37.21 -22.57
C ASN D 475 37.70 -37.77 -21.90
N GLN D 476 38.28 -36.99 -21.00
CA GLN D 476 39.59 -37.31 -20.42
C GLN D 476 39.57 -38.15 -19.13
N LYS D 477 38.42 -38.29 -18.46
CA LYS D 477 38.39 -38.92 -17.13
C LYS D 477 37.34 -40.01 -16.96
N ALA D 478 37.08 -40.82 -17.98
CA ALA D 478 36.07 -41.89 -17.87
C ALA D 478 36.44 -42.90 -16.77
N ASP D 479 37.75 -43.09 -16.59
CA ASP D 479 38.24 -43.96 -15.52
C ASP D 479 37.78 -43.45 -14.16
N LEU D 480 37.95 -42.16 -13.92
CA LEU D 480 37.54 -41.54 -12.65
C LEU D 480 36.04 -41.71 -12.43
N LEU D 481 35.25 -41.35 -13.44
CA LEU D 481 33.80 -41.53 -13.39
C LEU D 481 33.43 -42.99 -13.16
N GLU D 482 34.14 -43.90 -13.83
CA GLU D 482 33.89 -45.34 -13.68
C GLU D 482 34.09 -45.84 -12.25
N ASP D 483 35.15 -45.38 -11.60
CA ASP D 483 35.48 -45.79 -10.23
C ASP D 483 34.45 -45.30 -9.22
N MET D 484 34.11 -44.01 -9.33
CA MET D 484 33.11 -43.42 -8.44
C MET D 484 31.84 -44.23 -8.48
N THR D 485 31.52 -44.77 -9.66
CA THR D 485 30.37 -45.65 -9.81
C THR D 485 30.66 -46.99 -9.14
N LYS D 486 31.62 -47.75 -9.66
CA LYS D 486 31.96 -49.09 -9.17
C LYS D 486 32.17 -49.16 -7.66
N ASN D 487 33.09 -48.33 -7.15
CA ASN D 487 33.34 -48.26 -5.72
C ASN D 487 32.09 -47.82 -4.97
N ASP D 488 31.31 -46.95 -5.62
CA ASP D 488 30.09 -46.41 -5.05
C ASP D 488 30.35 -45.73 -3.69
N ARG D 489 31.59 -45.30 -3.43
CA ARG D 489 32.02 -44.98 -2.07
C ARG D 489 31.61 -43.57 -1.65
N LYS D 490 31.93 -43.20 -0.41
CA LYS D 490 31.78 -41.83 0.08
C LYS D 490 32.79 -40.92 -0.65
N VAL D 491 32.90 -39.67 -0.22
CA VAL D 491 33.92 -38.76 -0.73
C VAL D 491 35.07 -38.70 0.29
N ALA D 492 36.03 -39.62 0.15
CA ALA D 492 37.17 -39.69 1.06
C ALA D 492 38.22 -38.66 0.69
N GLY D 493 39.30 -38.60 1.46
CA GLY D 493 40.44 -37.73 1.18
C GLY D 493 41.05 -38.03 -0.18
N GLU D 494 41.08 -39.32 -0.54
CA GLU D 494 41.60 -39.76 -1.82
C GLU D 494 40.73 -39.23 -2.96
N LEU D 495 39.43 -39.49 -2.87
CA LEU D 495 38.49 -39.04 -3.90
C LEU D 495 38.51 -37.51 -4.00
N GLU D 496 38.58 -36.83 -2.85
CA GLU D 496 38.68 -35.37 -2.82
C GLU D 496 39.88 -34.88 -3.62
N ASP D 497 41.04 -35.50 -3.37
CA ASP D 497 42.25 -35.17 -4.11
C ASP D 497 42.04 -35.39 -5.60
N ALA D 498 41.45 -36.53 -5.94
CA ALA D 498 41.17 -36.88 -7.33
C ALA D 498 40.26 -35.86 -8.03
N ILE D 499 39.25 -35.37 -7.32
CA ILE D 499 38.30 -34.40 -7.89
C ILE D 499 38.98 -33.04 -8.13
N LYS D 500 39.59 -32.49 -7.09
CA LYS D 500 40.22 -31.17 -7.20
C LYS D 500 41.27 -31.11 -8.31
N ALA D 501 41.97 -32.21 -8.57
CA ALA D 501 42.94 -32.28 -9.67
C ALA D 501 42.31 -32.20 -11.06
N ALA D 502 41.11 -32.76 -11.21
CA ALA D 502 40.38 -32.68 -12.47
C ALA D 502 39.88 -31.24 -12.69
N LEU D 503 39.24 -30.70 -11.66
CA LEU D 503 38.66 -29.35 -11.72
C LEU D 503 39.72 -28.24 -11.88
N ASP D 504 40.81 -28.31 -11.13
CA ASP D 504 41.89 -27.32 -11.24
C ASP D 504 42.52 -27.27 -12.63
N GLY D 505 42.70 -28.43 -13.25
CA GLY D 505 43.25 -28.51 -14.61
C GLY D 505 42.25 -28.12 -15.69
N TYR D 506 41.02 -28.61 -15.56
CA TYR D 506 39.93 -28.22 -16.47
C TYR D 506 39.73 -26.70 -16.43
N ALA D 507 39.70 -26.16 -15.21
CA ALA D 507 39.52 -24.72 -15.00
C ALA D 507 40.57 -23.90 -15.72
N LYS D 508 41.83 -24.26 -15.55
CA LYS D 508 42.94 -23.52 -16.18
C LYS D 508 42.78 -23.48 -17.70
N THR D 509 42.46 -24.62 -18.31
CA THR D 509 42.26 -24.66 -19.76
C THR D 509 40.98 -23.90 -20.18
N TYR D 510 39.95 -23.97 -19.35
CA TYR D 510 38.71 -23.22 -19.58
C TYR D 510 38.95 -21.70 -19.58
N ALA D 511 39.89 -21.23 -18.78
CA ALA D 511 40.22 -19.81 -18.68
C ALA D 511 41.26 -19.40 -19.72
N GLU E 7 -69.53 -63.90 -5.05
CA GLU E 7 -70.89 -64.23 -4.54
C GLU E 7 -71.21 -65.72 -4.71
N ILE E 8 -71.42 -66.15 -5.96
CA ILE E 8 -71.82 -67.52 -6.28
C ILE E 8 -70.56 -68.34 -6.58
N SER E 9 -69.78 -67.89 -7.57
CA SER E 9 -68.51 -68.52 -7.93
C SER E 9 -67.40 -67.95 -7.04
N ALA E 10 -67.44 -68.32 -5.77
CA ALA E 10 -66.54 -67.77 -4.74
C ALA E 10 -66.51 -68.69 -3.50
N ILE E 11 -65.89 -68.22 -2.42
CA ILE E 11 -65.83 -68.91 -1.12
C ILE E 11 -64.88 -70.13 -1.11
N LEU E 12 -64.96 -70.99 -2.12
CA LEU E 12 -64.02 -72.11 -2.31
C LEU E 12 -62.55 -71.67 -2.39
N LYS E 13 -62.29 -70.46 -2.87
CA LYS E 13 -60.95 -69.87 -2.91
C LYS E 13 -60.30 -69.72 -1.52
N ASP E 14 -61.12 -69.55 -0.48
CA ASP E 14 -60.63 -69.29 0.88
C ASP E 14 -59.86 -70.47 1.49
N GLN E 15 -60.52 -71.62 1.57
CA GLN E 15 -59.97 -72.79 2.27
C GLN E 15 -58.82 -73.48 1.53
N ILE E 16 -58.85 -73.47 0.19
CA ILE E 16 -57.76 -74.04 -0.61
C ILE E 16 -56.41 -73.35 -0.40
N LYS E 17 -56.42 -72.02 -0.27
CA LYS E 17 -55.21 -71.24 0.00
C LYS E 17 -54.76 -71.44 1.45
N ASN E 18 -55.68 -71.24 2.39
CA ASN E 18 -55.43 -71.32 3.85
C ASN E 18 -54.12 -70.70 4.37
N PHE E 19 -53.78 -69.52 3.85
CA PHE E 19 -52.61 -68.75 4.28
C PHE E 19 -53.08 -67.37 4.71
N GLY E 20 -52.53 -66.90 5.83
CA GLY E 20 -53.10 -65.76 6.53
C GLY E 20 -54.35 -66.22 7.23
N GLN E 21 -54.19 -66.65 8.48
CA GLN E 21 -55.28 -67.24 9.27
C GLN E 21 -56.08 -66.09 9.88
N ASP E 22 -55.36 -65.17 10.50
CA ASP E 22 -55.92 -63.87 10.86
C ASP E 22 -54.86 -62.96 11.43
N ALA E 23 -54.32 -62.04 10.63
CA ALA E 23 -53.48 -60.94 11.16
C ALA E 23 -54.37 -59.86 11.82
N GLU E 24 -53.79 -59.11 12.76
CA GLU E 24 -54.47 -57.95 13.38
C GLU E 24 -53.73 -56.64 13.06
N VAL E 25 -54.08 -56.03 11.92
CA VAL E 25 -53.25 -54.98 11.31
C VAL E 25 -53.68 -53.55 11.66
N ALA E 26 -54.63 -53.37 12.58
CA ALA E 26 -55.09 -52.04 12.97
C ALA E 26 -54.21 -51.49 14.08
N GLU E 27 -53.91 -52.38 15.03
CA GLU E 27 -53.12 -52.07 16.21
C GLU E 27 -51.69 -52.63 16.13
N VAL E 28 -51.40 -53.45 15.12
CA VAL E 28 -50.09 -54.12 15.00
C VAL E 28 -49.53 -54.00 13.59
N GLY E 29 -48.20 -54.06 13.47
CA GLY E 29 -47.50 -54.09 12.18
C GLY E 29 -46.38 -55.11 12.16
N GLN E 30 -45.62 -55.20 11.05
CA GLN E 30 -44.60 -56.26 10.93
C GLN E 30 -43.19 -55.93 10.43
N VAL E 31 -42.93 -54.75 9.87
CA VAL E 31 -41.57 -54.38 9.38
C VAL E 31 -41.22 -55.01 8.03
N LEU E 32 -41.35 -54.19 6.99
CA LEU E 32 -40.97 -54.55 5.62
C LEU E 32 -39.46 -54.50 5.38
N SER E 33 -38.80 -53.54 6.02
CA SER E 33 -37.39 -53.27 5.77
C SER E 33 -36.82 -52.33 6.81
N VAL E 34 -35.52 -52.38 7.02
CA VAL E 34 -34.86 -51.49 7.97
C VAL E 34 -33.40 -51.29 7.60
N GLY E 35 -32.92 -50.07 7.80
CA GLY E 35 -31.62 -49.62 7.32
C GLY E 35 -31.65 -48.11 7.12
N ASP E 36 -30.49 -47.48 7.22
CA ASP E 36 -30.38 -46.01 7.15
C ASP E 36 -31.26 -45.35 8.21
N GLY E 37 -31.32 -45.97 9.39
CA GLY E 37 -32.05 -45.43 10.54
C GLY E 37 -33.56 -45.58 10.56
N ILE E 38 -34.20 -45.86 9.41
CA ILE E 38 -35.66 -45.91 9.32
C ILE E 38 -36.20 -47.30 9.05
N ALA E 39 -37.23 -47.68 9.81
CA ALA E 39 -37.96 -48.93 9.60
C ALA E 39 -39.29 -48.65 8.90
N ARG E 40 -39.56 -49.40 7.84
CA ARG E 40 -40.84 -49.32 7.14
C ARG E 40 -41.74 -50.44 7.65
N VAL E 41 -42.95 -50.12 8.06
CA VAL E 41 -43.84 -51.10 8.69
C VAL E 41 -45.13 -51.31 7.91
N TYR E 42 -45.45 -52.58 7.65
CA TYR E 42 -46.77 -52.93 7.11
C TYR E 42 -47.75 -52.95 8.27
N GLY E 43 -48.96 -52.43 8.03
CA GLY E 43 -50.02 -52.45 9.05
C GLY E 43 -50.13 -51.15 9.82
N LEU E 44 -50.26 -51.25 11.15
CA LEU E 44 -50.53 -50.12 12.04
C LEU E 44 -51.62 -49.20 11.52
N ASP E 45 -52.64 -49.77 10.87
CA ASP E 45 -53.65 -48.98 10.17
C ASP E 45 -54.32 -47.88 11.02
N LYS E 46 -54.34 -48.05 12.35
CA LYS E 46 -54.88 -47.02 13.23
C LYS E 46 -53.83 -46.20 14.01
N VAL E 47 -52.55 -46.35 13.70
CA VAL E 47 -51.52 -45.59 14.40
C VAL E 47 -51.59 -44.12 13.94
N GLN E 48 -51.21 -43.21 14.83
CA GLN E 48 -51.26 -41.77 14.59
C GLN E 48 -49.91 -41.23 14.16
N ALA E 49 -49.93 -40.11 13.42
CA ALA E 49 -48.70 -39.40 13.10
C ALA E 49 -48.06 -38.95 14.41
N GLY E 50 -46.80 -39.31 14.62
CA GLY E 50 -46.06 -38.95 15.83
C GLY E 50 -46.41 -39.81 17.04
N GLU E 51 -46.97 -40.99 16.81
CA GLU E 51 -47.29 -41.92 17.89
C GLU E 51 -46.10 -42.80 18.20
N MET E 52 -45.93 -43.13 19.48
CA MET E 52 -44.87 -44.05 19.90
C MET E 52 -45.29 -45.49 19.57
N VAL E 53 -44.35 -46.29 19.09
CA VAL E 53 -44.57 -47.71 18.84
C VAL E 53 -43.51 -48.54 19.58
N GLU E 54 -43.72 -49.84 19.68
CA GLU E 54 -42.78 -50.73 20.37
C GLU E 54 -42.35 -51.89 19.47
N PHE E 55 -41.04 -52.09 19.38
CA PHE E 55 -40.45 -53.19 18.61
C PHE E 55 -40.31 -54.41 19.52
N PRO E 56 -40.29 -55.62 18.92
CA PRO E 56 -40.33 -56.78 19.82
C PRO E 56 -39.11 -56.82 20.76
N GLY E 57 -38.04 -56.10 20.43
CA GLY E 57 -36.90 -55.95 21.33
C GLY E 57 -37.12 -55.03 22.51
N GLY E 58 -38.29 -54.40 22.61
CA GLY E 58 -38.58 -53.46 23.69
C GLY E 58 -38.13 -52.04 23.39
N ILE E 59 -37.54 -51.83 22.21
CA ILE E 59 -37.06 -50.52 21.81
C ILE E 59 -38.27 -49.71 21.32
N ARG E 60 -38.17 -48.38 21.46
CA ARG E 60 -39.22 -47.44 21.06
C ARG E 60 -38.96 -46.84 19.68
N GLY E 61 -40.02 -46.36 19.05
CA GLY E 61 -39.92 -45.62 17.80
C GLY E 61 -41.08 -44.66 17.62
N MET E 62 -40.90 -43.67 16.73
CA MET E 62 -41.94 -42.67 16.44
C MET E 62 -42.42 -42.81 15.01
N VAL E 63 -43.74 -42.82 14.85
CA VAL E 63 -44.37 -42.86 13.53
C VAL E 63 -44.19 -41.50 12.85
N LEU E 64 -43.33 -41.48 11.85
CA LEU E 64 -42.96 -40.25 11.16
C LEU E 64 -43.76 -40.08 9.88
N ASN E 65 -43.69 -41.08 9.01
CA ASN E 65 -44.42 -41.09 7.74
C ASN E 65 -45.63 -42.02 7.76
N LEU E 66 -46.83 -41.48 7.56
CA LEU E 66 -48.00 -42.30 7.25
C LEU E 66 -48.20 -42.34 5.75
N GLU E 67 -47.83 -43.46 5.13
CA GLU E 67 -47.96 -43.64 3.68
C GLU E 67 -49.08 -44.63 3.36
N THR E 68 -49.49 -44.67 2.09
CA THR E 68 -50.64 -45.48 1.66
C THR E 68 -50.53 -46.95 2.01
N ASP E 69 -49.33 -47.51 1.92
CA ASP E 69 -49.13 -48.95 2.13
C ASP E 69 -48.14 -49.32 3.24
N ASN E 70 -47.71 -48.34 4.03
CA ASN E 70 -46.74 -48.60 5.10
C ASN E 70 -46.58 -47.38 6.02
N VAL E 71 -45.92 -47.58 7.15
CA VAL E 71 -45.60 -46.52 8.09
C VAL E 71 -44.08 -46.48 8.28
N GLY E 72 -43.49 -45.29 8.13
CA GLY E 72 -42.06 -45.08 8.36
C GLY E 72 -41.83 -44.71 9.80
N VAL E 73 -40.95 -45.43 10.49
CA VAL E 73 -40.69 -45.22 11.91
C VAL E 73 -39.23 -44.83 12.20
N VAL E 74 -39.06 -43.80 13.01
CA VAL E 74 -37.72 -43.40 13.48
C VAL E 74 -37.42 -44.16 14.75
N ILE E 75 -36.29 -44.85 14.75
CA ILE E 75 -35.89 -45.77 15.82
C ILE E 75 -35.10 -45.04 16.91
N PHE E 76 -35.62 -45.06 18.15
CA PHE E 76 -34.90 -44.49 19.30
C PHE E 76 -33.99 -45.56 19.90
N GLY E 77 -32.93 -45.86 19.16
CA GLY E 77 -32.03 -46.97 19.48
C GLY E 77 -31.22 -47.36 18.26
N ASP E 78 -30.35 -48.34 18.41
CA ASP E 78 -29.54 -48.85 17.30
C ASP E 78 -30.39 -49.74 16.39
N ASP E 79 -30.41 -49.45 15.10
CA ASP E 79 -31.23 -50.22 14.13
C ASP E 79 -30.83 -51.69 14.04
N ARG E 80 -29.56 -52.00 14.32
CA ARG E 80 -29.07 -53.37 14.57
C ARG E 80 -30.04 -54.30 15.30
N ASP E 81 -30.90 -53.72 16.14
CA ASP E 81 -31.84 -54.47 16.98
C ASP E 81 -33.23 -54.70 16.35
N ILE E 82 -33.41 -54.33 15.09
CA ILE E 82 -34.70 -54.54 14.40
C ILE E 82 -34.46 -55.31 13.10
N LYS E 83 -35.35 -56.27 12.82
CA LYS E 83 -35.22 -57.15 11.67
C LYS E 83 -36.53 -57.22 10.88
N GLU E 84 -36.41 -57.45 9.57
CA GLU E 84 -37.59 -57.66 8.73
C GLU E 84 -38.45 -58.74 9.38
N GLY E 85 -39.74 -58.48 9.50
CA GLY E 85 -40.68 -59.43 10.09
C GLY E 85 -40.96 -59.28 11.57
N ASP E 86 -40.21 -58.40 12.26
CA ASP E 86 -40.43 -58.16 13.68
C ASP E 86 -41.80 -57.55 13.97
N THR E 87 -42.34 -57.85 15.15
CA THR E 87 -43.65 -57.36 15.56
C THR E 87 -43.54 -55.93 16.07
N VAL E 88 -44.47 -55.07 15.65
CA VAL E 88 -44.49 -53.67 16.06
C VAL E 88 -45.89 -53.34 16.58
N LYS E 89 -45.97 -52.76 17.77
CA LYS E 89 -47.29 -52.45 18.35
C LYS E 89 -47.42 -50.99 18.70
N ARG E 90 -48.61 -50.44 18.43
CA ARG E 90 -48.88 -49.06 18.76
C ARG E 90 -49.16 -48.96 20.26
N THR E 91 -48.89 -47.79 20.80
CA THR E 91 -49.07 -47.52 22.22
C THR E 91 -50.24 -46.58 22.46
N GLY E 92 -50.79 -46.04 21.37
CA GLY E 92 -51.89 -45.08 21.43
C GLY E 92 -51.50 -43.68 21.89
N ALA E 93 -50.20 -43.45 22.12
CA ALA E 93 -49.73 -42.19 22.70
C ALA E 93 -48.77 -41.45 21.78
N ILE E 94 -49.00 -40.16 21.60
CA ILE E 94 -48.05 -39.30 20.89
C ILE E 94 -46.79 -39.26 21.75
N VAL E 95 -45.63 -39.26 21.08
CA VAL E 95 -44.32 -39.31 21.78
C VAL E 95 -44.33 -38.41 23.01
N GLU E 96 -44.07 -39.02 24.17
CA GLU E 96 -44.15 -38.32 25.46
C GLU E 96 -43.08 -38.85 26.41
N VAL E 97 -42.87 -38.13 27.50
CA VAL E 97 -41.85 -38.45 28.49
C VAL E 97 -42.35 -38.24 29.92
N PRO E 98 -41.66 -38.85 30.88
CA PRO E 98 -41.96 -38.62 32.29
C PRO E 98 -41.55 -37.22 32.70
N ALA E 99 -42.30 -36.60 33.61
CA ALA E 99 -42.01 -35.25 34.08
C ALA E 99 -42.38 -35.09 35.55
N GLY E 100 -41.76 -34.12 36.21
CA GLY E 100 -42.04 -33.83 37.63
C GLY E 100 -40.81 -33.71 38.49
N LYS E 101 -41.02 -33.48 39.78
CA LYS E 101 -39.93 -33.28 40.75
C LYS E 101 -39.15 -34.57 41.05
N GLU E 102 -39.78 -35.72 40.84
CA GLU E 102 -39.07 -37.00 40.99
C GLU E 102 -37.89 -37.14 40.02
N LEU E 103 -37.79 -36.26 39.02
CA LEU E 103 -36.66 -36.26 38.09
C LEU E 103 -35.42 -35.53 38.63
N LEU E 104 -35.61 -34.65 39.61
CA LEU E 104 -34.53 -33.82 40.15
C LEU E 104 -33.50 -34.67 40.88
N GLY E 105 -32.23 -34.50 40.54
CA GLY E 105 -31.12 -35.27 41.10
C GLY E 105 -30.75 -36.49 40.29
N ARG E 106 -31.56 -36.78 39.26
CA ARG E 106 -31.43 -38.02 38.48
C ARG E 106 -30.88 -37.77 37.08
N VAL E 107 -30.28 -38.82 36.53
CA VAL E 107 -29.68 -38.75 35.20
C VAL E 107 -30.46 -39.72 34.31
N VAL E 108 -31.01 -39.20 33.21
CA VAL E 108 -31.86 -39.99 32.33
C VAL E 108 -31.38 -39.92 30.88
N ASP E 109 -31.86 -40.85 30.06
CA ASP E 109 -31.60 -40.80 28.62
C ASP E 109 -32.62 -39.87 27.97
N ALA E 110 -32.65 -39.84 26.64
CA ALA E 110 -33.55 -38.95 25.90
C ALA E 110 -35.04 -39.30 26.04
N LEU E 111 -35.35 -40.58 26.26
CA LEU E 111 -36.75 -41.02 26.42
C LEU E 111 -37.28 -40.88 27.85
N GLY E 112 -36.41 -40.55 28.80
CA GLY E 112 -36.80 -40.39 30.20
C GLY E 112 -36.41 -41.57 31.07
N ASN E 113 -35.71 -42.57 30.50
CA ASN E 113 -35.34 -43.76 31.24
C ASN E 113 -34.12 -43.47 32.11
N PRO E 114 -34.13 -43.93 33.36
CA PRO E 114 -32.97 -43.78 34.26
C PRO E 114 -31.71 -44.45 33.77
N ILE E 115 -30.57 -43.77 33.92
CA ILE E 115 -29.27 -44.35 33.64
C ILE E 115 -28.30 -44.18 34.82
N ASP E 116 -28.79 -43.66 35.94
CA ASP E 116 -27.92 -43.35 37.09
C ASP E 116 -27.71 -44.54 38.03
N GLY E 117 -28.49 -45.60 37.83
CA GLY E 117 -28.43 -46.77 38.71
C GLY E 117 -29.05 -46.56 40.08
N LYS E 118 -29.94 -45.57 40.21
CA LYS E 118 -30.68 -45.35 41.45
C LYS E 118 -32.13 -45.86 41.34
N GLY E 119 -32.40 -46.72 40.35
CA GLY E 119 -33.71 -47.35 40.21
C GLY E 119 -34.65 -46.53 39.35
N PRO E 120 -35.94 -46.93 39.31
CA PRO E 120 -36.98 -46.25 38.55
C PRO E 120 -37.16 -44.76 38.82
N LEU E 121 -37.80 -44.10 37.87
CA LEU E 121 -38.00 -42.66 37.90
C LEU E 121 -39.17 -42.22 38.80
N ASN E 122 -40.20 -43.04 38.96
CA ASN E 122 -41.35 -42.76 39.83
C ASN E 122 -42.19 -41.55 39.41
N ALA E 123 -42.15 -41.21 38.12
CA ALA E 123 -42.90 -40.08 37.56
C ALA E 123 -44.42 -40.28 37.57
N SER E 124 -45.13 -39.24 38.03
CA SER E 124 -46.58 -39.24 38.17
C SER E 124 -47.27 -38.59 36.97
N GLU E 125 -46.63 -37.55 36.43
CA GLU E 125 -47.11 -36.83 35.24
C GLU E 125 -46.24 -37.18 34.02
N ARG E 126 -46.85 -37.13 32.84
CA ARG E 126 -46.14 -37.33 31.58
C ARG E 126 -46.51 -36.23 30.60
N ARG E 127 -45.61 -35.95 29.66
CA ARG E 127 -45.77 -34.77 28.78
C ARG E 127 -45.29 -35.03 27.37
N ILE E 128 -46.07 -34.55 26.40
CA ILE E 128 -45.73 -34.71 24.98
C ILE E 128 -44.50 -33.85 24.70
N ALA E 129 -43.55 -34.41 23.95
CA ALA E 129 -42.22 -33.80 23.79
C ALA E 129 -42.20 -32.66 22.78
N ASP E 130 -43.08 -32.71 21.78
CA ASP E 130 -43.02 -31.74 20.68
C ASP E 130 -44.17 -30.73 20.71
N VAL E 131 -44.64 -30.37 21.90
CA VAL E 131 -45.74 -29.41 22.02
C VAL E 131 -45.31 -28.04 21.49
N LYS E 132 -46.28 -27.31 20.95
CA LYS E 132 -46.09 -25.94 20.49
C LYS E 132 -45.95 -25.01 21.69
N ALA E 133 -45.16 -23.95 21.51
CA ALA E 133 -44.94 -22.98 22.59
C ALA E 133 -46.21 -22.20 22.93
N PRO E 134 -46.30 -21.71 24.17
CA PRO E 134 -47.41 -20.85 24.56
C PRO E 134 -47.50 -19.65 23.63
N GLY E 135 -48.73 -19.18 23.39
CA GLY E 135 -48.98 -18.07 22.48
C GLY E 135 -48.67 -16.72 23.10
N ILE E 136 -49.19 -15.66 22.49
CA ILE E 136 -48.82 -14.30 22.86
C ILE E 136 -49.38 -13.89 24.24
N MET E 137 -50.65 -14.18 24.50
CA MET E 137 -51.34 -13.66 25.69
C MET E 137 -50.84 -14.15 27.06
N PRO E 138 -50.61 -15.46 27.23
CA PRO E 138 -50.14 -16.01 28.52
C PRO E 138 -48.79 -15.50 29.04
N ARG E 139 -48.02 -14.81 28.20
CA ARG E 139 -46.68 -14.35 28.55
C ARG E 139 -46.64 -12.90 29.07
N LYS E 140 -45.48 -12.51 29.58
CA LYS E 140 -45.19 -11.12 29.95
C LYS E 140 -43.68 -10.89 30.03
N SER E 141 -43.25 -9.66 29.77
CA SER E 141 -41.83 -9.29 29.75
C SER E 141 -41.07 -9.75 31.00
N VAL E 142 -39.87 -10.27 30.78
CA VAL E 142 -39.07 -10.82 31.89
C VAL E 142 -38.74 -9.68 32.87
N HIS E 143 -38.79 -9.98 34.17
CA HIS E 143 -38.39 -9.01 35.21
C HIS E 143 -37.69 -9.62 36.44
N GLU E 144 -37.32 -10.90 36.39
CA GLU E 144 -36.64 -11.55 37.48
C GLU E 144 -35.25 -12.00 37.05
N PRO E 145 -34.22 -11.67 37.83
CA PRO E 145 -32.85 -12.05 37.45
C PRO E 145 -32.65 -13.56 37.41
N MET E 146 -31.84 -13.99 36.47
CA MET E 146 -31.35 -15.35 36.42
C MET E 146 -29.85 -15.19 36.58
N ALA E 147 -29.43 -15.29 37.84
CA ALA E 147 -28.07 -14.96 38.22
C ALA E 147 -27.16 -16.12 37.90
N THR E 148 -26.18 -15.88 37.04
CA THR E 148 -25.16 -16.88 36.72
C THR E 148 -24.12 -16.96 37.85
N GLY E 149 -23.90 -15.85 38.53
CA GLY E 149 -22.82 -15.76 39.51
C GLY E 149 -21.51 -15.41 38.84
N LEU E 150 -21.56 -15.13 37.53
CA LEU E 150 -20.38 -14.69 36.80
C LEU E 150 -20.41 -13.17 36.69
N LYS E 151 -19.39 -12.53 37.27
CA LYS E 151 -19.31 -11.07 37.34
C LYS E 151 -19.51 -10.42 35.97
N SER E 152 -18.77 -10.93 34.98
CA SER E 152 -18.84 -10.46 33.60
C SER E 152 -20.27 -10.49 33.04
N VAL E 153 -20.93 -11.63 33.24
CA VAL E 153 -22.29 -11.82 32.72
C VAL E 153 -23.30 -11.03 33.53
N ASP E 154 -23.29 -11.18 34.85
CA ASP E 154 -24.30 -10.55 35.69
C ASP E 154 -24.25 -9.03 35.74
N ALA E 155 -23.11 -8.44 35.38
CA ALA E 155 -23.00 -6.99 35.31
C ALA E 155 -23.29 -6.45 33.90
N MET E 156 -22.56 -6.97 32.91
CA MET E 156 -22.56 -6.41 31.54
C MET E 156 -23.49 -7.13 30.55
N ILE E 157 -23.80 -8.41 30.78
CA ILE E 157 -24.72 -9.18 29.92
C ILE E 157 -25.79 -9.85 30.79
N PRO E 158 -26.53 -9.04 31.58
CA PRO E 158 -27.48 -9.56 32.57
C PRO E 158 -28.62 -10.36 31.95
N VAL E 159 -28.95 -11.48 32.58
CA VAL E 159 -29.96 -12.41 32.07
C VAL E 159 -31.20 -12.41 32.97
N GLY E 160 -32.37 -12.67 32.37
CA GLY E 160 -33.65 -12.69 33.09
C GLY E 160 -34.38 -14.01 32.97
N ARG E 161 -35.25 -14.31 33.94
CA ARG E 161 -36.02 -15.55 33.94
C ARG E 161 -37.11 -15.54 32.87
N GLY E 162 -37.04 -16.51 31.95
CA GLY E 162 -37.94 -16.54 30.80
C GLY E 162 -37.23 -16.18 29.50
N GLN E 163 -36.05 -15.58 29.62
CA GLN E 163 -35.22 -15.21 28.47
C GLN E 163 -34.57 -16.44 27.81
N ARG E 164 -34.12 -16.24 26.57
CA ARG E 164 -33.28 -17.19 25.87
C ARG E 164 -31.98 -16.45 25.61
N GLU E 165 -30.87 -16.93 26.16
CA GLU E 165 -29.57 -16.29 25.96
C GLU E 165 -28.60 -17.31 25.42
N LEU E 166 -28.02 -16.99 24.26
CA LEU E 166 -27.09 -17.87 23.56
C LEU E 166 -25.68 -17.83 24.16
N ILE E 167 -25.07 -19.01 24.26
CA ILE E 167 -23.66 -19.11 24.61
C ILE E 167 -23.00 -19.59 23.31
N ILE E 168 -22.22 -18.71 22.71
CA ILE E 168 -21.60 -19.02 21.42
C ILE E 168 -20.10 -18.75 21.49
N GLY E 169 -19.33 -19.62 20.84
CA GLY E 169 -17.90 -19.46 20.76
C GLY E 169 -17.23 -20.72 20.26
N ASP E 170 -16.00 -20.58 19.80
CA ASP E 170 -15.23 -21.72 19.30
C ASP E 170 -15.05 -22.78 20.39
N ARG E 171 -14.56 -23.94 19.98
CA ARG E 171 -14.28 -25.02 20.91
C ARG E 171 -13.19 -24.59 21.91
N GLN E 172 -13.22 -25.18 23.11
CA GLN E 172 -12.28 -24.86 24.19
C GLN E 172 -12.20 -23.38 24.56
N THR E 173 -13.33 -22.68 24.51
CA THR E 173 -13.39 -21.28 24.95
C THR E 173 -14.07 -21.14 26.30
N GLY E 174 -14.64 -22.22 26.81
CA GLY E 174 -15.29 -22.24 28.12
C GLY E 174 -16.80 -22.03 28.10
N LYS E 175 -17.46 -22.56 27.07
CA LYS E 175 -18.91 -22.42 26.94
C LYS E 175 -19.64 -23.23 28.01
N THR E 176 -19.30 -24.50 28.14
CA THR E 176 -19.90 -25.41 29.12
C THR E 176 -19.70 -24.94 30.56
N ALA E 177 -18.52 -24.38 30.83
CA ALA E 177 -18.17 -23.90 32.17
C ALA E 177 -19.10 -22.79 32.64
N ILE E 178 -19.47 -21.90 31.73
CA ILE E 178 -20.44 -20.86 32.04
C ILE E 178 -21.76 -21.52 32.47
N ALA E 179 -22.15 -22.56 31.75
CA ALA E 179 -23.37 -23.31 32.08
C ALA E 179 -23.29 -23.99 33.44
N LEU E 180 -22.15 -24.58 33.77
CA LEU E 180 -21.97 -25.30 35.03
C LEU E 180 -21.97 -24.36 36.24
N ASP E 181 -21.23 -23.26 36.16
CA ASP E 181 -21.19 -22.27 37.25
C ASP E 181 -22.58 -21.69 37.51
N THR E 182 -23.34 -21.48 36.43
CA THR E 182 -24.71 -20.98 36.54
C THR E 182 -25.59 -21.93 37.35
N ILE E 183 -25.43 -23.23 37.14
CA ILE E 183 -26.22 -24.21 37.89
C ILE E 183 -25.83 -24.18 39.36
N LEU E 184 -24.54 -24.35 39.65
CA LEU E 184 -24.01 -24.29 41.02
C LEU E 184 -24.45 -23.03 41.77
N ASN E 185 -24.53 -21.92 41.04
CA ASN E 185 -24.91 -20.63 41.63
C ASN E 185 -26.27 -20.62 42.33
N GLN E 186 -27.22 -21.36 41.76
CA GLN E 186 -28.61 -21.34 42.22
C GLN E 186 -28.84 -21.83 43.64
N ALA E 187 -27.89 -22.57 44.23
CA ALA E 187 -28.04 -23.06 45.60
C ALA E 187 -28.39 -21.95 46.61
N ASN E 188 -27.79 -20.78 46.42
CA ASN E 188 -28.02 -19.63 47.29
C ASN E 188 -29.49 -19.25 47.38
N TYR E 189 -30.19 -19.34 46.25
CA TYR E 189 -31.60 -18.95 46.15
C TYR E 189 -32.55 -20.12 46.45
N ASN E 190 -32.26 -21.31 45.92
CA ASN E 190 -33.07 -22.49 46.17
C ASN E 190 -33.19 -22.88 47.64
N GLY E 191 -32.23 -22.47 48.46
CA GLY E 191 -32.33 -22.63 49.90
C GLY E 191 -33.31 -21.67 50.55
N ARG E 192 -33.47 -20.50 49.94
CA ARG E 192 -34.36 -19.47 50.48
C ARG E 192 -35.82 -19.90 50.31
N GLU E 193 -36.75 -19.14 50.89
CA GLU E 193 -38.18 -19.34 50.69
C GLU E 193 -38.83 -17.99 50.44
N LYS E 198 -39.05 -18.46 44.93
CA LYS E 198 -38.19 -17.94 43.86
C LYS E 198 -37.00 -18.87 43.61
N THR E 199 -37.31 -20.15 43.56
CA THR E 199 -36.34 -21.20 43.21
C THR E 199 -36.01 -21.18 41.72
N LEU E 200 -34.88 -21.78 41.36
CA LEU E 200 -34.56 -22.06 39.97
C LEU E 200 -34.09 -23.51 39.85
N HIS E 201 -34.96 -24.35 39.28
CA HIS E 201 -34.64 -25.75 38.98
C HIS E 201 -33.83 -25.80 37.70
N CYS E 202 -32.88 -26.72 37.61
CA CYS E 202 -31.98 -26.79 36.46
C CYS E 202 -32.14 -28.07 35.66
N ILE E 203 -32.06 -27.95 34.33
CA ILE E 203 -32.04 -29.08 33.42
C ILE E 203 -30.83 -28.92 32.50
N TYR E 204 -29.85 -29.81 32.64
CA TYR E 204 -28.69 -29.81 31.75
C TYR E 204 -28.84 -30.89 30.70
N VAL E 205 -28.96 -30.47 29.44
CA VAL E 205 -29.12 -31.43 28.34
C VAL E 205 -27.79 -31.63 27.62
N ALA E 206 -27.21 -32.81 27.77
CA ALA E 206 -26.00 -33.16 27.03
C ALA E 206 -26.38 -33.72 25.66
N VAL E 207 -25.85 -33.11 24.59
CA VAL E 207 -26.15 -33.55 23.22
C VAL E 207 -24.85 -33.78 22.45
N GLY E 208 -24.52 -35.04 22.18
CA GLY E 208 -23.32 -35.40 21.44
C GLY E 208 -22.00 -35.31 22.18
N GLN E 209 -22.00 -34.79 23.42
CA GLN E 209 -20.78 -34.65 24.20
C GLN E 209 -20.21 -36.00 24.55
N LYS E 210 -18.99 -35.99 25.11
CA LYS E 210 -18.37 -37.20 25.63
C LYS E 210 -19.03 -37.62 26.93
N ARG E 211 -19.22 -38.93 27.08
CA ARG E 211 -19.82 -39.52 28.28
C ARG E 211 -19.05 -39.15 29.53
N SER E 212 -17.72 -39.17 29.43
CA SER E 212 -16.85 -38.84 30.56
C SER E 212 -17.09 -37.41 31.04
N THR E 213 -17.27 -36.50 30.09
CA THR E 213 -17.58 -35.10 30.40
C THR E 213 -18.85 -35.00 31.27
N VAL E 214 -19.87 -35.76 30.88
CA VAL E 214 -21.13 -35.72 31.62
C VAL E 214 -20.96 -36.38 32.98
N ALA E 215 -20.22 -37.50 33.05
CA ALA E 215 -19.98 -38.17 34.32
C ALA E 215 -19.25 -37.25 35.29
N GLN E 216 -18.23 -36.57 34.80
CA GLN E 216 -17.49 -35.61 35.62
C GLN E 216 -18.40 -34.47 36.08
N LEU E 217 -19.31 -34.05 35.19
CA LEU E 217 -20.31 -33.05 35.51
C LEU E 217 -21.17 -33.46 36.72
N VAL E 218 -21.81 -34.63 36.62
CA VAL E 218 -22.71 -35.12 37.66
C VAL E 218 -21.96 -35.25 39.00
N LYS E 219 -20.74 -35.79 38.95
CA LYS E 219 -19.88 -35.86 40.14
C LYS E 219 -19.77 -34.49 40.79
N LYS E 220 -19.41 -33.50 39.97
CA LYS E 220 -19.27 -32.11 40.46
C LYS E 220 -20.58 -31.57 41.03
N LEU E 221 -21.70 -31.83 40.37
CA LEU E 221 -23.01 -31.37 40.86
C LEU E 221 -23.31 -32.01 42.22
N GLU E 222 -23.05 -33.32 42.28
CA GLU E 222 -23.27 -34.11 43.48
C GLU E 222 -22.40 -33.63 44.63
N GLU E 223 -21.11 -33.40 44.34
CA GLU E 223 -20.18 -33.01 45.39
C GLU E 223 -20.40 -31.56 45.87
N THR E 224 -21.21 -30.79 45.15
CA THR E 224 -21.55 -29.42 45.57
C THR E 224 -22.93 -29.35 46.20
N GLY E 225 -23.68 -30.46 46.14
CA GLY E 225 -25.06 -30.45 46.57
C GLY E 225 -25.92 -29.53 45.71
N ALA E 226 -25.55 -29.42 44.44
CA ALA E 226 -26.37 -28.72 43.44
C ALA E 226 -27.20 -29.70 42.61
N MET E 227 -26.83 -30.97 42.64
CA MET E 227 -27.45 -32.01 41.86
C MET E 227 -28.90 -32.20 42.31
N ALA E 228 -29.15 -32.04 43.60
CA ALA E 228 -30.51 -32.14 44.18
C ALA E 228 -31.60 -31.33 43.48
N TYR E 229 -31.25 -30.27 42.77
CA TYR E 229 -32.23 -29.46 42.03
C TYR E 229 -31.95 -29.44 40.53
N THR E 230 -31.22 -30.45 40.05
CA THR E 230 -30.80 -30.51 38.64
C THR E 230 -31.23 -31.83 38.00
N THR E 231 -31.66 -31.77 36.75
CA THR E 231 -31.97 -32.97 35.97
C THR E 231 -30.98 -33.04 34.82
N VAL E 232 -30.31 -34.17 34.65
CA VAL E 232 -29.40 -34.36 33.53
C VAL E 232 -30.05 -35.27 32.49
N VAL E 233 -30.19 -34.75 31.26
CA VAL E 233 -30.68 -35.53 30.14
C VAL E 233 -29.47 -35.78 29.24
N ALA E 234 -29.14 -37.05 29.02
CA ALA E 234 -27.91 -37.41 28.33
C ALA E 234 -28.17 -38.22 27.06
N ALA E 235 -27.79 -37.63 25.92
CA ALA E 235 -27.68 -38.36 24.66
C ALA E 235 -26.31 -38.05 24.10
N THR E 236 -25.30 -38.74 24.65
CA THR E 236 -23.90 -38.51 24.31
C THR E 236 -23.50 -39.14 22.99
N ALA E 237 -22.31 -38.76 22.55
CA ALA E 237 -21.66 -39.16 21.30
C ALA E 237 -22.00 -40.57 20.74
N SER E 238 -22.15 -41.56 21.60
CA SER E 238 -22.42 -42.94 21.18
C SER E 238 -23.92 -43.29 21.05
N ASP E 239 -24.79 -42.40 21.48
CA ASP E 239 -26.23 -42.60 21.34
C ASP E 239 -26.67 -42.28 19.90
N PRO E 240 -27.67 -43.02 19.40
CA PRO E 240 -28.10 -42.87 18.01
C PRO E 240 -28.71 -41.50 17.73
N ALA E 241 -28.48 -40.98 16.53
CA ALA E 241 -28.91 -39.62 16.15
C ALA E 241 -30.32 -39.23 16.61
N PRO E 242 -31.31 -40.12 16.39
CA PRO E 242 -32.69 -39.81 16.82
C PRO E 242 -32.82 -39.52 18.31
N MET E 243 -32.02 -40.17 19.15
CA MET E 243 -32.03 -39.86 20.57
C MET E 243 -31.43 -38.48 20.85
N GLN E 244 -30.36 -38.13 20.13
CA GLN E 244 -29.74 -36.80 20.26
C GLN E 244 -30.69 -35.71 19.76
N TYR E 245 -31.45 -36.04 18.72
CA TYR E 245 -32.46 -35.11 18.17
C TYR E 245 -33.56 -34.86 19.19
N LEU E 246 -33.94 -35.91 19.90
CA LEU E 246 -35.07 -35.87 20.84
C LEU E 246 -34.73 -35.25 22.19
N ALA E 247 -33.52 -35.50 22.69
CA ALA E 247 -33.11 -35.08 24.05
C ALA E 247 -33.64 -33.70 24.48
N PRO E 248 -33.33 -32.66 23.69
CA PRO E 248 -33.74 -31.29 24.04
C PRO E 248 -35.25 -31.12 24.21
N TYR E 249 -36.04 -31.68 23.30
CA TYR E 249 -37.49 -31.58 23.41
C TYR E 249 -37.97 -32.23 24.70
N SER E 250 -37.41 -33.39 25.01
CA SER E 250 -37.75 -34.11 26.24
C SER E 250 -37.42 -33.30 27.50
N ALA E 251 -36.19 -32.81 27.54
CA ALA E 251 -35.74 -31.94 28.62
C ALA E 251 -36.66 -30.72 28.72
N THR E 252 -36.96 -30.10 27.57
CA THR E 252 -37.86 -28.95 27.53
C THR E 252 -39.20 -29.26 28.21
N ALA E 253 -39.76 -30.43 27.91
CA ALA E 253 -41.01 -30.86 28.53
C ALA E 253 -40.86 -30.93 30.05
N MET E 254 -39.73 -31.43 30.52
CA MET E 254 -39.46 -31.52 31.95
C MET E 254 -39.37 -30.13 32.58
N GLY E 255 -38.82 -29.16 31.84
CA GLY E 255 -38.78 -27.77 32.29
C GLY E 255 -40.16 -27.11 32.33
N GLU E 256 -40.99 -27.45 31.35
CA GLU E 256 -42.35 -26.90 31.25
C GLU E 256 -43.23 -27.25 32.45
N TYR E 257 -42.98 -28.42 33.05
CA TYR E 257 -43.67 -28.86 34.26
C TYR E 257 -43.57 -27.80 35.35
N PHE E 258 -42.37 -27.25 35.51
CA PHE E 258 -42.14 -26.20 36.48
C PHE E 258 -42.75 -24.90 35.98
N ARG E 259 -42.51 -24.60 34.70
CA ARG E 259 -43.02 -23.38 34.07
C ARG E 259 -44.51 -23.20 34.29
N ASP E 260 -45.28 -24.30 34.18
CA ASP E 260 -46.74 -24.23 34.29
C ASP E 260 -47.29 -24.44 35.71
N ASN E 261 -46.42 -24.66 36.70
CA ASN E 261 -46.88 -24.80 38.09
C ASN E 261 -46.33 -23.69 39.00
N GLY E 262 -46.24 -22.48 38.46
CA GLY E 262 -45.75 -21.30 39.18
C GLY E 262 -44.32 -21.36 39.69
N MET E 263 -43.50 -22.23 39.09
CA MET E 263 -42.12 -22.41 39.47
C MET E 263 -41.23 -21.95 38.31
N ASP E 264 -39.92 -21.92 38.54
CA ASP E 264 -38.99 -21.50 37.50
C ASP E 264 -37.96 -22.59 37.21
N ALA E 265 -37.68 -22.79 35.92
CA ALA E 265 -36.67 -23.76 35.50
C ALA E 265 -35.68 -23.14 34.51
N LEU E 266 -34.47 -23.68 34.53
CA LEU E 266 -33.39 -23.26 33.64
C LEU E 266 -33.05 -24.46 32.80
N ILE E 267 -32.92 -24.28 31.49
CA ILE E 267 -32.48 -25.36 30.63
C ILE E 267 -31.28 -24.96 29.78
N ILE E 268 -30.31 -25.85 29.74
CA ILE E 268 -29.07 -25.66 29.00
C ILE E 268 -29.08 -26.68 27.88
N TYR E 269 -28.90 -26.25 26.64
CA TYR E 269 -28.80 -27.19 25.52
C TYR E 269 -27.34 -27.21 25.09
N ASP E 270 -26.58 -28.18 25.60
CA ASP E 270 -25.14 -28.27 25.33
C ASP E 270 -24.82 -29.50 24.46
N ASP E 271 -24.76 -29.34 23.14
CA ASP E 271 -25.00 -28.08 22.43
C ASP E 271 -25.96 -28.30 21.27
N LEU E 272 -26.48 -27.22 20.71
CA LEU E 272 -27.44 -27.33 19.59
C LEU E 272 -26.75 -27.56 18.24
N SER E 273 -25.48 -27.21 18.11
CA SER E 273 -24.72 -27.49 16.88
C SER E 273 -24.78 -28.99 16.56
N LYS E 274 -24.51 -29.79 17.58
CA LYS E 274 -24.51 -31.23 17.46
C LYS E 274 -25.90 -31.80 17.28
N GLN E 275 -26.91 -31.19 17.91
CA GLN E 275 -28.29 -31.63 17.68
C GLN E 275 -28.63 -31.43 16.21
N ALA E 276 -28.26 -30.27 15.68
CA ALA E 276 -28.48 -29.96 14.28
C ALA E 276 -27.76 -30.93 13.33
N VAL E 277 -26.56 -31.39 13.68
CA VAL E 277 -25.88 -32.36 12.79
C VAL E 277 -26.59 -33.71 12.88
N ALA E 278 -27.09 -34.06 14.06
CA ALA E 278 -27.82 -35.32 14.24
C ALA E 278 -29.08 -35.32 13.37
N TYR E 279 -29.81 -34.21 13.41
CA TYR E 279 -31.01 -34.06 12.61
C TYR E 279 -30.66 -34.07 11.12
N ARG E 280 -29.55 -33.41 10.76
CA ARG E 280 -29.09 -33.45 9.38
C ARG E 280 -28.88 -34.90 8.95
N GLN E 281 -28.26 -35.70 9.81
CA GLN E 281 -28.04 -37.13 9.55
C GLN E 281 -29.36 -37.86 9.29
N MET E 282 -30.36 -37.60 10.14
CA MET E 282 -31.68 -38.21 9.97
C MET E 282 -32.30 -37.78 8.64
N SER E 283 -32.21 -36.49 8.34
CA SER E 283 -32.78 -35.92 7.12
C SER E 283 -32.13 -36.45 5.84
N LEU E 284 -30.80 -36.49 5.81
CA LEU E 284 -30.08 -37.02 4.64
C LEU E 284 -30.40 -38.50 4.40
N LEU E 285 -30.42 -39.31 5.46
CA LEU E 285 -30.79 -40.73 5.32
C LEU E 285 -32.24 -40.90 4.85
N LEU E 286 -33.11 -39.97 5.22
CA LEU E 286 -34.48 -39.91 4.69
C LEU E 286 -34.53 -39.38 3.25
N ARG E 287 -33.37 -38.98 2.73
CA ARG E 287 -33.22 -38.49 1.36
C ARG E 287 -33.97 -37.17 1.13
N ARG E 288 -34.03 -36.33 2.15
CA ARG E 288 -34.65 -35.02 2.02
C ARG E 288 -33.63 -34.07 1.39
N PRO E 289 -34.12 -33.10 0.60
CA PRO E 289 -33.26 -32.20 -0.19
C PRO E 289 -32.36 -31.31 0.67
N PRO E 290 -31.05 -31.53 0.60
CA PRO E 290 -30.08 -30.76 1.38
C PRO E 290 -29.89 -29.34 0.85
N GLY E 291 -29.71 -28.39 1.76
CA GLY E 291 -29.51 -26.98 1.40
C GLY E 291 -28.18 -26.48 1.92
N ARG E 292 -28.18 -25.27 2.49
CA ARG E 292 -26.97 -24.64 3.03
C ARG E 292 -26.26 -25.60 3.96
N GLU E 293 -24.96 -25.81 3.73
CA GLU E 293 -24.15 -26.75 4.51
C GLU E 293 -24.79 -28.14 4.62
N ALA E 294 -25.65 -28.48 3.66
CA ALA E 294 -26.35 -29.75 3.60
C ALA E 294 -27.43 -29.97 4.67
N TYR E 295 -27.82 -28.92 5.39
CA TYR E 295 -28.86 -29.05 6.40
C TYR E 295 -30.20 -28.95 5.68
N PRO E 296 -31.22 -29.63 6.20
CA PRO E 296 -32.56 -29.60 5.59
C PRO E 296 -33.20 -28.24 5.77
N GLY E 297 -34.10 -27.89 4.85
CA GLY E 297 -34.81 -26.60 4.91
C GLY E 297 -35.45 -26.29 6.24
N ASP E 298 -35.74 -27.32 7.03
CA ASP E 298 -36.40 -27.15 8.32
C ASP E 298 -35.46 -27.20 9.54
N VAL E 299 -34.18 -26.90 9.35
CA VAL E 299 -33.24 -26.85 10.48
C VAL E 299 -33.51 -25.64 11.37
N PHE E 300 -33.91 -24.53 10.76
CA PHE E 300 -34.30 -23.35 11.53
C PHE E 300 -35.47 -23.73 12.43
N TYR E 301 -36.49 -24.33 11.81
CA TYR E 301 -37.70 -24.74 12.52
C TYR E 301 -37.40 -25.72 13.67
N LEU E 302 -36.41 -26.60 13.49
CA LEU E 302 -35.98 -27.52 14.54
C LEU E 302 -35.72 -26.78 15.85
N HIS E 303 -34.96 -25.68 15.77
CA HIS E 303 -34.61 -24.90 16.96
C HIS E 303 -35.65 -23.88 17.37
N SER E 304 -36.44 -23.37 16.42
CA SER E 304 -37.45 -22.36 16.73
C SER E 304 -38.51 -22.92 17.70
N ARG E 305 -39.09 -24.08 17.37
CA ARG E 305 -40.08 -24.76 18.24
C ARG E 305 -39.58 -24.81 19.67
N LEU E 306 -38.32 -25.22 19.76
CA LEU E 306 -37.67 -25.57 21.00
C LEU E 306 -37.50 -24.35 21.90
N LEU E 307 -36.81 -23.34 21.39
CA LEU E 307 -36.47 -22.18 22.22
C LEU E 307 -37.67 -21.27 22.45
N GLU E 308 -38.70 -21.38 21.61
CA GLU E 308 -39.91 -20.59 21.83
C GLU E 308 -40.69 -21.07 23.06
N ARG E 309 -40.41 -22.28 23.51
CA ARG E 309 -41.07 -22.81 24.71
C ARG E 309 -40.48 -22.21 25.99
N SER E 310 -39.25 -21.72 25.93
CA SER E 310 -38.71 -20.95 27.03
C SER E 310 -39.43 -19.62 27.03
N ALA E 311 -40.06 -19.28 28.16
CA ALA E 311 -40.85 -18.05 28.27
C ALA E 311 -41.12 -17.65 29.72
N LYS E 312 -41.62 -16.44 29.88
CA LYS E 312 -42.04 -15.92 31.17
C LYS E 312 -43.55 -15.83 31.16
N LEU E 313 -44.23 -16.54 32.06
CA LEU E 313 -45.69 -16.52 32.10
C LEU E 313 -46.20 -15.45 33.05
N ASN E 314 -47.33 -14.85 32.72
CA ASN E 314 -47.97 -13.86 33.58
C ASN E 314 -48.62 -14.49 34.82
N GLU E 315 -49.11 -13.64 35.72
CA GLU E 315 -49.72 -14.09 36.97
C GLU E 315 -50.94 -14.98 36.74
N ALA E 316 -51.75 -14.65 35.74
CA ALA E 316 -52.93 -15.45 35.43
C ALA E 316 -52.58 -16.91 35.12
N ASN E 317 -51.33 -17.16 34.71
CA ASN E 317 -50.86 -18.52 34.45
C ASN E 317 -49.80 -19.00 35.46
N GLY E 318 -49.84 -18.46 36.67
CA GLY E 318 -48.98 -18.90 37.76
C GLY E 318 -47.69 -18.14 38.00
N ALA E 319 -47.32 -17.25 37.06
CA ALA E 319 -46.07 -16.48 37.15
C ALA E 319 -44.78 -17.32 37.01
N GLY E 320 -44.89 -18.58 36.58
CA GLY E 320 -43.71 -19.42 36.41
C GLY E 320 -42.93 -19.04 35.16
N SER E 321 -41.75 -19.63 34.99
CA SER E 321 -40.93 -19.36 33.81
C SER E 321 -40.03 -20.53 33.42
N LEU E 322 -39.50 -20.45 32.20
CA LEU E 322 -38.49 -21.36 31.71
C LEU E 322 -37.45 -20.52 30.97
N THR E 323 -36.21 -20.57 31.46
CA THR E 323 -35.09 -19.83 30.89
C THR E 323 -34.22 -20.81 30.11
N ALA E 324 -33.73 -20.40 28.94
CA ALA E 324 -32.90 -21.27 28.11
C ALA E 324 -31.50 -20.70 27.82
N LEU E 325 -30.49 -21.55 28.01
CA LEU E 325 -29.11 -21.25 27.63
C LEU E 325 -28.65 -22.21 26.54
N PRO E 326 -29.10 -21.97 25.30
CA PRO E 326 -28.63 -22.78 24.19
C PRO E 326 -27.16 -22.52 23.94
N ILE E 327 -26.39 -23.57 23.66
CA ILE E 327 -24.98 -23.44 23.34
C ILE E 327 -24.78 -23.72 21.85
N ILE E 328 -23.93 -22.92 21.23
CA ILE E 328 -23.58 -23.09 19.82
C ILE E 328 -22.06 -23.07 19.68
N GLU E 329 -21.52 -23.98 18.87
CA GLU E 329 -20.09 -24.01 18.59
C GLU E 329 -19.81 -23.42 17.20
N THR E 330 -19.03 -22.35 17.17
CA THR E 330 -18.59 -21.75 15.90
C THR E 330 -17.23 -22.29 15.50
N GLN E 331 -16.87 -22.06 14.25
CA GLN E 331 -15.58 -22.47 13.71
C GLN E 331 -14.76 -21.21 13.41
N ALA E 332 -13.60 -21.09 14.03
CA ALA E 332 -12.74 -19.92 13.87
C ALA E 332 -13.53 -18.60 13.94
N GLY E 333 -14.44 -18.51 14.91
CA GLY E 333 -15.23 -17.31 15.15
C GLY E 333 -16.19 -16.92 14.04
N ASP E 334 -16.66 -17.90 13.27
CA ASP E 334 -17.58 -17.65 12.17
C ASP E 334 -19.03 -17.59 12.66
N VAL E 335 -19.43 -16.43 13.16
CA VAL E 335 -20.80 -16.22 13.64
C VAL E 335 -21.78 -15.87 12.53
N SER E 336 -21.38 -16.04 11.27
CA SER E 336 -22.26 -15.81 10.16
C SER E 336 -22.62 -17.10 9.46
N ALA E 337 -22.16 -18.23 10.01
CA ALA E 337 -22.52 -19.52 9.46
C ALA E 337 -24.02 -19.74 9.63
N TYR E 338 -24.55 -20.79 9.00
CA TYR E 338 -25.99 -21.04 8.91
C TYR E 338 -26.67 -21.24 10.28
N ILE E 339 -26.19 -22.21 11.03
CA ILE E 339 -26.82 -22.57 12.30
C ILE E 339 -26.71 -21.43 13.33
N PRO E 340 -25.50 -20.86 13.52
CA PRO E 340 -25.32 -19.72 14.43
C PRO E 340 -26.22 -18.55 14.08
N THR E 341 -26.34 -18.24 12.79
CA THR E 341 -27.22 -17.17 12.36
C THR E 341 -28.67 -17.55 12.64
N ASN E 342 -29.03 -18.83 12.45
CA ASN E 342 -30.38 -19.27 12.83
C ASN E 342 -30.66 -18.94 14.28
N VAL E 343 -29.82 -19.44 15.17
CA VAL E 343 -30.05 -19.29 16.60
C VAL E 343 -29.99 -17.84 17.05
N ILE E 344 -29.04 -17.05 16.53
CA ILE E 344 -28.97 -15.64 16.87
C ILE E 344 -30.33 -15.00 16.63
N SER E 345 -31.00 -15.34 15.52
CA SER E 345 -32.33 -14.79 15.25
C SER E 345 -33.48 -15.46 16.03
N ILE E 346 -33.18 -16.51 16.79
CA ILE E 346 -34.20 -17.11 17.68
C ILE E 346 -34.13 -16.49 19.07
N THR E 347 -32.93 -16.51 19.64
CA THR E 347 -32.72 -16.08 21.03
C THR E 347 -32.83 -14.58 21.24
N ASP E 348 -32.76 -14.15 22.51
CA ASP E 348 -32.91 -12.75 22.91
C ASP E 348 -31.56 -12.06 23.21
N GLY E 349 -30.45 -12.59 22.67
CA GLY E 349 -29.13 -12.02 22.93
C GLY E 349 -28.08 -13.11 22.90
N GLN E 350 -26.82 -12.73 23.07
CA GLN E 350 -25.69 -13.68 23.00
C GLN E 350 -24.52 -13.31 23.91
N ILE E 351 -23.91 -14.35 24.48
CA ILE E 351 -22.64 -14.22 25.18
C ILE E 351 -21.59 -14.86 24.28
N PHE E 352 -20.74 -14.02 23.69
CA PHE E 352 -19.68 -14.48 22.78
C PHE E 352 -18.40 -14.79 23.55
N LEU E 353 -17.84 -15.97 23.32
CA LEU E 353 -16.53 -16.34 23.86
C LEU E 353 -15.48 -16.28 22.74
N GLU E 354 -14.29 -15.78 23.08
CA GLU E 354 -13.21 -15.60 22.11
C GLU E 354 -11.95 -16.37 22.47
N THR E 355 -11.48 -17.19 21.52
CA THR E 355 -10.22 -17.92 21.68
C THR E 355 -9.07 -17.01 22.11
N GLU E 356 -8.90 -15.90 21.41
CA GLU E 356 -7.88 -14.91 21.72
C GLU E 356 -7.88 -14.51 23.21
N LEU E 357 -9.05 -14.17 23.74
CA LEU E 357 -9.16 -13.80 25.15
C LEU E 357 -8.77 -14.99 26.02
N PHE E 358 -9.25 -16.16 25.64
CA PHE E 358 -8.94 -17.40 26.36
C PHE E 358 -7.43 -17.72 26.30
N PHE E 359 -6.88 -17.69 25.10
CA PHE E 359 -5.45 -17.96 24.87
C PHE E 359 -4.53 -16.91 25.54
N GLN E 360 -5.13 -15.85 26.10
CA GLN E 360 -4.41 -14.81 26.84
C GLN E 360 -4.66 -14.83 28.35
N GLY E 361 -5.58 -15.69 28.81
CA GLY E 361 -5.86 -15.82 30.23
C GLY E 361 -7.15 -15.17 30.69
N ILE E 362 -7.74 -14.27 29.90
CA ILE E 362 -9.03 -13.68 30.26
C ILE E 362 -10.08 -14.80 30.29
N ARG E 363 -10.34 -15.31 31.50
CA ARG E 363 -11.28 -16.40 31.69
C ARG E 363 -12.25 -16.02 32.82
N PRO E 364 -13.56 -16.10 32.59
CA PRO E 364 -14.16 -16.51 31.31
C PRO E 364 -13.82 -15.59 30.14
N ALA E 365 -13.71 -16.18 28.96
CA ALA E 365 -13.29 -15.47 27.74
C ALA E 365 -14.42 -14.66 27.09
N VAL E 366 -15.10 -13.82 27.87
CA VAL E 366 -16.29 -13.10 27.40
C VAL E 366 -15.91 -11.79 26.70
N ASN E 367 -16.34 -11.64 25.45
CA ASN E 367 -16.17 -10.40 24.70
C ASN E 367 -17.33 -9.48 25.08
N THR E 368 -17.09 -8.60 26.05
CA THR E 368 -18.10 -7.67 26.52
C THR E 368 -18.52 -6.65 25.45
N GLY E 369 -17.64 -6.44 24.46
CA GLY E 369 -17.94 -5.55 23.32
C GLY E 369 -19.07 -6.06 22.43
N LEU E 370 -19.02 -7.34 22.08
CA LEU E 370 -20.02 -7.93 21.20
C LEU E 370 -21.30 -8.35 21.95
N SER E 371 -21.12 -9.11 23.02
CA SER E 371 -22.25 -9.69 23.78
C SER E 371 -23.40 -8.70 24.05
N VAL E 372 -24.63 -9.21 24.03
CA VAL E 372 -25.83 -8.37 24.26
C VAL E 372 -26.90 -9.14 25.06
N SER E 373 -27.79 -8.41 25.75
CA SER E 373 -28.92 -9.02 26.47
C SER E 373 -30.03 -8.01 26.81
N ARG E 374 -30.98 -7.89 25.89
CA ARG E 374 -31.96 -6.79 25.87
C ARG E 374 -32.89 -6.84 27.10
N VAL E 375 -33.68 -7.91 27.18
CA VAL E 375 -34.69 -8.05 28.21
C VAL E 375 -34.08 -8.23 29.60
N GLY E 376 -32.85 -8.77 29.62
CA GLY E 376 -32.17 -9.08 30.86
C GLY E 376 -31.69 -7.85 31.61
N SER E 377 -31.29 -6.82 30.87
CA SER E 377 -30.76 -5.59 31.48
C SER E 377 -31.74 -4.98 32.48
N ALA E 378 -32.98 -4.87 32.02
CA ALA E 378 -34.06 -4.30 32.82
C ALA E 378 -34.43 -5.20 34.00
N ALA E 379 -34.09 -6.49 33.92
CA ALA E 379 -34.41 -7.45 34.96
C ALA E 379 -33.19 -7.80 35.81
N GLN E 380 -32.36 -6.80 36.09
CA GLN E 380 -31.18 -7.01 36.95
C GLN E 380 -31.30 -6.19 38.25
N THR E 381 -30.63 -6.65 39.30
CA THR E 381 -30.79 -6.08 40.68
C THR E 381 -30.42 -4.62 40.73
N LYS E 382 -31.06 -3.86 41.61
CA LYS E 382 -30.83 -2.40 41.68
C LYS E 382 -29.37 -2.05 41.99
N ALA E 383 -28.83 -2.69 43.02
CA ALA E 383 -27.46 -2.39 43.44
C ALA E 383 -26.44 -2.66 42.33
N MET E 384 -26.61 -3.77 41.62
CA MET E 384 -25.78 -4.06 40.43
C MET E 384 -25.99 -3.00 39.36
N LYS E 385 -27.24 -2.61 39.16
CA LYS E 385 -27.61 -1.58 38.18
C LYS E 385 -26.84 -0.28 38.42
N SER E 386 -26.68 0.07 39.70
CA SER E 386 -25.97 1.29 40.07
C SER E 386 -24.48 1.33 39.71
N VAL E 387 -23.82 0.18 39.59
CA VAL E 387 -22.39 0.13 39.24
C VAL E 387 -22.07 -0.41 37.84
N ALA E 388 -22.90 -1.32 37.34
CA ALA E 388 -22.58 -2.08 36.14
C ALA E 388 -22.70 -1.30 34.83
N GLY E 389 -23.58 -0.29 34.83
CA GLY E 389 -23.76 0.56 33.66
C GLY E 389 -22.45 1.23 33.29
N PRO E 390 -21.91 2.06 34.23
CA PRO E 390 -20.60 2.68 34.06
C PRO E 390 -19.48 1.68 33.72
N VAL E 391 -19.51 0.50 34.35
CA VAL E 391 -18.51 -0.52 34.08
C VAL E 391 -18.50 -0.91 32.61
N LYS E 392 -19.71 -1.17 32.09
CA LYS E 392 -19.86 -1.55 30.69
C LYS E 392 -19.20 -0.49 29.80
N LEU E 393 -19.68 0.75 29.97
CA LEU E 393 -19.20 1.89 29.18
C LEU E 393 -17.70 2.06 29.26
N GLU E 394 -17.16 2.13 30.49
CA GLU E 394 -15.73 2.31 30.73
C GLU E 394 -14.91 1.18 30.13
N LEU E 395 -15.30 -0.06 30.44
CA LEU E 395 -14.58 -1.23 29.95
C LEU E 395 -14.57 -1.24 28.42
N ALA E 396 -15.64 -0.73 27.83
CA ALA E 396 -15.75 -0.61 26.38
C ALA E 396 -14.75 0.44 25.88
N GLN E 397 -14.83 1.64 26.46
CA GLN E 397 -13.91 2.72 26.12
C GLN E 397 -12.46 2.26 26.20
N TYR E 398 -12.15 1.44 27.21
CA TYR E 398 -10.82 0.86 27.33
C TYR E 398 -10.52 -0.06 26.16
N ARG E 399 -11.51 -0.87 25.78
CA ARG E 399 -11.39 -1.73 24.60
C ARG E 399 -11.18 -0.91 23.30
N GLU E 400 -11.70 0.31 23.29
CA GLU E 400 -11.58 1.22 22.16
C GLU E 400 -10.15 1.81 22.10
N MET E 401 -9.60 2.11 23.28
CA MET E 401 -8.26 2.68 23.41
C MET E 401 -7.17 1.67 23.10
N ALA E 402 -7.11 0.59 23.88
CA ALA E 402 -5.99 -0.34 24.05
C ALA E 402 -5.19 -0.88 22.84
N ALA E 403 -5.50 -0.44 21.62
CA ALA E 403 -4.63 -0.67 20.48
C ALA E 403 -3.27 0.04 20.62
N PHE E 404 -3.17 0.97 21.58
CA PHE E 404 -1.91 1.67 21.86
C PHE E 404 -0.86 0.82 22.60
N ALA E 405 -1.31 -0.09 23.45
CA ALA E 405 -0.43 -0.87 24.31
C ALA E 405 0.66 -1.55 23.49
N LEU E 411 1.97 8.60 25.99
CA LEU E 411 0.61 9.14 25.92
C LEU E 411 0.49 10.46 26.68
N ASP E 412 -0.66 11.11 26.57
CA ASP E 412 -0.91 12.33 27.34
C ASP E 412 -1.17 12.00 28.81
N ALA E 413 -2.30 12.41 29.39
CA ALA E 413 -2.51 12.31 30.83
C ALA E 413 -3.68 11.38 31.15
N ALA E 414 -4.87 11.74 30.71
CA ALA E 414 -6.09 10.98 30.97
C ALA E 414 -6.15 9.67 30.17
N THR E 415 -5.35 9.55 29.12
CA THR E 415 -5.31 8.34 28.30
C THR E 415 -4.52 7.20 28.96
N GLN E 416 -3.50 7.57 29.72
CA GLN E 416 -2.71 6.61 30.50
C GLN E 416 -3.54 6.16 31.70
N LYS E 417 -4.51 6.99 32.07
CA LYS E 417 -5.47 6.71 33.15
C LYS E 417 -6.51 5.68 32.73
N LEU E 418 -6.87 5.69 31.44
CA LEU E 418 -7.84 4.75 30.91
C LEU E 418 -7.24 3.35 30.82
N LEU E 419 -5.96 3.28 30.45
CA LEU E 419 -5.25 2.01 30.46
C LEU E 419 -5.02 1.57 31.91
N ASN E 420 -4.98 2.52 32.83
CA ASN E 420 -4.86 2.19 34.24
C ASN E 420 -6.10 1.45 34.76
N ARG E 421 -7.26 2.10 34.73
CA ARG E 421 -8.52 1.47 35.19
C ARG E 421 -8.77 0.21 34.37
N GLY E 422 -8.79 0.39 33.05
CA GLY E 422 -9.04 -0.67 32.07
C GLY E 422 -8.41 -2.00 32.41
N ALA E 423 -7.11 -2.02 32.61
CA ALA E 423 -6.38 -3.25 32.92
C ALA E 423 -6.82 -3.81 34.27
N ARG E 424 -7.09 -2.92 35.22
CA ARG E 424 -7.55 -3.33 36.54
C ARG E 424 -8.96 -3.89 36.50
N LEU E 425 -9.87 -3.13 35.91
CA LEU E 425 -11.25 -3.60 35.73
C LEU E 425 -11.25 -4.94 34.97
N THR E 426 -10.43 -5.06 33.92
CA THR E 426 -10.29 -6.33 33.19
C THR E 426 -9.91 -7.46 34.15
N GLU E 427 -8.97 -7.21 35.06
CA GLU E 427 -8.59 -8.24 36.04
C GLU E 427 -9.74 -8.58 37.00
N LEU E 428 -10.63 -7.63 37.29
CA LEU E 428 -11.81 -7.92 38.12
C LEU E 428 -12.79 -8.87 37.43
N MET E 429 -12.86 -8.82 36.10
CA MET E 429 -13.78 -9.68 35.35
C MET E 429 -13.27 -11.13 35.24
N LYS E 430 -12.01 -11.38 35.58
CA LYS E 430 -11.49 -12.75 35.62
C LYS E 430 -12.08 -13.48 36.82
N GLN E 431 -12.29 -14.78 36.65
CA GLN E 431 -12.96 -15.58 37.68
C GLN E 431 -12.55 -17.04 37.53
N PRO E 432 -12.35 -17.76 38.65
CA PRO E 432 -12.16 -19.21 38.54
C PRO E 432 -13.45 -19.97 38.23
N GLN E 433 -13.30 -21.27 38.00
CA GLN E 433 -14.44 -22.16 37.81
C GLN E 433 -14.96 -22.71 39.12
N TYR E 434 -16.25 -23.01 39.15
CA TYR E 434 -16.93 -23.58 40.32
C TYR E 434 -16.91 -22.63 41.53
N SER E 435 -16.95 -21.33 41.25
CA SER E 435 -16.94 -20.32 42.31
C SER E 435 -17.82 -19.11 41.97
N PRO E 436 -19.09 -19.35 41.63
CA PRO E 436 -20.03 -18.27 41.37
C PRO E 436 -20.21 -17.38 42.59
N LEU E 437 -20.42 -16.09 42.36
CA LEU E 437 -20.50 -15.10 43.44
C LEU E 437 -21.92 -14.52 43.56
N THR E 438 -22.39 -14.34 44.79
CA THR E 438 -23.69 -13.71 45.01
C THR E 438 -23.71 -12.33 44.38
N ASN E 439 -24.87 -11.87 43.93
CA ASN E 439 -24.97 -10.51 43.40
C ASN E 439 -24.37 -9.47 44.35
N ALA E 440 -24.66 -9.61 45.64
CA ALA E 440 -24.14 -8.70 46.66
C ALA E 440 -22.62 -8.62 46.68
N GLU E 441 -21.95 -9.75 46.52
CA GLU E 441 -20.49 -9.77 46.45
C GLU E 441 -20.01 -9.08 45.18
N ILE E 442 -20.71 -9.35 44.07
CA ILE E 442 -20.29 -8.84 42.77
C ILE E 442 -20.32 -7.31 42.77
N VAL E 443 -21.40 -6.71 43.28
CA VAL E 443 -21.50 -5.23 43.32
C VAL E 443 -20.34 -4.67 44.16
N ILE E 444 -20.06 -5.32 45.30
CA ILE E 444 -18.99 -4.88 46.17
C ILE E 444 -17.67 -4.79 45.43
N VAL E 445 -17.26 -5.87 44.75
CA VAL E 445 -16.00 -5.89 44.01
C VAL E 445 -15.98 -4.92 42.83
N ILE E 446 -17.08 -4.81 42.11
CA ILE E 446 -17.18 -3.90 40.96
C ILE E 446 -17.11 -2.44 41.46
N TYR E 447 -17.76 -2.20 42.60
CA TYR E 447 -17.73 -0.88 43.22
C TYR E 447 -16.28 -0.48 43.55
N ALA E 448 -15.51 -1.44 44.03
CA ALA E 448 -14.10 -1.21 44.40
C ALA E 448 -13.26 -0.69 43.24
N GLY E 449 -13.40 -1.31 42.08
CA GLY E 449 -12.66 -0.90 40.88
C GLY E 449 -13.16 0.39 40.25
N THR E 450 -14.48 0.57 40.20
CA THR E 450 -15.08 1.75 39.58
C THR E 450 -14.85 3.05 40.36
N LYS E 451 -14.66 2.93 41.66
CA LYS E 451 -14.48 4.11 42.53
C LYS E 451 -13.02 4.47 42.83
N GLY E 452 -12.08 3.67 42.32
CA GLY E 452 -10.65 4.01 42.36
C GLY E 452 -9.82 3.22 43.36
N TYR E 453 -10.47 2.43 44.21
CA TYR E 453 -9.79 1.74 45.30
C TYR E 453 -8.85 0.61 44.85
N LEU E 454 -8.56 0.50 43.56
CA LEU E 454 -7.52 -0.40 43.06
C LEU E 454 -6.39 0.31 42.34
N ASP E 455 -6.53 1.61 42.09
CA ASP E 455 -5.60 2.35 41.24
C ASP E 455 -4.16 2.32 41.77
N GLY E 456 -4.00 2.22 43.09
CA GLY E 456 -2.67 2.11 43.70
C GLY E 456 -2.05 0.72 43.70
N ILE E 457 -2.83 -0.29 43.34
CA ILE E 457 -2.39 -1.69 43.39
C ILE E 457 -1.65 -2.05 42.10
N PRO E 458 -0.67 -3.00 42.17
CA PRO E 458 -0.10 -3.58 40.95
C PRO E 458 -1.04 -4.55 40.24
N VAL E 459 -1.32 -4.27 38.97
CA VAL E 459 -2.23 -5.07 38.14
C VAL E 459 -2.05 -6.57 38.38
N ARG E 460 -0.80 -7.02 38.52
CA ARG E 460 -0.48 -8.42 38.78
C ARG E 460 -1.05 -8.99 40.09
N ASP E 461 -1.53 -8.13 40.99
CA ASP E 461 -2.01 -8.55 42.31
C ASP E 461 -3.53 -8.43 42.53
N VAL E 462 -4.26 -7.96 41.52
CA VAL E 462 -5.69 -7.69 41.62
C VAL E 462 -6.49 -8.96 41.96
N THR E 463 -6.09 -10.09 41.38
CA THR E 463 -6.75 -11.37 41.64
C THR E 463 -6.55 -11.80 43.10
N LYS E 464 -5.30 -11.68 43.56
CA LYS E 464 -4.96 -12.00 44.95
C LYS E 464 -5.73 -11.10 45.90
N TRP E 465 -5.85 -9.83 45.54
CA TRP E 465 -6.60 -8.85 46.32
C TRP E 465 -8.07 -9.26 46.41
N GLU E 466 -8.68 -9.44 45.24
CA GLU E 466 -10.09 -9.78 45.17
C GLU E 466 -10.45 -11.03 45.96
N HIS E 467 -9.66 -12.09 45.81
CA HIS E 467 -9.86 -13.32 46.58
C HIS E 467 -9.78 -13.07 48.09
N GLY E 468 -8.80 -12.28 48.50
CA GLY E 468 -8.65 -11.90 49.90
C GLY E 468 -9.80 -11.03 50.38
N LEU E 469 -10.23 -10.09 49.54
CA LEU E 469 -11.36 -9.21 49.87
C LEU E 469 -12.64 -10.00 50.08
N LEU E 470 -12.91 -10.95 49.19
CA LEU E 470 -14.16 -11.72 49.26
C LEU E 470 -14.25 -12.62 50.50
N GLN E 471 -13.16 -13.32 50.82
CA GLN E 471 -13.10 -14.14 52.03
C GLN E 471 -13.25 -13.28 53.28
N TYR E 472 -12.72 -12.05 53.21
CA TYR E 472 -12.82 -11.09 54.29
C TYR E 472 -14.26 -10.64 54.51
N LEU E 473 -15.02 -10.41 53.44
CA LEU E 473 -16.43 -9.99 53.54
C LEU E 473 -17.31 -11.14 54.03
N ARG E 474 -17.11 -12.33 53.47
CA ARG E 474 -17.89 -13.49 53.86
C ARG E 474 -17.75 -13.76 55.37
N ASN E 475 -16.52 -13.66 55.87
CA ASN E 475 -16.21 -13.98 57.26
C ASN E 475 -16.47 -12.86 58.28
N GLN E 476 -16.46 -11.60 57.86
CA GLN E 476 -16.72 -10.48 58.77
C GLN E 476 -18.05 -9.75 58.59
N LYS E 477 -18.61 -9.77 57.38
CA LYS E 477 -19.75 -8.90 57.09
C LYS E 477 -20.92 -9.63 56.40
N ALA E 478 -21.16 -10.87 56.81
CA ALA E 478 -22.30 -11.64 56.31
C ALA E 478 -23.59 -10.83 56.43
N ASP E 479 -23.78 -10.18 57.58
CA ASP E 479 -24.94 -9.32 57.79
C ASP E 479 -25.08 -8.27 56.67
N LEU E 480 -23.99 -7.57 56.34
CA LEU E 480 -24.03 -6.57 55.27
C LEU E 480 -24.44 -7.23 53.97
N LEU E 481 -23.77 -8.32 53.62
CA LEU E 481 -24.11 -9.09 52.43
C LEU E 481 -25.60 -9.50 52.46
N GLU E 482 -26.05 -9.96 53.63
CA GLU E 482 -27.45 -10.36 53.79
C GLU E 482 -28.43 -9.22 53.50
N ASP E 483 -28.11 -8.02 54.00
CA ASP E 483 -28.96 -6.84 53.83
C ASP E 483 -29.07 -6.41 52.36
N MET E 484 -27.94 -6.38 51.67
CA MET E 484 -27.91 -6.05 50.24
C MET E 484 -28.82 -7.02 49.48
N THR E 485 -28.65 -8.31 49.77
CA THR E 485 -29.51 -9.34 49.17
C THR E 485 -30.96 -9.07 49.55
N LYS E 486 -31.31 -9.34 50.81
CA LYS E 486 -32.68 -9.18 51.33
C LYS E 486 -33.38 -7.91 50.82
N ASN E 487 -32.67 -6.79 50.84
CA ASN E 487 -33.26 -5.52 50.44
C ASN E 487 -33.17 -5.27 48.93
N ASP E 488 -32.21 -5.91 48.26
CA ASP E 488 -32.03 -5.78 46.81
C ASP E 488 -31.66 -4.34 46.37
N ARG E 489 -31.36 -3.47 47.34
CA ARG E 489 -31.37 -2.01 47.16
C ARG E 489 -30.41 -1.52 46.09
N LYS E 490 -30.46 -0.23 45.83
CA LYS E 490 -29.41 0.50 45.11
C LYS E 490 -28.13 0.47 45.97
N VAL E 491 -27.10 1.21 45.55
CA VAL E 491 -26.07 1.70 46.48
C VAL E 491 -26.65 2.87 47.33
N ALA E 492 -27.25 2.52 48.46
CA ALA E 492 -27.85 3.48 49.36
C ALA E 492 -26.76 4.20 50.15
N GLY E 493 -27.05 5.41 50.60
CA GLY E 493 -26.15 6.14 51.49
C GLY E 493 -25.75 5.30 52.69
N GLU E 494 -26.67 4.45 53.15
CA GLU E 494 -26.37 3.52 54.22
C GLU E 494 -25.36 2.48 53.74
N LEU E 495 -25.69 1.80 52.64
CA LEU E 495 -24.78 0.81 52.06
C LEU E 495 -23.44 1.44 51.66
N GLU E 496 -23.45 2.71 51.29
CA GLU E 496 -22.21 3.45 50.98
C GLU E 496 -21.29 3.47 52.19
N ASP E 497 -21.80 4.06 53.29
CA ASP E 497 -21.06 4.17 54.54
C ASP E 497 -20.55 2.80 55.00
N ALA E 498 -21.38 1.78 54.82
CA ALA E 498 -21.03 0.41 55.18
C ALA E 498 -19.93 -0.14 54.27
N ILE E 499 -20.04 0.14 52.97
CA ILE E 499 -19.04 -0.26 52.00
C ILE E 499 -17.72 0.48 52.29
N LYS E 500 -17.84 1.76 52.63
CA LYS E 500 -16.68 2.59 52.95
C LYS E 500 -15.82 1.94 54.05
N ALA E 501 -16.49 1.46 55.10
CA ALA E 501 -15.81 0.86 56.24
C ALA E 501 -15.17 -0.49 55.91
N ALA E 502 -15.87 -1.30 55.13
CA ALA E 502 -15.41 -2.65 54.78
C ALA E 502 -14.11 -2.60 53.98
N LEU E 503 -14.08 -1.73 52.97
CA LEU E 503 -12.90 -1.64 52.10
C LEU E 503 -11.75 -0.92 52.79
N ASP E 504 -12.04 0.14 53.55
CA ASP E 504 -10.98 0.86 54.29
C ASP E 504 -10.23 -0.08 55.22
N GLY E 505 -10.96 -0.79 56.07
CA GLY E 505 -10.38 -1.76 56.98
C GLY E 505 -9.63 -2.87 56.26
N TYR E 506 -10.27 -3.45 55.26
CA TYR E 506 -9.65 -4.53 54.49
C TYR E 506 -8.35 -4.06 53.82
N ALA E 507 -8.41 -2.92 53.15
CA ALA E 507 -7.23 -2.34 52.51
C ALA E 507 -6.09 -2.22 53.52
N LYS E 508 -6.42 -1.80 54.73
CA LYS E 508 -5.43 -1.65 55.79
C LYS E 508 -4.75 -2.97 56.16
N THR E 509 -5.53 -4.03 56.32
CA THR E 509 -4.98 -5.37 56.65
C THR E 509 -4.31 -6.06 55.45
N TYR E 510 -4.71 -5.68 54.23
CA TYR E 510 -4.15 -6.25 53.01
C TYR E 510 -2.72 -5.78 52.73
N ALA E 511 -2.46 -4.49 52.92
CA ALA E 511 -1.14 -3.92 52.70
C ALA E 511 -0.34 -4.04 53.99
N VAL F 28 -61.21 -35.86 -26.27
CA VAL F 28 -59.99 -35.24 -26.87
C VAL F 28 -58.79 -35.43 -25.91
N GLY F 29 -58.75 -34.74 -24.77
CA GLY F 29 -57.95 -35.24 -23.63
C GLY F 29 -58.62 -34.93 -22.31
N GLN F 30 -58.18 -35.60 -21.25
CA GLN F 30 -58.68 -35.38 -19.89
C GLN F 30 -57.50 -35.17 -18.94
N VAL F 31 -57.63 -34.24 -18.01
CA VAL F 31 -56.59 -33.98 -17.00
C VAL F 31 -56.41 -35.21 -16.09
N LEU F 32 -55.21 -35.78 -16.08
CA LEU F 32 -54.88 -36.86 -15.16
C LEU F 32 -54.56 -36.30 -13.79
N SER F 33 -53.76 -35.25 -13.77
CA SER F 33 -53.38 -34.56 -12.55
C SER F 33 -53.01 -33.11 -12.88
N VAL F 34 -53.11 -32.23 -11.88
CA VAL F 34 -52.82 -30.82 -12.11
C VAL F 34 -52.34 -30.15 -10.83
N GLY F 35 -51.35 -29.26 -11.00
CA GLY F 35 -50.75 -28.55 -9.87
C GLY F 35 -49.52 -27.76 -10.31
N ASP F 36 -49.38 -26.56 -9.74
CA ASP F 36 -48.25 -25.67 -10.03
C ASP F 36 -48.13 -25.36 -11.53
N GLY F 37 -49.25 -25.07 -12.19
CA GLY F 37 -49.27 -24.76 -13.61
C GLY F 37 -48.85 -25.90 -14.53
N ILE F 38 -48.84 -27.14 -14.03
CA ILE F 38 -48.51 -28.31 -14.83
C ILE F 38 -49.71 -29.24 -14.89
N ALA F 39 -50.23 -29.47 -16.10
CA ALA F 39 -51.31 -30.43 -16.30
C ALA F 39 -50.78 -31.66 -17.03
N ARG F 40 -51.01 -32.83 -16.46
CA ARG F 40 -50.70 -34.09 -17.15
C ARG F 40 -51.99 -34.57 -17.80
N VAL F 41 -51.98 -34.75 -19.11
CA VAL F 41 -53.20 -35.06 -19.85
C VAL F 41 -53.19 -36.46 -20.46
N TYR F 42 -54.28 -37.19 -20.27
CA TYR F 42 -54.48 -38.48 -20.93
C TYR F 42 -55.20 -38.22 -22.26
N GLY F 43 -54.77 -38.94 -23.29
CA GLY F 43 -55.32 -38.80 -24.63
C GLY F 43 -54.55 -37.78 -25.45
N LEU F 44 -55.27 -36.89 -26.13
CA LEU F 44 -54.66 -35.95 -27.07
C LEU F 44 -53.65 -36.67 -27.95
N ASP F 45 -54.05 -37.82 -28.45
CA ASP F 45 -53.14 -38.77 -29.11
C ASP F 45 -52.37 -38.13 -30.26
N LYS F 46 -53.05 -37.29 -31.04
CA LYS F 46 -52.43 -36.65 -32.20
C LYS F 46 -52.01 -35.19 -31.95
N VAL F 47 -51.81 -34.80 -30.69
CA VAL F 47 -51.33 -33.45 -30.38
C VAL F 47 -49.85 -33.31 -30.75
N GLN F 48 -49.45 -32.10 -31.16
CA GLN F 48 -48.09 -31.80 -31.58
C GLN F 48 -47.24 -31.23 -30.44
N ALA F 49 -45.95 -31.49 -30.49
CA ALA F 49 -45.00 -30.86 -29.56
C ALA F 49 -45.04 -29.35 -29.78
N GLY F 50 -45.24 -28.61 -28.70
CA GLY F 50 -45.33 -27.16 -28.75
C GLY F 50 -46.66 -26.64 -29.29
N GLU F 51 -47.68 -27.49 -29.27
CA GLU F 51 -49.02 -27.10 -29.73
C GLU F 51 -49.78 -26.41 -28.60
N MET F 52 -50.56 -25.39 -28.95
CA MET F 52 -51.44 -24.74 -28.00
C MET F 52 -52.62 -25.68 -27.75
N VAL F 53 -53.03 -25.79 -26.48
CA VAL F 53 -54.24 -26.57 -26.13
C VAL F 53 -55.14 -25.67 -25.28
N GLU F 54 -56.38 -26.10 -25.06
CA GLU F 54 -57.34 -25.30 -24.29
C GLU F 54 -58.06 -26.11 -23.23
N PHE F 55 -58.10 -25.57 -22.02
CA PHE F 55 -58.82 -26.18 -20.91
C PHE F 55 -60.27 -25.71 -20.90
N PRO F 56 -61.17 -26.51 -20.30
CA PRO F 56 -62.59 -26.34 -20.62
C PRO F 56 -63.08 -24.92 -20.40
N GLY F 57 -62.42 -24.17 -19.50
CA GLY F 57 -62.70 -22.74 -19.38
C GLY F 57 -62.18 -21.94 -20.56
N GLY F 58 -61.61 -20.79 -20.29
CA GLY F 58 -60.94 -20.01 -21.32
C GLY F 58 -59.45 -20.28 -21.38
N ILE F 59 -58.96 -21.18 -20.53
CA ILE F 59 -57.55 -21.19 -20.17
C ILE F 59 -56.71 -21.97 -21.19
N ARG F 60 -55.62 -21.35 -21.64
CA ARG F 60 -54.74 -21.93 -22.66
C ARG F 60 -53.50 -22.54 -22.02
N GLY F 61 -52.82 -23.37 -22.79
CA GLY F 61 -51.61 -24.05 -22.32
C GLY F 61 -50.81 -24.61 -23.48
N MET F 62 -49.55 -24.95 -23.21
CA MET F 62 -48.62 -25.37 -24.25
C MET F 62 -48.07 -26.77 -23.95
N VAL F 63 -48.10 -27.61 -24.98
CA VAL F 63 -47.70 -29.01 -24.88
C VAL F 63 -46.19 -29.14 -25.05
N LEU F 64 -45.47 -29.42 -23.96
CA LEU F 64 -44.02 -29.59 -24.04
C LEU F 64 -43.57 -31.06 -24.01
N ASN F 65 -44.13 -31.85 -23.10
CA ASN F 65 -43.76 -33.27 -22.97
C ASN F 65 -44.74 -34.20 -23.66
N LEU F 66 -44.27 -34.92 -24.68
CA LEU F 66 -45.02 -36.02 -25.26
C LEU F 66 -44.46 -37.33 -24.74
N GLU F 67 -45.15 -37.92 -23.76
CA GLU F 67 -44.80 -39.23 -23.22
C GLU F 67 -45.80 -40.29 -23.65
N THR F 68 -45.41 -41.56 -23.54
CA THR F 68 -46.23 -42.68 -24.00
C THR F 68 -47.62 -42.75 -23.38
N ASP F 69 -47.73 -42.38 -22.11
CA ASP F 69 -49.00 -42.48 -21.38
C ASP F 69 -49.66 -41.13 -21.08
N ASN F 70 -48.98 -40.01 -21.35
CA ASN F 70 -49.52 -38.70 -21.01
C ASN F 70 -48.89 -37.57 -21.81
N VAL F 71 -49.57 -36.43 -21.85
CA VAL F 71 -49.01 -35.20 -22.40
C VAL F 71 -48.75 -34.25 -21.23
N GLY F 72 -47.54 -33.71 -21.16
CA GLY F 72 -47.20 -32.69 -20.16
C GLY F 72 -47.54 -31.32 -20.70
N VAL F 73 -48.43 -30.61 -20.01
CA VAL F 73 -48.87 -29.28 -20.46
C VAL F 73 -48.53 -28.17 -19.45
N VAL F 74 -48.01 -27.08 -19.98
CA VAL F 74 -47.73 -25.88 -19.17
C VAL F 74 -48.82 -24.85 -19.39
N ILE F 75 -49.34 -24.32 -18.28
CA ILE F 75 -50.57 -23.54 -18.29
C ILE F 75 -50.30 -22.03 -18.35
N PHE F 76 -50.90 -21.37 -19.32
CA PHE F 76 -50.67 -19.96 -19.61
C PHE F 76 -51.76 -19.10 -18.95
N GLY F 77 -52.02 -19.34 -17.68
CA GLY F 77 -53.15 -18.72 -16.99
C GLY F 77 -53.45 -19.37 -15.67
N ASP F 78 -54.62 -19.05 -15.13
CA ASP F 78 -55.00 -19.43 -13.76
C ASP F 78 -55.26 -20.94 -13.68
N ASP F 79 -54.35 -21.68 -13.04
CA ASP F 79 -54.53 -23.14 -12.88
C ASP F 79 -55.57 -23.51 -11.82
N ARG F 80 -55.90 -22.53 -10.98
CA ARG F 80 -56.91 -22.67 -9.91
C ARG F 80 -58.21 -23.30 -10.42
N ASP F 81 -58.58 -22.93 -11.65
CA ASP F 81 -59.86 -23.34 -12.21
C ASP F 81 -59.90 -24.74 -12.83
N ILE F 82 -58.76 -25.42 -12.92
CA ILE F 82 -58.68 -26.72 -13.59
C ILE F 82 -58.72 -27.86 -12.57
N LYS F 83 -59.44 -28.92 -12.90
CA LYS F 83 -59.63 -30.08 -12.01
C LYS F 83 -59.34 -31.39 -12.71
N GLU F 84 -59.22 -32.47 -11.94
CA GLU F 84 -58.96 -33.78 -12.49
C GLU F 84 -60.15 -34.18 -13.34
N GLY F 85 -59.87 -34.69 -14.54
CA GLY F 85 -60.93 -35.11 -15.46
C GLY F 85 -61.41 -34.07 -16.46
N ASP F 86 -61.08 -32.79 -16.24
CA ASP F 86 -61.49 -31.75 -17.18
C ASP F 86 -61.10 -32.08 -18.62
N THR F 87 -61.85 -31.52 -19.55
CA THR F 87 -61.66 -31.74 -20.98
C THR F 87 -60.58 -30.81 -21.52
N VAL F 88 -59.68 -31.37 -22.33
CA VAL F 88 -58.60 -30.59 -22.94
C VAL F 88 -58.71 -30.78 -24.45
N LYS F 89 -58.63 -29.67 -25.18
CA LYS F 89 -58.89 -29.65 -26.62
C LYS F 89 -57.69 -29.16 -27.41
N ARG F 90 -57.42 -29.83 -28.53
CA ARG F 90 -56.37 -29.40 -29.46
C ARG F 90 -56.75 -28.08 -30.11
N THR F 91 -55.75 -27.29 -30.49
CA THR F 91 -55.93 -26.11 -31.35
C THR F 91 -55.50 -26.43 -32.78
N GLY F 92 -54.68 -27.47 -32.92
CA GLY F 92 -54.03 -27.79 -34.18
C GLY F 92 -52.97 -26.79 -34.60
N ALA F 93 -52.57 -25.92 -33.66
CA ALA F 93 -51.73 -24.77 -33.96
C ALA F 93 -50.56 -24.67 -32.99
N ILE F 94 -49.35 -24.56 -33.55
CA ILE F 94 -48.16 -24.31 -32.75
C ILE F 94 -48.32 -22.91 -32.17
N VAL F 95 -47.81 -22.71 -30.96
CA VAL F 95 -48.01 -21.43 -30.24
C VAL F 95 -47.61 -20.25 -31.12
N GLU F 96 -48.52 -19.28 -31.23
CA GLU F 96 -48.35 -18.13 -32.11
C GLU F 96 -49.02 -16.91 -31.48
N VAL F 97 -48.72 -15.72 -32.01
CA VAL F 97 -49.23 -14.47 -31.45
C VAL F 97 -49.52 -13.46 -32.57
N PRO F 98 -50.35 -12.44 -32.26
CA PRO F 98 -50.61 -11.37 -33.23
C PRO F 98 -49.34 -10.59 -33.53
N ALA F 99 -49.22 -10.04 -34.74
CA ALA F 99 -48.07 -9.19 -35.10
C ALA F 99 -48.46 -8.10 -36.10
N GLY F 100 -47.81 -6.94 -36.02
CA GLY F 100 -48.11 -5.84 -36.95
C GLY F 100 -48.04 -4.46 -36.35
N LYS F 101 -48.35 -3.46 -37.17
CA LYS F 101 -48.34 -2.04 -36.77
C LYS F 101 -49.36 -1.72 -35.69
N GLU F 102 -50.49 -2.42 -35.68
CA GLU F 102 -51.55 -2.07 -34.73
C GLU F 102 -51.20 -2.44 -33.28
N LEU F 103 -50.06 -3.08 -33.05
CA LEU F 103 -49.54 -3.25 -31.68
C LEU F 103 -48.78 -2.05 -31.13
N LEU F 104 -48.42 -1.10 -31.99
CA LEU F 104 -47.73 0.10 -31.55
C LEU F 104 -48.69 0.98 -30.73
N GLY F 105 -48.22 1.43 -29.57
CA GLY F 105 -49.06 2.19 -28.65
C GLY F 105 -49.93 1.35 -27.75
N ARG F 106 -49.74 0.02 -27.79
CA ARG F 106 -50.53 -0.89 -26.96
C ARG F 106 -49.68 -1.66 -25.94
N VAL F 107 -50.30 -2.00 -24.82
CA VAL F 107 -49.67 -2.85 -23.80
C VAL F 107 -50.39 -4.19 -23.84
N VAL F 108 -49.62 -5.26 -24.04
CA VAL F 108 -50.19 -6.60 -24.18
C VAL F 108 -49.51 -7.60 -23.26
N ASP F 109 -50.17 -8.74 -23.03
CA ASP F 109 -49.59 -9.82 -22.23
C ASP F 109 -48.71 -10.71 -23.12
N ALA F 110 -48.23 -11.83 -22.59
CA ALA F 110 -47.37 -12.74 -23.33
C ALA F 110 -48.03 -13.37 -24.56
N LEU F 111 -49.35 -13.45 -24.58
CA LEU F 111 -50.07 -14.07 -25.68
C LEU F 111 -50.56 -13.07 -26.74
N GLY F 112 -50.36 -11.78 -26.49
CA GLY F 112 -50.77 -10.71 -27.41
C GLY F 112 -52.10 -10.08 -27.07
N ASN F 113 -52.65 -10.39 -25.89
CA ASN F 113 -53.93 -9.84 -25.49
C ASN F 113 -53.75 -8.47 -24.85
N PRO F 114 -54.65 -7.53 -25.15
CA PRO F 114 -54.54 -6.18 -24.60
C PRO F 114 -54.79 -6.18 -23.10
N ILE F 115 -53.99 -5.43 -22.35
CA ILE F 115 -54.21 -5.25 -20.91
C ILE F 115 -54.27 -3.78 -20.50
N ASP F 116 -54.27 -2.87 -21.47
CA ASP F 116 -54.29 -1.43 -21.20
C ASP F 116 -55.71 -0.83 -21.23
N GLY F 117 -56.71 -1.66 -21.52
CA GLY F 117 -58.12 -1.22 -21.55
C GLY F 117 -58.49 -0.34 -22.74
N LYS F 118 -57.72 -0.39 -23.82
CA LYS F 118 -57.98 0.42 -25.01
C LYS F 118 -58.76 -0.31 -26.11
N GLY F 119 -59.18 -1.54 -25.84
CA GLY F 119 -60.01 -2.30 -26.78
C GLY F 119 -59.25 -3.37 -27.53
N PRO F 120 -59.94 -4.12 -28.41
CA PRO F 120 -59.35 -5.28 -29.08
C PRO F 120 -58.18 -4.92 -30.01
N LEU F 121 -57.28 -5.88 -30.18
CA LEU F 121 -56.04 -5.68 -30.93
C LEU F 121 -56.25 -5.55 -32.44
N ASN F 122 -57.06 -6.43 -33.02
CA ASN F 122 -57.40 -6.42 -34.46
C ASN F 122 -56.18 -6.53 -35.38
N ALA F 123 -55.23 -7.39 -34.99
CA ALA F 123 -54.01 -7.60 -35.76
C ALA F 123 -54.29 -8.27 -37.11
N SER F 124 -53.52 -7.86 -38.12
CA SER F 124 -53.69 -8.29 -39.50
C SER F 124 -52.80 -9.48 -39.91
N GLU F 125 -52.06 -10.04 -38.94
CA GLU F 125 -51.15 -11.14 -39.18
C GLU F 125 -50.83 -11.81 -37.84
N ARG F 126 -50.56 -13.11 -37.88
CA ARG F 126 -50.06 -13.84 -36.72
C ARG F 126 -48.77 -14.58 -37.06
N ARG F 127 -48.00 -14.92 -36.03
CA ARG F 127 -46.64 -15.40 -36.23
C ARG F 127 -46.24 -16.38 -35.13
N ILE F 128 -45.55 -17.44 -35.53
CA ILE F 128 -45.10 -18.49 -34.61
C ILE F 128 -44.02 -17.90 -33.70
N ALA F 129 -44.13 -18.18 -32.40
CA ALA F 129 -43.27 -17.55 -31.40
C ALA F 129 -41.83 -18.07 -31.40
N ASP F 130 -41.61 -19.30 -31.82
CA ASP F 130 -40.27 -19.91 -31.68
C ASP F 130 -39.56 -20.20 -33.02
N VAL F 131 -39.82 -19.40 -34.05
CA VAL F 131 -39.11 -19.59 -35.33
C VAL F 131 -37.60 -19.43 -35.16
N LYS F 132 -36.84 -20.20 -35.92
CA LYS F 132 -35.38 -20.10 -35.94
C LYS F 132 -34.93 -18.79 -36.57
N ALA F 133 -33.77 -18.30 -36.15
CA ALA F 133 -33.20 -17.07 -36.71
C ALA F 133 -32.82 -17.25 -38.18
N PRO F 134 -32.86 -16.15 -38.95
CA PRO F 134 -32.48 -16.19 -40.35
C PRO F 134 -31.00 -16.56 -40.48
N GLY F 135 -30.66 -17.21 -41.60
CA GLY F 135 -29.32 -17.76 -41.81
C GLY F 135 -28.31 -16.76 -42.33
N ILE F 136 -27.21 -17.29 -42.88
CA ILE F 136 -26.05 -16.49 -43.28
C ILE F 136 -26.36 -15.51 -44.43
N MET F 137 -26.92 -16.04 -45.50
CA MET F 137 -27.07 -15.28 -46.75
C MET F 137 -28.04 -14.11 -46.72
N PRO F 138 -29.22 -14.27 -46.09
CA PRO F 138 -30.18 -13.16 -46.04
C PRO F 138 -29.78 -11.98 -45.14
N ARG F 139 -28.61 -12.04 -44.50
CA ARG F 139 -28.12 -10.94 -43.66
C ARG F 139 -27.12 -10.04 -44.40
N LYS F 140 -26.81 -8.92 -43.78
CA LYS F 140 -25.79 -7.99 -44.26
C LYS F 140 -25.08 -7.39 -43.04
N SER F 141 -23.78 -7.14 -43.16
CA SER F 141 -23.00 -6.59 -42.04
C SER F 141 -23.65 -5.33 -41.47
N VAL F 142 -23.62 -5.19 -40.14
CA VAL F 142 -24.26 -4.06 -39.46
C VAL F 142 -23.52 -2.77 -39.84
N HIS F 143 -24.27 -1.80 -40.35
CA HIS F 143 -23.72 -0.48 -40.71
C HIS F 143 -24.55 0.74 -40.27
N GLU F 144 -25.81 0.54 -39.90
CA GLU F 144 -26.70 1.64 -39.59
C GLU F 144 -26.67 1.92 -38.09
N PRO F 145 -26.43 3.17 -37.69
CA PRO F 145 -26.38 3.49 -36.26
C PRO F 145 -27.70 3.27 -35.53
N MET F 146 -27.60 2.79 -34.30
CA MET F 146 -28.70 2.74 -33.35
C MET F 146 -28.22 3.66 -32.22
N ALA F 147 -28.56 4.94 -32.34
CA ALA F 147 -28.18 5.95 -31.36
C ALA F 147 -29.02 5.81 -30.11
N THR F 148 -28.38 5.49 -28.99
CA THR F 148 -29.05 5.46 -27.70
C THR F 148 -29.29 6.89 -27.23
N GLY F 149 -28.41 7.79 -27.66
CA GLY F 149 -28.41 9.15 -27.18
C GLY F 149 -27.67 9.29 -25.88
N LEU F 150 -26.92 8.25 -25.52
CA LEU F 150 -26.09 8.23 -24.32
C LEU F 150 -24.64 8.38 -24.76
N LYS F 151 -24.02 9.47 -24.34
CA LYS F 151 -22.73 9.87 -24.89
C LYS F 151 -21.69 8.76 -24.75
N SER F 152 -21.60 8.23 -23.54
CA SER F 152 -20.66 7.15 -23.22
C SER F 152 -20.86 5.91 -24.09
N VAL F 153 -22.11 5.58 -24.37
CA VAL F 153 -22.45 4.42 -25.19
C VAL F 153 -22.16 4.73 -26.66
N ASP F 154 -22.77 5.80 -27.16
CA ASP F 154 -22.68 6.14 -28.59
C ASP F 154 -21.26 6.44 -29.08
N ALA F 155 -20.37 6.84 -28.17
CA ALA F 155 -18.99 7.14 -28.52
C ALA F 155 -18.04 5.95 -28.29
N MET F 156 -18.11 5.38 -27.10
CA MET F 156 -17.12 4.36 -26.70
C MET F 156 -17.56 2.93 -27.01
N ILE F 157 -18.87 2.64 -26.92
CA ILE F 157 -19.37 1.29 -27.16
C ILE F 157 -20.64 1.35 -28.01
N PRO F 158 -20.48 1.78 -29.27
CA PRO F 158 -21.62 2.02 -30.18
C PRO F 158 -22.43 0.78 -30.55
N VAL F 159 -23.73 0.98 -30.72
CA VAL F 159 -24.64 -0.08 -31.19
C VAL F 159 -25.18 0.27 -32.57
N GLY F 160 -25.29 -0.75 -33.42
CA GLY F 160 -25.80 -0.59 -34.80
C GLY F 160 -27.08 -1.39 -34.98
N ARG F 161 -27.81 -1.13 -36.06
CA ARG F 161 -29.12 -1.74 -36.27
C ARG F 161 -28.95 -3.19 -36.70
N GLY F 162 -29.56 -4.10 -35.93
CA GLY F 162 -29.39 -5.54 -36.13
C GLY F 162 -28.39 -6.14 -35.15
N GLN F 163 -27.72 -5.29 -34.38
CA GLN F 163 -26.76 -5.73 -33.37
C GLN F 163 -27.50 -6.25 -32.14
N ARG F 164 -26.79 -6.99 -31.29
CA ARG F 164 -27.24 -7.31 -29.95
C ARG F 164 -26.21 -6.72 -29.00
N GLU F 165 -26.68 -6.02 -27.98
CA GLU F 165 -25.78 -5.39 -27.02
C GLU F 165 -26.35 -5.55 -25.63
N LEU F 166 -25.63 -6.28 -24.79
CA LEU F 166 -26.10 -6.62 -23.45
C LEU F 166 -25.93 -5.46 -22.49
N ILE F 167 -26.92 -5.24 -21.62
CA ILE F 167 -26.81 -4.29 -20.52
C ILE F 167 -26.77 -5.14 -19.26
N ILE F 168 -25.65 -5.10 -18.55
CA ILE F 168 -25.42 -6.02 -17.43
C ILE F 168 -24.85 -5.27 -16.24
N GLY F 169 -25.23 -5.69 -15.03
CA GLY F 169 -24.81 -5.02 -13.80
C GLY F 169 -25.73 -5.35 -12.64
N ASP F 170 -25.27 -5.06 -11.43
CA ASP F 170 -26.07 -5.33 -10.23
C ASP F 170 -27.38 -4.57 -10.25
N ARG F 171 -28.29 -4.96 -9.37
CA ARG F 171 -29.52 -4.22 -9.16
C ARG F 171 -29.21 -2.74 -8.90
N GLN F 172 -30.07 -1.86 -9.43
CA GLN F 172 -29.98 -0.40 -9.17
C GLN F 172 -28.67 0.26 -9.65
N THR F 173 -28.07 -0.24 -10.72
CA THR F 173 -26.89 0.40 -11.32
C THR F 173 -27.26 1.31 -12.49
N GLY F 174 -28.49 1.20 -12.99
CA GLY F 174 -28.98 2.03 -14.10
C GLY F 174 -29.29 1.31 -15.41
N LYS F 175 -29.51 0.00 -15.35
CA LYS F 175 -29.71 -0.82 -16.55
C LYS F 175 -31.00 -0.48 -17.31
N THR F 176 -32.13 -0.51 -16.62
CA THR F 176 -33.42 -0.14 -17.22
C THR F 176 -33.38 1.25 -17.83
N ALA F 177 -32.75 2.18 -17.11
CA ALA F 177 -32.65 3.59 -17.53
C ALA F 177 -32.01 3.77 -18.91
N ILE F 178 -31.00 2.96 -19.23
CA ILE F 178 -30.37 3.03 -20.54
C ILE F 178 -31.37 2.67 -21.63
N ALA F 179 -32.17 1.63 -21.40
CA ALA F 179 -33.17 1.17 -22.39
C ALA F 179 -34.32 2.15 -22.60
N LEU F 180 -34.75 2.80 -21.52
CA LEU F 180 -35.86 3.76 -21.58
C LEU F 180 -35.44 4.98 -22.40
N ASP F 181 -34.35 5.60 -21.98
CA ASP F 181 -33.81 6.77 -22.69
C ASP F 181 -33.58 6.44 -24.16
N THR F 182 -33.09 5.23 -24.43
CA THR F 182 -32.88 4.76 -25.81
C THR F 182 -34.17 4.79 -26.62
N ILE F 183 -35.28 4.38 -26.00
CA ILE F 183 -36.58 4.41 -26.68
C ILE F 183 -37.00 5.85 -26.94
N LEU F 184 -36.94 6.68 -25.90
CA LEU F 184 -37.27 8.10 -26.01
C LEU F 184 -36.47 8.80 -27.10
N ASN F 185 -35.19 8.43 -27.20
CA ASN F 185 -34.27 9.02 -28.17
C ASN F 185 -34.71 8.94 -29.62
N GLN F 186 -35.41 7.87 -29.97
CA GLN F 186 -35.81 7.64 -31.35
C GLN F 186 -36.80 8.66 -31.88
N ALA F 187 -37.54 9.32 -30.99
CA ALA F 187 -38.54 10.33 -31.39
C ALA F 187 -38.03 11.31 -32.45
N ASN F 188 -36.76 11.68 -32.34
CA ASN F 188 -36.15 12.59 -33.29
C ASN F 188 -36.17 12.02 -34.71
N TYR F 189 -35.84 10.75 -34.82
CA TYR F 189 -35.76 10.09 -36.13
C TYR F 189 -37.10 9.54 -36.60
N ASN F 190 -38.01 9.23 -35.68
CA ASN F 190 -39.33 8.70 -36.03
C ASN F 190 -40.21 9.76 -36.65
N GLY F 191 -40.49 9.56 -37.92
CA GLY F 191 -41.15 10.56 -38.73
C GLY F 191 -40.25 10.95 -39.86
N ARG F 192 -38.93 10.99 -39.60
CA ARG F 192 -37.98 11.29 -40.69
C ARG F 192 -37.84 10.09 -41.62
N GLU F 193 -38.78 9.91 -42.55
CA GLU F 193 -38.87 8.70 -43.36
C GLU F 193 -38.21 8.87 -44.73
N ALA F 194 -38.55 9.96 -45.40
CA ALA F 194 -38.11 10.20 -46.76
C ALA F 194 -36.71 10.75 -46.72
N ASP F 195 -36.52 11.80 -45.92
CA ASP F 195 -35.19 12.31 -45.58
C ASP F 195 -34.23 11.15 -45.33
N GLY F 196 -34.79 10.00 -44.93
CA GLY F 196 -34.14 8.71 -45.12
C GLY F 196 -33.77 8.04 -43.82
N MET F 197 -33.31 8.84 -42.87
CA MET F 197 -32.95 8.39 -41.51
C MET F 197 -34.06 7.54 -40.89
N LYS F 198 -34.07 6.28 -41.33
CA LYS F 198 -35.14 5.32 -41.09
C LYS F 198 -35.77 5.34 -39.68
N THR F 199 -37.08 5.15 -39.65
CA THR F 199 -37.82 4.96 -38.39
C THR F 199 -37.22 3.80 -37.59
N LEU F 200 -37.46 3.82 -36.27
CA LEU F 200 -37.13 2.70 -35.41
C LEU F 200 -38.24 2.49 -34.37
N HIS F 201 -39.01 1.42 -34.58
CA HIS F 201 -40.13 1.07 -33.69
C HIS F 201 -39.55 0.37 -32.47
N CYS F 202 -40.17 0.55 -31.30
CA CYS F 202 -39.62 -0.02 -30.07
C CYS F 202 -40.54 -1.06 -29.44
N ILE F 203 -39.91 -2.09 -28.87
CA ILE F 203 -40.59 -3.15 -28.15
C ILE F 203 -39.93 -3.31 -26.79
N TYR F 204 -40.67 -3.05 -25.71
CA TYR F 204 -40.16 -3.23 -24.35
C TYR F 204 -40.82 -4.45 -23.72
N VAL F 205 -40.05 -5.53 -23.56
CA VAL F 205 -40.55 -6.75 -22.93
C VAL F 205 -40.22 -6.72 -21.45
N ALA F 206 -41.26 -6.71 -20.64
CA ALA F 206 -41.15 -6.68 -19.20
C ALA F 206 -41.31 -8.10 -18.68
N VAL F 207 -40.29 -8.63 -18.01
CA VAL F 207 -40.29 -10.02 -17.52
C VAL F 207 -40.01 -10.06 -16.01
N GLY F 208 -40.98 -10.58 -15.25
CA GLY F 208 -40.80 -10.78 -13.82
C GLY F 208 -40.80 -9.52 -12.96
N GLN F 209 -41.00 -8.34 -13.56
CA GLN F 209 -40.95 -7.10 -12.79
C GLN F 209 -42.22 -6.89 -11.97
N LYS F 210 -42.19 -5.81 -11.20
CA LYS F 210 -43.37 -5.23 -10.57
C LYS F 210 -44.23 -4.51 -11.60
N ARG F 211 -45.53 -4.81 -11.60
CA ARG F 211 -46.50 -4.00 -12.36
C ARG F 211 -46.33 -2.50 -12.14
N SER F 212 -46.06 -2.08 -10.89
CA SER F 212 -45.78 -0.67 -10.58
C SER F 212 -44.64 -0.12 -11.45
N THR F 213 -43.60 -0.93 -11.66
CA THR F 213 -42.47 -0.48 -12.47
C THR F 213 -42.90 -0.30 -13.92
N VAL F 214 -43.68 -1.24 -14.43
CA VAL F 214 -44.11 -1.18 -15.83
C VAL F 214 -45.02 0.03 -16.04
N ALA F 215 -45.91 0.29 -15.08
CA ALA F 215 -46.81 1.44 -15.15
C ALA F 215 -46.04 2.75 -15.22
N GLN F 216 -45.07 2.95 -14.33
CA GLN F 216 -44.24 4.17 -14.39
C GLN F 216 -43.69 4.32 -15.81
N LEU F 217 -43.12 3.21 -16.30
CA LEU F 217 -42.53 3.13 -17.63
C LEU F 217 -43.49 3.63 -18.72
N VAL F 218 -44.65 3.00 -18.80
CA VAL F 218 -45.68 3.35 -19.79
C VAL F 218 -46.10 4.82 -19.64
N LYS F 219 -46.19 5.29 -18.40
CA LYS F 219 -46.54 6.69 -18.16
C LYS F 219 -45.44 7.61 -18.68
N LYS F 220 -44.18 7.19 -18.53
CA LYS F 220 -43.07 7.99 -19.04
C LYS F 220 -43.10 8.08 -20.57
N LEU F 221 -43.34 6.94 -21.23
CA LEU F 221 -43.41 6.90 -22.70
C LEU F 221 -44.58 7.73 -23.24
N GLU F 222 -45.74 7.62 -22.58
CA GLU F 222 -46.92 8.36 -23.01
C GLU F 222 -46.67 9.87 -22.90
N GLU F 223 -46.27 10.31 -21.71
CA GLU F 223 -45.94 11.72 -21.47
C GLU F 223 -45.00 12.28 -22.53
N THR F 224 -44.00 11.49 -22.95
CA THR F 224 -43.04 11.94 -23.95
C THR F 224 -43.60 11.86 -25.38
N GLY F 225 -44.70 11.13 -25.55
CA GLY F 225 -45.23 10.86 -26.89
C GLY F 225 -44.35 9.88 -27.66
N ALA F 226 -43.76 8.94 -26.93
CA ALA F 226 -42.98 7.84 -27.51
C ALA F 226 -43.81 6.55 -27.59
N MET F 227 -44.93 6.51 -26.88
CA MET F 227 -45.78 5.33 -26.86
C MET F 227 -46.34 5.01 -28.23
N ALA F 228 -46.51 6.04 -29.06
CA ALA F 228 -46.98 5.88 -30.45
C ALA F 228 -46.11 4.96 -31.32
N TYR F 229 -44.83 4.79 -30.98
CA TYR F 229 -43.95 3.90 -31.74
C TYR F 229 -43.41 2.73 -30.92
N THR F 230 -44.05 2.45 -29.78
CA THR F 230 -43.58 1.41 -28.86
C THR F 230 -44.65 0.37 -28.56
N THR F 231 -44.24 -0.89 -28.51
CA THR F 231 -45.07 -2.00 -28.08
C THR F 231 -44.52 -2.47 -26.73
N VAL F 232 -45.41 -2.64 -25.76
CA VAL F 232 -45.01 -3.11 -24.43
C VAL F 232 -45.58 -4.51 -24.21
N VAL F 233 -44.69 -5.47 -23.99
CA VAL F 233 -45.06 -6.85 -23.73
C VAL F 233 -44.75 -7.17 -22.27
N ALA F 234 -45.79 -7.38 -21.46
CA ALA F 234 -45.66 -7.47 -20.01
C ALA F 234 -46.08 -8.83 -19.46
N ALA F 235 -45.10 -9.54 -18.88
CA ALA F 235 -45.33 -10.74 -18.10
C ALA F 235 -44.71 -10.49 -16.73
N THR F 236 -45.48 -9.86 -15.85
CA THR F 236 -44.99 -9.41 -14.53
C THR F 236 -44.95 -10.53 -13.49
N ALA F 237 -44.40 -10.20 -12.32
CA ALA F 237 -44.10 -11.16 -11.25
C ALA F 237 -45.23 -12.12 -10.86
N SER F 238 -46.48 -11.68 -10.98
CA SER F 238 -47.64 -12.51 -10.64
C SER F 238 -48.15 -13.38 -11.80
N ASP F 239 -47.61 -13.19 -13.00
CA ASP F 239 -48.03 -13.98 -14.15
C ASP F 239 -47.35 -15.36 -14.10
N PRO F 240 -48.08 -16.42 -14.51
CA PRO F 240 -47.53 -17.78 -14.48
C PRO F 240 -46.17 -17.92 -15.16
N ALA F 241 -45.35 -18.81 -14.63
CA ALA F 241 -44.00 -19.03 -15.16
C ALA F 241 -43.94 -19.24 -16.68
N PRO F 242 -44.82 -20.08 -17.23
CA PRO F 242 -44.86 -20.31 -18.68
C PRO F 242 -45.18 -19.04 -19.49
N MET F 243 -45.97 -18.14 -18.90
CA MET F 243 -46.22 -16.84 -19.53
C MET F 243 -44.94 -16.01 -19.56
N GLN F 244 -44.21 -15.97 -18.45
CA GLN F 244 -42.95 -15.23 -18.38
C GLN F 244 -41.89 -15.82 -19.31
N TYR F 245 -41.95 -17.14 -19.52
CA TYR F 245 -41.02 -17.82 -20.42
C TYR F 245 -41.28 -17.44 -21.87
N LEU F 246 -42.56 -17.34 -22.24
CA LEU F 246 -42.93 -17.04 -23.62
C LEU F 246 -42.74 -15.57 -24.00
N ALA F 247 -43.08 -14.66 -23.10
CA ALA F 247 -43.04 -13.20 -23.35
C ALA F 247 -41.94 -12.72 -24.30
N PRO F 248 -40.68 -13.11 -24.04
CA PRO F 248 -39.59 -12.68 -24.91
C PRO F 248 -39.75 -13.16 -26.35
N TYR F 249 -40.19 -14.40 -26.54
CA TYR F 249 -40.37 -14.94 -27.90
C TYR F 249 -41.54 -14.26 -28.62
N SER F 250 -42.60 -13.97 -27.89
CA SER F 250 -43.77 -13.29 -28.46
C SER F 250 -43.41 -11.91 -29.02
N ALA F 251 -42.77 -11.11 -28.19
CA ALA F 251 -42.30 -9.79 -28.58
C ALA F 251 -41.30 -9.85 -29.74
N THR F 252 -40.45 -10.87 -29.75
CA THR F 252 -39.50 -11.06 -30.85
C THR F 252 -40.22 -11.22 -32.18
N ALA F 253 -41.30 -11.98 -32.17
CA ALA F 253 -42.12 -12.16 -33.37
C ALA F 253 -42.69 -10.82 -33.82
N MET F 254 -43.25 -10.06 -32.87
CA MET F 254 -43.75 -8.71 -33.16
C MET F 254 -42.63 -7.88 -33.78
N GLY F 255 -41.40 -8.09 -33.32
CA GLY F 255 -40.24 -7.43 -33.88
C GLY F 255 -39.88 -7.90 -35.28
N GLU F 256 -39.97 -9.21 -35.52
CA GLU F 256 -39.62 -9.76 -36.84
C GLU F 256 -40.56 -9.23 -37.92
N TYR F 257 -41.81 -8.90 -37.56
CA TYR F 257 -42.71 -8.27 -38.52
C TYR F 257 -42.07 -7.08 -39.19
N PHE F 258 -41.47 -6.20 -38.41
CA PHE F 258 -40.81 -5.02 -38.94
C PHE F 258 -39.59 -5.46 -39.76
N ARG F 259 -38.69 -6.20 -39.10
CA ARG F 259 -37.46 -6.72 -39.71
C ARG F 259 -37.62 -7.26 -41.12
N ASP F 260 -38.71 -8.00 -41.34
CA ASP F 260 -38.96 -8.64 -42.64
C ASP F 260 -39.82 -7.83 -43.61
N ASN F 261 -40.37 -6.71 -43.17
CA ASN F 261 -41.15 -5.82 -44.05
C ASN F 261 -40.42 -4.49 -44.30
N GLY F 262 -39.10 -4.56 -44.48
CA GLY F 262 -38.28 -3.40 -44.83
C GLY F 262 -38.17 -2.30 -43.79
N MET F 263 -38.48 -2.61 -42.53
CA MET F 263 -38.43 -1.62 -41.43
C MET F 263 -37.41 -2.03 -40.37
N ASP F 264 -37.20 -1.14 -39.39
CA ASP F 264 -36.24 -1.38 -38.32
C ASP F 264 -36.91 -1.29 -36.95
N ALA F 265 -36.65 -2.27 -36.09
CA ALA F 265 -37.23 -2.31 -34.76
C ALA F 265 -36.16 -2.55 -33.70
N LEU F 266 -36.45 -2.09 -32.48
CA LEU F 266 -35.58 -2.25 -31.33
C LEU F 266 -36.32 -3.05 -30.28
N ILE F 267 -35.70 -4.10 -29.75
CA ILE F 267 -36.30 -4.87 -28.66
C ILE F 267 -35.43 -4.85 -27.39
N ILE F 268 -36.12 -4.78 -26.26
CA ILE F 268 -35.50 -4.81 -24.96
C ILE F 268 -36.11 -5.95 -24.17
N TYR F 269 -35.26 -6.86 -23.68
CA TYR F 269 -35.71 -7.96 -22.82
C TYR F 269 -35.27 -7.61 -21.41
N ASP F 270 -36.18 -7.06 -20.61
CA ASP F 270 -35.86 -6.61 -19.26
C ASP F 270 -36.62 -7.42 -18.21
N ASP F 271 -36.03 -8.51 -17.69
CA ASP F 271 -34.68 -8.98 -18.03
C ASP F 271 -34.64 -10.48 -18.26
N LEU F 272 -33.53 -10.97 -18.83
CA LEU F 272 -33.38 -12.39 -19.08
C LEU F 272 -33.02 -13.22 -17.84
N SER F 273 -32.47 -12.60 -16.80
CA SER F 273 -32.20 -13.34 -15.57
C SER F 273 -33.47 -13.98 -15.03
N LYS F 274 -34.54 -13.19 -15.01
CA LYS F 274 -35.85 -13.64 -14.52
C LYS F 274 -36.52 -14.61 -15.47
N GLN F 275 -36.31 -14.45 -16.77
CA GLN F 275 -36.82 -15.40 -17.75
C GLN F 275 -36.15 -16.76 -17.58
N ALA F 276 -34.87 -16.78 -17.23
CA ALA F 276 -34.18 -18.06 -16.98
C ALA F 276 -34.77 -18.75 -15.77
N VAL F 277 -35.10 -17.97 -14.73
CA VAL F 277 -35.68 -18.52 -13.50
C VAL F 277 -37.04 -19.15 -13.78
N ALA F 278 -37.84 -18.51 -14.63
CA ALA F 278 -39.14 -19.05 -15.02
C ALA F 278 -38.99 -20.33 -15.84
N TYR F 279 -38.03 -20.34 -16.77
CA TYR F 279 -37.78 -21.54 -17.56
C TYR F 279 -37.42 -22.69 -16.60
N ARG F 280 -36.46 -22.41 -15.72
CA ARG F 280 -36.09 -23.38 -14.69
C ARG F 280 -37.29 -23.91 -13.88
N GLN F 281 -38.21 -23.02 -13.50
CA GLN F 281 -39.41 -23.44 -12.76
C GLN F 281 -40.25 -24.41 -13.59
N MET F 282 -40.67 -23.95 -14.77
CA MET F 282 -41.41 -24.79 -15.75
C MET F 282 -40.80 -26.16 -15.87
N SER F 283 -39.50 -26.17 -16.15
CA SER F 283 -38.76 -27.39 -16.45
C SER F 283 -38.71 -28.35 -15.26
N LEU F 284 -38.40 -27.82 -14.07
CA LEU F 284 -38.31 -28.65 -12.87
C LEU F 284 -39.66 -29.24 -12.48
N LEU F 285 -40.73 -28.45 -12.63
CA LEU F 285 -42.07 -28.92 -12.30
C LEU F 285 -42.56 -29.98 -13.30
N LEU F 286 -42.03 -29.92 -14.52
CA LEU F 286 -42.26 -30.99 -15.51
C LEU F 286 -41.36 -32.20 -15.25
N ARG F 287 -40.61 -32.20 -14.14
CA ARG F 287 -39.77 -33.32 -13.75
C ARG F 287 -38.53 -33.52 -14.64
N ARG F 288 -38.16 -32.53 -15.45
CA ARG F 288 -36.94 -32.63 -16.25
C ARG F 288 -35.78 -32.44 -15.29
N PRO F 289 -34.84 -33.39 -15.26
CA PRO F 289 -33.70 -33.34 -14.36
C PRO F 289 -32.95 -32.02 -14.40
N PRO F 290 -32.70 -31.41 -13.23
CA PRO F 290 -31.94 -30.17 -13.15
C PRO F 290 -30.49 -30.33 -13.62
N GLY F 291 -29.90 -29.22 -14.02
CA GLY F 291 -28.49 -29.17 -14.39
C GLY F 291 -27.75 -28.20 -13.50
N ARG F 292 -26.74 -27.55 -14.05
CA ARG F 292 -25.95 -26.56 -13.31
C ARG F 292 -26.85 -25.52 -12.66
N GLU F 293 -26.57 -25.19 -11.40
CA GLU F 293 -27.37 -24.23 -10.62
C GLU F 293 -28.89 -24.48 -10.67
N ALA F 294 -29.26 -25.76 -10.80
CA ALA F 294 -30.66 -26.15 -10.94
C ALA F 294 -31.33 -25.75 -12.26
N TYR F 295 -30.62 -25.10 -13.17
CA TYR F 295 -31.22 -24.71 -14.46
C TYR F 295 -31.24 -25.93 -15.39
N PRO F 296 -32.18 -25.95 -16.35
CA PRO F 296 -32.21 -26.97 -17.39
C PRO F 296 -30.85 -27.04 -18.05
N GLY F 297 -30.46 -28.21 -18.53
CA GLY F 297 -29.19 -28.38 -19.23
C GLY F 297 -28.99 -27.43 -20.40
N ASP F 298 -30.07 -26.87 -20.94
CA ASP F 298 -30.01 -26.04 -22.14
C ASP F 298 -30.39 -24.56 -21.93
N VAL F 299 -30.10 -24.01 -20.75
CA VAL F 299 -30.39 -22.59 -20.47
C VAL F 299 -29.70 -21.63 -21.45
N PHE F 300 -28.48 -21.95 -21.86
CA PHE F 300 -27.78 -21.16 -22.89
C PHE F 300 -28.61 -21.05 -24.17
N TYR F 301 -29.00 -22.22 -24.68
CA TYR F 301 -29.80 -22.30 -25.90
C TYR F 301 -31.13 -21.55 -25.75
N LEU F 302 -31.66 -21.47 -24.53
CA LEU F 302 -32.84 -20.64 -24.27
C LEU F 302 -32.64 -19.22 -24.79
N HIS F 303 -31.50 -18.63 -24.45
CA HIS F 303 -31.20 -17.25 -24.81
C HIS F 303 -30.50 -17.06 -26.16
N SER F 304 -29.65 -18.00 -26.55
CA SER F 304 -28.92 -17.87 -27.81
C SER F 304 -29.91 -17.86 -28.99
N ARG F 305 -30.85 -18.80 -28.96
CA ARG F 305 -32.02 -18.87 -29.87
C ARG F 305 -32.69 -17.53 -30.14
N LEU F 306 -33.06 -16.90 -29.03
CA LEU F 306 -33.90 -15.70 -28.99
C LEU F 306 -33.17 -14.48 -29.54
N LEU F 307 -31.94 -14.33 -29.09
CA LEU F 307 -31.03 -13.33 -29.61
C LEU F 307 -30.64 -14.01 -30.90
N GLU F 308 -30.11 -13.30 -31.84
CA GLU F 308 -29.79 -13.90 -33.11
C GLU F 308 -31.04 -13.90 -33.96
N ARG F 309 -32.24 -13.97 -33.40
CA ARG F 309 -33.40 -13.51 -34.17
C ARG F 309 -33.30 -11.99 -34.41
N SER F 310 -32.56 -11.30 -33.55
CA SER F 310 -32.17 -9.91 -33.81
C SER F 310 -31.09 -9.91 -34.88
N ALA F 311 -31.35 -9.25 -36.01
CA ALA F 311 -30.44 -9.31 -37.15
C ALA F 311 -30.63 -8.13 -38.11
N LYS F 312 -29.61 -7.90 -38.93
CA LYS F 312 -29.66 -6.91 -40.01
C LYS F 312 -29.91 -7.68 -41.29
N LEU F 313 -30.95 -7.32 -42.04
CA LEU F 313 -31.28 -8.03 -43.27
C LEU F 313 -30.68 -7.40 -44.51
N ASN F 314 -30.57 -8.28 -45.50
CA ASN F 314 -30.01 -8.08 -46.82
C ASN F 314 -30.92 -7.17 -47.64
N GLU F 315 -30.36 -6.35 -48.53
CA GLU F 315 -31.14 -5.57 -49.50
C GLU F 315 -32.10 -6.48 -50.26
N ALA F 316 -31.55 -7.58 -50.78
CA ALA F 316 -32.35 -8.56 -51.49
C ALA F 316 -33.52 -9.05 -50.64
N ASN F 317 -33.37 -9.04 -49.32
CA ASN F 317 -34.46 -9.43 -48.41
C ASN F 317 -35.21 -8.26 -47.76
N GLY F 318 -35.10 -7.06 -48.35
CA GLY F 318 -35.83 -5.89 -47.84
C GLY F 318 -35.00 -4.93 -47.02
N ALA F 319 -33.83 -5.37 -46.56
CA ALA F 319 -32.87 -4.51 -45.84
C ALA F 319 -33.35 -4.05 -44.46
N GLY F 320 -34.39 -4.68 -43.92
CA GLY F 320 -34.92 -4.30 -42.60
C GLY F 320 -34.06 -4.85 -41.48
N SER F 321 -34.45 -4.62 -40.22
CA SER F 321 -33.65 -5.12 -39.10
C SER F 321 -34.36 -5.13 -37.74
N LEU F 322 -33.79 -5.91 -36.83
CA LEU F 322 -34.24 -5.98 -35.45
C LEU F 322 -33.02 -5.89 -34.54
N THR F 323 -33.01 -4.90 -33.66
CA THR F 323 -31.90 -4.72 -32.71
C THR F 323 -32.37 -5.14 -31.34
N ALA F 324 -31.50 -5.81 -30.58
CA ALA F 324 -31.83 -6.28 -29.23
C ALA F 324 -30.87 -5.74 -28.17
N LEU F 325 -31.49 -5.32 -27.07
CA LEU F 325 -30.80 -4.93 -25.85
C LEU F 325 -31.32 -5.79 -24.70
N PRO F 326 -30.77 -7.00 -24.54
CA PRO F 326 -31.14 -7.84 -23.41
C PRO F 326 -30.51 -7.30 -22.14
N ILE F 327 -31.10 -7.64 -21.00
CA ILE F 327 -30.59 -7.22 -19.71
C ILE F 327 -30.32 -8.44 -18.83
N ILE F 328 -29.17 -8.43 -18.17
CA ILE F 328 -28.81 -9.45 -17.19
C ILE F 328 -28.46 -8.78 -15.88
N GLU F 329 -29.03 -9.31 -14.80
CA GLU F 329 -28.79 -8.78 -13.47
C GLU F 329 -27.75 -9.65 -12.77
N THR F 330 -26.64 -9.03 -12.39
CA THR F 330 -25.60 -9.71 -11.64
C THR F 330 -25.89 -9.61 -10.14
N GLN F 331 -25.22 -10.46 -9.37
CA GLN F 331 -25.35 -10.45 -7.92
C GLN F 331 -23.98 -10.17 -7.29
N ALA F 332 -23.86 -9.01 -6.65
CA ALA F 332 -22.61 -8.59 -6.02
C ALA F 332 -21.48 -8.34 -7.03
N GLY F 333 -21.86 -7.89 -8.22
CA GLY F 333 -20.90 -7.49 -9.24
C GLY F 333 -20.20 -8.65 -9.88
N ASP F 334 -20.85 -9.82 -9.87
CA ASP F 334 -20.26 -11.06 -10.39
C ASP F 334 -20.67 -11.29 -11.86
N VAL F 335 -20.02 -10.54 -12.75
CA VAL F 335 -20.18 -10.76 -14.19
C VAL F 335 -19.73 -12.17 -14.59
N SER F 336 -18.84 -12.77 -13.79
CA SER F 336 -18.28 -14.09 -14.07
C SER F 336 -19.21 -15.29 -13.79
N ALA F 337 -20.39 -15.08 -13.22
CA ALA F 337 -21.29 -16.19 -12.92
C ALA F 337 -21.83 -16.85 -14.20
N TYR F 338 -22.62 -17.91 -14.01
CA TYR F 338 -23.05 -18.79 -15.10
C TYR F 338 -24.02 -18.16 -16.10
N ILE F 339 -25.19 -17.77 -15.63
CA ILE F 339 -26.19 -17.19 -16.53
C ILE F 339 -25.62 -15.95 -17.25
N PRO F 340 -24.97 -15.04 -16.51
CA PRO F 340 -24.32 -13.86 -17.12
C PRO F 340 -23.27 -14.17 -18.19
N THR F 341 -22.37 -15.12 -17.93
CA THR F 341 -21.35 -15.45 -18.94
C THR F 341 -21.97 -16.07 -20.18
N ASN F 342 -23.01 -16.89 -19.99
CA ASN F 342 -23.76 -17.45 -21.12
C ASN F 342 -24.16 -16.35 -22.10
N VAL F 343 -24.92 -15.38 -21.59
CA VAL F 343 -25.47 -14.32 -22.41
C VAL F 343 -24.38 -13.43 -23.00
N ILE F 344 -23.35 -13.11 -22.23
CA ILE F 344 -22.22 -12.33 -22.77
C ILE F 344 -21.63 -13.06 -23.98
N SER F 345 -21.53 -14.39 -23.86
CA SER F 345 -20.95 -15.18 -24.93
C SER F 345 -21.86 -15.27 -26.17
N ILE F 346 -23.08 -14.73 -26.08
CA ILE F 346 -24.00 -14.64 -27.22
C ILE F 346 -23.91 -13.27 -27.92
N THR F 347 -24.02 -12.21 -27.14
CA THR F 347 -24.23 -10.86 -27.67
C THR F 347 -23.03 -10.25 -28.40
N ASP F 348 -23.27 -9.18 -29.15
CA ASP F 348 -22.23 -8.45 -29.90
C ASP F 348 -21.62 -7.33 -29.06
N GLY F 349 -21.53 -7.56 -27.75
CA GLY F 349 -20.96 -6.62 -26.81
C GLY F 349 -21.76 -6.57 -25.54
N GLN F 350 -21.29 -5.76 -24.60
CA GLN F 350 -21.99 -5.56 -23.35
C GLN F 350 -21.68 -4.17 -22.78
N ILE F 351 -22.66 -3.64 -22.06
CA ILE F 351 -22.53 -2.39 -21.33
C ILE F 351 -22.54 -2.77 -19.87
N PHE F 352 -21.37 -2.71 -19.23
CA PHE F 352 -21.22 -3.13 -17.85
C PHE F 352 -21.26 -1.92 -16.92
N LEU F 353 -22.14 -2.01 -15.93
CA LEU F 353 -22.37 -0.95 -14.96
C LEU F 353 -21.97 -1.44 -13.58
N GLU F 354 -21.20 -0.63 -12.87
CA GLU F 354 -20.73 -1.00 -11.55
C GLU F 354 -21.28 -0.04 -10.52
N THR F 355 -21.61 -0.58 -9.35
CA THR F 355 -22.08 0.23 -8.24
C THR F 355 -21.01 1.21 -7.76
N GLU F 356 -19.74 0.83 -7.84
CA GLU F 356 -18.67 1.73 -7.44
C GLU F 356 -18.73 3.06 -8.21
N LEU F 357 -18.80 2.96 -9.54
CA LEU F 357 -18.86 4.16 -10.39
C LEU F 357 -20.14 4.94 -10.19
N PHE F 358 -21.25 4.20 -10.07
CA PHE F 358 -22.57 4.78 -9.89
C PHE F 358 -22.57 5.71 -8.68
N PHE F 359 -21.99 5.24 -7.58
CA PHE F 359 -22.00 5.99 -6.34
C PHE F 359 -20.94 7.09 -6.29
N GLN F 360 -19.82 6.92 -7.00
CA GLN F 360 -18.80 7.97 -7.01
C GLN F 360 -19.12 9.09 -8.01
N GLY F 361 -20.27 9.00 -8.68
CA GLY F 361 -20.78 10.11 -9.49
C GLY F 361 -20.82 9.82 -10.97
N ILE F 362 -20.18 8.76 -11.42
CA ILE F 362 -20.20 8.41 -12.85
C ILE F 362 -21.54 7.77 -13.18
N ARG F 363 -22.44 8.56 -13.75
CA ARG F 363 -23.78 8.13 -14.17
C ARG F 363 -24.06 8.68 -15.55
N PRO F 364 -24.44 7.85 -16.51
CA PRO F 364 -24.62 6.39 -16.34
C PRO F 364 -23.32 5.68 -15.95
N ALA F 365 -23.43 4.68 -15.09
CA ALA F 365 -22.25 4.04 -14.47
C ALA F 365 -21.50 3.06 -15.35
N VAL F 366 -21.18 3.47 -16.57
CA VAL F 366 -20.54 2.59 -17.56
C VAL F 366 -19.04 2.46 -17.27
N ASN F 367 -18.55 1.22 -17.18
CA ASN F 367 -17.11 0.96 -17.05
C ASN F 367 -16.58 0.84 -18.47
N THR F 368 -15.77 1.80 -18.89
CA THR F 368 -15.39 1.93 -20.29
C THR F 368 -14.42 0.81 -20.73
N GLY F 369 -13.45 0.48 -19.89
CA GLY F 369 -12.52 -0.61 -20.18
C GLY F 369 -13.20 -1.96 -20.37
N LEU F 370 -14.16 -2.28 -19.50
CA LEU F 370 -14.82 -3.60 -19.50
C LEU F 370 -16.04 -3.71 -20.43
N SER F 371 -16.59 -2.58 -20.88
CA SER F 371 -17.65 -2.60 -21.90
C SER F 371 -17.00 -2.68 -23.26
N VAL F 372 -17.71 -3.31 -24.18
CA VAL F 372 -17.19 -3.56 -25.50
C VAL F 372 -18.34 -3.56 -26.50
N SER F 373 -17.99 -3.16 -27.72
CA SER F 373 -18.86 -3.29 -28.87
C SER F 373 -18.05 -4.08 -29.89
N ARG F 374 -18.65 -5.16 -30.38
CA ARG F 374 -17.98 -6.03 -31.33
C ARG F 374 -18.20 -5.58 -32.79
N VAL F 375 -18.98 -4.51 -32.98
CA VAL F 375 -19.19 -3.92 -34.31
C VAL F 375 -18.32 -2.68 -34.51
N GLY F 376 -18.08 -1.92 -33.45
CA GLY F 376 -17.11 -0.82 -33.48
C GLY F 376 -17.60 0.41 -34.23
N SER F 377 -16.66 1.12 -34.86
CA SER F 377 -16.97 2.35 -35.60
C SER F 377 -17.88 2.12 -36.79
N ALA F 378 -18.01 0.87 -37.23
CA ALA F 378 -18.94 0.54 -38.31
C ALA F 378 -20.39 0.85 -37.93
N ALA F 379 -20.67 0.94 -36.62
CA ALA F 379 -21.99 1.29 -36.11
C ALA F 379 -22.15 2.79 -35.81
N GLN F 380 -21.14 3.58 -36.12
CA GLN F 380 -21.15 5.02 -35.90
C GLN F 380 -21.26 5.76 -37.22
N THR F 381 -21.81 6.96 -37.19
CA THR F 381 -21.80 7.83 -38.37
C THR F 381 -20.37 8.27 -38.61
N LYS F 382 -20.09 8.82 -39.80
CA LYS F 382 -18.76 9.38 -40.07
C LYS F 382 -18.42 10.44 -39.03
N ALA F 383 -19.39 11.34 -38.82
CA ALA F 383 -19.27 12.40 -37.83
C ALA F 383 -18.77 11.87 -36.47
N MET F 384 -19.56 10.97 -35.87
CA MET F 384 -19.23 10.42 -34.55
C MET F 384 -17.85 9.76 -34.55
N LYS F 385 -17.53 9.05 -35.63
CA LYS F 385 -16.23 8.40 -35.76
C LYS F 385 -15.11 9.43 -35.74
N SER F 386 -15.37 10.56 -36.40
CA SER F 386 -14.38 11.63 -36.48
C SER F 386 -14.04 12.27 -35.14
N VAL F 387 -14.95 12.23 -34.17
CA VAL F 387 -14.65 12.76 -32.83
C VAL F 387 -14.33 11.69 -31.78
N ALA F 388 -14.93 10.50 -31.89
CA ALA F 388 -14.91 9.51 -30.81
C ALA F 388 -13.90 8.39 -30.95
N GLY F 389 -13.30 8.22 -32.13
CA GLY F 389 -12.19 7.30 -32.35
C GLY F 389 -11.15 7.16 -31.23
N PRO F 390 -10.67 8.28 -30.64
CA PRO F 390 -9.63 8.21 -29.61
C PRO F 390 -10.09 8.46 -28.18
N VAL F 391 -11.39 8.65 -27.94
CA VAL F 391 -11.89 9.02 -26.60
C VAL F 391 -11.73 7.90 -25.55
N LYS F 392 -11.92 6.65 -25.99
CA LYS F 392 -11.84 5.49 -25.10
C LYS F 392 -10.40 5.31 -24.59
N LEU F 393 -9.44 5.31 -25.51
CA LEU F 393 -8.02 5.21 -25.18
C LEU F 393 -7.60 6.32 -24.22
N GLU F 394 -7.89 7.56 -24.62
CA GLU F 394 -7.56 8.76 -23.85
C GLU F 394 -8.06 8.69 -22.41
N LEU F 395 -9.31 8.28 -22.25
CA LEU F 395 -9.87 8.15 -20.91
C LEU F 395 -9.18 7.03 -20.13
N ALA F 396 -8.75 5.97 -20.82
CA ALA F 396 -8.01 4.88 -20.16
C ALA F 396 -6.65 5.35 -19.66
N GLN F 397 -5.92 6.08 -20.51
CA GLN F 397 -4.64 6.68 -20.08
C GLN F 397 -4.87 7.59 -18.88
N TYR F 398 -5.90 8.43 -18.99
CA TYR F 398 -6.22 9.36 -17.93
C TYR F 398 -6.43 8.69 -16.57
N ARG F 399 -7.18 7.59 -16.54
CA ARG F 399 -7.45 6.90 -15.26
C ARG F 399 -6.16 6.36 -14.64
N GLU F 400 -5.25 5.88 -15.48
CA GLU F 400 -3.93 5.40 -15.01
C GLU F 400 -3.14 6.54 -14.37
N MET F 401 -2.94 7.60 -15.13
CA MET F 401 -2.20 8.79 -14.67
C MET F 401 -2.84 9.41 -13.41
N ALA F 402 -4.17 9.38 -13.33
CA ALA F 402 -4.88 9.97 -12.19
C ALA F 402 -4.54 9.23 -10.91
N ALA F 403 -4.51 7.90 -10.96
CA ALA F 403 -4.11 7.10 -9.81
C ALA F 403 -2.66 7.39 -9.40
N PHE F 404 -1.79 7.59 -10.39
CA PHE F 404 -0.36 7.93 -10.19
C PHE F 404 -0.13 9.28 -9.52
N ALA F 405 -0.94 10.27 -9.88
CA ALA F 405 -0.80 11.62 -9.34
C ALA F 405 -1.18 11.68 -7.85
N GLN F 406 -2.06 10.79 -7.42
CA GLN F 406 -2.44 10.68 -6.01
C GLN F 406 -1.24 10.42 -5.10
N PHE F 407 -0.04 10.23 -5.66
CA PHE F 407 1.16 10.13 -4.84
C PHE F 407 1.76 11.50 -4.50
N GLY F 408 0.99 12.58 -4.70
CA GLY F 408 1.42 13.92 -4.36
C GLY F 408 2.66 14.45 -5.06
N SER F 409 3.41 13.59 -5.75
CA SER F 409 4.72 13.98 -6.28
C SER F 409 4.56 15.11 -7.28
N ASP F 410 5.65 15.84 -7.49
CA ASP F 410 5.66 16.95 -8.41
C ASP F 410 5.34 16.48 -9.84
N LEU F 411 4.48 17.24 -10.50
CA LEU F 411 4.03 16.91 -11.84
C LEU F 411 4.50 17.99 -12.81
N ASP F 412 5.09 17.57 -13.92
CA ASP F 412 5.40 18.50 -15.01
C ASP F 412 4.11 19.04 -15.64
N ALA F 413 4.24 20.08 -16.45
CA ALA F 413 3.09 20.72 -17.10
C ALA F 413 2.30 19.74 -17.97
N ALA F 414 3.02 18.83 -18.63
CA ALA F 414 2.41 17.85 -19.54
C ALA F 414 1.40 16.93 -18.82
N THR F 415 1.79 16.41 -17.66
CA THR F 415 0.93 15.54 -16.87
C THR F 415 -0.30 16.29 -16.35
N GLN F 416 -0.02 17.47 -15.79
CA GLN F 416 -1.06 18.32 -15.22
C GLN F 416 -2.14 18.66 -16.24
N LYS F 417 -1.73 18.94 -17.48
CA LYS F 417 -2.68 19.24 -18.55
C LYS F 417 -3.51 18.01 -18.91
N LEU F 418 -2.88 16.84 -18.93
CA LEU F 418 -3.60 15.59 -19.21
C LEU F 418 -4.63 15.31 -18.11
N LEU F 419 -4.21 15.49 -16.87
CA LEU F 419 -5.12 15.33 -15.73
C LEU F 419 -6.28 16.31 -15.83
N ASN F 420 -5.96 17.58 -16.06
CA ASN F 420 -6.97 18.62 -16.25
C ASN F 420 -7.99 18.23 -17.32
N ARG F 421 -7.49 17.82 -18.47
CA ARG F 421 -8.35 17.44 -19.59
C ARG F 421 -9.15 16.17 -19.34
N GLY F 422 -8.55 15.19 -18.69
CA GLY F 422 -9.23 13.95 -18.32
C GLY F 422 -10.37 14.15 -17.33
N ALA F 423 -10.16 14.99 -16.33
CA ALA F 423 -11.19 15.29 -15.34
C ALA F 423 -12.39 15.97 -15.96
N ARG F 424 -12.16 16.82 -16.96
CA ARG F 424 -13.24 17.54 -17.62
C ARG F 424 -14.01 16.64 -18.59
N LEU F 425 -13.30 15.85 -19.38
CA LEU F 425 -13.94 14.83 -20.23
C LEU F 425 -14.79 13.86 -19.42
N THR F 426 -14.27 13.42 -18.28
CA THR F 426 -15.01 12.51 -17.41
C THR F 426 -16.36 13.13 -17.06
N GLU F 427 -16.38 14.43 -16.77
CA GLU F 427 -17.62 15.14 -16.48
C GLU F 427 -18.53 15.22 -17.71
N LEU F 428 -17.98 15.45 -18.90
CA LEU F 428 -18.79 15.51 -20.13
C LEU F 428 -19.46 14.17 -20.48
N MET F 429 -18.89 13.06 -20.02
CA MET F 429 -19.53 11.76 -20.23
C MET F 429 -20.67 11.50 -19.24
N LYS F 430 -20.69 12.26 -18.14
CA LYS F 430 -21.82 12.15 -17.21
C LYS F 430 -23.08 12.63 -17.91
N GLN F 431 -24.22 12.08 -17.53
CA GLN F 431 -25.46 12.45 -18.19
C GLN F 431 -26.64 12.23 -17.27
N PRO F 432 -27.54 13.23 -17.18
CA PRO F 432 -28.81 13.02 -16.47
C PRO F 432 -29.77 12.10 -17.19
N GLN F 433 -30.88 11.80 -16.52
CA GLN F 433 -31.90 10.89 -17.06
C GLN F 433 -32.92 11.64 -17.91
N TYR F 434 -33.53 10.88 -18.83
CA TYR F 434 -34.61 11.35 -19.69
C TYR F 434 -34.23 12.54 -20.61
N SER F 435 -32.97 12.58 -21.02
CA SER F 435 -32.49 13.66 -21.87
C SER F 435 -31.42 13.18 -22.88
N PRO F 436 -31.80 12.23 -23.75
CA PRO F 436 -30.87 11.73 -24.76
C PRO F 436 -30.48 12.82 -25.75
N LEU F 437 -29.23 12.79 -26.20
CA LEU F 437 -28.73 13.77 -27.18
C LEU F 437 -28.69 13.17 -28.60
N THR F 438 -29.11 13.96 -29.59
CA THR F 438 -29.01 13.53 -30.99
C THR F 438 -27.53 13.44 -31.38
N ASN F 439 -27.25 12.64 -32.40
CA ASN F 439 -25.88 12.42 -32.89
C ASN F 439 -25.04 13.69 -33.08
N ALA F 440 -25.62 14.68 -33.75
CA ALA F 440 -24.93 15.93 -34.03
C ALA F 440 -24.56 16.67 -32.73
N GLU F 441 -25.45 16.57 -31.74
CA GLU F 441 -25.22 17.21 -30.44
C GLU F 441 -24.10 16.54 -29.65
N ILE F 442 -24.07 15.20 -29.68
CA ILE F 442 -22.99 14.45 -29.03
C ILE F 442 -21.69 14.81 -29.71
N VAL F 443 -21.68 14.81 -31.04
CA VAL F 443 -20.47 15.16 -31.80
C VAL F 443 -19.94 16.51 -31.32
N ILE F 444 -20.85 17.48 -31.20
CA ILE F 444 -20.43 18.82 -30.80
C ILE F 444 -19.81 18.82 -29.39
N VAL F 445 -20.46 18.18 -28.40
CA VAL F 445 -19.91 18.21 -27.03
C VAL F 445 -18.70 17.28 -26.89
N ILE F 446 -18.61 16.19 -27.66
CA ILE F 446 -17.38 15.36 -27.61
C ILE F 446 -16.21 16.21 -28.08
N TYR F 447 -16.37 16.82 -29.26
CA TYR F 447 -15.37 17.71 -29.86
C TYR F 447 -14.81 18.74 -28.87
N ALA F 448 -15.72 19.41 -28.18
CA ALA F 448 -15.34 20.45 -27.23
C ALA F 448 -14.43 19.96 -26.11
N GLY F 449 -14.47 18.67 -25.78
CA GLY F 449 -13.58 18.11 -24.76
C GLY F 449 -12.24 17.66 -25.33
N THR F 450 -12.32 16.82 -26.36
CA THR F 450 -11.14 16.30 -27.06
C THR F 450 -10.23 17.39 -27.64
N LYS F 451 -10.79 18.54 -28.01
CA LYS F 451 -9.99 19.62 -28.55
C LYS F 451 -9.50 20.60 -27.49
N GLY F 452 -9.83 20.35 -26.22
CA GLY F 452 -9.39 21.19 -25.10
C GLY F 452 -10.16 22.49 -24.83
N TYR F 453 -11.26 22.73 -25.55
CA TYR F 453 -12.02 23.97 -25.38
C TYR F 453 -12.55 24.23 -23.97
N LEU F 454 -12.55 23.23 -23.08
CA LEU F 454 -13.05 23.43 -21.73
C LEU F 454 -12.00 23.61 -20.65
N ASP F 455 -10.72 23.62 -21.01
CA ASP F 455 -9.65 23.58 -20.02
C ASP F 455 -9.62 24.79 -19.06
N GLY F 456 -10.31 25.88 -19.39
CA GLY F 456 -10.45 27.02 -18.49
C GLY F 456 -11.65 26.98 -17.53
N ILE F 457 -12.61 26.10 -17.81
CA ILE F 457 -13.84 26.01 -17.02
C ILE F 457 -13.57 25.12 -15.79
N PRO F 458 -13.95 25.60 -14.58
CA PRO F 458 -13.87 24.74 -13.40
C PRO F 458 -14.63 23.43 -13.60
N VAL F 459 -13.97 22.32 -13.26
CA VAL F 459 -14.53 20.96 -13.45
C VAL F 459 -15.98 20.77 -12.96
N ARG F 460 -16.31 21.40 -11.84
CA ARG F 460 -17.64 21.32 -11.26
C ARG F 460 -18.70 22.01 -12.12
N ASP F 461 -18.27 22.88 -13.04
CA ASP F 461 -19.17 23.59 -13.94
C ASP F 461 -19.35 22.94 -15.31
N VAL F 462 -18.65 21.83 -15.57
CA VAL F 462 -18.69 21.18 -16.90
C VAL F 462 -20.12 20.75 -17.30
N THR F 463 -20.89 20.26 -16.32
CA THR F 463 -22.28 19.87 -16.55
C THR F 463 -23.16 21.07 -16.91
N LYS F 464 -23.01 22.17 -16.19
CA LYS F 464 -23.77 23.40 -16.46
C LYS F 464 -23.45 23.93 -17.85
N TRP F 465 -22.17 23.95 -18.18
CA TRP F 465 -21.68 24.41 -19.47
C TRP F 465 -22.35 23.64 -20.62
N GLU F 466 -22.33 22.32 -20.49
CA GLU F 466 -22.86 21.45 -21.54
C GLU F 466 -24.36 21.65 -21.73
N HIS F 467 -25.10 21.73 -20.63
CA HIS F 467 -26.54 21.98 -20.70
C HIS F 467 -26.87 23.31 -21.37
N GLY F 468 -26.04 24.33 -21.15
CA GLY F 468 -26.21 25.62 -21.81
C GLY F 468 -25.80 25.59 -23.27
N LEU F 469 -24.66 24.97 -23.56
CA LEU F 469 -24.19 24.80 -24.95
C LEU F 469 -25.26 24.12 -25.79
N LEU F 470 -25.83 23.05 -25.25
CA LEU F 470 -26.85 22.28 -25.96
C LEU F 470 -28.11 23.10 -26.23
N GLN F 471 -28.65 23.71 -25.18
CA GLN F 471 -29.74 24.69 -25.33
C GLN F 471 -29.43 25.69 -26.45
N TYR F 472 -28.22 26.24 -26.39
CA TYR F 472 -27.74 27.23 -27.34
C TYR F 472 -27.85 26.74 -28.78
N LEU F 473 -27.13 25.66 -29.11
CA LEU F 473 -27.13 25.07 -30.45
C LEU F 473 -28.52 24.76 -30.96
N ARG F 474 -29.39 24.25 -30.07
CA ARG F 474 -30.76 23.90 -30.45
C ARG F 474 -31.62 25.13 -30.71
N ASN F 475 -31.39 26.19 -29.93
CA ASN F 475 -32.14 27.45 -30.07
C ASN F 475 -31.74 28.25 -31.31
N GLN F 476 -30.43 28.35 -31.54
CA GLN F 476 -29.90 29.24 -32.58
C GLN F 476 -29.23 28.54 -33.76
N LYS F 477 -28.88 27.25 -33.64
CA LYS F 477 -28.16 26.57 -34.71
C LYS F 477 -28.81 25.26 -35.14
N ALA F 478 -30.13 25.30 -35.33
CA ALA F 478 -30.88 24.14 -35.82
C ALA F 478 -30.42 23.71 -37.22
N ASP F 479 -30.00 24.70 -38.02
CA ASP F 479 -29.44 24.43 -39.35
C ASP F 479 -28.14 23.63 -39.28
N LEU F 480 -27.26 24.01 -38.36
CA LEU F 480 -25.99 23.31 -38.19
C LEU F 480 -26.24 21.88 -37.72
N LEU F 481 -27.11 21.73 -36.72
CA LEU F 481 -27.47 20.41 -36.20
C LEU F 481 -28.12 19.56 -37.30
N GLU F 482 -28.99 20.19 -38.10
CA GLU F 482 -29.65 19.51 -39.21
C GLU F 482 -28.68 19.07 -40.31
N ASP F 483 -27.65 19.87 -40.55
CA ASP F 483 -26.68 19.59 -41.60
C ASP F 483 -25.84 18.38 -41.22
N MET F 484 -25.33 18.42 -39.99
CA MET F 484 -24.50 17.35 -39.44
C MET F 484 -25.24 16.02 -39.44
N THR F 485 -26.51 16.08 -39.07
CA THR F 485 -27.38 14.89 -39.02
C THR F 485 -27.69 14.35 -40.41
N LYS F 486 -27.97 15.25 -41.36
CA LYS F 486 -28.34 14.85 -42.73
C LYS F 486 -27.15 14.32 -43.51
N ASN F 487 -26.03 15.04 -43.48
CA ASN F 487 -24.81 14.60 -44.14
C ASN F 487 -24.11 13.48 -43.38
N ASP F 488 -24.42 13.34 -42.09
CA ASP F 488 -23.79 12.34 -41.19
C ASP F 488 -22.26 12.34 -41.25
N ARG F 489 -21.65 13.49 -41.55
CA ARG F 489 -20.30 13.51 -42.15
C ARG F 489 -19.13 13.82 -41.24
N LYS F 490 -17.93 13.46 -41.70
CA LYS F 490 -16.71 13.48 -40.89
C LYS F 490 -16.11 14.88 -40.78
N VAL F 491 -15.82 15.26 -39.54
CA VAL F 491 -15.25 16.57 -39.21
C VAL F 491 -13.92 16.75 -39.94
N ALA F 492 -13.70 17.98 -40.42
CA ALA F 492 -12.65 18.35 -41.36
C ALA F 492 -13.33 19.42 -42.19
N GLY F 493 -12.52 20.35 -42.70
CA GLY F 493 -12.96 21.37 -43.64
C GLY F 493 -14.03 22.34 -43.17
N GLU F 494 -15.08 22.47 -43.99
CA GLU F 494 -16.20 23.34 -43.66
C GLU F 494 -16.87 22.88 -42.38
N LEU F 495 -16.96 21.56 -42.18
CA LEU F 495 -17.60 21.02 -40.99
C LEU F 495 -16.79 21.37 -39.75
N GLU F 496 -15.48 21.20 -39.82
CA GLU F 496 -14.61 21.49 -38.66
C GLU F 496 -14.65 22.98 -38.30
N ASP F 497 -14.83 23.84 -39.31
CA ASP F 497 -14.87 25.27 -39.08
C ASP F 497 -16.19 25.72 -38.46
N ALA F 498 -17.30 25.06 -38.79
CA ALA F 498 -18.60 25.43 -38.22
C ALA F 498 -18.69 25.08 -36.73
N ILE F 499 -18.19 23.90 -36.40
CA ILE F 499 -18.15 23.45 -35.01
C ILE F 499 -17.27 24.41 -34.21
N LYS F 500 -16.13 24.78 -34.77
CA LYS F 500 -15.23 25.76 -34.15
C LYS F 500 -15.91 27.10 -33.95
N ALA F 501 -16.75 27.52 -34.89
CA ALA F 501 -17.50 28.77 -34.79
C ALA F 501 -18.55 28.76 -33.68
N ALA F 502 -19.32 27.69 -33.58
CA ALA F 502 -20.34 27.56 -32.53
C ALA F 502 -19.74 27.50 -31.12
N LEU F 503 -18.76 26.61 -30.95
CA LEU F 503 -18.04 26.49 -29.67
C LEU F 503 -17.51 27.83 -29.17
N ASP F 504 -16.79 28.56 -30.02
CA ASP F 504 -16.20 29.85 -29.66
C ASP F 504 -17.28 30.90 -29.37
N GLY F 505 -18.26 31.03 -30.26
CA GLY F 505 -19.39 31.95 -30.03
C GLY F 505 -20.09 31.72 -28.70
N TYR F 506 -20.34 30.45 -28.40
CA TYR F 506 -20.99 30.08 -27.14
C TYR F 506 -20.11 30.46 -25.94
N ALA F 507 -18.82 30.18 -26.03
CA ALA F 507 -17.87 30.56 -24.97
C ALA F 507 -17.96 32.05 -24.68
N LYS F 508 -18.01 32.87 -25.72
CA LYS F 508 -18.20 34.32 -25.56
C LYS F 508 -19.53 34.58 -24.85
N THR F 509 -20.60 33.95 -25.35
CA THR F 509 -21.93 34.10 -24.76
C THR F 509 -21.99 33.72 -23.28
N TYR F 510 -21.24 32.68 -22.90
CA TYR F 510 -21.12 32.23 -21.50
C TYR F 510 -20.28 33.18 -20.64
N ALA F 511 -19.38 33.92 -21.30
CA ALA F 511 -18.46 34.91 -20.68
C ALA F 511 -18.32 34.84 -19.16
N ALA G 2 -39.47 -47.18 -50.00
CA ALA G 2 -39.37 -46.87 -48.55
C ALA G 2 -38.57 -47.93 -47.80
N GLU G 3 -38.03 -47.53 -46.64
CA GLU G 3 -37.17 -48.38 -45.82
C GLU G 3 -38.03 -49.02 -44.71
N ALA G 4 -37.39 -49.57 -43.68
CA ALA G 4 -38.09 -50.02 -42.47
C ALA G 4 -38.61 -48.81 -41.70
N ASN G 5 -39.78 -48.94 -41.08
CA ASN G 5 -40.49 -47.83 -40.45
C ASN G 5 -40.52 -47.93 -38.92
N GLY G 6 -40.38 -46.79 -38.26
CA GLY G 6 -40.56 -46.68 -36.82
C GLY G 6 -41.67 -45.68 -36.49
N LYS G 7 -42.01 -45.60 -35.21
CA LYS G 7 -43.05 -44.69 -34.72
C LYS G 7 -42.60 -43.96 -33.46
N ILE G 8 -42.76 -42.64 -33.46
CA ILE G 8 -42.34 -41.81 -32.33
C ILE G 8 -43.19 -42.15 -31.11
N THR G 9 -42.53 -42.53 -30.02
CA THR G 9 -43.19 -42.84 -28.76
C THR G 9 -43.16 -41.66 -27.78
N GLN G 10 -42.07 -40.90 -27.79
CA GLN G 10 -41.90 -39.75 -26.89
C GLN G 10 -41.10 -38.60 -27.49
N VAL G 11 -41.44 -37.38 -27.09
CA VAL G 11 -40.72 -36.17 -27.50
C VAL G 11 -40.55 -35.25 -26.29
N ILE G 12 -39.29 -35.02 -25.90
CA ILE G 12 -38.94 -34.12 -24.80
C ILE G 12 -37.80 -33.24 -25.30
N GLY G 13 -38.12 -32.01 -25.70
CA GLY G 13 -37.14 -31.09 -26.27
C GLY G 13 -36.45 -31.70 -27.48
N ALA G 14 -35.12 -31.75 -27.43
CA ALA G 14 -34.32 -32.30 -28.52
C ALA G 14 -34.20 -33.83 -28.49
N VAL G 15 -34.69 -34.48 -27.44
CA VAL G 15 -34.57 -35.93 -27.32
C VAL G 15 -35.86 -36.63 -27.74
N VAL G 16 -35.75 -37.53 -28.72
CA VAL G 16 -36.90 -38.24 -29.28
C VAL G 16 -36.71 -39.76 -29.22
N ASP G 17 -37.70 -40.44 -28.65
CA ASP G 17 -37.73 -41.90 -28.58
C ASP G 17 -38.58 -42.45 -29.74
N VAL G 18 -38.04 -43.41 -30.49
CA VAL G 18 -38.74 -44.03 -31.61
C VAL G 18 -38.81 -45.53 -31.41
N GLN G 19 -39.93 -46.16 -31.77
CA GLN G 19 -40.09 -47.60 -31.62
C GLN G 19 -40.13 -48.31 -32.98
N PHE G 20 -39.37 -49.40 -33.10
CA PHE G 20 -39.31 -50.21 -34.33
C PHE G 20 -39.85 -51.62 -34.10
N ASP G 21 -40.93 -51.98 -34.78
CA ASP G 21 -41.50 -53.34 -34.66
C ASP G 21 -40.54 -54.43 -35.15
N GLY G 22 -39.86 -54.19 -36.26
CA GLY G 22 -38.82 -55.08 -36.76
C GLY G 22 -37.68 -54.20 -37.21
N GLN G 23 -36.46 -54.73 -37.09
CA GLN G 23 -35.23 -54.03 -37.49
C GLN G 23 -34.97 -52.78 -36.64
N LEU G 24 -33.99 -52.91 -35.75
CA LEU G 24 -33.61 -51.84 -34.83
C LEU G 24 -32.33 -51.19 -35.33
N PRO G 25 -32.38 -49.88 -35.62
CA PRO G 25 -31.23 -49.15 -36.16
C PRO G 25 -30.13 -48.99 -35.12
N ALA G 26 -28.90 -49.23 -35.54
CA ALA G 26 -27.75 -49.20 -34.64
C ALA G 26 -27.38 -47.78 -34.20
N ILE G 27 -26.67 -47.71 -33.07
CA ILE G 27 -26.23 -46.42 -32.53
C ILE G 27 -25.50 -45.64 -33.63
N LEU G 28 -25.84 -44.35 -33.75
CA LEU G 28 -25.28 -43.40 -34.74
C LEU G 28 -26.02 -43.35 -36.07
N ASN G 29 -26.98 -44.24 -36.32
CA ASN G 29 -27.73 -44.21 -37.58
C ASN G 29 -28.62 -42.97 -37.70
N ALA G 30 -28.84 -42.51 -38.94
CA ALA G 30 -29.68 -41.34 -39.19
C ALA G 30 -31.10 -41.79 -39.53
N LEU G 31 -32.07 -41.25 -38.82
CA LEU G 31 -33.48 -41.53 -39.08
C LEU G 31 -34.11 -40.26 -39.66
N GLU G 32 -34.97 -40.44 -40.67
CA GLU G 32 -35.75 -39.34 -41.24
C GLU G 32 -37.16 -39.39 -40.69
N THR G 33 -37.59 -38.33 -40.01
CA THR G 33 -38.97 -38.27 -39.49
C THR G 33 -39.88 -37.78 -40.61
N GLU G 34 -40.97 -38.51 -40.86
CA GLU G 34 -41.91 -38.12 -41.91
C GLU G 34 -43.02 -37.24 -41.34
N ASN G 35 -43.72 -36.57 -42.26
CA ASN G 35 -44.90 -35.74 -41.98
C ASN G 35 -44.58 -34.40 -41.29
N ASN G 36 -43.62 -33.69 -41.87
CA ASN G 36 -43.22 -32.36 -41.40
C ASN G 36 -43.03 -31.37 -42.56
N GLY G 37 -43.05 -30.08 -42.22
CA GLY G 37 -42.75 -29.02 -43.19
C GLY G 37 -41.43 -29.21 -43.92
N LYS G 38 -40.43 -29.72 -43.21
CA LYS G 38 -39.13 -30.06 -43.79
C LYS G 38 -38.60 -31.36 -43.19
N ARG G 39 -37.65 -31.98 -43.90
CA ARG G 39 -37.05 -33.22 -43.40
C ARG G 39 -36.29 -32.97 -42.08
N LEU G 40 -36.65 -33.75 -41.07
CA LEU G 40 -36.06 -33.66 -39.75
C LEU G 40 -35.22 -34.92 -39.52
N VAL G 41 -33.94 -34.75 -39.21
CA VAL G 41 -33.05 -35.89 -39.00
C VAL G 41 -32.84 -36.17 -37.51
N LEU G 42 -32.86 -37.46 -37.14
CA LEU G 42 -32.63 -37.89 -35.76
C LEU G 42 -31.42 -38.82 -35.73
N GLU G 43 -30.51 -38.63 -34.77
CA GLU G 43 -29.34 -39.50 -34.62
C GLU G 43 -29.55 -40.47 -33.46
N VAL G 44 -29.37 -41.76 -33.71
CA VAL G 44 -29.54 -42.79 -32.67
C VAL G 44 -28.39 -42.72 -31.65
N ALA G 45 -28.73 -42.51 -30.39
CA ALA G 45 -27.74 -42.42 -29.31
C ALA G 45 -27.68 -43.67 -28.43
N GLN G 46 -28.85 -44.28 -28.16
CA GLN G 46 -28.95 -45.43 -27.26
C GLN G 46 -30.08 -46.36 -27.69
N HIS G 47 -30.00 -47.62 -27.28
CA HIS G 47 -31.10 -48.59 -27.44
C HIS G 47 -31.70 -48.81 -26.05
N LEU G 48 -32.85 -48.20 -25.80
CA LEU G 48 -33.47 -48.25 -24.48
C LEU G 48 -34.05 -49.62 -24.09
N GLY G 49 -34.26 -50.49 -25.07
CA GLY G 49 -34.90 -51.79 -24.84
C GLY G 49 -36.31 -51.78 -25.39
N GLU G 50 -36.97 -52.93 -25.36
CA GLU G 50 -38.34 -53.04 -25.85
C GLU G 50 -38.47 -52.42 -27.25
N ASN G 51 -37.51 -52.76 -28.09
CA ASN G 51 -37.40 -52.28 -29.45
C ASN G 51 -37.52 -50.75 -29.61
N THR G 52 -37.09 -50.00 -28.61
CA THR G 52 -37.16 -48.54 -28.64
C THR G 52 -35.74 -47.95 -28.56
N VAL G 53 -35.47 -46.92 -29.37
CA VAL G 53 -34.17 -46.24 -29.36
C VAL G 53 -34.34 -44.79 -28.93
N ARG G 54 -33.28 -44.25 -28.32
CA ARG G 54 -33.19 -42.84 -27.91
C ARG G 54 -32.46 -42.10 -29.01
N THR G 55 -32.95 -40.91 -29.39
CA THR G 55 -32.28 -40.14 -30.44
C THR G 55 -32.15 -38.66 -30.08
N ILE G 56 -31.24 -37.99 -30.78
CA ILE G 56 -31.12 -36.54 -30.67
C ILE G 56 -31.44 -35.96 -32.04
N ALA G 57 -32.24 -34.91 -32.03
CA ALA G 57 -32.72 -34.27 -33.25
C ALA G 57 -31.68 -33.29 -33.76
N MET G 58 -31.61 -33.16 -35.08
CA MET G 58 -30.67 -32.24 -35.72
C MET G 58 -31.36 -30.92 -36.07
N ASP G 59 -32.62 -30.79 -35.68
CA ASP G 59 -33.38 -29.57 -35.91
C ASP G 59 -34.50 -29.50 -34.86
N ALA G 60 -35.25 -28.40 -34.85
CA ALA G 60 -36.37 -28.20 -33.89
C ALA G 60 -37.35 -29.37 -33.93
N THR G 61 -37.95 -29.72 -32.78
CA THR G 61 -38.90 -30.85 -32.69
C THR G 61 -40.35 -30.39 -32.57
N GLU G 62 -40.59 -29.09 -32.68
CA GLU G 62 -41.94 -28.57 -32.62
C GLU G 62 -42.69 -29.15 -33.82
N GLY G 63 -43.95 -29.49 -33.62
CA GLY G 63 -44.76 -30.14 -34.65
C GLY G 63 -44.80 -31.66 -34.61
N LEU G 64 -43.82 -32.31 -33.99
CA LEU G 64 -43.83 -33.77 -33.86
C LEU G 64 -45.04 -34.25 -33.05
N VAL G 65 -45.53 -35.43 -33.43
CA VAL G 65 -46.71 -36.05 -32.81
C VAL G 65 -46.37 -37.50 -32.47
N ARG G 66 -46.95 -38.01 -31.38
CA ARG G 66 -46.73 -39.40 -31.00
C ARG G 66 -47.39 -40.32 -32.02
N GLY G 67 -46.60 -41.23 -32.59
CA GLY G 67 -47.07 -42.14 -33.61
C GLY G 67 -46.65 -41.77 -35.01
N LEU G 68 -45.97 -40.64 -35.17
CA LEU G 68 -45.44 -40.25 -36.49
C LEU G 68 -44.40 -41.26 -36.96
N PRO G 69 -44.46 -41.62 -38.26
CA PRO G 69 -43.57 -42.61 -38.83
C PRO G 69 -42.15 -42.07 -39.01
N VAL G 70 -41.17 -42.94 -38.79
CA VAL G 70 -39.77 -42.56 -38.89
C VAL G 70 -39.02 -43.62 -39.68
N LYS G 71 -38.21 -43.18 -40.64
CA LYS G 71 -37.52 -44.05 -41.59
C LYS G 71 -36.04 -44.12 -41.20
N ASP G 72 -35.53 -45.34 -41.07
CA ASP G 72 -34.09 -45.55 -40.86
C ASP G 72 -33.41 -45.49 -42.23
N THR G 73 -32.45 -44.59 -42.38
CA THR G 73 -31.68 -44.50 -43.63
C THR G 73 -30.69 -45.64 -43.75
N GLY G 74 -30.43 -46.32 -42.64
CA GLY G 74 -29.57 -47.50 -42.63
C GLY G 74 -28.10 -47.12 -42.55
N GLY G 75 -27.82 -45.96 -41.95
CA GLY G 75 -26.45 -45.49 -41.79
C GLY G 75 -26.41 -44.14 -41.10
N PRO G 76 -25.22 -43.74 -40.60
CA PRO G 76 -25.07 -42.42 -40.00
C PRO G 76 -25.25 -41.29 -41.00
N ILE G 77 -25.29 -40.06 -40.51
CA ILE G 77 -25.53 -38.89 -41.35
C ILE G 77 -24.46 -38.85 -42.45
N MET G 78 -24.89 -38.81 -43.72
CA MET G 78 -23.98 -38.77 -44.87
C MET G 78 -24.01 -37.36 -45.49
N VAL G 79 -22.84 -36.77 -45.71
CA VAL G 79 -22.73 -35.40 -46.21
C VAL G 79 -21.84 -35.32 -47.45
N PRO G 80 -22.03 -34.27 -48.28
CA PRO G 80 -21.25 -34.12 -49.51
C PRO G 80 -19.78 -33.86 -49.22
N VAL G 81 -18.90 -34.44 -50.04
CA VAL G 81 -17.47 -34.17 -49.99
C VAL G 81 -16.92 -34.04 -51.41
N GLY G 82 -15.86 -33.23 -51.56
CA GLY G 82 -15.20 -33.03 -52.86
C GLY G 82 -15.32 -31.61 -53.37
N ASP G 83 -14.80 -31.40 -54.59
CA ASP G 83 -14.78 -30.09 -55.26
C ASP G 83 -16.10 -29.34 -55.20
N ALA G 84 -17.20 -30.09 -55.17
CA ALA G 84 -18.54 -29.51 -55.14
C ALA G 84 -18.87 -28.72 -53.87
N THR G 85 -18.12 -28.94 -52.79
CA THR G 85 -18.35 -28.19 -51.55
C THR G 85 -17.67 -26.82 -51.55
N LEU G 86 -16.65 -26.64 -52.41
CA LEU G 86 -15.82 -25.43 -52.35
C LEU G 86 -16.62 -24.18 -52.75
N GLY G 87 -16.54 -23.16 -51.90
CA GLY G 87 -17.31 -21.92 -52.09
C GLY G 87 -18.76 -22.01 -51.62
N ARG G 88 -19.20 -23.21 -51.22
CA ARG G 88 -20.57 -23.43 -50.75
C ARG G 88 -20.63 -23.45 -49.22
N ILE G 89 -21.85 -23.23 -48.71
CA ILE G 89 -22.12 -23.29 -47.27
C ILE G 89 -23.11 -24.44 -46.99
N LEU G 90 -22.67 -25.38 -46.16
CA LEU G 90 -23.48 -26.54 -45.76
C LEU G 90 -23.89 -26.39 -44.30
N ASN G 91 -24.89 -27.17 -43.89
CA ASN G 91 -25.25 -27.30 -42.47
C ASN G 91 -24.76 -28.66 -41.96
N VAL G 92 -25.05 -28.96 -40.70
CA VAL G 92 -24.60 -30.21 -40.10
C VAL G 92 -24.99 -31.48 -40.88
N VAL G 93 -26.17 -31.45 -41.49
CA VAL G 93 -26.68 -32.61 -42.26
C VAL G 93 -26.44 -32.53 -43.78
N GLY G 94 -25.44 -31.74 -44.20
CA GLY G 94 -25.03 -31.69 -45.60
C GLY G 94 -25.93 -30.94 -46.56
N GLU G 95 -26.93 -30.22 -46.05
CA GLU G 95 -27.84 -29.46 -46.90
C GLU G 95 -27.21 -28.09 -47.15
N PRO G 96 -27.40 -27.53 -48.34
CA PRO G 96 -26.93 -26.18 -48.64
C PRO G 96 -27.73 -25.13 -47.87
N VAL G 97 -27.07 -24.10 -47.36
CA VAL G 97 -27.74 -23.00 -46.66
C VAL G 97 -27.36 -21.64 -47.24
N ASP G 98 -26.84 -21.64 -48.47
CA ASP G 98 -26.39 -20.42 -49.13
C ASP G 98 -27.36 -19.98 -50.24
N GLU G 99 -28.54 -20.63 -50.30
CA GLU G 99 -29.55 -20.32 -51.31
C GLU G 99 -28.99 -20.43 -52.74
N GLY G 100 -28.10 -21.39 -52.96
CA GLY G 100 -27.44 -21.58 -54.25
C GLY G 100 -27.78 -22.90 -54.93
N GLY G 101 -28.71 -23.66 -54.37
CA GLY G 101 -29.13 -24.94 -54.93
C GLY G 101 -28.41 -26.14 -54.35
N PRO G 102 -28.76 -27.35 -54.83
CA PRO G 102 -28.16 -28.57 -54.28
C PRO G 102 -26.66 -28.66 -54.54
N VAL G 103 -25.95 -29.34 -53.64
CA VAL G 103 -24.55 -29.65 -53.86
C VAL G 103 -24.52 -31.01 -54.53
N GLU G 104 -24.55 -31.02 -55.87
CA GLU G 104 -24.58 -32.26 -56.64
C GLU G 104 -23.18 -32.90 -56.69
N ALA G 105 -22.77 -33.47 -55.56
CA ALA G 105 -21.49 -34.14 -55.42
C ALA G 105 -21.61 -35.59 -55.89
N THR G 106 -20.50 -36.14 -56.36
CA THR G 106 -20.46 -37.52 -56.85
C THR G 106 -20.23 -38.53 -55.73
N GLN G 107 -19.77 -38.05 -54.57
CA GLN G 107 -19.59 -38.89 -53.40
C GLN G 107 -20.12 -38.20 -52.14
N THR G 108 -20.55 -39.01 -51.18
CA THR G 108 -20.90 -38.53 -49.84
C THR G 108 -20.09 -39.33 -48.83
N ARG G 109 -20.06 -38.86 -47.59
CA ARG G 109 -19.30 -39.54 -46.53
C ARG G 109 -19.96 -39.39 -45.17
N ALA G 110 -19.87 -40.45 -44.36
CA ALA G 110 -20.44 -40.44 -43.01
C ALA G 110 -19.65 -39.49 -42.12
N ILE G 111 -20.35 -38.75 -41.26
CA ILE G 111 -19.69 -37.80 -40.37
C ILE G 111 -19.09 -38.45 -39.13
N HIS G 112 -19.39 -39.73 -38.90
CA HIS G 112 -18.77 -40.50 -37.83
C HIS G 112 -17.81 -41.50 -38.48
N GLN G 113 -16.56 -41.50 -38.02
CA GLN G 113 -15.53 -42.34 -38.61
C GLN G 113 -14.48 -42.72 -37.56
N GLN G 114 -13.81 -43.85 -37.79
CA GLN G 114 -12.74 -44.27 -36.89
C GLN G 114 -11.54 -43.35 -37.07
N ALA G 115 -10.77 -43.15 -36.01
CA ALA G 115 -9.57 -42.30 -36.07
C ALA G 115 -8.42 -43.09 -36.70
N PRO G 116 -7.46 -42.37 -37.34
CA PRO G 116 -6.34 -43.03 -37.99
C PRO G 116 -5.59 -43.96 -37.03
N ASP G 117 -5.05 -45.05 -37.59
CA ASP G 117 -4.34 -46.09 -36.83
C ASP G 117 -3.01 -45.55 -36.32
N PHE G 118 -2.46 -46.16 -35.27
CA PHE G 118 -1.23 -45.68 -34.63
C PHE G 118 -0.03 -45.69 -35.58
N ALA G 119 0.01 -46.68 -36.47
CA ALA G 119 1.10 -46.79 -37.44
C ALA G 119 0.98 -45.77 -38.57
N ALA G 120 -0.17 -45.11 -38.68
CA ALA G 120 -0.41 -44.12 -39.74
C ALA G 120 -0.03 -42.69 -39.35
N GLN G 121 0.39 -42.49 -38.09
CA GLN G 121 0.80 -41.17 -37.61
C GLN G 121 2.11 -40.70 -38.23
N ALA G 122 2.21 -39.39 -38.44
CA ALA G 122 3.41 -38.75 -38.99
C ALA G 122 4.15 -38.03 -37.86
N THR G 123 5.46 -38.28 -37.77
CA THR G 123 6.31 -37.77 -36.70
C THR G 123 7.08 -36.51 -37.09
N ALA G 124 7.16 -36.21 -38.39
CA ALA G 124 7.81 -35.00 -38.88
C ALA G 124 7.28 -33.77 -38.16
N SER G 125 8.19 -32.85 -37.84
CA SER G 125 7.87 -31.60 -37.15
C SER G 125 8.50 -30.41 -37.88
N GLU G 126 7.65 -29.62 -38.55
CA GLU G 126 8.09 -28.44 -39.27
C GLU G 126 7.28 -27.22 -38.84
N ILE G 127 7.95 -26.08 -38.77
CA ILE G 127 7.28 -24.85 -38.42
C ILE G 127 6.34 -24.37 -39.54
N LEU G 128 5.21 -23.83 -39.13
CA LEU G 128 4.39 -22.96 -39.95
C LEU G 128 4.55 -21.55 -39.36
N VAL G 129 5.25 -20.68 -40.09
CA VAL G 129 5.38 -19.27 -39.69
C VAL G 129 4.05 -18.56 -39.99
N THR G 130 3.58 -17.78 -39.04
CA THR G 130 2.31 -17.07 -39.17
C THR G 130 2.47 -15.59 -39.47
N GLY G 131 3.63 -15.04 -39.15
CA GLY G 131 3.85 -13.61 -39.24
C GLY G 131 3.50 -12.88 -37.96
N ILE G 132 2.96 -13.60 -36.97
CA ILE G 132 2.59 -13.00 -35.70
C ILE G 132 3.73 -13.22 -34.71
N LYS G 133 4.33 -12.13 -34.26
CA LYS G 133 5.58 -12.16 -33.49
C LYS G 133 5.53 -13.04 -32.25
N VAL G 134 4.48 -12.94 -31.44
CA VAL G 134 4.41 -13.70 -30.17
C VAL G 134 4.30 -15.20 -30.42
N ILE G 135 3.48 -15.56 -31.40
CA ILE G 135 3.27 -16.95 -31.76
C ILE G 135 4.57 -17.52 -32.34
N ASP G 136 5.01 -16.97 -33.46
CA ASP G 136 6.23 -17.43 -34.13
C ASP G 136 7.44 -17.52 -33.18
N LEU G 137 7.52 -16.60 -32.22
CA LEU G 137 8.62 -16.58 -31.24
C LEU G 137 8.47 -17.60 -30.10
N LEU G 138 7.38 -17.47 -29.34
CA LEU G 138 7.25 -18.18 -28.06
C LEU G 138 6.60 -19.56 -28.14
N ALA G 139 5.55 -19.70 -28.94
CA ALA G 139 4.85 -20.96 -29.10
C ALA G 139 4.47 -21.16 -30.57
N PRO G 140 5.49 -21.41 -31.42
CA PRO G 140 5.28 -21.51 -32.86
C PRO G 140 4.37 -22.66 -33.26
N TYR G 141 3.55 -22.44 -34.29
CA TYR G 141 2.66 -23.48 -34.80
C TYR G 141 3.44 -24.45 -35.67
N SER G 142 2.89 -25.64 -35.86
CA SER G 142 3.56 -26.71 -36.61
C SER G 142 2.72 -27.03 -37.86
N LYS G 143 3.40 -27.29 -38.98
CA LYS G 143 2.72 -27.72 -40.20
C LYS G 143 2.07 -29.07 -39.95
N GLY G 144 0.78 -29.18 -40.26
CA GLY G 144 0.03 -30.41 -40.00
C GLY G 144 -0.20 -30.69 -38.53
N GLY G 145 0.01 -29.68 -37.68
CA GLY G 145 -0.11 -29.83 -36.24
C GLY G 145 -1.44 -29.33 -35.72
N LYS G 146 -1.72 -29.63 -34.46
CA LYS G 146 -2.93 -29.19 -33.79
C LYS G 146 -2.69 -27.92 -33.00
N ILE G 147 -3.47 -26.89 -33.31
CA ILE G 147 -3.34 -25.57 -32.70
C ILE G 147 -4.64 -25.17 -32.01
N GLY G 148 -4.55 -24.69 -30.77
CA GLY G 148 -5.71 -24.25 -30.01
C GLY G 148 -5.55 -22.82 -29.52
N LEU G 149 -6.58 -21.99 -29.70
CA LEU G 149 -6.58 -20.60 -29.26
C LEU G 149 -7.59 -20.41 -28.13
N PHE G 150 -7.08 -20.37 -26.90
CA PHE G 150 -7.90 -20.20 -25.70
C PHE G 150 -8.17 -18.74 -25.41
N GLY G 151 -9.41 -18.44 -25.05
CA GLY G 151 -9.75 -17.11 -24.61
C GLY G 151 -11.10 -17.04 -23.93
N GLY G 152 -11.16 -16.32 -22.81
CA GLY G 152 -12.43 -15.97 -22.21
C GLY G 152 -13.27 -15.17 -23.19
N ALA G 153 -14.43 -14.70 -22.74
CA ALA G 153 -15.34 -13.96 -23.61
C ALA G 153 -14.79 -12.57 -23.96
N GLY G 154 -14.58 -12.33 -25.26
CA GLY G 154 -14.14 -11.03 -25.76
C GLY G 154 -12.69 -10.65 -25.55
N VAL G 155 -11.77 -11.61 -25.57
CA VAL G 155 -10.34 -11.30 -25.43
C VAL G 155 -9.58 -11.31 -26.76
N GLY G 156 -10.18 -11.88 -27.81
CA GLY G 156 -9.66 -11.81 -29.17
C GLY G 156 -9.35 -13.10 -29.90
N LYS G 157 -9.92 -14.22 -29.48
CA LYS G 157 -9.62 -15.49 -30.15
C LYS G 157 -10.17 -15.55 -31.58
N THR G 158 -11.36 -15.00 -31.82
CA THR G 158 -11.93 -14.94 -33.18
C THR G 158 -11.14 -13.99 -34.12
N VAL G 159 -10.78 -12.82 -33.61
CA VAL G 159 -9.94 -11.88 -34.39
C VAL G 159 -8.61 -12.56 -34.76
N LEU G 160 -8.08 -13.37 -33.86
CA LEU G 160 -6.83 -14.09 -34.11
C LEU G 160 -7.01 -15.16 -35.19
N ILE G 161 -8.11 -15.90 -35.15
CA ILE G 161 -8.36 -16.94 -36.17
C ILE G 161 -8.62 -16.31 -37.54
N MET G 162 -9.28 -15.16 -37.55
CA MET G 162 -9.51 -14.45 -38.80
C MET G 162 -8.21 -13.94 -39.39
N GLU G 163 -7.31 -13.47 -38.53
CA GLU G 163 -5.98 -13.01 -38.95
C GLU G 163 -5.17 -14.19 -39.51
N LEU G 164 -5.21 -15.32 -38.82
CA LEU G 164 -4.50 -16.51 -39.29
C LEU G 164 -5.01 -16.98 -40.66
N ILE G 165 -6.32 -16.91 -40.89
CA ILE G 165 -6.87 -17.24 -42.22
C ILE G 165 -6.27 -16.29 -43.25
N ASN G 166 -6.23 -15.02 -42.89
CA ASN G 166 -5.67 -13.98 -43.76
C ASN G 166 -4.18 -14.17 -44.10
N ASN G 167 -3.40 -14.59 -43.11
CA ASN G 167 -1.95 -14.74 -43.28
C ASN G 167 -1.48 -16.10 -43.79
N ILE G 168 -2.27 -17.14 -43.52
CA ILE G 168 -1.88 -18.52 -43.86
C ILE G 168 -2.64 -19.03 -45.09
N ALA G 169 -3.95 -18.89 -45.07
CA ALA G 169 -4.83 -19.50 -46.07
C ALA G 169 -4.85 -18.71 -47.40
N LYS G 170 -4.81 -17.39 -47.28
CA LYS G 170 -4.87 -16.50 -48.43
C LYS G 170 -3.53 -16.49 -49.12
N VAL G 171 -2.46 -16.42 -48.33
CA VAL G 171 -1.10 -16.34 -48.86
C VAL G 171 -0.73 -17.65 -49.55
N HIS G 172 -1.08 -18.78 -48.94
CA HIS G 172 -0.80 -20.07 -49.58
C HIS G 172 -1.88 -21.07 -49.33
N SER G 173 -2.78 -21.16 -50.31
CA SER G 173 -3.91 -22.06 -50.27
C SER G 173 -3.58 -23.44 -50.83
N GLY G 174 -3.74 -24.45 -49.98
CA GLY G 174 -4.09 -25.81 -50.44
C GLY G 174 -5.61 -25.83 -50.69
N TYR G 175 -6.36 -26.60 -49.92
CA TYR G 175 -7.77 -26.30 -49.70
C TYR G 175 -8.02 -26.02 -48.21
N SER G 176 -9.02 -25.18 -47.94
CA SER G 176 -9.40 -24.82 -46.57
C SER G 176 -10.82 -25.23 -46.25
N VAL G 177 -11.06 -25.55 -44.98
CA VAL G 177 -12.41 -25.78 -44.46
C VAL G 177 -12.60 -24.93 -43.21
N PHE G 178 -13.69 -24.19 -43.16
CA PHE G 178 -14.10 -23.49 -41.94
C PHE G 178 -15.35 -24.13 -41.37
N ALA G 179 -15.31 -24.48 -40.08
CA ALA G 179 -16.49 -24.89 -39.36
C ALA G 179 -16.94 -23.80 -38.38
N GLY G 180 -18.05 -23.13 -38.69
CA GLY G 180 -18.74 -22.29 -37.70
C GLY G 180 -19.52 -23.18 -36.74
N VAL G 181 -19.07 -23.27 -35.48
CA VAL G 181 -19.69 -24.17 -34.50
C VAL G 181 -20.27 -23.42 -33.31
N GLY G 182 -21.59 -23.31 -33.27
CA GLY G 182 -22.33 -22.67 -32.17
C GLY G 182 -21.94 -21.23 -31.87
N GLU G 183 -21.53 -20.50 -32.88
CA GLU G 183 -21.07 -19.14 -32.72
C GLU G 183 -22.07 -18.17 -33.33
N ARG G 184 -21.65 -16.94 -33.63
CA ARG G 184 -22.58 -15.90 -34.10
C ARG G 184 -22.87 -16.00 -35.59
N THR G 185 -24.15 -16.06 -35.93
CA THR G 185 -24.56 -16.08 -37.33
C THR G 185 -24.05 -14.80 -38.00
N ARG G 186 -24.20 -13.66 -37.33
CA ARG G 186 -23.58 -12.41 -37.81
C ARG G 186 -22.11 -12.59 -38.19
N GLU G 187 -21.36 -13.31 -37.36
CA GLU G 187 -19.94 -13.58 -37.68
C GLU G 187 -19.78 -14.40 -38.96
N GLY G 188 -20.71 -15.32 -39.22
CA GLY G 188 -20.74 -16.07 -40.46
C GLY G 188 -20.91 -15.24 -41.71
N ASN G 189 -21.78 -14.23 -41.64
CA ASN G 189 -21.98 -13.30 -42.75
C ASN G 189 -20.71 -12.46 -42.93
N ASP G 190 -20.13 -12.00 -41.83
CA ASP G 190 -18.90 -11.20 -41.88
C ASP G 190 -17.74 -11.96 -42.51
N LEU G 191 -17.49 -13.18 -42.04
CA LEU G 191 -16.44 -14.03 -42.60
C LEU G 191 -16.62 -14.25 -44.10
N TYR G 192 -17.86 -14.58 -44.48
CA TYR G 192 -18.25 -14.81 -45.87
C TYR G 192 -17.94 -13.62 -46.79
N HIS G 193 -18.28 -12.41 -46.36
CA HIS G 193 -17.96 -11.22 -47.15
C HIS G 193 -16.47 -10.91 -47.12
N GLU G 194 -15.81 -11.20 -45.99
CA GLU G 194 -14.36 -11.01 -45.90
C GLU G 194 -13.63 -11.90 -46.90
N MET G 195 -14.11 -13.13 -47.06
CA MET G 195 -13.50 -14.10 -47.97
C MET G 195 -13.79 -13.81 -49.45
N VAL G 196 -14.94 -13.19 -49.73
CA VAL G 196 -15.27 -12.71 -51.07
C VAL G 196 -14.28 -11.62 -51.45
N GLU G 197 -14.03 -10.69 -50.54
CA GLU G 197 -13.08 -9.60 -50.76
C GLU G 197 -11.68 -10.15 -51.06
N SER G 198 -11.22 -11.08 -50.23
CA SER G 198 -9.91 -11.73 -50.44
C SER G 198 -9.91 -12.66 -51.65
N GLY G 199 -11.05 -12.84 -52.30
CA GLY G 199 -11.17 -13.75 -53.43
C GLY G 199 -10.96 -15.20 -53.04
N VAL G 200 -10.83 -15.50 -51.74
CA VAL G 200 -10.63 -16.88 -51.33
C VAL G 200 -11.91 -17.66 -51.62
N ILE G 201 -13.05 -16.96 -51.55
CA ILE G 201 -14.32 -17.47 -52.06
C ILE G 201 -14.70 -16.67 -53.31
N LYS G 202 -15.07 -17.38 -54.38
CA LYS G 202 -15.55 -16.72 -55.59
C LYS G 202 -16.99 -17.15 -55.91
N PRO G 203 -17.90 -16.17 -56.09
CA PRO G 203 -19.29 -16.51 -56.39
C PRO G 203 -19.57 -16.86 -57.87
N ASP G 204 -18.58 -16.71 -58.76
CA ASP G 204 -18.78 -16.91 -60.20
C ASP G 204 -18.23 -18.27 -60.65
N ASP G 205 -16.94 -18.50 -60.39
CA ASP G 205 -16.38 -19.83 -60.47
C ASP G 205 -16.38 -20.30 -59.04
N LEU G 206 -17.34 -21.15 -58.69
CA LEU G 206 -17.32 -21.85 -57.42
C LEU G 206 -16.19 -22.89 -57.42
N SER G 207 -15.72 -23.25 -58.62
CA SER G 207 -14.51 -24.06 -58.76
C SER G 207 -13.22 -23.34 -58.36
N LYS G 208 -13.16 -22.03 -58.55
CA LYS G 208 -11.98 -21.23 -58.15
C LYS G 208 -11.94 -20.87 -56.66
N SER G 209 -13.05 -21.06 -55.96
CA SER G 209 -13.08 -21.04 -54.50
C SER G 209 -12.16 -22.12 -53.94
N GLN G 210 -11.39 -21.79 -52.90
CA GLN G 210 -10.47 -22.75 -52.27
C GLN G 210 -10.83 -23.02 -50.79
N VAL G 211 -12.05 -22.67 -50.41
CA VAL G 211 -12.53 -22.91 -49.06
C VAL G 211 -13.96 -23.45 -49.05
N ALA G 212 -14.20 -24.46 -48.21
CA ALA G 212 -15.53 -25.00 -47.97
C ALA G 212 -16.07 -24.50 -46.62
N LEU G 213 -17.34 -24.13 -46.57
CA LEU G 213 -17.92 -23.58 -45.34
C LEU G 213 -19.03 -24.47 -44.78
N VAL G 214 -18.96 -24.70 -43.47
CA VAL G 214 -19.95 -25.49 -42.74
C VAL G 214 -20.34 -24.71 -41.49
N TYR G 215 -21.64 -24.64 -41.22
CA TYR G 215 -22.15 -23.84 -40.12
C TYR G 215 -23.28 -24.52 -39.35
N GLY G 216 -23.14 -24.47 -38.03
CA GLY G 216 -24.21 -24.76 -37.10
C GLY G 216 -24.00 -23.79 -35.96
N GLN G 217 -24.69 -22.65 -36.01
CA GLN G 217 -24.50 -21.59 -35.03
C GLN G 217 -25.48 -21.67 -33.87
N MET G 218 -25.39 -20.68 -32.98
CA MET G 218 -26.26 -20.55 -31.81
C MET G 218 -27.76 -20.53 -32.09
N ASN G 219 -28.16 -20.39 -33.36
CA ASN G 219 -29.57 -20.49 -33.73
C ASN G 219 -30.05 -21.94 -33.86
N GLU G 220 -29.11 -22.88 -33.94
CA GLU G 220 -29.44 -24.29 -34.06
C GLU G 220 -29.61 -24.95 -32.69
N PRO G 221 -30.44 -26.01 -32.64
CA PRO G 221 -30.61 -26.79 -31.42
C PRO G 221 -29.36 -27.59 -31.11
N PRO G 222 -29.26 -28.14 -29.89
CA PRO G 222 -28.04 -28.81 -29.43
C PRO G 222 -27.56 -29.98 -30.27
N GLY G 223 -28.46 -30.82 -30.78
CA GLY G 223 -28.05 -31.93 -31.63
C GLY G 223 -27.20 -31.47 -32.79
N ALA G 224 -27.66 -30.43 -33.48
CA ALA G 224 -26.94 -29.85 -34.61
C ALA G 224 -25.61 -29.23 -34.20
N ARG G 225 -25.57 -28.52 -33.08
CA ARG G 225 -24.31 -27.94 -32.60
C ARG G 225 -23.34 -29.04 -32.12
N MET G 226 -23.86 -30.20 -31.74
CA MET G 226 -23.02 -31.31 -31.26
C MET G 226 -22.32 -32.06 -32.42
N ARG G 227 -22.83 -31.89 -33.63
CA ARG G 227 -22.34 -32.63 -34.79
C ARG G 227 -21.79 -31.80 -35.93
N VAL G 228 -22.03 -30.48 -35.98
CA VAL G 228 -21.47 -29.64 -37.06
C VAL G 228 -19.94 -29.75 -37.12
N ALA G 229 -19.30 -29.87 -35.97
CA ALA G 229 -17.85 -30.09 -35.90
C ALA G 229 -17.45 -31.33 -36.70
N LEU G 230 -18.18 -32.43 -36.48
CA LEU G 230 -17.93 -33.67 -37.24
C LEU G 230 -18.08 -33.43 -38.73
N THR G 231 -19.14 -32.72 -39.11
CA THR G 231 -19.43 -32.43 -40.51
C THR G 231 -18.23 -31.73 -41.15
N GLY G 232 -17.77 -30.66 -40.51
CA GLY G 232 -16.61 -29.91 -40.98
C GLY G 232 -15.34 -30.74 -41.12
N LEU G 233 -15.02 -31.53 -40.11
CA LEU G 233 -13.77 -32.31 -40.18
C LEU G 233 -13.91 -33.45 -41.20
N THR G 234 -15.14 -33.91 -41.43
CA THR G 234 -15.40 -34.93 -42.44
C THR G 234 -15.06 -34.40 -43.83
N VAL G 235 -15.43 -33.16 -44.10
CA VAL G 235 -15.08 -32.52 -45.37
C VAL G 235 -13.56 -32.44 -45.50
N ALA G 236 -12.90 -32.02 -44.42
CA ALA G 236 -11.44 -31.90 -44.41
C ALA G 236 -10.72 -33.23 -44.64
N GLU G 237 -11.23 -34.30 -44.05
CA GLU G 237 -10.64 -35.64 -44.22
C GLU G 237 -10.55 -36.08 -45.68
N GLN G 238 -11.59 -35.78 -46.46
CA GLN G 238 -11.61 -36.15 -47.89
C GLN G 238 -10.43 -35.51 -48.62
N PHE G 239 -10.22 -34.21 -48.39
CA PHE G 239 -9.10 -33.52 -49.02
C PHE G 239 -7.77 -34.14 -48.57
N ARG G 240 -7.65 -34.47 -47.28
CA ARG G 240 -6.43 -35.12 -46.77
C ARG G 240 -6.16 -36.45 -47.47
N ASP G 241 -7.16 -37.32 -47.50
CA ASP G 241 -7.00 -38.69 -48.02
C ASP G 241 -7.19 -38.83 -49.53
N ALA G 242 -8.30 -38.30 -50.04
CA ALA G 242 -8.66 -38.47 -51.45
C ALA G 242 -7.85 -37.60 -52.41
N THR G 243 -7.14 -36.60 -51.88
CA THR G 243 -6.23 -35.76 -52.70
C THR G 243 -4.84 -35.53 -52.10
N GLY G 244 -4.61 -35.87 -50.84
CA GLY G 244 -3.26 -35.79 -50.26
C GLY G 244 -2.78 -34.39 -49.93
N THR G 245 -2.97 -33.45 -50.85
CA THR G 245 -2.55 -32.06 -50.68
C THR G 245 -2.91 -31.48 -49.31
N ASP G 246 -2.07 -30.55 -48.84
CA ASP G 246 -2.25 -29.85 -47.55
C ASP G 246 -3.65 -29.25 -47.34
N VAL G 247 -4.20 -29.47 -46.16
CA VAL G 247 -5.54 -28.98 -45.81
C VAL G 247 -5.52 -28.18 -44.53
N LEU G 248 -6.19 -27.03 -44.56
CA LEU G 248 -6.38 -26.19 -43.39
C LEU G 248 -7.79 -26.41 -42.86
N PHE G 249 -7.91 -26.53 -41.54
CA PHE G 249 -9.21 -26.67 -40.88
C PHE G 249 -9.32 -25.65 -39.75
N PHE G 250 -10.27 -24.72 -39.89
CA PHE G 250 -10.50 -23.68 -38.88
C PHE G 250 -11.84 -23.92 -38.19
N VAL G 251 -11.84 -23.88 -36.87
CA VAL G 251 -13.04 -24.17 -36.06
C VAL G 251 -13.27 -23.06 -35.03
N ASP G 252 -14.38 -22.35 -35.16
CA ASP G 252 -14.82 -21.39 -34.16
C ASP G 252 -16.23 -21.79 -33.77
N ASN G 253 -16.48 -22.40 -32.60
CA ASN G 253 -15.54 -22.65 -31.51
C ASN G 253 -15.76 -24.09 -31.03
N ILE G 254 -14.69 -24.87 -30.82
CA ILE G 254 -14.85 -26.29 -30.45
C ILE G 254 -15.41 -26.51 -29.04
N PHE G 255 -15.37 -25.52 -28.16
CA PHE G 255 -16.06 -25.61 -26.87
C PHE G 255 -17.52 -26.01 -27.09
N ARG G 256 -18.14 -25.31 -28.03
CA ARG G 256 -19.56 -25.46 -28.33
C ARG G 256 -19.97 -26.88 -28.66
N PHE G 257 -19.04 -27.71 -29.14
CA PHE G 257 -19.26 -29.15 -29.34
C PHE G 257 -19.59 -29.81 -28.00
N THR G 258 -18.75 -29.50 -27.01
CA THR G 258 -18.88 -30.08 -25.68
C THR G 258 -20.10 -29.53 -24.95
N GLN G 259 -20.36 -28.23 -25.10
CA GLN G 259 -21.50 -27.56 -24.44
C GLN G 259 -22.83 -28.14 -24.97
N ALA G 260 -22.90 -28.30 -26.28
CA ALA G 260 -24.08 -28.87 -26.94
C ALA G 260 -24.40 -30.22 -26.34
N GLY G 261 -23.38 -31.06 -26.27
CA GLY G 261 -23.49 -32.37 -25.68
C GLY G 261 -24.10 -32.34 -24.29
N SER G 262 -23.70 -31.37 -23.48
CA SER G 262 -24.15 -31.29 -22.10
C SER G 262 -25.58 -30.77 -22.00
N GLU G 263 -26.02 -30.02 -23.01
CA GLU G 263 -27.40 -29.55 -23.03
C GLU G 263 -28.43 -30.69 -23.01
N VAL G 264 -28.09 -31.81 -23.64
CA VAL G 264 -29.03 -32.91 -23.86
C VAL G 264 -28.66 -34.18 -23.05
N SER G 265 -27.45 -34.18 -22.48
CA SER G 265 -26.94 -35.28 -21.63
C SER G 265 -27.95 -35.73 -20.57
N ALA G 266 -28.50 -34.79 -19.83
CA ALA G 266 -29.48 -35.08 -18.78
C ALA G 266 -30.69 -35.84 -19.33
N LEU G 267 -31.22 -35.37 -20.46
CA LEU G 267 -32.39 -36.02 -21.05
C LEU G 267 -32.00 -37.35 -21.68
N LEU G 268 -30.71 -37.53 -22.00
CA LEU G 268 -30.22 -38.86 -22.39
C LEU G 268 -30.05 -39.79 -21.19
N GLY G 269 -30.33 -39.30 -19.99
CA GLY G 269 -30.32 -40.12 -18.78
C GLY G 269 -28.96 -40.33 -18.15
N ARG G 270 -28.02 -39.43 -18.41
CA ARG G 270 -26.69 -39.52 -17.79
C ARG G 270 -26.70 -38.84 -16.43
N ILE G 271 -25.89 -39.41 -15.53
CA ILE G 271 -25.61 -38.81 -14.25
C ILE G 271 -24.60 -37.72 -14.56
N PRO G 272 -24.81 -36.50 -14.07
CA PRO G 272 -23.90 -35.40 -14.38
C PRO G 272 -22.52 -35.59 -13.75
N SER G 273 -21.49 -35.09 -14.45
CA SER G 273 -20.14 -35.05 -13.90
C SER G 273 -19.96 -33.69 -13.21
N ALA G 274 -18.72 -33.36 -12.84
CA ALA G 274 -18.45 -32.08 -12.19
C ALA G 274 -18.86 -30.90 -13.08
N VAL G 275 -19.30 -29.82 -12.43
CA VAL G 275 -19.69 -28.57 -13.09
C VAL G 275 -20.83 -28.76 -14.12
N GLY G 276 -21.67 -29.78 -13.93
CA GLY G 276 -22.79 -30.04 -14.83
C GLY G 276 -22.45 -30.51 -16.23
N TYR G 277 -21.24 -31.03 -16.43
CA TYR G 277 -20.83 -31.57 -17.72
C TYR G 277 -21.19 -33.07 -17.81
N GLN G 278 -21.31 -33.55 -19.05
CA GLN G 278 -21.58 -34.96 -19.30
C GLN G 278 -20.39 -35.82 -18.84
N PRO G 279 -20.67 -37.01 -18.29
CA PRO G 279 -19.61 -37.92 -17.87
C PRO G 279 -18.74 -38.45 -19.02
N THR G 280 -19.22 -38.32 -20.26
CA THR G 280 -18.50 -38.74 -21.45
C THR G 280 -17.66 -37.63 -22.11
N LEU G 281 -17.37 -36.56 -21.38
CA LEU G 281 -16.67 -35.39 -21.94
C LEU G 281 -15.39 -35.76 -22.68
N ALA G 282 -14.52 -36.49 -21.98
CA ALA G 282 -13.20 -36.85 -22.50
C ALA G 282 -13.27 -37.78 -23.71
N THR G 283 -14.07 -38.84 -23.62
CA THR G 283 -14.20 -39.76 -24.75
C THR G 283 -14.94 -39.12 -25.92
N ASP G 284 -15.99 -38.33 -25.65
CA ASP G 284 -16.68 -37.60 -26.73
C ASP G 284 -15.67 -36.76 -27.50
N MET G 285 -14.88 -36.01 -26.74
CA MET G 285 -13.83 -35.15 -27.28
C MET G 285 -12.73 -35.93 -28.01
N GLY G 286 -12.35 -37.08 -27.46
CA GLY G 286 -11.24 -37.84 -28.00
C GLY G 286 -11.51 -38.46 -29.35
N ALA G 287 -12.69 -39.05 -29.50
CA ALA G 287 -13.06 -39.70 -30.77
C ALA G 287 -13.28 -38.70 -31.90
N MET G 288 -13.46 -37.42 -31.56
CA MET G 288 -13.56 -36.37 -32.56
C MET G 288 -12.16 -35.84 -32.84
N GLN G 289 -11.48 -35.39 -31.79
CA GLN G 289 -10.15 -34.77 -31.91
C GLN G 289 -9.09 -35.69 -32.54
N GLU G 290 -9.15 -36.99 -32.25
CA GLU G 290 -8.17 -37.92 -32.81
C GLU G 290 -8.30 -38.11 -34.32
N ARG G 291 -9.41 -37.66 -34.91
CA ARG G 291 -9.55 -37.65 -36.37
C ARG G 291 -8.88 -36.45 -37.01
N ILE G 292 -8.77 -35.37 -36.26
CA ILE G 292 -8.14 -34.15 -36.73
C ILE G 292 -6.63 -34.31 -36.53
N THR G 293 -5.97 -34.80 -37.56
CA THR G 293 -4.54 -35.07 -37.47
C THR G 293 -3.91 -35.29 -38.85
N SER G 294 -2.62 -34.96 -38.94
CA SER G 294 -1.81 -35.31 -40.09
C SER G 294 -1.56 -36.81 -40.01
N THR G 295 -1.44 -37.43 -41.18
CA THR G 295 -1.08 -38.84 -41.31
C THR G 295 -0.06 -38.95 -42.43
N LYS G 296 0.43 -40.16 -42.66
CA LYS G 296 1.37 -40.39 -43.75
C LYS G 296 0.72 -40.14 -45.12
N ASN G 297 -0.59 -40.34 -45.21
CA ASN G 297 -1.34 -40.07 -46.45
C ASN G 297 -1.38 -38.57 -46.80
N GLY G 298 -1.60 -37.72 -45.80
CA GLY G 298 -1.67 -36.27 -46.02
C GLY G 298 -1.74 -35.44 -44.76
N SER G 299 -1.73 -34.12 -44.92
CA SER G 299 -1.66 -33.19 -43.80
C SER G 299 -2.96 -32.42 -43.57
N ILE G 300 -3.32 -32.27 -42.29
CA ILE G 300 -4.35 -31.33 -41.85
C ILE G 300 -3.74 -30.43 -40.78
N THR G 301 -3.75 -29.13 -41.03
CA THR G 301 -3.31 -28.14 -40.06
C THR G 301 -4.60 -27.62 -39.42
N SER G 302 -4.84 -27.96 -38.16
CA SER G 302 -6.05 -27.50 -37.47
C SER G 302 -5.80 -26.36 -36.51
N ILE G 303 -6.65 -25.34 -36.60
CA ILE G 303 -6.62 -24.18 -35.71
C ILE G 303 -8.02 -24.05 -35.12
N GLN G 304 -8.13 -24.20 -33.81
CA GLN G 304 -9.44 -24.20 -33.15
C GLN G 304 -9.49 -23.14 -32.06
N ALA G 305 -10.46 -22.22 -32.17
CA ALA G 305 -10.79 -21.29 -31.08
C ALA G 305 -11.43 -22.07 -29.95
N VAL G 306 -11.03 -21.79 -28.71
CA VAL G 306 -11.52 -22.54 -27.54
C VAL G 306 -12.06 -21.59 -26.47
N TYR G 307 -13.38 -21.62 -26.26
CA TYR G 307 -14.01 -20.75 -25.27
C TYR G 307 -13.62 -21.20 -23.87
N VAL G 308 -13.44 -20.24 -22.98
CA VAL G 308 -13.04 -20.48 -21.60
C VAL G 308 -14.10 -19.83 -20.71
N PRO G 309 -15.02 -20.63 -20.14
CA PRO G 309 -16.09 -20.08 -19.32
C PRO G 309 -15.55 -19.33 -18.10
N ALA G 310 -16.09 -18.14 -17.85
CA ALA G 310 -15.72 -17.32 -16.69
C ALA G 310 -14.22 -17.08 -16.56
N ASP G 311 -13.51 -17.08 -17.70
CA ASP G 311 -12.06 -16.92 -17.71
C ASP G 311 -11.32 -17.96 -16.84
N ASP G 312 -11.91 -19.15 -16.67
CA ASP G 312 -11.29 -20.18 -15.83
C ASP G 312 -10.82 -21.36 -16.69
N LEU G 313 -9.52 -21.39 -16.97
CA LEU G 313 -8.93 -22.43 -17.79
C LEU G 313 -8.99 -23.81 -17.13
N THR G 314 -9.32 -23.88 -15.84
CA THR G 314 -9.52 -25.17 -15.18
C THR G 314 -10.92 -25.74 -15.47
N ASP G 315 -11.78 -24.97 -16.12
CA ASP G 315 -13.07 -25.48 -16.55
C ASP G 315 -12.88 -26.75 -17.40
N PRO G 316 -13.65 -27.81 -17.09
CA PRO G 316 -13.50 -29.13 -17.72
C PRO G 316 -13.34 -29.12 -19.24
N ALA G 317 -14.09 -28.26 -19.92
CA ALA G 317 -14.08 -28.21 -21.37
C ALA G 317 -12.71 -27.77 -21.87
N PRO G 318 -12.29 -26.52 -21.56
CA PRO G 318 -10.93 -26.10 -21.96
C PRO G 318 -9.82 -26.94 -21.32
N ALA G 319 -10.00 -27.38 -20.08
CA ALA G 319 -8.97 -28.16 -19.37
C ALA G 319 -8.64 -29.49 -20.06
N THR G 320 -9.65 -30.18 -20.56
CA THR G 320 -9.47 -31.45 -21.27
C THR G 320 -8.97 -31.23 -22.71
N THR G 321 -9.01 -29.98 -23.19
CA THR G 321 -8.57 -29.64 -24.56
C THR G 321 -7.06 -29.48 -24.69
N PHE G 322 -6.39 -28.98 -23.65
CA PHE G 322 -4.93 -28.83 -23.67
C PHE G 322 -4.17 -30.09 -24.11
N ALA G 323 -4.62 -31.25 -23.67
CA ALA G 323 -3.97 -32.51 -23.98
C ALA G 323 -4.01 -32.93 -25.47
N HIS G 324 -4.95 -32.38 -26.25
CA HIS G 324 -5.04 -32.68 -27.67
C HIS G 324 -4.26 -31.71 -28.56
N LEU G 325 -3.33 -30.93 -28.02
CA LEU G 325 -2.70 -29.90 -28.83
C LEU G 325 -1.19 -30.04 -29.00
N ASP G 326 -0.72 -29.51 -30.12
CA ASP G 326 0.68 -29.41 -30.42
C ASP G 326 1.18 -27.99 -30.15
N ALA G 327 0.26 -27.02 -30.18
CA ALA G 327 0.55 -25.63 -29.83
C ALA G 327 -0.64 -24.99 -29.16
N THR G 328 -0.42 -24.38 -27.99
CA THR G 328 -1.49 -23.68 -27.27
C THR G 328 -1.17 -22.20 -27.26
N THR G 329 -2.11 -21.37 -27.73
CA THR G 329 -2.00 -19.92 -27.65
C THR G 329 -3.04 -19.43 -26.66
N VAL G 330 -2.61 -19.03 -25.46
CA VAL G 330 -3.56 -18.62 -24.40
C VAL G 330 -3.70 -17.10 -24.36
N LEU G 331 -4.94 -16.63 -24.52
CA LEU G 331 -5.26 -15.21 -24.47
C LEU G 331 -5.74 -14.82 -23.08
N SER G 332 -5.29 -13.66 -22.60
CA SER G 332 -5.64 -13.19 -21.25
C SER G 332 -6.35 -11.83 -21.25
N ARG G 333 -7.40 -11.74 -20.42
CA ARG G 333 -8.11 -10.48 -20.24
C ARG G 333 -7.20 -9.43 -19.60
N ALA G 334 -6.40 -9.85 -18.62
CA ALA G 334 -5.46 -8.93 -17.96
C ALA G 334 -4.55 -8.23 -18.97
N ILE G 335 -4.16 -8.95 -20.02
CA ILE G 335 -3.32 -8.38 -21.07
C ILE G 335 -4.15 -7.55 -22.06
N SER G 336 -5.29 -8.08 -22.49
CA SER G 336 -6.20 -7.32 -23.37
C SER G 336 -6.52 -5.94 -22.78
N GLU G 337 -6.86 -5.93 -21.50
CA GLU G 337 -7.15 -4.73 -20.72
C GLU G 337 -6.07 -3.64 -20.80
N LEU G 338 -4.83 -4.03 -21.09
CA LEU G 338 -3.73 -3.09 -21.23
C LEU G 338 -3.59 -2.47 -22.63
N GLY G 339 -4.45 -2.86 -23.57
CA GLY G 339 -4.32 -2.44 -24.96
C GLY G 339 -3.35 -3.29 -25.73
N ILE G 340 -2.85 -4.36 -25.11
CA ILE G 340 -1.89 -5.25 -25.75
C ILE G 340 -2.64 -6.28 -26.59
N TYR G 341 -2.55 -6.12 -27.90
CA TYR G 341 -3.15 -7.06 -28.85
C TYR G 341 -2.08 -7.56 -29.82
N PRO G 342 -2.11 -8.86 -30.17
CA PRO G 342 -3.04 -9.85 -29.61
C PRO G 342 -2.74 -10.09 -28.13
N ALA G 343 -3.78 -10.31 -27.32
CA ALA G 343 -3.61 -10.43 -25.86
C ALA G 343 -3.05 -11.78 -25.42
N VAL G 344 -1.95 -12.20 -26.04
CA VAL G 344 -1.36 -13.51 -25.78
C VAL G 344 -0.55 -13.47 -24.50
N ASP G 345 -0.75 -14.46 -23.63
CA ASP G 345 0.01 -14.59 -22.39
C ASP G 345 1.31 -15.32 -22.69
N PRO G 346 2.44 -14.59 -22.65
CA PRO G 346 3.75 -15.16 -22.94
C PRO G 346 4.24 -16.14 -21.88
N LEU G 347 3.63 -16.13 -20.70
CA LEU G 347 3.96 -17.08 -19.65
C LEU G 347 2.88 -18.14 -19.47
N ASP G 348 2.04 -18.35 -20.49
CA ASP G 348 1.06 -19.44 -20.47
C ASP G 348 0.73 -19.99 -21.86
N SER G 349 1.62 -19.81 -22.82
CA SER G 349 1.43 -20.35 -24.17
C SER G 349 2.60 -21.27 -24.44
N ASN G 350 2.36 -22.40 -25.10
CA ASN G 350 3.44 -23.33 -25.40
C ASN G 350 3.29 -24.04 -26.72
N SER G 351 4.40 -24.64 -27.15
CA SER G 351 4.47 -25.40 -28.39
C SER G 351 5.41 -26.59 -28.24
N ARG G 352 4.98 -27.75 -28.70
CA ARG G 352 5.82 -28.93 -28.66
C ARG G 352 7.01 -28.84 -29.62
N ILE G 353 6.96 -27.93 -30.61
CA ILE G 353 8.12 -27.72 -31.49
C ILE G 353 9.15 -26.72 -30.95
N LEU G 354 8.84 -26.04 -29.85
CA LEU G 354 9.80 -25.15 -29.19
C LEU G 354 10.90 -26.00 -28.53
N ASP G 355 11.85 -26.40 -29.36
CA ASP G 355 12.95 -27.28 -28.96
C ASP G 355 14.15 -26.87 -29.82
N PRO G 356 15.33 -26.69 -29.20
CA PRO G 356 16.50 -26.23 -29.94
C PRO G 356 16.88 -27.17 -31.10
N ALA G 357 16.58 -28.45 -30.97
CA ALA G 357 16.85 -29.43 -32.02
C ALA G 357 15.94 -29.26 -33.24
N VAL G 358 14.79 -28.62 -33.06
CA VAL G 358 13.81 -28.39 -34.13
C VAL G 358 13.89 -26.97 -34.71
N VAL G 359 13.99 -25.97 -33.83
CA VAL G 359 13.99 -24.57 -34.28
C VAL G 359 15.36 -23.89 -34.23
N GLY G 360 16.38 -24.59 -33.75
CA GLY G 360 17.74 -24.04 -33.55
C GLY G 360 17.84 -23.33 -32.21
N GLU G 361 19.05 -23.37 -31.64
CA GLU G 361 19.35 -22.79 -30.33
C GLU G 361 19.15 -21.26 -30.31
N GLU G 362 19.27 -20.61 -31.46
CA GLU G 362 19.04 -19.17 -31.54
C GLU G 362 17.59 -18.86 -31.21
N HIS G 363 16.69 -19.52 -31.94
CA HIS G 363 15.25 -19.35 -31.74
C HIS G 363 14.88 -19.75 -30.30
N TYR G 364 15.40 -20.90 -29.87
CA TYR G 364 15.10 -21.41 -28.54
C TYR G 364 15.54 -20.46 -27.42
N GLN G 365 16.79 -20.00 -27.49
CA GLN G 365 17.35 -19.19 -26.40
C GLN G 365 16.73 -17.79 -26.28
N VAL G 366 16.37 -17.18 -27.40
CA VAL G 366 15.73 -15.87 -27.40
C VAL G 366 14.35 -15.97 -26.77
N ALA G 367 13.56 -16.93 -27.25
CA ALA G 367 12.23 -17.18 -26.68
C ALA G 367 12.35 -17.40 -25.18
N ARG G 368 13.28 -18.26 -24.79
CA ARG G 368 13.54 -18.56 -23.38
C ARG G 368 13.99 -17.33 -22.60
N ASP G 369 14.80 -16.49 -23.24
CA ASP G 369 15.26 -15.25 -22.62
C ASP G 369 14.11 -14.27 -22.42
N VAL G 370 13.24 -14.17 -23.43
CA VAL G 370 12.05 -13.32 -23.33
C VAL G 370 11.17 -13.77 -22.14
N GLN G 371 10.96 -15.08 -22.03
CA GLN G 371 10.11 -15.58 -20.94
C GLN G 371 10.72 -15.33 -19.56
N GLY G 372 12.04 -15.47 -19.46
CA GLY G 372 12.77 -15.23 -18.21
C GLY G 372 12.72 -13.81 -17.70
N ILE G 373 12.88 -12.83 -18.58
CA ILE G 373 12.84 -11.43 -18.14
C ILE G 373 11.40 -11.03 -17.75
N LEU G 374 10.41 -11.67 -18.37
CA LEU G 374 9.00 -11.41 -18.06
C LEU G 374 8.57 -12.04 -16.72
N GLN G 375 9.01 -13.25 -16.44
CA GLN G 375 8.72 -13.90 -15.15
C GLN G 375 9.42 -13.17 -14.00
N LYS G 376 10.61 -12.65 -14.29
CA LYS G 376 11.35 -11.82 -13.33
C LYS G 376 10.63 -10.49 -13.04
N TYR G 377 10.08 -9.86 -14.07
CA TYR G 377 9.25 -8.65 -13.89
C TYR G 377 8.03 -8.98 -13.04
N LYS G 378 7.35 -10.05 -13.41
CA LYS G 378 6.16 -10.52 -12.70
C LYS G 378 6.43 -10.75 -11.21
N SER G 379 7.56 -11.37 -10.91
CA SER G 379 8.00 -11.53 -9.51
C SER G 379 8.34 -10.18 -8.85
N LEU G 380 8.75 -9.21 -9.67
CA LEU G 380 9.10 -7.86 -9.20
C LEU G 380 7.89 -6.95 -8.95
N GLN G 381 6.87 -7.10 -9.79
CA GLN G 381 5.62 -6.34 -9.68
C GLN G 381 5.07 -6.16 -8.26
N ASP G 382 5.06 -7.23 -7.45
CA ASP G 382 4.56 -7.13 -6.05
C ASP G 382 5.36 -6.13 -5.21
N ILE G 383 6.67 -6.05 -5.46
CA ILE G 383 7.55 -5.20 -4.68
C ILE G 383 7.29 -3.73 -5.02
N ILE G 384 7.28 -3.42 -6.31
CA ILE G 384 7.06 -2.05 -6.78
C ILE G 384 5.65 -1.54 -6.48
N ALA G 385 4.69 -2.46 -6.36
CA ALA G 385 3.34 -2.12 -5.95
C ALA G 385 3.28 -1.54 -4.55
N ILE G 386 4.33 -1.73 -3.76
CA ILE G 386 4.41 -1.08 -2.46
C ILE G 386 5.42 0.06 -2.46
N LEU G 387 6.65 -0.23 -2.84
CA LEU G 387 7.77 0.71 -2.69
C LEU G 387 7.90 1.68 -3.85
N GLY G 388 7.17 1.48 -4.95
CA GLY G 388 7.44 2.17 -6.21
C GLY G 388 8.73 1.64 -6.82
N MET G 389 9.25 2.36 -7.82
CA MET G 389 10.43 1.90 -8.59
C MET G 389 11.76 2.39 -7.96
N ASP G 390 11.70 3.54 -7.29
CA ASP G 390 12.88 4.17 -6.69
C ASP G 390 13.73 3.25 -5.80
N GLU G 391 13.08 2.29 -5.13
CA GLU G 391 13.78 1.39 -4.23
C GLU G 391 14.54 0.26 -4.94
N LEU G 392 14.32 0.08 -6.24
CA LEU G 392 15.01 -0.96 -7.00
C LEU G 392 16.44 -0.59 -7.35
N SER G 393 17.28 -1.61 -7.54
CA SER G 393 18.65 -1.39 -7.99
C SER G 393 18.66 -1.04 -9.48
N GLU G 394 19.79 -0.50 -9.93
CA GLU G 394 19.95 -0.15 -11.32
C GLU G 394 19.74 -1.34 -12.25
N GLU G 395 20.08 -2.55 -11.79
CA GLU G 395 19.85 -3.77 -12.56
C GLU G 395 18.40 -4.25 -12.45
N ASP G 396 17.84 -4.15 -11.25
CA ASP G 396 16.46 -4.57 -10.98
C ASP G 396 15.48 -3.77 -11.84
N LYS G 397 15.79 -2.49 -12.04
CA LYS G 397 14.94 -1.61 -12.81
C LYS G 397 15.29 -1.62 -14.29
N LEU G 398 16.47 -2.14 -14.64
CA LEU G 398 16.86 -2.29 -16.04
C LEU G 398 16.09 -3.45 -16.66
N THR G 399 15.74 -4.43 -15.82
CA THR G 399 14.92 -5.55 -16.26
C THR G 399 13.46 -5.10 -16.39
N VAL G 400 13.03 -4.26 -15.43
CA VAL G 400 11.68 -3.70 -15.47
C VAL G 400 11.46 -2.96 -16.77
N ALA G 401 12.42 -2.14 -17.19
CA ALA G 401 12.31 -1.34 -18.41
C ALA G 401 12.34 -2.18 -19.68
N ARG G 402 13.19 -3.20 -19.72
CA ARG G 402 13.26 -4.08 -20.89
C ARG G 402 12.03 -4.97 -20.95
N ALA G 403 11.64 -5.49 -19.79
CA ALA G 403 10.48 -6.35 -19.70
C ALA G 403 9.27 -5.65 -20.30
N ARG G 404 9.05 -4.40 -19.91
CA ARG G 404 7.91 -3.64 -20.39
C ARG G 404 8.03 -3.30 -21.86
N LYS G 405 9.26 -3.13 -22.35
CA LYS G 405 9.50 -2.93 -23.77
C LYS G 405 9.16 -4.19 -24.54
N ILE G 406 9.68 -5.31 -24.06
CA ILE G 406 9.45 -6.61 -24.69
C ILE G 406 7.96 -6.93 -24.73
N GLN G 407 7.26 -6.69 -23.62
CA GLN G 407 5.81 -6.88 -23.57
C GLN G 407 5.12 -6.04 -24.65
N ARG G 408 5.58 -4.82 -24.84
CA ARG G 408 5.05 -3.94 -25.89
C ARG G 408 5.46 -4.36 -27.30
N PHE G 409 6.67 -4.89 -27.46
CA PHE G 409 7.15 -5.33 -28.77
C PHE G 409 6.45 -6.63 -29.20
N LEU G 410 5.77 -7.28 -28.27
CA LEU G 410 4.96 -8.46 -28.58
C LEU G 410 3.61 -8.07 -29.20
N SER G 411 3.12 -6.86 -28.93
CA SER G 411 1.88 -6.39 -29.56
C SER G 411 2.10 -6.19 -31.05
N GLN G 412 1.01 -6.16 -31.81
CA GLN G 412 1.11 -6.10 -33.25
C GLN G 412 -0.19 -5.65 -33.92
N PRO G 413 -0.09 -4.73 -34.89
CA PRO G 413 -1.24 -4.29 -35.66
C PRO G 413 -1.68 -5.37 -36.65
N PHE G 414 -2.87 -5.91 -36.41
CA PHE G 414 -3.44 -6.95 -37.26
C PHE G 414 -4.12 -6.30 -38.46
N ASP G 415 -3.97 -6.91 -39.63
CA ASP G 415 -4.61 -6.41 -40.86
C ASP G 415 -6.12 -6.54 -40.73
N VAL G 416 -6.57 -7.67 -40.19
CA VAL G 416 -7.99 -7.89 -39.87
C VAL G 416 -8.55 -6.89 -38.86
N ALA G 417 -7.67 -6.30 -38.05
CA ALA G 417 -8.07 -5.35 -37.01
C ALA G 417 -8.10 -3.87 -37.43
N LYS G 418 -7.82 -3.57 -38.70
CA LYS G 418 -7.82 -2.19 -39.18
C LYS G 418 -9.09 -1.43 -38.81
N VAL G 419 -10.24 -2.08 -38.89
CA VAL G 419 -11.51 -1.49 -38.46
C VAL G 419 -11.56 -1.06 -36.98
N PHE G 420 -10.58 -1.49 -36.18
CA PHE G 420 -10.51 -1.13 -34.76
C PHE G 420 -9.37 -0.13 -34.44
N THR G 421 -8.18 -0.37 -34.99
CA THR G 421 -6.99 0.43 -34.70
C THR G 421 -6.90 1.70 -35.53
N GLY G 422 -7.49 1.66 -36.73
CA GLY G 422 -7.30 2.72 -37.71
C GLY G 422 -5.89 2.71 -38.26
N SER G 423 -5.22 1.56 -38.18
CA SER G 423 -3.84 1.42 -38.66
C SER G 423 -3.67 0.19 -39.54
N ASP G 424 -2.74 0.27 -40.48
CA ASP G 424 -2.50 -0.83 -41.41
C ASP G 424 -1.84 -2.02 -40.71
N GLY G 425 -2.37 -3.20 -40.98
CA GLY G 425 -1.80 -4.43 -40.46
C GLY G 425 -0.33 -4.62 -40.80
N VAL G 426 0.36 -5.44 -40.01
CA VAL G 426 1.75 -5.81 -40.30
C VAL G 426 2.00 -7.31 -40.16
N GLN G 427 2.92 -7.81 -41.00
CA GLN G 427 3.36 -9.20 -40.97
C GLN G 427 4.88 -9.23 -40.84
N VAL G 428 5.38 -9.86 -39.77
CA VAL G 428 6.80 -9.90 -39.49
C VAL G 428 7.40 -11.29 -39.72
N PRO G 429 8.40 -11.39 -40.60
CA PRO G 429 9.04 -12.67 -40.88
C PRO G 429 9.77 -13.22 -39.65
N LEU G 430 9.89 -14.54 -39.59
CA LEU G 430 10.43 -15.23 -38.42
C LEU G 430 11.83 -14.75 -38.04
N GLU G 431 12.72 -14.73 -39.03
CA GLU G 431 14.11 -14.30 -38.82
C GLU G 431 14.18 -12.90 -38.19
N ASP G 432 13.32 -12.00 -38.68
CA ASP G 432 13.25 -10.63 -38.20
C ASP G 432 12.75 -10.59 -36.75
N THR G 433 11.80 -11.47 -36.41
CA THR G 433 11.31 -11.58 -35.03
C THR G 433 12.44 -11.97 -34.10
N ILE G 434 13.09 -13.08 -34.38
CA ILE G 434 14.15 -13.59 -33.51
C ILE G 434 15.22 -12.52 -33.30
N LYS G 435 15.70 -11.95 -34.40
CA LYS G 435 16.75 -10.91 -34.35
C LYS G 435 16.36 -9.77 -33.42
N SER G 436 15.20 -9.19 -33.72
CA SER G 436 14.66 -8.06 -32.99
C SER G 436 14.59 -8.29 -31.49
N PHE G 437 13.93 -9.37 -31.10
CA PHE G 437 13.75 -9.71 -29.70
C PHE G 437 15.10 -10.03 -29.04
N LYS G 438 16.02 -10.62 -29.79
CA LYS G 438 17.37 -10.90 -29.29
C LYS G 438 18.07 -9.63 -28.87
N ALA G 439 18.03 -8.63 -29.74
CA ALA G 439 18.67 -7.33 -29.48
C ALA G 439 18.13 -6.66 -28.21
N VAL G 440 16.81 -6.68 -28.00
CA VAL G 440 16.22 -6.02 -26.84
C VAL G 440 16.66 -6.74 -25.57
N VAL G 441 16.65 -8.08 -25.58
CA VAL G 441 17.08 -8.83 -24.40
C VAL G 441 18.58 -8.61 -24.13
N ALA G 442 19.36 -8.39 -25.18
CA ALA G 442 20.79 -8.07 -25.05
C ALA G 442 21.06 -6.65 -24.56
N GLY G 443 20.05 -5.76 -24.60
CA GLY G 443 20.19 -4.39 -24.12
C GLY G 443 20.47 -3.37 -25.21
N GLU G 444 20.56 -3.82 -26.46
CA GLU G 444 20.86 -2.93 -27.58
C GLU G 444 19.81 -1.85 -27.88
N TYR G 445 18.81 -1.68 -27.01
CA TYR G 445 17.81 -0.61 -27.19
C TYR G 445 17.35 0.04 -25.87
N ASP G 446 18.16 -0.08 -24.82
CA ASP G 446 17.83 0.48 -23.52
C ASP G 446 17.65 2.01 -23.53
N HIS G 447 18.04 2.66 -24.63
CA HIS G 447 17.93 4.10 -24.78
C HIS G 447 16.63 4.54 -25.48
N LEU G 448 15.95 3.61 -26.16
CA LEU G 448 14.69 3.92 -26.82
C LEU G 448 13.55 3.94 -25.80
N PRO G 449 12.51 4.75 -26.08
CA PRO G 449 11.36 4.84 -25.18
C PRO G 449 10.37 3.69 -25.40
N GLU G 450 9.67 3.32 -24.33
CA GLU G 450 8.62 2.27 -24.37
C GLU G 450 7.66 2.38 -25.54
N ALA G 451 7.07 3.56 -25.71
CA ALA G 451 6.10 3.81 -26.77
C ALA G 451 6.58 3.41 -28.18
N ALA G 452 7.90 3.48 -28.40
CA ALA G 452 8.47 3.10 -29.69
C ALA G 452 8.25 1.61 -29.99
N PHE G 453 8.15 0.80 -28.95
CA PHE G 453 7.96 -0.64 -29.07
C PHE G 453 6.49 -1.05 -29.26
N TYR G 454 5.56 -0.15 -28.95
CA TYR G 454 4.12 -0.49 -28.93
C TYR G 454 3.51 -0.48 -30.33
N MET G 455 2.74 -1.53 -30.64
CA MET G 455 2.00 -1.64 -31.91
C MET G 455 2.86 -1.31 -33.14
N VAL G 456 3.87 -2.14 -33.39
CA VAL G 456 4.71 -2.04 -34.59
C VAL G 456 5.00 -3.42 -35.17
N GLY G 457 5.73 -3.47 -36.27
CA GLY G 457 6.19 -4.72 -36.87
C GLY G 457 7.58 -5.11 -36.38
N GLY G 458 8.56 -5.04 -37.28
CA GLY G 458 9.95 -5.39 -36.96
C GLY G 458 10.63 -4.32 -36.14
N ILE G 459 11.82 -4.63 -35.61
CA ILE G 459 12.55 -3.69 -34.76
C ILE G 459 12.99 -2.41 -35.48
N GLU G 460 13.02 -2.43 -36.82
CA GLU G 460 13.28 -1.21 -37.58
C GLU G 460 12.21 -0.15 -37.32
N ASP G 461 10.95 -0.60 -37.29
CA ASP G 461 9.80 0.27 -37.03
C ASP G 461 9.89 0.91 -35.65
N VAL G 462 10.47 0.21 -34.68
CA VAL G 462 10.64 0.73 -33.32
C VAL G 462 11.59 1.93 -33.37
N LYS G 463 12.73 1.73 -34.04
CA LYS G 463 13.71 2.79 -34.24
C LYS G 463 13.10 3.96 -35.00
N ALA G 464 12.35 3.65 -36.06
CA ALA G 464 11.71 4.68 -36.88
C ALA G 464 10.60 5.41 -36.14
N LYS G 465 9.85 4.71 -35.30
CA LYS G 465 8.81 5.35 -34.50
C LYS G 465 9.46 6.31 -33.52
N ALA G 466 10.53 5.86 -32.86
CA ALA G 466 11.29 6.70 -31.93
C ALA G 466 11.77 7.98 -32.64
N GLN G 467 12.17 7.84 -33.89
CA GLN G 467 12.57 8.98 -34.73
C GLN G 467 11.38 9.88 -34.99
N ARG G 468 10.25 9.30 -35.36
CA ARG G 468 9.07 10.13 -35.63
C ARG G 468 8.48 10.68 -34.34
N LEU G 469 8.86 10.10 -33.19
CA LEU G 469 8.50 10.67 -31.88
C LEU G 469 9.39 11.83 -31.44
N ALA G 470 10.65 11.84 -31.87
CA ALA G 470 11.55 12.98 -31.61
C ALA G 470 10.85 14.30 -32.01
N ALA G 471 10.47 14.42 -33.28
CA ALA G 471 9.64 15.54 -33.77
C ALA G 471 8.15 15.15 -33.87
N GLU H 3 -26.77 -69.42 11.76
CA GLU H 3 -28.25 -69.58 11.86
C GLU H 3 -28.82 -70.23 10.59
N ALA H 4 -28.48 -69.67 9.43
CA ALA H 4 -28.96 -70.16 8.13
C ALA H 4 -27.98 -69.90 6.99
N ASN H 5 -28.29 -70.48 5.83
CA ASN H 5 -27.51 -70.30 4.60
C ASN H 5 -28.29 -69.51 3.54
N GLY H 6 -27.72 -68.40 3.08
CA GLY H 6 -28.34 -67.56 2.05
C GLY H 6 -27.65 -67.71 0.71
N LYS H 7 -28.11 -66.94 -0.29
CA LYS H 7 -27.46 -66.94 -1.62
C LYS H 7 -27.25 -65.52 -2.14
N ILE H 8 -26.20 -65.34 -2.96
CA ILE H 8 -25.86 -64.03 -3.53
C ILE H 8 -26.91 -63.67 -4.58
N THR H 9 -27.44 -62.44 -4.51
CA THR H 9 -28.37 -61.92 -5.53
C THR H 9 -27.76 -60.80 -6.36
N GLN H 10 -26.85 -60.02 -5.77
CA GLN H 10 -26.19 -58.92 -6.48
C GLN H 10 -24.76 -58.67 -6.01
N VAL H 11 -23.88 -58.34 -6.96
CA VAL H 11 -22.51 -57.93 -6.67
C VAL H 11 -22.19 -56.67 -7.47
N ILE H 12 -22.12 -55.54 -6.77
CA ILE H 12 -21.78 -54.25 -7.38
C ILE H 12 -20.63 -53.66 -6.58
N GLY H 13 -19.41 -53.92 -7.04
CA GLY H 13 -18.21 -53.46 -6.34
C GLY H 13 -18.10 -54.10 -4.97
N ALA H 14 -17.95 -53.26 -3.94
CA ALA H 14 -17.79 -53.74 -2.57
C ALA H 14 -19.14 -53.94 -1.86
N VAL H 15 -20.25 -53.82 -2.58
CA VAL H 15 -21.58 -54.01 -2.02
C VAL H 15 -22.18 -55.29 -2.57
N VAL H 16 -22.63 -56.17 -1.68
CA VAL H 16 -23.19 -57.47 -2.07
C VAL H 16 -24.55 -57.68 -1.40
N ASP H 17 -25.56 -58.05 -2.19
CA ASP H 17 -26.88 -58.36 -1.64
C ASP H 17 -27.03 -59.87 -1.46
N VAL H 18 -27.50 -60.28 -0.28
CA VAL H 18 -27.68 -61.69 0.03
C VAL H 18 -29.15 -61.95 0.42
N GLN H 19 -29.70 -63.07 -0.07
CA GLN H 19 -31.07 -63.46 0.25
C GLN H 19 -31.08 -64.74 1.09
N PHE H 20 -31.91 -64.77 2.12
CA PHE H 20 -32.02 -65.92 3.02
C PHE H 20 -33.44 -66.48 3.04
N ASP H 21 -33.53 -67.81 2.93
CA ASP H 21 -34.80 -68.53 3.05
C ASP H 21 -35.26 -68.65 4.50
N GLY H 22 -34.31 -68.64 5.44
CA GLY H 22 -34.60 -68.76 6.87
C GLY H 22 -34.72 -67.42 7.57
N GLN H 23 -34.30 -67.38 8.84
CA GLN H 23 -34.33 -66.13 9.61
C GLN H 23 -33.12 -65.26 9.25
N LEU H 24 -33.39 -63.99 8.94
CA LEU H 24 -32.36 -63.08 8.46
C LEU H 24 -31.38 -62.65 9.54
N PRO H 25 -30.10 -62.50 9.17
CA PRO H 25 -29.06 -62.00 10.07
C PRO H 25 -29.26 -60.52 10.37
N ALA H 26 -29.18 -60.16 11.64
CA ALA H 26 -29.32 -58.76 12.05
C ALA H 26 -28.23 -57.87 11.43
N ILE H 27 -28.52 -56.59 11.30
CA ILE H 27 -27.55 -55.64 10.75
C ILE H 27 -26.30 -55.69 11.63
N LEU H 28 -25.15 -55.55 10.98
CA LEU H 28 -23.82 -55.69 11.61
C LEU H 28 -23.33 -57.13 11.80
N ASN H 29 -24.13 -58.13 11.45
CA ASN H 29 -23.66 -59.52 11.52
C ASN H 29 -22.65 -59.83 10.43
N ALA H 30 -21.73 -60.74 10.73
CA ALA H 30 -20.70 -61.17 9.79
C ALA H 30 -21.19 -62.38 8.99
N LEU H 31 -21.07 -62.31 7.67
CA LEU H 31 -21.46 -63.42 6.81
C LEU H 31 -20.22 -64.03 6.16
N GLU H 32 -20.24 -65.36 5.99
CA GLU H 32 -19.13 -66.09 5.39
C GLU H 32 -19.54 -66.60 4.01
N THR H 33 -18.98 -66.00 2.96
CA THR H 33 -19.23 -66.46 1.59
C THR H 33 -18.46 -67.75 1.35
N GLU H 34 -19.14 -68.79 0.88
CA GLU H 34 -18.53 -70.10 0.72
C GLU H 34 -18.07 -70.34 -0.72
N ASN H 35 -17.14 -71.28 -0.88
CA ASN H 35 -16.60 -71.69 -2.19
C ASN H 35 -15.75 -70.62 -2.89
N ASN H 36 -14.81 -70.05 -2.14
CA ASN H 36 -13.81 -69.11 -2.67
C ASN H 36 -12.40 -69.50 -2.24
N GLY H 37 -11.42 -69.02 -3.00
CA GLY H 37 -10.01 -69.25 -2.70
C GLY H 37 -9.64 -68.77 -1.30
N LYS H 38 -10.04 -67.54 -0.99
CA LYS H 38 -9.79 -66.93 0.31
C LYS H 38 -11.10 -66.75 1.08
N ARG H 39 -10.99 -66.64 2.39
CA ARG H 39 -12.13 -66.36 3.26
C ARG H 39 -12.66 -64.96 2.99
N LEU H 40 -13.92 -64.86 2.55
CA LEU H 40 -14.54 -63.58 2.25
C LEU H 40 -15.64 -63.30 3.26
N VAL H 41 -15.54 -62.17 3.95
CA VAL H 41 -16.51 -61.77 4.97
C VAL H 41 -17.38 -60.62 4.45
N LEU H 42 -18.64 -60.63 4.85
CA LEU H 42 -19.59 -59.58 4.49
C LEU H 42 -20.29 -59.07 5.74
N GLU H 43 -20.17 -57.77 6.01
CA GLU H 43 -20.86 -57.17 7.14
C GLU H 43 -22.24 -56.67 6.66
N VAL H 44 -23.30 -57.08 7.34
CA VAL H 44 -24.65 -56.67 6.96
C VAL H 44 -24.80 -55.16 7.21
N ALA H 45 -25.38 -54.46 6.24
CA ALA H 45 -25.59 -53.01 6.34
C ALA H 45 -27.07 -52.65 6.46
N GLN H 46 -27.92 -53.25 5.63
CA GLN H 46 -29.35 -52.95 5.60
C GLN H 46 -30.20 -54.21 5.38
N HIS H 47 -31.47 -54.11 5.75
CA HIS H 47 -32.46 -55.11 5.38
C HIS H 47 -33.36 -54.47 4.34
N LEU H 48 -33.23 -54.94 3.11
CA LEU H 48 -33.92 -54.36 1.96
C LEU H 48 -35.40 -54.76 1.86
N GLY H 49 -35.77 -55.86 2.52
CA GLY H 49 -37.11 -56.44 2.34
C GLY H 49 -37.01 -57.58 1.35
N GLU H 50 -38.10 -58.32 1.18
CA GLU H 50 -38.12 -59.55 0.37
C GLU H 50 -37.06 -60.55 0.86
N ASN H 51 -36.87 -60.59 2.18
CA ASN H 51 -35.87 -61.42 2.84
C ASN H 51 -34.44 -61.30 2.29
N THR H 52 -34.08 -60.10 1.83
CA THR H 52 -32.76 -59.83 1.26
C THR H 52 -32.04 -58.75 2.06
N VAL H 53 -30.76 -58.97 2.34
CA VAL H 53 -29.92 -58.00 3.06
C VAL H 53 -28.88 -57.40 2.12
N ARG H 54 -28.39 -56.22 2.46
CA ARG H 54 -27.31 -55.55 1.74
C ARG H 54 -26.09 -55.51 2.64
N THR H 55 -24.97 -56.02 2.14
CA THR H 55 -23.75 -56.13 2.94
C THR H 55 -22.61 -55.32 2.34
N ILE H 56 -21.61 -55.04 3.16
CA ILE H 56 -20.37 -54.45 2.64
C ILE H 56 -19.23 -55.44 2.81
N ALA H 57 -18.40 -55.54 1.78
CA ALA H 57 -17.39 -56.59 1.67
C ALA H 57 -16.07 -56.20 2.32
N MET H 58 -15.47 -57.14 3.04
CA MET H 58 -14.19 -56.90 3.72
C MET H 58 -12.98 -57.32 2.87
N ASP H 59 -13.21 -57.87 1.68
CA ASP H 59 -12.14 -58.12 0.71
C ASP H 59 -12.70 -57.97 -0.71
N ALA H 60 -11.87 -58.18 -1.72
CA ALA H 60 -12.29 -57.96 -3.11
C ALA H 60 -13.41 -58.92 -3.53
N THR H 61 -14.25 -58.48 -4.45
CA THR H 61 -15.45 -59.23 -4.85
C THR H 61 -15.39 -59.79 -6.27
N GLU H 62 -14.33 -59.52 -7.02
CA GLU H 62 -14.14 -60.19 -8.32
C GLU H 62 -14.27 -61.70 -8.14
N GLY H 63 -14.90 -62.36 -9.12
CA GLY H 63 -15.07 -63.82 -9.08
C GLY H 63 -16.36 -64.31 -8.45
N LEU H 64 -17.05 -63.48 -7.66
CA LEU H 64 -18.32 -63.89 -7.08
C LEU H 64 -19.37 -64.10 -8.15
N VAL H 65 -20.25 -65.07 -7.91
CA VAL H 65 -21.31 -65.44 -8.83
C VAL H 65 -22.66 -65.33 -8.12
N ARG H 66 -23.69 -64.91 -8.85
CA ARG H 66 -25.04 -64.89 -8.33
C ARG H 66 -25.49 -66.34 -8.12
N GLY H 67 -25.98 -66.64 -6.92
CA GLY H 67 -26.32 -68.00 -6.53
C GLY H 67 -25.41 -68.54 -5.45
N LEU H 68 -24.16 -68.05 -5.39
CA LEU H 68 -23.19 -68.55 -4.41
C LEU H 68 -23.71 -68.55 -2.97
N PRO H 69 -23.43 -69.64 -2.23
CA PRO H 69 -23.91 -69.77 -0.85
C PRO H 69 -23.13 -68.93 0.18
N VAL H 70 -23.88 -68.40 1.14
CA VAL H 70 -23.34 -67.54 2.21
C VAL H 70 -23.87 -68.01 3.56
N LYS H 71 -22.99 -68.12 4.55
CA LYS H 71 -23.36 -68.56 5.90
C LYS H 71 -23.38 -67.37 6.88
N ASP H 72 -24.42 -67.32 7.71
CA ASP H 72 -24.52 -66.35 8.78
C ASP H 72 -23.74 -66.88 9.98
N THR H 73 -22.70 -66.17 10.41
CA THR H 73 -21.94 -66.56 11.60
C THR H 73 -22.75 -66.44 12.89
N GLY H 74 -23.82 -65.65 12.85
CA GLY H 74 -24.70 -65.46 14.01
C GLY H 74 -24.34 -64.26 14.87
N GLY H 75 -23.28 -63.52 14.47
CA GLY H 75 -22.86 -62.33 15.19
C GLY H 75 -21.99 -61.42 14.34
N PRO H 76 -21.67 -60.23 14.85
CA PRO H 76 -20.73 -59.35 14.16
C PRO H 76 -19.35 -59.99 14.04
N ILE H 77 -18.45 -59.30 13.33
CA ILE H 77 -17.11 -59.81 13.09
C ILE H 77 -16.41 -60.08 14.42
N MET H 78 -15.85 -61.28 14.55
CA MET H 78 -15.15 -61.70 15.77
C MET H 78 -13.67 -61.94 15.46
N VAL H 79 -12.81 -61.40 16.32
CA VAL H 79 -11.36 -61.51 16.16
C VAL H 79 -10.77 -62.05 17.46
N PRO H 80 -9.62 -62.75 17.36
CA PRO H 80 -8.99 -63.31 18.55
C PRO H 80 -8.52 -62.22 19.49
N VAL H 81 -8.71 -62.41 20.78
CA VAL H 81 -8.18 -61.48 21.78
C VAL H 81 -7.42 -62.26 22.84
N GLY H 82 -6.47 -61.59 23.49
CA GLY H 82 -5.61 -62.19 24.51
C GLY H 82 -4.16 -61.88 24.24
N ASP H 83 -3.29 -62.32 25.15
CA ASP H 83 -1.84 -62.11 25.03
C ASP H 83 -1.21 -62.75 23.80
N ALA H 84 -1.87 -63.74 23.20
CA ALA H 84 -1.41 -64.36 21.95
C ALA H 84 -1.42 -63.41 20.74
N THR H 85 -2.06 -62.26 20.88
CA THR H 85 -2.08 -61.25 19.81
C THR H 85 -0.85 -60.35 19.81
N LEU H 86 -0.18 -60.25 20.96
CA LEU H 86 0.99 -59.40 21.11
C LEU H 86 2.15 -59.91 20.24
N GLY H 87 2.75 -59.01 19.47
CA GLY H 87 3.82 -59.35 18.53
C GLY H 87 3.32 -59.83 17.17
N ARG H 88 2.02 -60.12 17.08
CA ARG H 88 1.42 -60.62 15.84
C ARG H 88 0.79 -59.48 15.05
N ILE H 89 0.60 -59.70 13.75
CA ILE H 89 -0.07 -58.73 12.88
C ILE H 89 -1.39 -59.34 12.41
N LEU H 90 -2.46 -58.57 12.57
CA LEU H 90 -3.83 -58.99 12.29
C LEU H 90 -4.50 -58.06 11.29
N ASN H 91 -5.66 -58.48 10.80
CA ASN H 91 -6.47 -57.72 9.85
C ASN H 91 -7.83 -57.44 10.50
N VAL H 92 -8.72 -56.78 9.76
CA VAL H 92 -10.11 -56.57 10.21
C VAL H 92 -10.82 -57.79 10.79
N VAL H 93 -10.74 -58.91 10.08
CA VAL H 93 -11.45 -60.13 10.49
C VAL H 93 -10.56 -61.10 11.28
N GLY H 94 -9.40 -60.64 11.73
CA GLY H 94 -8.60 -61.40 12.68
C GLY H 94 -7.67 -62.46 12.13
N GLU H 95 -7.69 -62.68 10.82
CA GLU H 95 -6.68 -63.54 10.20
C GLU H 95 -5.28 -62.91 10.39
N PRO H 96 -4.27 -63.76 10.59
CA PRO H 96 -2.89 -63.29 10.68
C PRO H 96 -2.40 -62.84 9.31
N VAL H 97 -1.71 -61.71 9.26
CA VAL H 97 -1.11 -61.22 8.02
C VAL H 97 0.41 -61.10 8.15
N ASP H 98 0.98 -61.82 9.12
CA ASP H 98 2.43 -61.88 9.32
C ASP H 98 3.02 -63.21 8.87
N GLU H 99 2.19 -64.09 8.30
CA GLU H 99 2.60 -65.41 7.84
C GLU H 99 3.23 -66.29 8.93
N GLY H 100 2.87 -66.03 10.20
CA GLY H 100 3.43 -66.74 11.33
C GLY H 100 2.52 -67.83 11.87
N GLY H 101 1.51 -68.22 11.09
CA GLY H 101 0.59 -69.28 11.47
C GLY H 101 -0.60 -68.78 12.25
N PRO H 102 -1.48 -69.71 12.68
CA PRO H 102 -2.70 -69.39 13.41
C PRO H 102 -2.47 -68.59 14.69
N VAL H 103 -3.47 -67.77 15.04
CA VAL H 103 -3.44 -66.98 16.27
C VAL H 103 -4.26 -67.73 17.32
N GLU H 104 -3.62 -68.73 17.93
CA GLU H 104 -4.31 -69.71 18.78
C GLU H 104 -4.65 -69.14 20.17
N ALA H 105 -5.63 -68.24 20.20
CA ALA H 105 -6.16 -67.70 21.44
C ALA H 105 -7.32 -68.56 21.92
N THR H 106 -7.65 -68.45 23.21
CA THR H 106 -8.74 -69.21 23.82
C THR H 106 -10.10 -68.59 23.50
N GLN H 107 -10.11 -67.26 23.32
CA GLN H 107 -11.34 -66.55 23.04
C GLN H 107 -11.24 -65.55 21.90
N THR H 108 -12.42 -65.25 21.35
CA THR H 108 -12.62 -64.25 20.32
C THR H 108 -13.66 -63.26 20.84
N ARG H 109 -13.66 -62.04 20.29
CA ARG H 109 -14.62 -61.02 20.68
C ARG H 109 -15.11 -60.22 19.48
N ALA H 110 -16.35 -59.75 19.57
CA ALA H 110 -17.01 -59.01 18.49
C ALA H 110 -16.41 -57.61 18.41
N ILE H 111 -16.16 -57.13 17.18
CA ILE H 111 -15.54 -55.80 17.02
C ILE H 111 -16.55 -54.67 17.24
N HIS H 112 -17.85 -54.96 17.15
CA HIS H 112 -18.89 -53.98 17.48
C HIS H 112 -19.33 -54.19 18.93
N GLN H 113 -19.37 -53.11 19.71
CA GLN H 113 -19.72 -53.18 21.14
C GLN H 113 -20.17 -51.81 21.64
N GLN H 114 -21.04 -51.79 22.64
CA GLN H 114 -21.52 -50.53 23.22
C GLN H 114 -20.44 -49.89 24.08
N ALA H 115 -20.38 -48.56 24.06
CA ALA H 115 -19.43 -47.82 24.88
C ALA H 115 -19.83 -47.96 26.35
N PRO H 116 -18.85 -47.85 27.26
CA PRO H 116 -19.06 -48.03 28.69
C PRO H 116 -20.30 -47.32 29.23
N ASP H 117 -21.00 -48.01 30.13
CA ASP H 117 -22.22 -47.51 30.80
C ASP H 117 -21.94 -46.25 31.64
N PHE H 118 -22.95 -45.42 31.82
CA PHE H 118 -22.80 -44.15 32.56
C PHE H 118 -22.20 -44.37 33.94
N ALA H 119 -22.79 -45.29 34.71
CA ALA H 119 -22.31 -45.63 36.05
C ALA H 119 -20.89 -46.23 36.04
N ALA H 120 -20.53 -46.89 34.94
CA ALA H 120 -19.19 -47.46 34.79
C ALA H 120 -18.12 -46.42 34.49
N GLN H 121 -18.53 -45.21 34.10
CA GLN H 121 -17.58 -44.12 33.82
C GLN H 121 -16.80 -43.71 35.06
N ALA H 122 -15.63 -43.13 34.83
CA ALA H 122 -14.73 -42.68 35.90
C ALA H 122 -14.95 -41.21 36.17
N THR H 123 -15.37 -40.89 37.40
CA THR H 123 -15.60 -39.51 37.80
C THR H 123 -14.30 -38.73 37.98
N ALA H 124 -13.16 -39.42 37.85
CA ALA H 124 -11.85 -38.79 38.01
C ALA H 124 -11.24 -38.31 36.69
N SER H 125 -10.34 -37.33 36.80
CA SER H 125 -9.47 -36.91 35.71
C SER H 125 -8.02 -37.10 36.15
N GLU H 126 -7.38 -38.16 35.64
CA GLU H 126 -6.04 -38.53 36.07
C GLU H 126 -5.04 -38.39 34.92
N ILE H 127 -3.83 -37.94 35.23
CA ILE H 127 -2.73 -37.97 34.27
C ILE H 127 -2.23 -39.39 34.04
N LEU H 128 -1.98 -39.73 32.78
CA LEU H 128 -1.27 -40.96 32.44
C LEU H 128 0.19 -40.58 32.28
N VAL H 129 0.95 -40.71 33.35
CA VAL H 129 2.39 -40.38 33.31
C VAL H 129 3.06 -41.20 32.20
N THR H 130 3.91 -40.54 31.41
CA THR H 130 4.59 -41.18 30.30
C THR H 130 6.09 -41.35 30.52
N GLY H 131 6.64 -40.67 31.51
CA GLY H 131 8.08 -40.66 31.72
C GLY H 131 8.80 -39.74 30.74
N ILE H 132 8.05 -39.13 29.82
CA ILE H 132 8.57 -38.23 28.80
C ILE H 132 8.39 -36.81 29.32
N LYS H 133 9.51 -36.13 29.57
CA LYS H 133 9.50 -34.82 30.22
C LYS H 133 8.66 -33.75 29.53
N VAL H 134 8.91 -33.50 28.25
CA VAL H 134 8.14 -32.50 27.50
C VAL H 134 6.63 -32.69 27.69
N ILE H 135 6.19 -33.94 27.53
CA ILE H 135 4.77 -34.28 27.61
C ILE H 135 4.25 -34.10 29.04
N ASP H 136 4.77 -34.88 29.98
CA ASP H 136 4.28 -34.88 31.36
C ASP H 136 4.19 -33.46 31.96
N LEU H 137 5.26 -32.68 31.82
CA LEU H 137 5.29 -31.30 32.33
C LEU H 137 4.30 -30.38 31.62
N LEU H 138 4.51 -30.18 30.32
CA LEU H 138 3.82 -29.13 29.56
C LEU H 138 2.46 -29.48 28.94
N ALA H 139 2.27 -30.70 28.47
CA ALA H 139 1.01 -31.07 27.81
C ALA H 139 0.66 -32.52 28.13
N PRO H 140 0.40 -32.80 29.42
CA PRO H 140 0.23 -34.17 29.93
C PRO H 140 -0.93 -34.94 29.33
N TYR H 141 -0.69 -36.23 29.13
CA TYR H 141 -1.70 -37.15 28.61
C TYR H 141 -2.69 -37.48 29.73
N SER H 142 -3.97 -37.52 29.37
CA SER H 142 -5.06 -37.82 30.31
C SER H 142 -5.45 -39.29 30.15
N LYS H 143 -5.61 -39.98 31.27
CA LYS H 143 -5.91 -41.42 31.25
C LYS H 143 -7.34 -41.57 30.72
N GLY H 144 -7.50 -42.35 29.66
CA GLY H 144 -8.78 -42.50 28.99
C GLY H 144 -9.06 -41.42 27.95
N GLY H 145 -8.13 -40.51 27.72
CA GLY H 145 -8.32 -39.40 26.78
C GLY H 145 -7.81 -39.68 25.37
N LYS H 146 -7.97 -38.72 24.47
CA LYS H 146 -7.39 -38.85 23.12
C LYS H 146 -6.32 -37.77 22.90
N ILE H 147 -5.19 -38.16 22.31
CA ILE H 147 -4.14 -37.22 21.95
C ILE H 147 -3.98 -37.18 20.44
N GLY H 148 -3.99 -35.98 19.87
CA GLY H 148 -3.80 -35.76 18.44
C GLY H 148 -2.34 -35.53 18.11
N LEU H 149 -1.73 -36.46 17.37
CA LEU H 149 -0.31 -36.41 17.04
C LEU H 149 -0.12 -35.80 15.65
N PHE H 150 0.40 -34.58 15.64
CA PHE H 150 0.61 -33.82 14.40
C PHE H 150 2.08 -33.87 13.99
N GLY H 151 2.34 -33.74 12.70
CA GLY H 151 3.70 -33.83 12.16
C GLY H 151 3.94 -35.20 11.55
N GLY H 152 4.14 -35.24 10.24
CA GLY H 152 4.30 -36.51 9.52
C GLY H 152 5.65 -37.17 9.74
N ALA H 153 6.26 -37.65 8.67
CA ALA H 153 7.53 -38.36 8.75
C ALA H 153 8.72 -37.42 8.92
N GLY H 154 9.83 -37.97 9.38
CA GLY H 154 11.07 -37.22 9.57
C GLY H 154 11.16 -36.43 10.85
N VAL H 155 10.11 -36.46 11.69
CA VAL H 155 10.13 -35.76 12.97
C VAL H 155 10.06 -36.75 14.14
N GLY H 156 10.48 -37.99 13.91
CA GLY H 156 10.55 -39.01 14.95
C GLY H 156 9.19 -39.49 15.46
N LYS H 157 8.20 -39.61 14.58
CA LYS H 157 6.89 -40.12 14.98
C LYS H 157 6.99 -41.57 15.45
N THR H 158 7.49 -42.43 14.56
CA THR H 158 7.59 -43.87 14.84
C THR H 158 8.34 -44.16 16.15
N VAL H 159 9.38 -43.39 16.44
CA VAL H 159 10.18 -43.57 17.65
C VAL H 159 9.40 -43.15 18.90
N LEU H 160 8.60 -42.09 18.77
CA LEU H 160 7.75 -41.63 19.86
C LEU H 160 6.69 -42.67 20.19
N ILE H 161 6.11 -43.26 19.14
CA ILE H 161 5.10 -44.31 19.30
C ILE H 161 5.72 -45.50 20.05
N MET H 162 6.86 -45.98 19.56
CA MET H 162 7.55 -47.13 20.17
C MET H 162 7.92 -46.90 21.63
N GLU H 163 8.42 -45.71 21.94
CA GLU H 163 8.83 -45.39 23.31
C GLU H 163 7.64 -45.24 24.24
N LEU H 164 6.54 -44.68 23.75
CA LEU H 164 5.31 -44.60 24.55
C LEU H 164 4.85 -46.02 24.90
N ILE H 165 4.96 -46.92 23.94
CA ILE H 165 4.67 -48.33 24.16
C ILE H 165 5.54 -48.82 25.33
N ASN H 166 6.85 -48.86 25.08
CA ASN H 166 7.84 -49.26 26.07
C ASN H 166 7.52 -48.67 27.46
N ASN H 167 7.41 -47.35 27.52
CA ASN H 167 7.18 -46.65 28.78
C ASN H 167 5.91 -47.02 29.52
N ILE H 168 4.79 -47.17 28.79
CA ILE H 168 3.53 -47.55 29.42
C ILE H 168 3.66 -48.94 30.04
N ALA H 169 4.40 -49.83 29.36
CA ALA H 169 4.65 -51.18 29.88
C ALA H 169 5.47 -51.14 31.17
N LYS H 170 6.51 -50.30 31.21
CA LYS H 170 7.33 -50.13 32.42
C LYS H 170 6.51 -49.58 33.60
N VAL H 171 6.01 -48.36 33.41
CA VAL H 171 5.37 -47.60 34.49
C VAL H 171 3.88 -47.89 34.73
N HIS H 172 3.26 -48.76 33.94
CA HIS H 172 1.85 -49.14 34.19
C HIS H 172 1.49 -50.61 34.01
N SER H 173 2.43 -51.43 33.54
CA SER H 173 2.17 -52.83 33.17
C SER H 173 1.11 -53.00 32.08
N GLY H 174 0.79 -51.91 31.37
CA GLY H 174 -0.24 -51.93 30.34
C GLY H 174 0.38 -52.17 28.97
N TYR H 175 -0.35 -52.86 28.10
CA TYR H 175 0.11 -53.15 26.74
C TYR H 175 -0.35 -52.07 25.76
N SER H 176 0.02 -52.26 24.50
CA SER H 176 -0.37 -51.34 23.44
C SER H 176 -0.97 -52.06 22.22
N VAL H 177 -1.67 -51.28 21.41
CA VAL H 177 -2.26 -51.78 20.17
C VAL H 177 -2.13 -50.72 19.08
N PHE H 178 -1.49 -51.07 17.97
CA PHE H 178 -1.40 -50.16 16.83
C PHE H 178 -2.45 -50.52 15.79
N ALA H 179 -3.32 -49.57 15.52
CA ALA H 179 -4.22 -49.64 14.38
C ALA H 179 -3.69 -48.75 13.26
N GLY H 180 -3.07 -49.38 12.26
CA GLY H 180 -2.72 -48.71 11.01
C GLY H 180 -3.89 -48.67 10.03
N VAL H 181 -4.66 -47.59 10.07
CA VAL H 181 -5.81 -47.39 9.19
C VAL H 181 -5.32 -46.82 7.86
N GLY H 182 -5.32 -47.64 6.82
CA GLY H 182 -4.79 -47.24 5.52
C GLY H 182 -3.28 -47.31 5.50
N GLU H 183 -2.72 -48.36 6.09
CA GLU H 183 -1.27 -48.57 6.05
C GLU H 183 -0.75 -48.76 4.65
N ARG H 184 0.32 -48.05 4.32
CA ARG H 184 1.07 -48.30 3.10
C ARG H 184 1.89 -49.56 3.38
N THR H 185 1.71 -50.59 2.56
CA THR H 185 2.38 -51.88 2.78
C THR H 185 3.88 -51.70 3.04
N ARG H 186 4.55 -50.88 2.24
CA ARG H 186 5.98 -50.57 2.44
C ARG H 186 6.25 -50.15 3.88
N GLU H 187 5.47 -49.17 4.36
CA GLU H 187 5.65 -48.64 5.72
C GLU H 187 5.19 -49.62 6.81
N GLY H 188 4.28 -50.54 6.48
CA GLY H 188 3.86 -51.57 7.41
C GLY H 188 4.97 -52.58 7.66
N ASN H 189 5.67 -52.94 6.59
CA ASN H 189 6.84 -53.81 6.66
C ASN H 189 7.93 -53.18 7.52
N ASP H 190 8.19 -51.89 7.28
CA ASP H 190 9.24 -51.17 8.01
C ASP H 190 8.88 -50.95 9.48
N LEU H 191 7.62 -50.60 9.77
CA LEU H 191 7.19 -50.42 11.16
C LEU H 191 7.38 -51.72 11.93
N TYR H 192 7.01 -52.83 11.28
CA TYR H 192 7.16 -54.16 11.88
C TYR H 192 8.60 -54.46 12.26
N HIS H 193 9.54 -54.21 11.36
CA HIS H 193 10.95 -54.49 11.63
C HIS H 193 11.59 -53.49 12.58
N GLU H 194 11.11 -52.25 12.59
CA GLU H 194 11.61 -51.24 13.55
C GLU H 194 11.19 -51.58 14.98
N MET H 195 10.02 -52.22 15.14
CA MET H 195 9.54 -52.61 16.47
C MET H 195 10.30 -53.84 16.98
N VAL H 196 10.60 -54.76 16.06
CA VAL H 196 11.43 -55.93 16.39
C VAL H 196 12.85 -55.47 16.77
N GLU H 197 13.41 -54.55 16.00
CA GLU H 197 14.72 -53.95 16.26
C GLU H 197 14.75 -53.21 17.60
N SER H 198 13.64 -52.55 17.95
CA SER H 198 13.56 -51.77 19.19
C SER H 198 13.18 -52.62 20.40
N GLY H 199 12.72 -53.85 20.17
CA GLY H 199 12.39 -54.77 21.25
C GLY H 199 10.93 -54.79 21.68
N VAL H 200 10.18 -53.73 21.43
CA VAL H 200 8.75 -53.72 21.75
C VAL H 200 8.02 -54.91 21.13
N ILE H 201 8.61 -55.51 20.09
CA ILE H 201 8.17 -56.81 19.59
C ILE H 201 9.31 -57.81 19.74
N LYS H 202 8.96 -59.03 20.16
CA LYS H 202 9.91 -60.14 20.22
C LYS H 202 9.31 -61.33 19.46
N PRO H 203 9.98 -61.78 18.38
CA PRO H 203 9.44 -62.85 17.54
C PRO H 203 9.60 -64.25 18.11
N ASP H 204 10.34 -64.39 19.21
CA ASP H 204 10.46 -65.66 19.95
C ASP H 204 9.39 -65.76 21.06
N ASP H 205 9.49 -64.90 22.06
CA ASP H 205 8.58 -64.93 23.18
C ASP H 205 7.44 -63.97 22.85
N LEU H 206 6.32 -64.53 22.42
CA LEU H 206 5.17 -63.74 21.99
C LEU H 206 4.45 -63.08 23.17
N SER H 207 4.63 -63.63 24.37
CA SER H 207 4.11 -62.99 25.58
C SER H 207 4.99 -61.81 26.01
N LYS H 208 6.28 -61.84 25.67
CA LYS H 208 7.18 -60.68 25.92
C LYS H 208 6.88 -59.46 25.04
N SER H 209 6.31 -59.69 23.85
CA SER H 209 5.89 -58.58 22.99
C SER H 209 4.91 -57.66 23.73
N GLN H 210 5.07 -56.36 23.52
CA GLN H 210 4.26 -55.33 24.17
C GLN H 210 3.14 -54.76 23.29
N VAL H 211 3.16 -55.03 21.98
CA VAL H 211 2.16 -54.46 21.06
C VAL H 211 1.51 -55.46 20.13
N ALA H 212 0.19 -55.30 19.97
CA ALA H 212 -0.56 -56.01 18.93
C ALA H 212 -0.75 -55.06 17.76
N LEU H 213 -0.44 -55.53 16.56
CA LEU H 213 -0.61 -54.74 15.33
C LEU H 213 -1.84 -55.20 14.58
N VAL H 214 -2.61 -54.23 14.08
CA VAL H 214 -3.75 -54.48 13.21
C VAL H 214 -3.62 -53.55 12.01
N TYR H 215 -3.59 -54.13 10.81
CA TYR H 215 -3.51 -53.35 9.59
C TYR H 215 -4.77 -53.43 8.74
N GLY H 216 -5.15 -52.26 8.22
CA GLY H 216 -6.09 -52.12 7.13
C GLY H 216 -5.29 -51.47 6.03
N GLN H 217 -4.65 -52.28 5.18
CA GLN H 217 -3.82 -51.75 4.09
C GLN H 217 -4.62 -50.92 3.09
N MET H 218 -3.95 -49.96 2.44
CA MET H 218 -4.61 -49.01 1.54
C MET H 218 -5.29 -49.71 0.35
N ASN H 219 -4.69 -50.80 -0.12
CA ASN H 219 -5.29 -51.66 -1.15
C ASN H 219 -6.47 -52.57 -0.77
N GLU H 220 -6.96 -52.48 0.46
CA GLU H 220 -8.17 -53.19 0.87
C GLU H 220 -9.37 -52.29 0.58
N PRO H 221 -10.56 -52.87 0.40
CA PRO H 221 -11.74 -52.08 0.11
C PRO H 221 -12.16 -51.21 1.29
N PRO H 222 -13.01 -50.19 1.04
CA PRO H 222 -13.40 -49.21 2.05
C PRO H 222 -13.94 -49.79 3.35
N GLY H 223 -14.73 -50.86 3.27
CA GLY H 223 -15.35 -51.50 4.45
C GLY H 223 -14.32 -51.93 5.48
N ALA H 224 -13.27 -52.61 5.01
CA ALA H 224 -12.19 -53.04 5.88
C ALA H 224 -11.46 -51.85 6.51
N ARG H 225 -11.08 -50.88 5.69
CA ARG H 225 -10.44 -49.67 6.20
C ARG H 225 -11.33 -48.94 7.20
N MET H 226 -12.64 -49.06 7.05
CA MET H 226 -13.59 -48.44 7.99
C MET H 226 -13.64 -49.17 9.34
N ARG H 227 -13.55 -50.49 9.32
CA ARG H 227 -13.69 -51.29 10.54
C ARG H 227 -12.39 -51.61 11.30
N VAL H 228 -11.22 -51.45 10.68
CA VAL H 228 -9.95 -51.83 11.37
C VAL H 228 -9.75 -51.17 12.74
N ALA H 229 -10.10 -49.90 12.87
CA ALA H 229 -9.96 -49.21 14.16
C ALA H 229 -10.77 -49.94 15.23
N LEU H 230 -11.96 -50.43 14.87
CA LEU H 230 -12.77 -51.20 15.81
C LEU H 230 -12.03 -52.46 16.22
N THR H 231 -11.49 -53.16 15.22
CA THR H 231 -10.72 -54.39 15.46
C THR H 231 -9.65 -54.14 16.51
N GLY H 232 -8.77 -53.18 16.23
CA GLY H 232 -7.72 -52.81 17.16
C GLY H 232 -8.28 -52.32 18.48
N LEU H 233 -9.43 -51.67 18.45
CA LEU H 233 -10.05 -51.18 19.68
C LEU H 233 -10.52 -52.35 20.55
N THR H 234 -11.06 -53.36 19.90
CA THR H 234 -11.56 -54.56 20.57
C THR H 234 -10.43 -55.35 21.25
N VAL H 235 -9.29 -55.47 20.56
CA VAL H 235 -8.13 -56.15 21.14
C VAL H 235 -7.71 -55.44 22.43
N ALA H 236 -7.72 -54.10 22.41
CA ALA H 236 -7.30 -53.30 23.57
C ALA H 236 -8.30 -53.35 24.72
N GLU H 237 -9.59 -53.45 24.39
CA GLU H 237 -10.63 -53.58 25.42
C GLU H 237 -10.39 -54.84 26.25
N GLN H 238 -9.84 -55.87 25.63
CA GLN H 238 -9.50 -57.10 26.35
C GLN H 238 -8.55 -56.82 27.53
N PHE H 239 -7.53 -56.02 27.29
CA PHE H 239 -6.52 -55.76 28.32
C PHE H 239 -7.05 -54.85 29.45
N ARG H 240 -7.97 -53.95 29.11
CA ARG H 240 -8.60 -53.08 30.12
C ARG H 240 -9.58 -53.84 31.00
N ASP H 241 -10.49 -54.58 30.37
CA ASP H 241 -11.59 -55.24 31.07
C ASP H 241 -11.21 -56.56 31.74
N ALA H 242 -10.36 -57.36 31.09
CA ALA H 242 -9.99 -58.70 31.58
C ALA H 242 -8.77 -58.68 32.51
N THR H 243 -7.83 -57.77 32.26
CA THR H 243 -6.59 -57.69 33.08
C THR H 243 -6.43 -56.36 33.81
N GLY H 244 -7.49 -55.55 33.84
CA GLY H 244 -7.49 -54.29 34.58
C GLY H 244 -6.35 -53.33 34.27
N THR H 245 -5.77 -53.42 33.07
CA THR H 245 -4.59 -52.61 32.76
C THR H 245 -4.94 -51.24 32.15
N ASP H 246 -3.92 -50.38 32.07
CA ASP H 246 -4.01 -49.12 31.35
C ASP H 246 -3.36 -49.30 29.99
N VAL H 247 -4.20 -49.36 28.97
CA VAL H 247 -3.81 -49.75 27.62
C VAL H 247 -3.52 -48.52 26.76
N LEU H 248 -2.67 -48.70 25.76
CA LEU H 248 -2.39 -47.69 24.75
C LEU H 248 -2.97 -48.13 23.41
N PHE H 249 -3.73 -47.27 22.75
CA PHE H 249 -4.34 -47.59 21.46
C PHE H 249 -3.93 -46.54 20.43
N PHE H 250 -3.05 -46.90 19.50
CA PHE H 250 -2.58 -45.99 18.46
C PHE H 250 -3.48 -46.08 17.23
N VAL H 251 -3.82 -44.94 16.65
CA VAL H 251 -4.66 -44.88 15.45
C VAL H 251 -3.97 -44.00 14.41
N ASP H 252 -3.30 -44.62 13.45
CA ASP H 252 -2.63 -43.92 12.37
C ASP H 252 -3.29 -44.32 11.06
N ASN H 253 -4.09 -43.47 10.43
CA ASN H 253 -4.34 -42.08 10.74
C ASN H 253 -5.85 -41.90 10.93
N ILE H 254 -6.30 -41.06 11.87
CA ILE H 254 -7.74 -40.88 12.11
C ILE H 254 -8.48 -40.31 10.88
N PHE H 255 -7.77 -39.56 10.04
CA PHE H 255 -8.40 -38.99 8.84
C PHE H 255 -8.81 -40.08 7.85
N ARG H 256 -7.97 -41.09 7.69
CA ARG H 256 -8.24 -42.17 6.74
C ARG H 256 -9.38 -43.07 7.26
N PHE H 257 -9.60 -43.04 8.57
CA PHE H 257 -10.76 -43.68 9.17
C PHE H 257 -12.04 -43.00 8.68
N THR H 258 -12.03 -41.66 8.71
CA THR H 258 -13.16 -40.88 8.18
C THR H 258 -13.33 -41.06 6.67
N GLN H 259 -12.22 -41.05 5.91
CA GLN H 259 -12.30 -41.27 4.46
C GLN H 259 -12.97 -42.61 4.12
N ALA H 260 -12.53 -43.67 4.78
CA ALA H 260 -13.13 -44.99 4.55
C ALA H 260 -14.63 -44.91 4.76
N GLY H 261 -15.03 -44.42 5.92
CA GLY H 261 -16.46 -44.22 6.23
C GLY H 261 -17.20 -43.48 5.13
N SER H 262 -16.59 -42.41 4.66
CA SER H 262 -17.15 -41.60 3.58
C SER H 262 -17.37 -42.45 2.34
N GLU H 263 -16.37 -43.26 2.00
CA GLU H 263 -16.41 -44.15 0.84
C GLU H 263 -17.50 -45.22 0.99
N VAL H 264 -17.60 -45.81 2.18
CA VAL H 264 -18.62 -46.83 2.44
C VAL H 264 -20.00 -46.21 2.30
N SER H 265 -20.17 -45.03 2.90
CA SER H 265 -21.45 -44.33 2.85
C SER H 265 -21.82 -43.99 1.41
N ALA H 266 -20.84 -43.57 0.63
CA ALA H 266 -21.06 -43.26 -0.78
C ALA H 266 -21.58 -44.48 -1.52
N LEU H 267 -20.94 -45.62 -1.30
CA LEU H 267 -21.28 -46.88 -1.97
C LEU H 267 -22.66 -47.44 -1.59
N LEU H 268 -23.12 -47.19 -0.37
CA LEU H 268 -24.46 -47.63 0.03
C LEU H 268 -25.58 -46.71 -0.47
N GLY H 269 -25.22 -45.68 -1.24
CA GLY H 269 -26.21 -44.80 -1.88
C GLY H 269 -26.74 -43.71 -0.97
N ARG H 270 -26.07 -43.47 0.15
CA ARG H 270 -26.50 -42.45 1.10
C ARG H 270 -26.07 -41.07 0.59
N ILE H 271 -26.98 -40.10 0.65
CA ILE H 271 -26.67 -38.75 0.18
C ILE H 271 -25.59 -38.17 1.09
N PRO H 272 -24.47 -37.74 0.50
CA PRO H 272 -23.34 -37.20 1.27
C PRO H 272 -23.61 -35.80 1.80
N SER H 273 -22.91 -35.48 2.90
CA SER H 273 -23.11 -34.25 3.64
C SER H 273 -22.03 -33.20 3.28
N ALA H 274 -21.86 -32.21 4.15
CA ALA H 274 -20.80 -31.19 4.08
C ALA H 274 -19.76 -31.32 2.96
N VAL H 275 -18.51 -31.60 3.25
CA VAL H 275 -17.52 -31.53 2.20
C VAL H 275 -17.45 -32.92 1.54
N GLY H 276 -18.62 -33.49 1.25
CA GLY H 276 -18.72 -34.86 0.74
C GLY H 276 -18.53 -35.99 1.75
N TYR H 277 -18.50 -35.67 3.05
CA TYR H 277 -18.39 -36.70 4.08
C TYR H 277 -19.74 -37.37 4.29
N GLN H 278 -19.70 -38.58 4.82
CA GLN H 278 -20.91 -39.31 5.20
C GLN H 278 -21.86 -38.47 6.08
N PRO H 279 -23.18 -38.67 5.90
CA PRO H 279 -24.14 -38.03 6.81
C PRO H 279 -23.96 -38.52 8.25
N THR H 280 -23.44 -39.73 8.41
CA THR H 280 -23.17 -40.30 9.72
C THR H 280 -21.78 -39.94 10.26
N LEU H 281 -21.12 -38.92 9.69
CA LEU H 281 -19.78 -38.51 10.10
C LEU H 281 -19.63 -38.47 11.61
N ALA H 282 -20.55 -37.78 12.28
CA ALA H 282 -20.50 -37.63 13.73
C ALA H 282 -20.66 -38.97 14.47
N THR H 283 -21.63 -39.81 14.08
CA THR H 283 -21.85 -41.07 14.79
C THR H 283 -20.79 -42.13 14.49
N ASP H 284 -20.26 -42.14 13.27
CA ASP H 284 -19.16 -43.04 12.90
C ASP H 284 -17.95 -42.80 13.79
N MET H 285 -17.61 -41.53 13.95
CA MET H 285 -16.48 -41.13 14.79
C MET H 285 -16.80 -41.34 16.27
N GLY H 286 -18.02 -41.01 16.64
CA GLY H 286 -18.36 -40.93 18.05
C GLY H 286 -18.62 -42.33 18.64
N ALA H 287 -19.36 -43.19 17.95
CA ALA H 287 -19.57 -44.56 18.41
C ALA H 287 -18.26 -45.34 18.60
N MET H 288 -17.19 -44.89 17.95
CA MET H 288 -15.87 -45.50 18.10
C MET H 288 -15.07 -44.89 19.24
N GLN H 289 -14.89 -43.57 19.19
CA GLN H 289 -14.08 -42.84 20.17
C GLN H 289 -14.57 -43.01 21.62
N GLU H 290 -15.89 -43.06 21.81
CA GLU H 290 -16.47 -43.24 23.15
C GLU H 290 -16.07 -44.52 23.87
N ARG H 291 -15.67 -45.55 23.13
CA ARG H 291 -15.19 -46.79 23.72
C ARG H 291 -13.81 -46.60 24.37
N ILE H 292 -13.11 -45.55 23.96
CA ILE H 292 -11.83 -45.16 24.54
C ILE H 292 -12.09 -44.27 25.77
N THR H 293 -11.85 -44.82 26.95
CA THR H 293 -12.13 -44.11 28.20
C THR H 293 -11.58 -44.85 29.42
N SER H 294 -11.73 -44.23 30.59
CA SER H 294 -11.40 -44.83 31.86
C SER H 294 -12.65 -45.39 32.52
N THR H 295 -12.69 -46.71 32.71
CA THR H 295 -13.77 -47.36 33.44
C THR H 295 -13.31 -47.56 34.88
N LYS H 296 -14.12 -48.25 35.68
CA LYS H 296 -13.73 -48.58 37.05
C LYS H 296 -12.56 -49.58 37.04
N ASN H 297 -12.53 -50.45 36.05
CA ASN H 297 -11.54 -51.53 35.94
C ASN H 297 -10.18 -51.10 35.38
N GLY H 298 -10.16 -50.19 34.43
CA GLY H 298 -8.91 -49.76 33.80
C GLY H 298 -9.11 -48.65 32.79
N SER H 299 -8.21 -48.51 31.83
CA SER H 299 -8.36 -47.47 30.83
C SER H 299 -7.65 -47.74 29.50
N ILE H 300 -8.23 -47.20 28.44
CA ILE H 300 -7.59 -47.18 27.12
C ILE H 300 -7.27 -45.72 26.83
N THR H 301 -5.99 -45.41 26.66
CA THR H 301 -5.58 -44.07 26.24
C THR H 301 -5.19 -44.19 24.77
N SER H 302 -5.51 -43.15 23.98
CA SER H 302 -5.30 -43.21 22.54
C SER H 302 -4.48 -42.05 21.97
N ILE H 303 -3.46 -42.39 21.21
CA ILE H 303 -2.65 -41.41 20.48
C ILE H 303 -3.07 -41.55 19.01
N GLN H 304 -3.47 -40.46 18.38
CA GLN H 304 -4.03 -40.54 17.02
C GLN H 304 -3.33 -39.58 16.07
N ALA H 305 -2.61 -40.12 15.09
CA ALA H 305 -2.06 -39.30 14.00
C ALA H 305 -3.22 -38.64 13.28
N VAL H 306 -3.15 -37.33 13.05
CA VAL H 306 -4.25 -36.57 12.47
C VAL H 306 -3.79 -35.81 11.24
N TYR H 307 -4.44 -36.03 10.11
CA TYR H 307 -4.14 -35.31 8.90
C TYR H 307 -5.22 -34.25 8.73
N VAL H 308 -4.81 -33.02 8.41
CA VAL H 308 -5.73 -31.88 8.26
C VAL H 308 -5.87 -31.47 6.78
N PRO H 309 -6.98 -31.87 6.14
CA PRO H 309 -7.23 -31.54 4.73
C PRO H 309 -7.08 -30.06 4.43
N ALA H 310 -6.34 -29.75 3.38
CA ALA H 310 -6.08 -28.37 2.95
C ALA H 310 -5.59 -27.45 4.06
N ASP H 311 -4.91 -28.03 5.06
CA ASP H 311 -4.47 -27.27 6.23
C ASP H 311 -5.61 -26.45 6.88
N ASP H 312 -6.84 -26.93 6.71
CA ASP H 312 -8.03 -26.21 7.20
C ASP H 312 -8.57 -26.89 8.44
N LEU H 313 -8.33 -26.29 9.59
CA LEU H 313 -8.80 -26.85 10.86
C LEU H 313 -10.32 -26.84 11.00
N THR H 314 -11.02 -26.06 10.16
CA THR H 314 -12.47 -26.03 10.18
C THR H 314 -13.11 -27.09 9.28
N ASP H 315 -12.30 -27.82 8.51
CA ASP H 315 -12.82 -28.89 7.67
C ASP H 315 -13.56 -29.90 8.57
N PRO H 316 -14.72 -30.41 8.11
CA PRO H 316 -15.55 -31.32 8.90
C PRO H 316 -14.78 -32.48 9.56
N ALA H 317 -13.80 -33.06 8.87
CA ALA H 317 -13.05 -34.23 9.38
C ALA H 317 -12.25 -33.92 10.66
N PRO H 318 -11.31 -32.96 10.58
CA PRO H 318 -10.56 -32.58 11.78
C PRO H 318 -11.46 -31.91 12.81
N ALA H 319 -12.45 -31.16 12.35
CA ALA H 319 -13.39 -30.50 13.27
C ALA H 319 -14.10 -31.52 14.15
N THR H 320 -14.56 -32.61 13.55
CA THR H 320 -15.23 -33.67 14.29
C THR H 320 -14.24 -34.40 15.20
N THR H 321 -13.02 -34.61 14.73
CA THR H 321 -11.99 -35.29 15.52
C THR H 321 -11.59 -34.49 16.77
N PHE H 322 -11.42 -33.19 16.60
CA PHE H 322 -11.00 -32.31 17.71
C PHE H 322 -11.96 -32.30 18.90
N ALA H 323 -13.24 -32.58 18.65
CA ALA H 323 -14.22 -32.71 19.73
C ALA H 323 -13.88 -33.81 20.74
N HIS H 324 -13.03 -34.77 20.35
CA HIS H 324 -12.63 -35.86 21.24
C HIS H 324 -11.23 -35.76 21.82
N LEU H 325 -10.36 -34.91 21.27
CA LEU H 325 -8.96 -34.86 21.72
C LEU H 325 -8.82 -34.11 23.04
N ASP H 326 -8.08 -34.69 23.99
CA ASP H 326 -7.84 -34.09 25.30
C ASP H 326 -6.50 -33.36 25.34
N ALA H 327 -5.64 -33.62 24.35
CA ALA H 327 -4.34 -32.99 24.24
C ALA H 327 -3.80 -33.19 22.84
N THR H 328 -2.72 -32.48 22.50
CA THR H 328 -2.05 -32.69 21.21
C THR H 328 -0.55 -32.76 21.44
N THR H 329 0.13 -33.49 20.54
CA THR H 329 1.59 -33.52 20.49
C THR H 329 2.00 -33.07 19.10
N VAL H 330 2.67 -31.92 19.01
CA VAL H 330 3.09 -31.38 17.72
C VAL H 330 4.58 -31.66 17.53
N LEU H 331 4.91 -32.46 16.52
CA LEU H 331 6.29 -32.76 16.18
C LEU H 331 6.73 -31.94 14.98
N SER H 332 7.86 -31.25 15.07
CA SER H 332 8.29 -30.32 14.02
C SER H 332 9.72 -30.51 13.53
N ARG H 333 9.94 -30.17 12.26
CA ARG H 333 11.27 -30.15 11.67
C ARG H 333 12.16 -29.12 12.34
N ALA H 334 11.61 -27.93 12.54
CA ALA H 334 12.36 -26.82 13.15
C ALA H 334 13.08 -27.26 14.43
N ILE H 335 12.35 -27.96 15.30
CA ILE H 335 12.91 -28.44 16.56
C ILE H 335 13.85 -29.60 16.31
N SER H 336 13.50 -30.48 15.38
CA SER H 336 14.36 -31.60 14.99
C SER H 336 15.70 -31.11 14.44
N GLU H 337 15.66 -30.00 13.71
CA GLU H 337 16.87 -29.42 13.12
C GLU H 337 17.73 -28.68 14.15
N LEU H 338 17.24 -28.55 15.38
CA LEU H 338 18.05 -28.03 16.49
C LEU H 338 18.54 -29.18 17.39
N GLY H 339 18.27 -30.41 16.99
CA GLY H 339 18.75 -31.58 17.71
C GLY H 339 17.99 -31.95 18.98
N ILE H 340 16.89 -31.25 19.27
CA ILE H 340 16.09 -31.55 20.47
C ILE H 340 15.14 -32.69 20.13
N TYR H 341 15.40 -33.85 20.72
CA TYR H 341 14.61 -35.05 20.54
C TYR H 341 14.02 -35.45 21.90
N PRO H 342 12.73 -35.76 21.97
CA PRO H 342 11.81 -35.74 20.84
C PRO H 342 11.54 -34.33 20.29
N ALA H 343 11.17 -34.24 19.02
CA ALA H 343 10.97 -32.95 18.34
C ALA H 343 9.60 -32.34 18.65
N VAL H 344 9.28 -32.25 19.94
CA VAL H 344 7.99 -31.74 20.40
C VAL H 344 8.04 -30.23 20.49
N ASP H 345 7.01 -29.57 19.95
CA ASP H 345 6.88 -28.12 20.08
C ASP H 345 6.29 -27.83 21.46
N PRO H 346 7.07 -27.15 22.32
CA PRO H 346 6.68 -26.92 23.71
C PRO H 346 5.57 -25.87 23.91
N LEU H 347 5.29 -25.06 22.89
CA LEU H 347 4.23 -24.06 22.97
C LEU H 347 3.03 -24.42 22.13
N ASP H 348 3.25 -25.15 21.05
CA ASP H 348 2.15 -25.54 20.16
C ASP H 348 1.39 -26.74 20.73
N SER H 349 2.10 -27.65 21.40
CA SER H 349 1.47 -28.80 22.07
C SER H 349 0.73 -28.33 23.32
N ASN H 350 -0.46 -28.89 23.55
CA ASN H 350 -1.31 -28.51 24.69
C ASN H 350 -2.04 -29.69 25.28
N SER H 351 -2.67 -29.47 26.43
CA SER H 351 -3.48 -30.48 27.11
C SER H 351 -4.60 -29.84 27.94
N ARG H 352 -5.80 -30.40 27.82
CA ARG H 352 -6.96 -29.95 28.61
C ARG H 352 -6.73 -30.10 30.11
N ILE H 353 -6.01 -31.14 30.49
CA ILE H 353 -5.79 -31.44 31.91
C ILE H 353 -4.66 -30.61 32.54
N LEU H 354 -4.06 -29.70 31.78
CA LEU H 354 -3.11 -28.73 32.33
C LEU H 354 -3.90 -27.66 33.08
N ASP H 355 -4.40 -28.07 34.25
CA ASP H 355 -5.26 -27.24 35.07
C ASP H 355 -4.98 -27.55 36.54
N PRO H 356 -4.87 -26.51 37.38
CA PRO H 356 -4.54 -26.67 38.80
C PRO H 356 -5.51 -27.58 39.56
N ALA H 357 -6.80 -27.51 39.23
CA ALA H 357 -7.79 -28.36 39.88
C ALA H 357 -7.62 -29.85 39.55
N VAL H 358 -6.83 -30.17 38.52
CA VAL H 358 -6.62 -31.56 38.09
C VAL H 358 -5.22 -32.07 38.45
N VAL H 359 -4.19 -31.43 37.90
CA VAL H 359 -2.81 -31.87 38.09
C VAL H 359 -2.11 -31.20 39.27
N GLY H 360 -2.82 -30.33 39.98
CA GLY H 360 -2.29 -29.68 41.16
C GLY H 360 -1.66 -28.33 40.84
N GLU H 361 -1.64 -27.46 41.85
CA GLU H 361 -1.10 -26.10 41.71
C GLU H 361 0.41 -26.10 41.44
N GLU H 362 1.14 -27.04 42.04
CA GLU H 362 2.59 -27.13 41.84
C GLU H 362 2.93 -27.43 40.38
N HIS H 363 2.34 -28.50 39.84
CA HIS H 363 2.56 -28.88 38.44
C HIS H 363 2.19 -27.71 37.51
N TYR H 364 0.98 -27.18 37.70
CA TYR H 364 0.46 -26.09 36.87
C TYR H 364 1.37 -24.85 36.85
N GLN H 365 1.79 -24.41 38.03
CA GLN H 365 2.61 -23.20 38.16
C GLN H 365 3.94 -23.36 37.43
N VAL H 366 4.59 -24.52 37.62
CA VAL H 366 5.89 -24.78 37.00
C VAL H 366 5.75 -24.78 35.49
N ALA H 367 4.74 -25.52 34.99
CA ALA H 367 4.48 -25.59 33.57
C ALA H 367 4.30 -24.21 32.96
N ARG H 368 3.35 -23.45 33.52
CA ARG H 368 3.07 -22.09 33.04
C ARG H 368 4.33 -21.22 33.02
N ASP H 369 5.22 -21.42 34.00
CA ASP H 369 6.49 -20.66 34.03
C ASP H 369 7.38 -21.00 32.85
N VAL H 370 7.58 -22.29 32.59
CA VAL H 370 8.39 -22.75 31.45
C VAL H 370 7.82 -22.19 30.14
N GLN H 371 6.51 -22.28 29.98
CA GLN H 371 5.84 -21.76 28.78
C GLN H 371 6.13 -20.27 28.59
N GLY H 372 5.94 -19.49 29.64
CA GLY H 372 6.20 -18.05 29.58
C GLY H 372 7.63 -17.73 29.18
N ILE H 373 8.60 -18.34 29.87
CA ILE H 373 10.01 -18.08 29.56
C ILE H 373 10.34 -18.49 28.11
N LEU H 374 9.74 -19.59 27.64
CA LEU H 374 9.93 -19.99 26.25
C LEU H 374 9.26 -19.00 25.29
N GLN H 375 8.14 -18.42 25.73
CA GLN H 375 7.45 -17.37 24.96
C GLN H 375 8.26 -16.09 24.90
N LYS H 376 8.77 -15.66 26.06
CA LYS H 376 9.59 -14.46 26.13
C LYS H 376 10.87 -14.61 25.30
N TYR H 377 11.43 -15.82 25.27
CA TYR H 377 12.59 -16.11 24.42
C TYR H 377 12.23 -16.00 22.94
N LYS H 378 11.07 -16.53 22.58
CA LYS H 378 10.57 -16.45 21.20
C LYS H 378 10.28 -15.01 20.77
N SER H 379 9.96 -14.16 21.74
CA SER H 379 9.70 -12.74 21.48
C SER H 379 10.99 -11.95 21.27
N LEU H 380 12.08 -12.41 21.88
CA LEU H 380 13.39 -11.77 21.74
C LEU H 380 14.12 -12.18 20.46
N GLN H 381 13.65 -13.26 19.82
CA GLN H 381 14.21 -13.75 18.55
C GLN H 381 14.42 -12.64 17.51
N ASP H 382 13.50 -11.68 17.46
CA ASP H 382 13.59 -10.56 16.52
C ASP H 382 14.72 -9.60 16.85
N ILE H 383 14.74 -9.09 18.08
CA ILE H 383 15.74 -8.12 18.52
C ILE H 383 17.16 -8.71 18.44
N ILE H 384 17.28 -10.02 18.63
CA ILE H 384 18.57 -10.71 18.60
C ILE H 384 19.04 -10.94 17.17
N ALA H 385 18.14 -11.39 16.29
CA ALA H 385 18.45 -11.58 14.88
C ALA H 385 19.15 -10.36 14.27
N ILE H 386 18.45 -9.23 14.18
CA ILE H 386 18.91 -8.10 13.37
C ILE H 386 19.96 -7.17 14.05
N LEU H 387 20.06 -7.18 15.37
CA LEU H 387 20.97 -6.28 16.08
C LEU H 387 22.16 -7.01 16.70
N GLY H 388 21.85 -8.02 17.51
CA GLY H 388 22.86 -8.77 18.25
C GLY H 388 22.35 -9.06 19.64
N MET H 389 22.86 -10.14 20.23
CA MET H 389 22.51 -10.51 21.60
C MET H 389 23.08 -9.51 22.62
N ASP H 390 24.22 -8.92 22.29
CA ASP H 390 24.82 -7.85 23.10
C ASP H 390 24.02 -6.53 23.02
N GLU H 391 22.70 -6.63 22.90
CA GLU H 391 21.81 -5.48 23.01
C GLU H 391 20.72 -5.66 24.07
N LEU H 392 20.45 -6.89 24.50
CA LEU H 392 19.33 -7.17 25.38
C LEU H 392 19.67 -6.69 26.78
N SER H 393 18.67 -6.31 27.56
CA SER H 393 18.89 -5.89 28.94
C SER H 393 19.26 -7.09 29.81
N GLU H 394 19.98 -6.82 30.90
CA GLU H 394 20.43 -7.89 31.81
C GLU H 394 19.32 -8.88 32.17
N GLU H 395 18.11 -8.38 32.40
CA GLU H 395 16.95 -9.25 32.67
C GLU H 395 16.67 -10.17 31.48
N ASP H 396 16.63 -9.58 30.30
CA ASP H 396 16.39 -10.33 29.06
C ASP H 396 17.53 -11.32 28.78
N LYS H 397 18.77 -10.86 28.89
CA LYS H 397 19.94 -11.70 28.66
C LYS H 397 19.90 -12.97 29.53
N LEU H 398 19.45 -12.82 30.78
CA LEU H 398 19.32 -13.94 31.70
C LEU H 398 18.20 -14.89 31.29
N THR H 399 17.07 -14.33 30.87
CA THR H 399 15.95 -15.15 30.43
C THR H 399 16.28 -15.93 29.15
N VAL H 400 17.30 -15.49 28.40
CA VAL H 400 17.77 -16.21 27.22
C VAL H 400 18.61 -17.42 27.63
N ALA H 401 19.41 -17.27 28.69
CA ALA H 401 20.25 -18.38 29.17
C ALA H 401 19.40 -19.47 29.85
N ARG H 402 18.47 -19.05 30.70
CA ARG H 402 17.56 -19.98 31.37
C ARG H 402 16.67 -20.68 30.33
N ALA H 403 16.11 -19.92 29.40
CA ALA H 403 15.26 -20.47 28.33
C ALA H 403 15.99 -21.53 27.53
N ARG H 404 17.17 -21.21 27.03
CA ARG H 404 17.93 -22.18 26.23
C ARG H 404 18.25 -23.42 27.05
N LYS H 405 18.63 -23.25 28.32
CA LYS H 405 18.82 -24.40 29.20
C LYS H 405 17.51 -25.19 29.33
N ILE H 406 16.40 -24.47 29.51
CA ILE H 406 15.08 -25.11 29.57
C ILE H 406 14.83 -25.97 28.32
N GLN H 407 15.04 -25.38 27.14
CA GLN H 407 14.88 -26.10 25.86
C GLN H 407 15.72 -27.37 25.76
N ARG H 408 16.87 -27.39 26.43
CA ARG H 408 17.75 -28.55 26.40
C ARG H 408 17.23 -29.59 27.38
N PHE H 409 16.76 -29.14 28.53
CA PHE H 409 16.27 -30.05 29.57
C PHE H 409 14.95 -30.72 29.15
N LEU H 410 14.29 -30.20 28.13
CA LEU H 410 13.14 -30.90 27.54
C LEU H 410 13.55 -32.05 26.64
N SER H 411 14.82 -32.11 26.25
CA SER H 411 15.36 -33.25 25.50
C SER H 411 15.37 -34.49 26.38
N GLN H 412 15.48 -35.65 25.77
CA GLN H 412 15.47 -36.90 26.53
C GLN H 412 15.88 -38.09 25.65
N PRO H 413 16.87 -38.87 26.11
CA PRO H 413 17.29 -40.08 25.43
C PRO H 413 16.29 -41.20 25.67
N PHE H 414 15.98 -41.94 24.61
CA PHE H 414 15.00 -43.00 24.67
C PHE H 414 15.67 -44.37 24.62
N ASP H 415 15.03 -45.36 25.23
CA ASP H 415 15.52 -46.75 25.20
C ASP H 415 15.43 -47.26 23.77
N VAL H 416 14.25 -47.08 23.18
CA VAL H 416 13.97 -47.47 21.80
C VAL H 416 15.10 -47.06 20.85
N ALA H 417 15.72 -45.90 21.11
CA ALA H 417 16.82 -45.42 20.30
C ALA H 417 18.23 -45.76 20.84
N LYS H 418 18.37 -46.88 21.55
CA LYS H 418 19.68 -47.37 22.03
C LYS H 418 20.55 -47.87 20.88
N VAL H 419 19.91 -48.37 19.82
CA VAL H 419 20.61 -48.96 18.69
C VAL H 419 21.25 -47.88 17.80
N PHE H 420 20.70 -46.67 17.85
CA PHE H 420 21.19 -45.56 17.01
C PHE H 420 22.05 -44.56 17.78
N THR H 421 21.78 -44.39 19.07
CA THR H 421 22.54 -43.44 19.91
C THR H 421 23.67 -44.09 20.70
N GLY H 422 23.51 -45.36 21.07
CA GLY H 422 24.46 -46.03 21.96
C GLY H 422 24.29 -45.65 23.42
N SER H 423 23.36 -44.72 23.70
CA SER H 423 23.12 -44.22 25.04
C SER H 423 21.86 -44.85 25.63
N ASP H 424 21.88 -45.03 26.96
CA ASP H 424 20.75 -45.65 27.66
C ASP H 424 19.56 -44.67 27.74
N GLY H 425 18.36 -45.19 27.49
CA GLY H 425 17.14 -44.40 27.60
C GLY H 425 16.79 -44.07 29.05
N VAL H 426 15.88 -43.12 29.26
CA VAL H 426 15.52 -42.72 30.64
C VAL H 426 14.02 -42.45 30.85
N GLN H 427 13.52 -42.89 31.99
CA GLN H 427 12.11 -42.77 32.37
C GLN H 427 12.03 -41.84 33.59
N VAL H 428 11.63 -40.60 33.35
CA VAL H 428 11.60 -39.58 34.41
C VAL H 428 10.23 -39.52 35.10
N PRO H 429 10.18 -39.89 36.40
CA PRO H 429 8.94 -39.80 37.18
C PRO H 429 8.41 -38.37 37.29
N LEU H 430 7.09 -38.22 37.19
CA LEU H 430 6.42 -36.91 37.17
C LEU H 430 6.94 -35.92 38.22
N GLU H 431 6.96 -36.36 39.48
CA GLU H 431 7.40 -35.51 40.59
C GLU H 431 8.82 -35.01 40.37
N ASP H 432 9.67 -35.86 39.80
CA ASP H 432 11.05 -35.50 39.49
C ASP H 432 11.08 -34.41 38.41
N THR H 433 10.26 -34.57 37.38
CA THR H 433 10.16 -33.59 36.29
C THR H 433 9.69 -32.24 36.81
N ILE H 434 8.56 -32.22 37.53
CA ILE H 434 8.01 -30.96 38.06
C ILE H 434 9.07 -30.18 38.84
N LYS H 435 9.83 -30.88 39.68
CA LYS H 435 10.80 -30.24 40.56
C LYS H 435 12.07 -29.78 39.81
N SER H 436 12.61 -30.68 38.99
CA SER H 436 13.80 -30.39 38.19
C SER H 436 13.66 -29.05 37.45
N PHE H 437 12.59 -28.92 36.69
CA PHE H 437 12.30 -27.68 35.95
C PHE H 437 12.05 -26.48 36.87
N LYS H 438 11.40 -26.72 38.01
CA LYS H 438 11.14 -25.65 38.98
C LYS H 438 12.44 -25.00 39.42
N ALA H 439 13.49 -25.83 39.60
CA ALA H 439 14.81 -25.32 39.98
C ALA H 439 15.46 -24.53 38.84
N VAL H 440 15.33 -25.01 37.61
CA VAL H 440 15.90 -24.28 36.46
C VAL H 440 15.22 -22.93 36.33
N VAL H 441 13.88 -22.93 36.33
CA VAL H 441 13.10 -21.70 36.30
C VAL H 441 13.53 -20.77 37.44
N ALA H 442 13.64 -21.36 38.64
CA ALA H 442 14.08 -20.62 39.82
C ALA H 442 15.44 -19.95 39.61
N GLY H 443 16.28 -20.58 38.78
CA GLY H 443 17.62 -20.07 38.47
C GLY H 443 18.67 -20.69 39.38
N GLU H 444 18.34 -21.83 39.99
CA GLU H 444 19.25 -22.49 40.91
C GLU H 444 20.38 -23.25 40.19
N TYR H 445 20.44 -23.14 38.86
CA TYR H 445 21.49 -23.77 38.08
C TYR H 445 22.06 -22.84 37.01
N ASP H 446 21.99 -21.53 37.25
CA ASP H 446 22.56 -20.54 36.32
C ASP H 446 24.10 -20.60 36.28
N HIS H 447 24.68 -21.43 37.14
CA HIS H 447 26.13 -21.60 37.21
C HIS H 447 26.60 -22.85 36.47
N LEU H 448 25.78 -23.37 35.55
CA LEU H 448 26.12 -24.53 34.75
C LEU H 448 26.00 -24.21 33.27
N PRO H 449 26.74 -24.95 32.42
CA PRO H 449 26.70 -24.76 30.98
C PRO H 449 25.50 -25.46 30.33
N GLU H 450 24.96 -24.83 29.28
CA GLU H 450 23.81 -25.36 28.53
C GLU H 450 23.91 -26.87 28.30
N ALA H 451 25.03 -27.28 27.70
CA ALA H 451 25.28 -28.69 27.35
C ALA H 451 25.09 -29.67 28.51
N ALA H 452 25.04 -29.18 29.75
CA ALA H 452 24.78 -30.04 30.90
C ALA H 452 23.33 -30.55 30.97
N PHE H 453 22.39 -29.80 30.40
CA PHE H 453 20.97 -30.17 30.39
C PHE H 453 20.53 -30.91 29.11
N TYR H 454 21.42 -31.01 28.13
CA TYR H 454 21.06 -31.58 26.82
C TYR H 454 21.13 -33.10 26.83
N MET H 455 20.00 -33.73 26.55
CA MET H 455 19.88 -35.20 26.45
C MET H 455 20.24 -35.91 27.76
N VAL H 456 19.42 -35.70 28.77
CA VAL H 456 19.56 -36.37 30.07
C VAL H 456 18.18 -36.68 30.65
N GLY H 457 18.16 -37.38 31.78
CA GLY H 457 16.91 -37.71 32.48
C GLY H 457 16.57 -36.69 33.54
N GLY H 458 16.71 -37.09 34.81
CA GLY H 458 16.41 -36.21 35.93
C GLY H 458 17.43 -35.11 36.08
N ILE H 459 17.09 -34.09 36.88
CA ILE H 459 18.00 -32.98 37.14
C ILE H 459 19.37 -33.45 37.67
N GLU H 460 19.39 -34.51 38.47
CA GLU H 460 20.65 -35.13 38.93
C GLU H 460 21.59 -35.42 37.77
N ASP H 461 21.04 -36.01 36.72
CA ASP H 461 21.81 -36.35 35.52
C ASP H 461 22.46 -35.11 34.87
N VAL H 462 21.93 -33.92 35.16
CA VAL H 462 22.53 -32.68 34.67
C VAL H 462 23.78 -32.38 35.48
N LYS H 463 23.64 -32.40 36.81
CA LYS H 463 24.73 -32.16 37.76
C LYS H 463 25.93 -33.06 37.46
N ALA H 464 25.65 -34.32 37.15
CA ALA H 464 26.69 -35.31 36.87
C ALA H 464 27.41 -34.98 35.56
N LYS H 465 26.66 -34.96 34.46
CA LYS H 465 27.21 -34.64 33.14
C LYS H 465 28.15 -33.44 33.20
N ALA H 466 27.85 -32.50 34.10
CA ALA H 466 28.67 -31.30 34.28
C ALA H 466 30.06 -31.61 34.82
N GLN H 467 30.14 -32.48 35.82
CA GLN H 467 31.41 -32.82 36.46
C GLN H 467 32.40 -33.43 35.46
N ARG H 468 31.91 -34.29 34.57
CA ARG H 468 32.76 -34.94 33.59
C ARG H 468 33.24 -33.88 32.61
N ALA I 4 -68.95 -33.15 -1.04
CA ALA I 4 -68.77 -34.54 -0.54
C ALA I 4 -67.77 -34.61 0.60
N ASN I 5 -67.65 -35.79 1.20
CA ASN I 5 -66.63 -36.07 2.22
C ASN I 5 -65.51 -36.93 1.64
N GLY I 6 -64.29 -36.73 2.12
CA GLY I 6 -63.11 -37.46 1.68
C GLY I 6 -62.44 -38.14 2.86
N LYS I 7 -61.36 -38.87 2.58
CA LYS I 7 -60.62 -39.62 3.62
C LYS I 7 -59.11 -39.44 3.48
N ILE I 8 -58.41 -39.41 4.61
CA ILE I 8 -56.96 -39.26 4.61
C ILE I 8 -56.30 -40.56 4.15
N THR I 9 -55.51 -40.49 3.08
CA THR I 9 -54.74 -41.63 2.58
C THR I 9 -53.28 -41.61 3.05
N GLN I 10 -52.75 -40.40 3.28
CA GLN I 10 -51.34 -40.25 3.70
C GLN I 10 -51.13 -39.00 4.56
N VAL I 11 -50.14 -39.07 5.44
CA VAL I 11 -49.72 -37.91 6.23
C VAL I 11 -48.20 -37.91 6.34
N ILE I 12 -47.57 -36.83 5.84
CA ILE I 12 -46.13 -36.64 5.93
C ILE I 12 -45.87 -35.18 6.31
N GLY I 13 -45.55 -34.93 7.58
CA GLY I 13 -45.40 -33.56 8.08
C GLY I 13 -46.68 -32.76 7.84
N ALA I 14 -46.55 -31.54 7.32
CA ALA I 14 -47.72 -30.70 7.05
C ALA I 14 -48.48 -31.10 5.78
N VAL I 15 -47.92 -32.02 4.99
CA VAL I 15 -48.57 -32.49 3.77
C VAL I 15 -49.48 -33.68 4.07
N VAL I 16 -50.74 -33.57 3.64
CA VAL I 16 -51.75 -34.61 3.87
C VAL I 16 -52.47 -34.89 2.56
N ASP I 17 -52.61 -36.17 2.20
CA ASP I 17 -53.33 -36.56 0.99
C ASP I 17 -54.73 -37.04 1.34
N VAL I 18 -55.71 -36.64 0.55
CA VAL I 18 -57.11 -36.96 0.82
C VAL I 18 -57.80 -37.50 -0.43
N GLN I 19 -58.45 -38.65 -0.30
CA GLN I 19 -59.20 -39.26 -1.42
C GLN I 19 -60.68 -38.89 -1.33
N PHE I 20 -61.25 -38.53 -2.47
CA PHE I 20 -62.68 -38.16 -2.55
C PHE I 20 -63.44 -39.11 -3.47
N ASP I 21 -64.44 -39.77 -2.91
CA ASP I 21 -65.29 -40.74 -3.62
C ASP I 21 -66.02 -40.11 -4.80
N GLY I 22 -66.43 -38.84 -4.65
CA GLY I 22 -67.09 -38.07 -5.71
C GLY I 22 -66.27 -36.87 -6.17
N GLN I 23 -66.93 -35.72 -6.32
CA GLN I 23 -66.31 -34.50 -6.86
C GLN I 23 -65.03 -34.08 -6.12
N LEU I 24 -64.04 -33.64 -6.89
CA LEU I 24 -62.78 -33.21 -6.29
C LEU I 24 -62.86 -31.74 -5.93
N PRO I 25 -62.33 -31.38 -4.76
CA PRO I 25 -62.20 -29.98 -4.37
C PRO I 25 -61.06 -29.30 -5.12
N ALA I 26 -61.32 -28.13 -5.70
CA ALA I 26 -60.34 -27.43 -6.55
C ALA I 26 -59.13 -26.97 -5.75
N ILE I 27 -58.09 -26.54 -6.47
CA ILE I 27 -56.87 -26.06 -5.85
C ILE I 27 -57.23 -24.83 -5.02
N LEU I 28 -56.58 -24.71 -3.86
CA LEU I 28 -56.78 -23.62 -2.90
C LEU I 28 -57.99 -23.77 -1.98
N ASN I 29 -58.87 -24.75 -2.22
CA ASN I 29 -60.04 -24.96 -1.34
C ASN I 29 -59.64 -25.37 0.08
N ALA I 30 -60.43 -24.92 1.06
CA ALA I 30 -60.17 -25.26 2.46
C ALA I 30 -60.98 -26.47 2.85
N LEU I 31 -60.32 -27.46 3.45
CA LEU I 31 -61.00 -28.65 3.96
C LEU I 31 -60.96 -28.66 5.48
N GLU I 32 -61.98 -29.25 6.10
CA GLU I 32 -62.10 -29.39 7.56
C GLU I 32 -61.89 -30.84 7.96
N THR I 33 -60.77 -31.16 8.62
CA THR I 33 -60.52 -32.52 9.08
C THR I 33 -61.34 -32.80 10.34
N GLU I 34 -62.11 -33.88 10.33
CA GLU I 34 -63.01 -34.19 11.45
C GLU I 34 -62.28 -35.05 12.50
N ASN I 35 -62.76 -34.96 13.74
CA ASN I 35 -62.39 -35.88 14.83
C ASN I 35 -60.94 -35.73 15.38
N ASN I 36 -60.40 -34.52 15.32
CA ASN I 36 -59.09 -34.23 15.92
C ASN I 36 -59.16 -33.54 17.28
N GLY I 37 -60.32 -33.07 17.70
CA GLY I 37 -60.45 -32.33 18.94
C GLY I 37 -60.45 -30.85 18.66
N LYS I 38 -59.51 -30.37 17.85
CA LYS I 38 -59.44 -28.97 17.46
C LYS I 38 -59.50 -28.81 15.93
N ARG I 39 -60.04 -27.67 15.48
CA ARG I 39 -60.20 -27.37 14.06
C ARG I 39 -58.87 -27.46 13.32
N LEU I 40 -58.76 -28.42 12.40
CA LEU I 40 -57.58 -28.55 11.57
C LEU I 40 -57.95 -28.29 10.12
N VAL I 41 -57.42 -27.21 9.55
CA VAL I 41 -57.69 -26.87 8.14
C VAL I 41 -56.60 -27.42 7.23
N LEU I 42 -57.04 -27.96 6.09
CA LEU I 42 -56.14 -28.43 5.05
C LEU I 42 -56.43 -27.63 3.78
N GLU I 43 -55.38 -27.11 3.14
CA GLU I 43 -55.53 -26.35 1.91
C GLU I 43 -55.08 -27.19 0.72
N VAL I 44 -55.95 -27.35 -0.27
CA VAL I 44 -55.63 -28.17 -1.44
C VAL I 44 -54.50 -27.52 -2.23
N ALA I 45 -53.42 -28.28 -2.43
CA ALA I 45 -52.25 -27.81 -3.19
C ALA I 45 -52.27 -28.31 -4.63
N GLN I 46 -52.64 -29.57 -4.82
CA GLN I 46 -52.67 -30.14 -6.17
C GLN I 46 -53.56 -31.38 -6.26
N HIS I 47 -53.96 -31.71 -7.49
CA HIS I 47 -54.70 -32.94 -7.76
C HIS I 47 -53.68 -33.97 -8.22
N LEU I 48 -53.43 -34.96 -7.37
CA LEU I 48 -52.46 -36.03 -7.67
C LEU I 48 -52.94 -37.01 -8.75
N GLY I 49 -54.26 -37.12 -8.91
CA GLY I 49 -54.86 -38.15 -9.76
C GLY I 49 -55.49 -39.22 -8.91
N GLU I 50 -56.13 -40.20 -9.54
CA GLU I 50 -56.83 -41.29 -8.83
C GLU I 50 -57.73 -40.73 -7.72
N ASN I 51 -58.50 -39.71 -8.07
CA ASN I 51 -59.41 -39.01 -7.17
C ASN I 51 -58.81 -38.57 -5.82
N THR I 52 -57.50 -38.30 -5.81
CA THR I 52 -56.77 -37.94 -4.60
C THR I 52 -56.19 -36.53 -4.74
N VAL I 53 -56.13 -35.80 -3.62
CA VAL I 53 -55.56 -34.44 -3.61
C VAL I 53 -54.45 -34.34 -2.55
N ARG I 54 -53.43 -33.54 -2.83
CA ARG I 54 -52.36 -33.17 -1.87
C ARG I 54 -52.77 -31.85 -1.24
N THR I 55 -52.66 -31.76 0.09
CA THR I 55 -53.03 -30.57 0.83
C THR I 55 -51.96 -30.16 1.83
N ILE I 56 -52.03 -28.93 2.31
CA ILE I 56 -51.10 -28.41 3.30
C ILE I 56 -51.89 -28.03 4.55
N ALA I 57 -51.49 -28.59 5.69
CA ALA I 57 -52.19 -28.36 6.95
C ALA I 57 -51.84 -27.02 7.55
N MET I 58 -52.83 -26.38 8.17
CA MET I 58 -52.67 -25.07 8.80
C MET I 58 -52.38 -25.17 10.29
N ASP I 59 -52.19 -26.38 10.80
CA ASP I 59 -51.74 -26.61 12.18
C ASP I 59 -51.11 -28.00 12.28
N ALA I 60 -50.59 -28.34 13.47
CA ALA I 60 -50.02 -29.66 13.78
C ALA I 60 -50.78 -30.84 13.16
N THR I 61 -50.09 -31.75 12.49
CA THR I 61 -50.71 -32.96 11.93
C THR I 61 -50.52 -34.18 12.82
N GLU I 62 -49.92 -33.99 13.99
CA GLU I 62 -49.76 -35.08 14.95
C GLU I 62 -51.16 -35.54 15.33
N GLY I 63 -51.34 -36.85 15.46
CA GLY I 63 -52.64 -37.39 15.80
C GLY I 63 -53.56 -37.72 14.64
N LEU I 64 -53.24 -37.29 13.41
CA LEU I 64 -54.01 -37.73 12.24
C LEU I 64 -53.80 -39.21 12.00
N VAL I 65 -54.86 -39.89 11.60
CA VAL I 65 -54.83 -41.31 11.31
C VAL I 65 -55.39 -41.52 9.91
N ARG I 66 -54.80 -42.47 9.18
CA ARG I 66 -55.27 -42.84 7.86
C ARG I 66 -56.72 -43.31 7.98
N GLY I 67 -57.59 -42.70 7.18
CA GLY I 67 -59.02 -43.00 7.21
C GLY I 67 -59.87 -41.90 7.80
N LEU I 68 -59.26 -40.99 8.57
CA LEU I 68 -60.05 -39.91 9.18
C LEU I 68 -60.83 -39.10 8.15
N PRO I 69 -62.03 -38.64 8.52
CA PRO I 69 -62.90 -37.97 7.55
C PRO I 69 -62.55 -36.49 7.36
N VAL I 70 -62.66 -36.04 6.11
CA VAL I 70 -62.35 -34.67 5.72
C VAL I 70 -63.50 -34.07 4.90
N LYS I 71 -63.87 -32.83 5.23
CA LYS I 71 -64.99 -32.13 4.60
C LYS I 71 -64.50 -31.01 3.69
N ASP I 72 -65.07 -30.92 2.49
CA ASP I 72 -64.79 -29.78 1.60
C ASP I 72 -65.67 -28.61 2.01
N THR I 73 -65.07 -27.47 2.31
CA THR I 73 -65.84 -26.26 2.67
C THR I 73 -66.49 -25.60 1.47
N GLY I 74 -66.01 -25.93 0.26
CA GLY I 74 -66.53 -25.36 -0.96
C GLY I 74 -65.89 -24.04 -1.35
N GLY I 75 -64.78 -23.69 -0.71
CA GLY I 75 -64.07 -22.45 -1.01
C GLY I 75 -62.75 -22.37 -0.28
N PRO I 76 -61.90 -21.41 -0.67
CA PRO I 76 -60.58 -21.26 -0.03
C PRO I 76 -60.67 -20.79 1.40
N ILE I 77 -59.53 -20.77 2.08
CA ILE I 77 -59.49 -20.32 3.47
C ILE I 77 -60.06 -18.90 3.50
N MET I 78 -61.05 -18.69 4.36
CA MET I 78 -61.67 -17.38 4.51
C MET I 78 -61.48 -16.88 5.94
N VAL I 79 -61.22 -15.59 6.08
CA VAL I 79 -60.95 -14.98 7.39
C VAL I 79 -61.82 -13.74 7.58
N PRO I 80 -62.02 -13.34 8.84
CA PRO I 80 -62.77 -12.11 9.14
C PRO I 80 -62.04 -10.85 8.68
N VAL I 81 -62.78 -9.90 8.14
CA VAL I 81 -62.23 -8.63 7.64
C VAL I 81 -63.19 -7.48 7.91
N GLY I 82 -62.63 -6.29 8.08
CA GLY I 82 -63.41 -5.08 8.39
C GLY I 82 -62.95 -4.43 9.68
N ASP I 83 -63.72 -3.46 10.15
CA ASP I 83 -63.39 -2.71 11.37
C ASP I 83 -63.33 -3.61 12.62
N ALA I 84 -63.96 -4.79 12.55
CA ALA I 84 -63.92 -5.78 13.64
C ALA I 84 -62.54 -6.38 13.91
N THR I 85 -61.65 -6.35 12.94
CA THR I 85 -60.29 -6.89 13.12
C THR I 85 -59.40 -5.96 13.95
N LEU I 86 -59.73 -4.67 14.00
CA LEU I 86 -58.91 -3.68 14.70
C LEU I 86 -58.85 -3.92 16.21
N GLY I 87 -57.63 -3.99 16.75
CA GLY I 87 -57.41 -4.27 18.17
C GLY I 87 -57.46 -5.75 18.52
N ARG I 88 -57.77 -6.60 17.54
CA ARG I 88 -57.81 -8.04 17.71
C ARG I 88 -56.52 -8.67 17.21
N ILE I 89 -56.19 -9.86 17.73
CA ILE I 89 -55.06 -10.68 17.26
C ILE I 89 -55.62 -11.97 16.65
N LEU I 90 -55.28 -12.23 15.39
CA LEU I 90 -55.78 -13.41 14.66
C LEU I 90 -54.61 -14.32 14.28
N ASN I 91 -54.92 -15.59 14.02
CA ASN I 91 -53.95 -16.49 13.38
C ASN I 91 -54.28 -16.64 11.90
N VAL I 92 -53.43 -17.37 11.22
CA VAL I 92 -53.52 -17.58 9.78
C VAL I 92 -54.90 -17.99 9.25
N VAL I 93 -55.63 -18.80 10.00
CA VAL I 93 -56.97 -19.23 9.57
C VAL I 93 -58.12 -18.49 10.27
N GLY I 94 -57.89 -17.24 10.67
CA GLY I 94 -58.95 -16.35 11.13
C GLY I 94 -59.42 -16.50 12.57
N GLU I 95 -58.79 -17.39 13.34
CA GLU I 95 -59.22 -17.62 14.71
C GLU I 95 -58.56 -16.60 15.66
N PRO I 96 -59.32 -16.13 16.65
CA PRO I 96 -58.78 -15.20 17.64
C PRO I 96 -57.73 -15.89 18.51
N VAL I 97 -56.66 -15.17 18.85
CA VAL I 97 -55.64 -15.69 19.77
C VAL I 97 -55.26 -14.64 20.81
N ASP I 98 -56.22 -13.77 21.13
CA ASP I 98 -56.06 -12.72 22.14
C ASP I 98 -56.90 -12.99 23.38
N GLU I 99 -57.57 -14.15 23.41
CA GLU I 99 -58.51 -14.51 24.48
C GLU I 99 -59.62 -13.47 24.66
N GLY I 100 -60.06 -12.85 23.56
CA GLY I 100 -61.09 -11.81 23.59
C GLY I 100 -62.42 -12.26 23.04
N GLY I 101 -62.57 -13.57 22.78
CA GLY I 101 -63.80 -14.13 22.24
C GLY I 101 -63.80 -14.15 20.71
N PRO I 102 -64.88 -14.67 20.12
CA PRO I 102 -64.96 -14.81 18.66
C PRO I 102 -65.01 -13.48 17.91
N VAL I 103 -64.48 -13.49 16.69
CA VAL I 103 -64.50 -12.32 15.83
C VAL I 103 -65.81 -12.35 15.04
N GLU I 104 -66.76 -11.52 15.45
CA GLU I 104 -68.07 -11.43 14.80
C GLU I 104 -68.04 -10.47 13.62
N ALA I 105 -67.50 -10.95 12.50
CA ALA I 105 -67.34 -10.13 11.30
C ALA I 105 -68.61 -10.13 10.47
N THR I 106 -68.86 -9.01 9.79
CA THR I 106 -69.94 -8.89 8.82
C THR I 106 -69.50 -9.41 7.46
N GLN I 107 -68.18 -9.44 7.23
CA GLN I 107 -67.60 -10.01 6.03
C GLN I 107 -66.49 -11.01 6.36
N THR I 108 -66.49 -12.13 5.64
CA THR I 108 -65.36 -13.05 5.61
C THR I 108 -64.81 -13.02 4.20
N ARG I 109 -63.49 -13.11 4.05
CA ARG I 109 -62.83 -12.96 2.77
C ARG I 109 -61.76 -14.03 2.62
N ALA I 110 -61.58 -14.51 1.39
CA ALA I 110 -60.56 -15.50 1.05
C ALA I 110 -59.19 -14.87 1.10
N ILE I 111 -58.21 -15.59 1.65
CA ILE I 111 -56.84 -15.09 1.73
C ILE I 111 -56.12 -15.10 0.39
N HIS I 112 -56.73 -15.72 -0.61
CA HIS I 112 -56.25 -15.65 -1.99
C HIS I 112 -57.13 -14.70 -2.81
N GLN I 113 -56.49 -14.02 -3.75
CA GLN I 113 -57.10 -12.89 -4.46
C GLN I 113 -56.25 -12.58 -5.70
N GLN I 114 -56.88 -12.05 -6.74
CA GLN I 114 -56.16 -11.59 -7.92
C GLN I 114 -55.38 -10.32 -7.57
N ALA I 115 -54.15 -10.20 -8.08
CA ALA I 115 -53.40 -8.94 -7.94
C ALA I 115 -54.04 -7.90 -8.83
N PRO I 116 -53.99 -6.63 -8.42
CA PRO I 116 -54.55 -5.53 -9.20
C PRO I 116 -54.13 -5.58 -10.66
N ASP I 117 -55.03 -5.18 -11.55
CA ASP I 117 -54.83 -5.21 -12.99
C ASP I 117 -53.99 -4.01 -13.44
N PHE I 118 -53.27 -4.15 -14.56
CA PHE I 118 -52.41 -3.08 -15.07
C PHE I 118 -53.13 -1.74 -15.18
N ALA I 119 -54.32 -1.75 -15.77
CA ALA I 119 -55.10 -0.52 -15.95
C ALA I 119 -55.50 0.15 -14.64
N ALA I 120 -55.50 -0.62 -13.54
CA ALA I 120 -55.86 -0.10 -12.22
C ALA I 120 -54.66 0.36 -11.38
N GLN I 121 -53.45 0.27 -11.95
CA GLN I 121 -52.23 0.57 -11.21
C GLN I 121 -52.12 2.06 -10.98
N ALA I 122 -51.55 2.44 -9.83
CA ALA I 122 -51.29 3.83 -9.50
C ALA I 122 -49.81 4.11 -9.67
N THR I 123 -49.48 5.33 -10.08
CA THR I 123 -48.09 5.75 -10.29
C THR I 123 -47.78 7.02 -9.48
N ALA I 124 -48.28 7.05 -8.25
CA ALA I 124 -48.05 8.19 -7.36
C ALA I 124 -46.64 8.11 -6.78
N SER I 125 -45.85 9.17 -6.98
CA SER I 125 -44.50 9.27 -6.43
C SER I 125 -44.44 10.44 -5.44
N GLU I 126 -44.51 10.13 -4.14
CA GLU I 126 -44.48 11.12 -3.09
C GLU I 126 -43.64 10.56 -1.94
N ILE I 127 -42.75 11.39 -1.39
CA ILE I 127 -41.87 10.95 -0.32
C ILE I 127 -42.63 10.64 0.96
N LEU I 128 -42.07 9.71 1.74
CA LEU I 128 -42.53 9.39 3.09
C LEU I 128 -41.34 9.60 4.04
N VAL I 129 -41.42 10.68 4.81
CA VAL I 129 -40.32 11.08 5.68
C VAL I 129 -40.35 10.23 6.96
N THR I 130 -39.23 9.56 7.23
CA THR I 130 -39.13 8.67 8.38
C THR I 130 -38.53 9.33 9.61
N GLY I 131 -37.78 10.41 9.44
CA GLY I 131 -37.08 11.03 10.57
C GLY I 131 -35.76 10.35 10.90
N ILE I 132 -35.39 9.36 10.09
CA ILE I 132 -34.12 8.67 10.24
C ILE I 132 -33.22 9.24 9.14
N LYS I 133 -32.07 9.78 9.55
CA LYS I 133 -31.16 10.48 8.65
C LYS I 133 -30.71 9.68 7.43
N VAL I 134 -30.22 8.46 7.63
CA VAL I 134 -29.67 7.66 6.53
C VAL I 134 -30.72 7.41 5.47
N ILE I 135 -31.89 6.98 5.93
CA ILE I 135 -33.01 6.65 5.05
C ILE I 135 -33.49 7.89 4.30
N ASP I 136 -33.85 8.95 5.02
CA ASP I 136 -34.39 10.16 4.38
C ASP I 136 -33.41 10.76 3.35
N LEU I 137 -32.13 10.84 3.71
CA LEU I 137 -31.13 11.43 2.83
C LEU I 137 -30.84 10.57 1.59
N LEU I 138 -30.35 9.35 1.82
CA LEU I 138 -29.79 8.49 0.77
C LEU I 138 -30.75 7.62 -0.02
N ALA I 139 -31.78 7.06 0.63
CA ALA I 139 -32.72 6.16 -0.05
C ALA I 139 -34.10 6.34 0.55
N PRO I 140 -34.73 7.50 0.32
CA PRO I 140 -36.00 7.85 0.97
C PRO I 140 -37.14 6.90 0.61
N TYR I 141 -38.06 6.72 1.55
CA TYR I 141 -39.22 5.86 1.32
C TYR I 141 -40.27 6.62 0.54
N SER I 142 -41.18 5.87 -0.08
CA SER I 142 -42.26 6.40 -0.91
C SER I 142 -43.59 6.06 -0.27
N LYS I 143 -44.49 7.04 -0.16
CA LYS I 143 -45.76 6.86 0.58
C LYS I 143 -46.40 5.49 0.42
N GLY I 144 -47.21 5.22 -0.59
CA GLY I 144 -47.74 3.88 -0.82
C GLY I 144 -46.78 3.01 -1.61
N GLY I 145 -45.49 3.08 -1.31
CA GLY I 145 -44.49 2.26 -1.98
C GLY I 145 -44.14 1.05 -1.14
N LYS I 146 -43.30 0.20 -1.70
CA LYS I 146 -42.86 -1.02 -1.03
C LYS I 146 -41.46 -0.85 -0.50
N ILE I 147 -41.30 -1.04 0.81
CA ILE I 147 -40.03 -0.85 1.49
C ILE I 147 -39.54 -2.17 2.06
N GLY I 148 -38.26 -2.48 1.82
CA GLY I 148 -37.62 -3.69 2.35
C GLY I 148 -36.47 -3.36 3.29
N LEU I 149 -36.42 -4.03 4.45
CA LEU I 149 -35.35 -3.88 5.42
C LEU I 149 -34.53 -5.16 5.50
N PHE I 150 -33.39 -5.20 4.79
CA PHE I 150 -32.58 -6.43 4.72
C PHE I 150 -31.58 -6.49 5.86
N GLY I 151 -31.38 -7.67 6.42
CA GLY I 151 -30.41 -7.83 7.48
C GLY I 151 -30.14 -9.24 7.92
N GLY I 152 -28.87 -9.51 8.24
CA GLY I 152 -28.46 -10.79 8.82
C GLY I 152 -28.90 -10.90 10.27
N ALA I 153 -28.54 -12.00 10.91
CA ALA I 153 -29.03 -12.29 12.26
C ALA I 153 -28.61 -11.23 13.30
N GLY I 154 -29.60 -10.68 13.99
CA GLY I 154 -29.36 -9.72 15.07
C GLY I 154 -28.60 -8.46 14.67
N VAL I 155 -28.80 -8.00 13.44
CA VAL I 155 -28.15 -6.77 12.94
C VAL I 155 -29.02 -5.52 13.16
N GLY I 156 -30.31 -5.71 13.41
CA GLY I 156 -31.22 -4.62 13.75
C GLY I 156 -32.51 -4.47 12.97
N LYS I 157 -32.98 -5.51 12.29
CA LYS I 157 -34.20 -5.38 11.46
C LYS I 157 -35.44 -5.06 12.28
N THR I 158 -35.63 -5.79 13.38
CA THR I 158 -36.80 -5.61 14.23
C THR I 158 -36.79 -4.24 14.90
N VAL I 159 -35.65 -3.85 15.47
CA VAL I 159 -35.52 -2.52 16.08
C VAL I 159 -35.93 -1.45 15.06
N LEU I 160 -35.43 -1.58 13.84
CA LEU I 160 -35.73 -0.61 12.78
C LEU I 160 -37.22 -0.56 12.42
N ILE I 161 -37.85 -1.72 12.25
CA ILE I 161 -39.26 -1.74 11.89
C ILE I 161 -40.12 -1.18 13.03
N MET I 162 -39.72 -1.44 14.26
CA MET I 162 -40.46 -0.94 15.41
C MET I 162 -40.33 0.58 15.51
N GLU I 163 -39.12 1.09 15.29
CA GLU I 163 -38.92 2.53 15.24
C GLU I 163 -39.78 3.14 14.14
N LEU I 164 -39.85 2.48 12.98
CA LEU I 164 -40.68 2.95 11.86
C LEU I 164 -42.16 2.97 12.21
N ILE I 165 -42.64 1.98 12.96
CA ILE I 165 -44.03 1.98 13.42
C ILE I 165 -44.22 3.17 14.37
N ASN I 166 -43.25 3.35 15.27
CA ASN I 166 -43.25 4.48 16.20
C ASN I 166 -43.18 5.84 15.51
N ASN I 167 -42.49 5.93 14.38
CA ASN I 167 -42.32 7.21 13.67
C ASN I 167 -43.36 7.48 12.58
N ILE I 168 -43.97 6.44 12.01
CA ILE I 168 -44.89 6.58 10.87
C ILE I 168 -46.33 6.24 11.26
N ALA I 169 -46.54 5.04 11.79
CA ALA I 169 -47.88 4.57 12.21
C ALA I 169 -48.49 5.54 13.24
N LYS I 170 -47.68 5.95 14.20
CA LYS I 170 -47.93 7.16 14.96
C LYS I 170 -47.77 8.33 14.00
N VAL I 171 -48.80 9.13 13.93
CA VAL I 171 -48.95 10.25 12.96
C VAL I 171 -49.42 9.75 11.59
N HIS I 172 -50.09 8.60 11.58
CA HIS I 172 -50.83 8.13 10.41
C HIS I 172 -52.34 8.27 10.61
N SER I 173 -53.02 8.84 9.62
CA SER I 173 -54.47 9.02 9.67
C SER I 173 -55.23 7.70 9.62
N GLY I 174 -54.83 6.82 8.70
CA GLY I 174 -55.54 5.57 8.43
C GLY I 174 -55.32 4.44 9.43
N TYR I 175 -55.53 3.20 8.96
CA TYR I 175 -55.33 2.01 9.79
C TYR I 175 -54.03 1.31 9.44
N SER I 176 -53.58 0.47 10.36
CA SER I 176 -52.36 -0.31 10.17
C SER I 176 -52.63 -1.80 10.42
N VAL I 177 -51.86 -2.63 9.73
CA VAL I 177 -51.87 -4.07 9.93
C VAL I 177 -50.43 -4.51 10.17
N PHE I 178 -50.19 -5.19 11.29
CA PHE I 178 -48.89 -5.79 11.55
C PHE I 178 -49.03 -7.30 11.42
N ALA I 179 -48.11 -7.92 10.67
CA ALA I 179 -48.11 -9.36 10.46
C ALA I 179 -46.81 -9.97 11.00
N GLY I 180 -46.92 -10.69 12.10
CA GLY I 180 -45.79 -11.46 12.62
C GLY I 180 -45.72 -12.75 11.84
N VAL I 181 -44.62 -12.94 11.10
CA VAL I 181 -44.43 -14.15 10.29
C VAL I 181 -43.13 -14.83 10.71
N GLY I 182 -43.25 -15.98 11.35
CA GLY I 182 -42.09 -16.79 11.73
C GLY I 182 -41.04 -16.13 12.60
N GLU I 183 -41.44 -15.19 13.46
CA GLU I 183 -40.50 -14.50 14.36
C GLU I 183 -40.81 -14.83 15.82
N ARG I 184 -40.35 -13.99 16.76
CA ARG I 184 -40.45 -14.28 18.20
C ARG I 184 -41.81 -13.92 18.79
N THR I 185 -42.45 -14.92 19.40
CA THR I 185 -43.73 -14.73 20.07
C THR I 185 -43.68 -13.66 21.14
N ARG I 186 -42.64 -13.66 21.96
CA ARG I 186 -42.52 -12.64 23.01
C ARG I 186 -42.37 -11.23 22.44
N GLU I 187 -41.85 -11.11 21.22
CA GLU I 187 -41.85 -9.82 20.51
C GLU I 187 -43.28 -9.41 20.19
N GLY I 188 -44.13 -10.41 19.93
CA GLY I 188 -45.56 -10.19 19.78
C GLY I 188 -46.21 -9.72 21.07
N ASN I 189 -45.80 -10.32 22.18
CA ASN I 189 -46.29 -9.93 23.50
C ASN I 189 -45.87 -8.51 23.86
N ASP I 190 -44.61 -8.17 23.55
CA ASP I 190 -44.09 -6.83 23.81
C ASP I 190 -44.84 -5.80 22.97
N LEU I 191 -45.03 -6.12 21.69
CA LEU I 191 -45.68 -5.20 20.76
C LEU I 191 -47.12 -4.98 21.17
N TYR I 192 -47.82 -6.07 21.51
CA TYR I 192 -49.21 -6.00 21.95
C TYR I 192 -49.35 -5.07 23.16
N HIS I 193 -48.53 -5.27 24.18
CA HIS I 193 -48.61 -4.43 25.37
C HIS I 193 -48.10 -3.00 25.14
N GLU I 194 -47.15 -2.84 24.23
CA GLU I 194 -46.66 -1.52 23.84
C GLU I 194 -47.77 -0.69 23.17
N MET I 195 -48.51 -1.32 22.26
CA MET I 195 -49.61 -0.66 21.56
C MET I 195 -50.78 -0.31 22.48
N VAL I 196 -51.02 -1.12 23.52
CA VAL I 196 -52.06 -0.82 24.51
C VAL I 196 -51.64 0.42 25.29
N GLU I 197 -50.39 0.43 25.75
CA GLU I 197 -49.81 1.57 26.47
C GLU I 197 -50.00 2.87 25.70
N SER I 198 -49.63 2.86 24.42
CA SER I 198 -49.70 4.06 23.58
C SER I 198 -51.11 4.40 23.09
N GLY I 199 -52.06 3.49 23.28
CA GLY I 199 -53.45 3.73 22.92
C GLY I 199 -53.82 3.42 21.47
N VAL I 200 -52.86 3.01 20.63
CA VAL I 200 -53.23 2.65 19.25
C VAL I 200 -54.11 1.38 19.25
N ILE I 201 -53.98 0.58 20.29
CA ILE I 201 -54.93 -0.50 20.57
C ILE I 201 -55.64 -0.20 21.87
N LYS I 202 -56.96 -0.38 21.88
CA LYS I 202 -57.74 -0.21 23.10
C LYS I 202 -58.64 -1.43 23.32
N PRO I 203 -58.52 -2.09 24.49
CA PRO I 203 -59.35 -3.26 24.81
C PRO I 203 -60.76 -2.92 25.32
N ASP I 204 -61.00 -1.64 25.60
CA ASP I 204 -62.31 -1.15 26.08
C ASP I 204 -63.13 -0.44 24.99
N ASP I 205 -62.46 0.20 24.04
CA ASP I 205 -63.09 0.71 22.86
C ASP I 205 -62.38 0.06 21.68
N LEU I 206 -62.85 -1.13 21.33
CA LEU I 206 -62.27 -1.88 20.20
C LEU I 206 -62.53 -1.21 18.85
N SER I 207 -63.48 -0.25 18.80
CA SER I 207 -63.69 0.54 17.60
C SER I 207 -62.63 1.62 17.45
N LYS I 208 -62.12 2.15 18.57
CA LYS I 208 -61.07 3.18 18.56
C LYS I 208 -59.67 2.64 18.20
N SER I 209 -59.43 1.35 18.43
CA SER I 209 -58.17 0.73 17.99
C SER I 209 -57.85 1.10 16.53
N GLN I 210 -56.58 1.33 16.23
CA GLN I 210 -56.13 1.72 14.89
C GLN I 210 -55.31 0.64 14.18
N VAL I 211 -54.97 -0.44 14.88
CA VAL I 211 -54.13 -1.50 14.33
C VAL I 211 -54.81 -2.85 14.44
N ALA I 212 -54.64 -3.67 13.41
CA ALA I 212 -55.10 -5.06 13.41
C ALA I 212 -53.89 -5.98 13.43
N LEU I 213 -53.90 -6.99 14.30
CA LEU I 213 -52.75 -7.89 14.45
C LEU I 213 -53.03 -9.28 13.88
N VAL I 214 -52.03 -9.84 13.19
CA VAL I 214 -52.07 -11.21 12.66
C VAL I 214 -50.72 -11.85 12.98
N TYR I 215 -50.74 -13.01 13.63
CA TYR I 215 -49.49 -13.66 14.06
C TYR I 215 -49.45 -15.15 13.77
N GLY I 216 -48.36 -15.55 13.13
CA GLY I 216 -47.98 -16.95 12.93
C GLY I 216 -46.48 -17.01 13.10
N GLN I 217 -46.04 -17.19 14.34
CA GLN I 217 -44.64 -17.06 14.71
C GLN I 217 -43.84 -18.36 14.56
N MET I 218 -42.56 -18.32 14.91
CA MET I 218 -41.65 -19.45 14.68
C MET I 218 -41.97 -20.73 15.49
N ASN I 219 -42.95 -20.67 16.37
CA ASN I 219 -43.52 -21.87 16.99
C ASN I 219 -44.52 -22.63 16.12
N GLU I 220 -45.02 -21.99 15.07
CA GLU I 220 -46.02 -22.58 14.18
C GLU I 220 -45.43 -23.50 13.12
N PRO I 221 -46.20 -24.50 12.68
CA PRO I 221 -45.78 -25.39 11.62
C PRO I 221 -45.77 -24.67 10.27
N PRO I 222 -45.04 -25.23 9.28
CA PRO I 222 -44.77 -24.59 8.00
C PRO I 222 -45.99 -24.04 7.27
N GLY I 223 -47.08 -24.82 7.19
CA GLY I 223 -48.27 -24.38 6.47
C GLY I 223 -48.80 -23.06 6.98
N ALA I 224 -48.83 -22.91 8.30
CA ALA I 224 -49.33 -21.68 8.93
C ALA I 224 -48.45 -20.48 8.61
N ARG I 225 -47.16 -20.65 8.84
CA ARG I 225 -46.16 -19.63 8.51
C ARG I 225 -46.15 -19.29 7.02
N MET I 226 -46.49 -20.27 6.18
CA MET I 226 -46.51 -20.06 4.73
C MET I 226 -47.71 -19.23 4.28
N ARG I 227 -48.70 -19.10 5.15
CA ARG I 227 -49.93 -18.40 4.81
C ARG I 227 -50.28 -17.15 5.63
N VAL I 228 -49.73 -17.00 6.83
CA VAL I 228 -50.04 -15.82 7.67
C VAL I 228 -49.89 -14.48 6.97
N ALA I 229 -48.93 -14.36 6.07
CA ALA I 229 -48.70 -13.12 5.35
C ALA I 229 -49.89 -12.81 4.43
N LEU I 230 -50.42 -13.83 3.77
CA LEU I 230 -51.62 -13.66 2.95
C LEU I 230 -52.78 -13.18 3.80
N THR I 231 -52.92 -13.79 4.98
CA THR I 231 -53.98 -13.44 5.92
C THR I 231 -53.90 -11.97 6.32
N GLY I 232 -52.71 -11.54 6.70
CA GLY I 232 -52.48 -10.16 7.10
C GLY I 232 -52.75 -9.19 5.97
N LEU I 233 -52.15 -9.46 4.81
CA LEU I 233 -52.32 -8.64 3.63
C LEU I 233 -53.78 -8.58 3.16
N THR I 234 -54.54 -9.64 3.41
CA THR I 234 -55.97 -9.67 3.07
C THR I 234 -56.77 -8.66 3.89
N VAL I 235 -56.42 -8.53 5.16
CA VAL I 235 -57.04 -7.54 6.03
C VAL I 235 -56.73 -6.13 5.53
N ALA I 236 -55.50 -5.92 5.10
CA ALA I 236 -55.06 -4.61 4.60
C ALA I 236 -55.69 -4.26 3.25
N GLU I 237 -55.97 -5.27 2.42
CA GLU I 237 -56.64 -5.04 1.14
C GLU I 237 -58.03 -4.42 1.32
N GLN I 238 -58.73 -4.88 2.36
CA GLN I 238 -60.07 -4.36 2.65
C GLN I 238 -59.97 -2.87 2.97
N PHE I 239 -59.08 -2.51 3.88
CA PHE I 239 -58.91 -1.10 4.24
C PHE I 239 -58.43 -0.28 3.05
N ARG I 240 -57.65 -0.88 2.15
CA ARG I 240 -57.21 -0.16 0.94
C ARG I 240 -58.39 0.24 0.06
N ASP I 241 -59.30 -0.70 -0.22
CA ASP I 241 -60.41 -0.48 -1.15
C ASP I 241 -61.70 -0.05 -0.45
N ALA I 242 -62.20 -0.94 0.42
CA ALA I 242 -63.52 -0.78 1.04
C ALA I 242 -63.70 0.51 1.82
N THR I 243 -62.60 1.22 2.09
CA THR I 243 -62.64 2.55 2.68
C THR I 243 -62.00 3.66 1.84
N GLY I 244 -61.22 3.28 0.83
CA GLY I 244 -60.55 4.24 -0.03
C GLY I 244 -59.69 5.19 0.78
N THR I 245 -58.64 4.65 1.39
CA THR I 245 -57.80 5.39 2.34
C THR I 245 -56.33 4.98 2.16
N ASP I 246 -55.46 5.46 3.05
CA ASP I 246 -54.10 5.01 3.12
C ASP I 246 -53.93 3.94 4.20
N VAL I 247 -53.24 2.86 3.87
CA VAL I 247 -53.02 1.76 4.80
C VAL I 247 -51.53 1.48 4.97
N LEU I 248 -51.12 1.22 6.21
CA LEU I 248 -49.75 0.75 6.49
C LEU I 248 -49.77 -0.74 6.74
N PHE I 249 -48.84 -1.46 6.13
CA PHE I 249 -48.71 -2.90 6.27
C PHE I 249 -47.29 -3.20 6.74
N PHE I 250 -47.16 -3.71 7.96
CA PHE I 250 -45.85 -4.02 8.53
C PHE I 250 -45.71 -5.52 8.60
N VAL I 251 -44.54 -6.04 8.18
CA VAL I 251 -44.28 -7.49 8.13
C VAL I 251 -42.88 -7.80 8.66
N ASP I 252 -42.81 -8.46 9.82
CA ASP I 252 -41.55 -8.97 10.37
C ASP I 252 -41.81 -10.45 10.57
N ASN I 253 -41.27 -11.35 9.75
CA ASN I 253 -40.26 -11.11 8.69
C ASN I 253 -40.73 -11.85 7.44
N ILE I 254 -40.87 -11.16 6.30
CA ILE I 254 -41.41 -11.82 5.10
C ILE I 254 -40.52 -12.94 4.57
N PHE I 255 -39.23 -12.94 4.87
CA PHE I 255 -38.37 -14.10 4.54
C PHE I 255 -39.03 -15.41 4.99
N ARG I 256 -39.54 -15.41 6.21
CA ARG I 256 -40.11 -16.62 6.80
C ARG I 256 -41.26 -17.22 5.96
N PHE I 257 -41.88 -16.40 5.11
CA PHE I 257 -42.88 -16.87 4.14
C PHE I 257 -42.24 -17.86 3.16
N THR I 258 -41.12 -17.44 2.58
CA THR I 258 -40.37 -18.25 1.63
C THR I 258 -39.73 -19.47 2.29
N GLN I 259 -39.24 -19.31 3.52
CA GLN I 259 -38.63 -20.41 4.27
C GLN I 259 -39.66 -21.50 4.55
N ALA I 260 -40.83 -21.10 5.02
CA ALA I 260 -41.91 -22.05 5.30
C ALA I 260 -42.31 -22.84 4.06
N GLY I 261 -42.41 -22.15 2.93
CA GLY I 261 -42.73 -22.79 1.66
C GLY I 261 -41.67 -23.79 1.24
N SER I 262 -40.42 -23.47 1.58
CA SER I 262 -39.30 -24.36 1.36
C SER I 262 -39.44 -25.68 2.12
N GLU I 263 -40.05 -25.61 3.30
CA GLU I 263 -40.25 -26.79 4.15
C GLU I 263 -41.28 -27.76 3.58
N VAL I 264 -42.41 -27.25 3.10
CA VAL I 264 -43.46 -28.11 2.53
C VAL I 264 -43.10 -28.59 1.14
N SER I 265 -42.45 -27.74 0.36
CA SER I 265 -42.06 -28.10 -1.01
C SER I 265 -41.24 -29.37 -1.01
N ALA I 266 -40.36 -29.49 -0.02
CA ALA I 266 -39.57 -30.70 0.16
C ALA I 266 -40.44 -31.94 0.33
N LEU I 267 -41.71 -31.74 0.71
CA LEU I 267 -42.65 -32.84 0.93
C LEU I 267 -43.79 -32.92 -0.08
N LEU I 268 -43.91 -31.95 -0.98
CA LEU I 268 -44.94 -32.00 -2.02
C LEU I 268 -44.47 -32.76 -3.27
N GLY I 269 -43.20 -33.18 -3.29
CA GLY I 269 -42.64 -33.90 -4.42
C GLY I 269 -42.04 -33.05 -5.53
N ARG I 270 -41.88 -31.74 -5.31
CA ARG I 270 -41.14 -30.88 -6.24
C ARG I 270 -39.66 -31.24 -6.23
N ILE I 271 -39.05 -31.26 -7.43
CA ILE I 271 -37.61 -31.40 -7.52
C ILE I 271 -37.03 -30.07 -7.06
N PRO I 272 -36.09 -30.11 -6.10
CA PRO I 272 -35.55 -28.91 -5.50
C PRO I 272 -34.77 -28.04 -6.48
N SER I 273 -34.77 -26.73 -6.21
CA SER I 273 -34.04 -25.76 -7.00
C SER I 273 -32.81 -25.33 -6.19
N ALA I 274 -32.26 -24.14 -6.49
CA ALA I 274 -31.00 -23.68 -5.88
C ALA I 274 -31.02 -23.64 -4.35
N VAL I 275 -29.97 -24.19 -3.74
CA VAL I 275 -29.85 -24.22 -2.29
C VAL I 275 -31.00 -24.93 -1.58
N GLY I 276 -31.63 -25.87 -2.28
CA GLY I 276 -32.72 -26.66 -1.74
C GLY I 276 -34.08 -25.98 -1.69
N TYR I 277 -34.19 -24.76 -2.20
CA TYR I 277 -35.48 -24.05 -2.21
C TYR I 277 -36.43 -24.60 -3.26
N GLN I 278 -37.72 -24.49 -2.97
CA GLN I 278 -38.80 -24.66 -3.92
C GLN I 278 -38.54 -24.01 -5.28
N PRO I 279 -38.87 -24.74 -6.36
CA PRO I 279 -38.73 -24.21 -7.72
C PRO I 279 -39.73 -23.10 -8.03
N THR I 280 -40.80 -23.02 -7.23
CA THR I 280 -41.81 -21.99 -7.36
C THR I 280 -41.48 -20.73 -6.55
N LEU I 281 -40.26 -20.62 -6.02
CA LEU I 281 -39.87 -19.50 -5.16
C LEU I 281 -40.28 -18.13 -5.70
N ALA I 282 -39.94 -17.86 -6.96
CA ALA I 282 -40.20 -16.56 -7.58
C ALA I 282 -41.69 -16.30 -7.79
N THR I 283 -42.43 -17.30 -8.27
CA THR I 283 -43.86 -17.12 -8.52
C THR I 283 -44.66 -17.15 -7.23
N ASP I 284 -44.26 -17.97 -6.25
CA ASP I 284 -44.90 -17.95 -4.93
C ASP I 284 -44.83 -16.55 -4.35
N MET I 285 -43.62 -15.97 -4.37
CA MET I 285 -43.42 -14.61 -3.89
C MET I 285 -44.20 -13.60 -4.72
N GLY I 286 -44.17 -13.76 -6.04
CA GLY I 286 -44.86 -12.87 -6.95
C GLY I 286 -46.36 -12.79 -6.76
N ALA I 287 -47.04 -13.93 -6.68
CA ALA I 287 -48.49 -13.96 -6.45
C ALA I 287 -48.89 -13.32 -5.12
N MET I 288 -47.96 -13.28 -4.15
CA MET I 288 -48.22 -12.65 -2.86
C MET I 288 -47.87 -11.16 -2.90
N GLN I 289 -46.63 -10.87 -3.28
CA GLN I 289 -46.12 -9.50 -3.34
C GLN I 289 -46.94 -8.57 -4.22
N GLU I 290 -47.36 -9.03 -5.39
CA GLU I 290 -48.11 -8.15 -6.32
C GLU I 290 -49.47 -7.71 -5.82
N ARG I 291 -49.96 -8.33 -4.73
CA ARG I 291 -51.17 -7.84 -4.05
C ARG I 291 -50.83 -6.70 -3.08
N ILE I 292 -49.61 -6.71 -2.55
CA ILE I 292 -49.15 -5.63 -1.69
C ILE I 292 -48.79 -4.44 -2.58
N THR I 293 -49.81 -3.64 -2.91
CA THR I 293 -49.58 -2.48 -3.76
C THR I 293 -50.68 -1.43 -3.70
N SER I 294 -50.28 -0.23 -4.13
CA SER I 294 -51.18 0.87 -4.36
C SER I 294 -51.94 0.66 -5.66
N THR I 295 -53.23 1.00 -5.65
CA THR I 295 -54.07 1.06 -6.85
C THR I 295 -54.64 2.47 -6.96
N LYS I 296 -55.42 2.71 -8.00
CA LYS I 296 -56.11 3.99 -8.15
C LYS I 296 -57.21 4.15 -7.09
N ASN I 297 -57.64 3.03 -6.52
CA ASN I 297 -58.65 3.00 -5.44
C ASN I 297 -58.10 3.45 -4.08
N GLY I 298 -56.86 3.08 -3.78
CA GLY I 298 -56.26 3.40 -2.48
C GLY I 298 -54.80 2.96 -2.42
N SER I 299 -54.08 3.37 -1.38
CA SER I 299 -52.67 3.00 -1.28
C SER I 299 -52.32 2.15 -0.06
N ILE I 300 -51.33 1.28 -0.27
CA ILE I 300 -50.74 0.47 0.79
C ILE I 300 -49.25 0.81 0.86
N THR I 301 -48.80 1.25 2.02
CA THR I 301 -47.38 1.48 2.27
C THR I 301 -46.92 0.28 3.07
N SER I 302 -46.06 -0.55 2.47
CA SER I 302 -45.56 -1.75 3.15
C SER I 302 -44.11 -1.62 3.61
N ILE I 303 -43.86 -2.06 4.84
CA ILE I 303 -42.51 -2.14 5.40
C ILE I 303 -42.27 -3.61 5.76
N GLN I 304 -41.39 -4.26 5.01
CA GLN I 304 -41.15 -5.69 5.16
C GLN I 304 -39.71 -5.96 5.59
N ALA I 305 -39.53 -6.49 6.79
CA ALA I 305 -38.20 -6.94 7.24
C ALA I 305 -37.84 -8.22 6.48
N VAL I 306 -36.60 -8.27 5.98
CA VAL I 306 -36.14 -9.39 5.14
C VAL I 306 -34.85 -9.98 5.72
N TYR I 307 -34.95 -11.20 6.24
CA TYR I 307 -33.81 -11.91 6.80
C TYR I 307 -32.87 -12.36 5.69
N VAL I 308 -31.58 -12.38 5.98
CA VAL I 308 -30.56 -12.73 5.00
C VAL I 308 -29.73 -13.91 5.54
N PRO I 309 -30.03 -15.13 5.04
CA PRO I 309 -29.32 -16.34 5.45
C PRO I 309 -27.80 -16.17 5.40
N ALA I 310 -27.13 -16.47 6.51
CA ALA I 310 -25.67 -16.40 6.56
C ALA I 310 -25.07 -15.07 6.10
N ASP I 311 -25.85 -13.99 6.15
CA ASP I 311 -25.42 -12.69 5.64
C ASP I 311 -25.09 -12.70 4.14
N ASP I 312 -25.69 -13.63 3.40
CA ASP I 312 -25.42 -13.77 1.97
C ASP I 312 -26.60 -13.19 1.16
N LEU I 313 -26.43 -11.97 0.67
CA LEU I 313 -27.47 -11.32 -0.10
C LEU I 313 -27.77 -11.98 -1.45
N THR I 314 -26.89 -12.87 -1.91
CA THR I 314 -27.14 -13.60 -3.15
C THR I 314 -27.96 -14.87 -2.88
N ASP I 315 -28.26 -15.15 -1.60
CA ASP I 315 -29.19 -16.23 -1.31
C ASP I 315 -30.48 -15.97 -2.08
N PRO I 316 -31.03 -16.99 -2.75
CA PRO I 316 -32.18 -16.76 -3.63
C PRO I 316 -33.37 -16.06 -2.97
N ALA I 317 -33.61 -16.31 -1.68
CA ALA I 317 -34.74 -15.70 -1.00
C ALA I 317 -34.64 -14.16 -1.03
N PRO I 318 -33.62 -13.58 -0.37
CA PRO I 318 -33.43 -12.12 -0.41
C PRO I 318 -33.20 -11.57 -1.82
N ALA I 319 -32.38 -12.26 -2.61
CA ALA I 319 -32.06 -11.80 -3.95
C ALA I 319 -33.30 -11.62 -4.82
N THR I 320 -34.29 -12.48 -4.63
CA THR I 320 -35.53 -12.41 -5.38
C THR I 320 -36.48 -11.37 -4.80
N THR I 321 -36.28 -11.01 -3.53
CA THR I 321 -37.12 -9.98 -2.89
C THR I 321 -36.85 -8.57 -3.43
N PHE I 322 -35.60 -8.27 -3.76
CA PHE I 322 -35.26 -6.93 -4.27
C PHE I 322 -36.14 -6.51 -5.43
N ALA I 323 -36.43 -7.44 -6.33
CA ALA I 323 -37.26 -7.14 -7.51
C ALA I 323 -38.69 -6.68 -7.19
N HIS I 324 -39.14 -6.84 -5.94
CA HIS I 324 -40.47 -6.42 -5.53
C HIS I 324 -40.51 -5.09 -4.76
N LEU I 325 -39.38 -4.38 -4.67
CA LEU I 325 -39.30 -3.22 -3.77
C LEU I 325 -39.13 -1.87 -4.47
N ASP I 326 -39.68 -0.83 -3.85
CA ASP I 326 -39.47 0.54 -4.30
C ASP I 326 -38.33 1.22 -3.54
N ALA I 327 -38.07 0.78 -2.31
CA ALA I 327 -36.91 1.26 -1.55
C ALA I 327 -36.29 0.09 -0.81
N THR I 328 -34.97 0.10 -0.66
CA THR I 328 -34.26 -0.97 0.04
C THR I 328 -33.31 -0.38 1.08
N THR I 329 -33.46 -0.80 2.34
CA THR I 329 -32.54 -0.43 3.41
C THR I 329 -31.77 -1.69 3.78
N VAL I 330 -30.50 -1.76 3.38
CA VAL I 330 -29.67 -2.94 3.63
C VAL I 330 -28.85 -2.75 4.90
N LEU I 331 -29.11 -3.54 5.94
CA LEU I 331 -28.33 -3.46 7.17
C LEU I 331 -27.03 -4.26 7.02
N SER I 332 -25.97 -3.79 7.65
CA SER I 332 -24.64 -4.40 7.52
C SER I 332 -24.07 -4.83 8.86
N ARG I 333 -23.56 -6.06 8.93
CA ARG I 333 -22.97 -6.57 10.18
C ARG I 333 -21.67 -5.84 10.52
N ALA I 334 -20.88 -5.50 9.50
CA ALA I 334 -19.63 -4.77 9.72
C ALA I 334 -19.88 -3.38 10.29
N ILE I 335 -20.97 -2.75 9.87
CA ILE I 335 -21.33 -1.42 10.36
C ILE I 335 -21.78 -1.52 11.83
N SER I 336 -22.69 -2.45 12.11
CA SER I 336 -23.19 -2.66 13.48
C SER I 336 -22.05 -2.91 14.47
N GLU I 337 -21.06 -3.70 14.05
CA GLU I 337 -19.91 -4.00 14.89
C GLU I 337 -19.04 -2.77 15.17
N LEU I 338 -19.12 -1.76 14.30
CA LEU I 338 -18.46 -0.48 14.56
C LEU I 338 -19.24 0.40 15.54
N GLY I 339 -20.40 -0.06 15.98
CA GLY I 339 -21.24 0.68 16.91
C GLY I 339 -22.20 1.64 16.23
N ILE I 340 -22.20 1.67 14.90
CA ILE I 340 -23.04 2.59 14.15
C ILE I 340 -24.43 2.00 13.94
N TYR I 341 -25.42 2.59 14.60
CA TYR I 341 -26.82 2.18 14.46
C TYR I 341 -27.66 3.37 14.02
N PRO I 342 -28.66 3.17 13.16
CA PRO I 342 -28.96 1.87 12.54
C PRO I 342 -27.82 1.47 11.60
N ALA I 343 -27.59 0.17 11.49
CA ALA I 343 -26.44 -0.35 10.73
C ALA I 343 -26.65 -0.33 9.20
N VAL I 344 -27.09 0.81 8.67
CA VAL I 344 -27.47 0.89 7.26
C VAL I 344 -26.26 1.10 6.37
N ASP I 345 -26.09 0.23 5.38
CA ASP I 345 -25.06 0.37 4.36
C ASP I 345 -25.51 1.49 3.43
N PRO I 346 -24.83 2.64 3.50
CA PRO I 346 -25.22 3.81 2.72
C PRO I 346 -24.99 3.65 1.22
N LEU I 347 -24.18 2.66 0.82
CA LEU I 347 -23.83 2.43 -0.57
C LEU I 347 -24.52 1.21 -1.19
N ASP I 348 -25.29 0.47 -0.40
CA ASP I 348 -26.04 -0.68 -0.90
C ASP I 348 -27.56 -0.48 -0.73
N SER I 349 -27.96 0.72 -0.32
CA SER I 349 -29.36 1.06 -0.08
C SER I 349 -29.82 2.00 -1.19
N ASN I 350 -30.97 1.70 -1.81
CA ASN I 350 -31.49 2.48 -2.94
C ASN I 350 -32.98 2.80 -2.84
N SER I 351 -33.39 3.80 -3.59
CA SER I 351 -34.80 4.21 -3.65
C SER I 351 -35.17 4.67 -5.06
N ARG I 352 -36.31 4.20 -5.54
CA ARG I 352 -36.83 4.62 -6.85
C ARG I 352 -37.37 6.04 -6.78
N ILE I 353 -37.41 6.62 -5.59
CA ILE I 353 -37.83 8.01 -5.39
C ILE I 353 -36.67 9.00 -5.41
N LEU I 354 -35.44 8.54 -5.23
CA LEU I 354 -34.29 9.46 -5.24
C LEU I 354 -34.04 9.92 -6.68
N ASP I 355 -34.75 10.97 -7.05
CA ASP I 355 -34.71 11.59 -8.36
C ASP I 355 -34.90 13.08 -8.13
N PRO I 356 -34.03 13.92 -8.73
CA PRO I 356 -34.09 15.38 -8.52
C PRO I 356 -35.48 15.96 -8.77
N ALA I 357 -36.20 15.43 -9.76
CA ALA I 357 -37.57 15.85 -10.04
C ALA I 357 -38.57 15.50 -8.93
N VAL I 358 -38.20 14.57 -8.05
CA VAL I 358 -39.08 14.13 -6.95
C VAL I 358 -38.67 14.70 -5.60
N VAL I 359 -37.39 14.62 -5.25
CA VAL I 359 -36.91 15.10 -3.96
C VAL I 359 -36.33 16.52 -3.99
N GLY I 360 -36.08 17.04 -5.18
CA GLY I 360 -35.45 18.36 -5.34
C GLY I 360 -33.96 18.21 -5.56
N GLU I 361 -33.36 19.20 -6.23
CA GLU I 361 -31.95 19.14 -6.61
C GLU I 361 -31.00 19.24 -5.41
N GLU I 362 -31.38 20.01 -4.38
CA GLU I 362 -30.54 20.18 -3.20
C GLU I 362 -30.41 18.83 -2.47
N HIS I 363 -31.55 18.24 -2.13
CA HIS I 363 -31.63 16.90 -1.51
C HIS I 363 -30.84 15.91 -2.34
N TYR I 364 -31.16 15.89 -3.65
CA TYR I 364 -30.52 14.97 -4.58
C TYR I 364 -29.00 15.12 -4.58
N GLN I 365 -28.52 16.35 -4.72
CA GLN I 365 -27.08 16.65 -4.81
C GLN I 365 -26.32 16.28 -3.53
N VAL I 366 -26.93 16.56 -2.39
CA VAL I 366 -26.28 16.26 -1.11
C VAL I 366 -26.14 14.75 -0.91
N ALA I 367 -27.14 13.98 -1.32
CA ALA I 367 -27.06 12.52 -1.21
C ALA I 367 -25.92 11.97 -2.07
N ARG I 368 -25.92 12.33 -3.36
CA ARG I 368 -24.85 11.86 -4.24
C ARG I 368 -23.47 12.25 -3.71
N ASP I 369 -23.37 13.43 -3.11
CA ASP I 369 -22.10 13.90 -2.55
C ASP I 369 -21.63 13.05 -1.35
N VAL I 370 -22.55 12.74 -0.44
CA VAL I 370 -22.28 11.89 0.72
C VAL I 370 -21.82 10.50 0.26
N GLN I 371 -22.57 9.92 -0.67
CA GLN I 371 -22.22 8.61 -1.19
C GLN I 371 -20.89 8.65 -1.92
N GLY I 372 -20.61 9.75 -2.61
CA GLY I 372 -19.32 9.90 -3.30
C GLY I 372 -18.14 9.80 -2.34
N ILE I 373 -18.19 10.58 -1.27
CA ILE I 373 -17.10 10.60 -0.30
C ILE I 373 -16.98 9.26 0.46
N LEU I 374 -18.12 8.65 0.78
CA LEU I 374 -18.12 7.34 1.44
C LEU I 374 -17.53 6.25 0.55
N GLN I 375 -17.85 6.29 -0.74
CA GLN I 375 -17.28 5.34 -1.69
C GLN I 375 -15.78 5.54 -1.84
N LYS I 376 -15.35 6.80 -1.90
CA LYS I 376 -13.91 7.10 -1.96
C LYS I 376 -13.21 6.55 -0.73
N TYR I 377 -13.79 6.78 0.45
CA TYR I 377 -13.23 6.24 1.68
C TYR I 377 -13.16 4.72 1.61
N LYS I 378 -14.23 4.10 1.13
CA LYS I 378 -14.27 2.64 0.96
C LYS I 378 -13.10 2.14 0.11
N SER I 379 -12.87 2.80 -1.03
CA SER I 379 -11.80 2.38 -1.93
C SER I 379 -10.42 2.50 -1.29
N LEU I 380 -10.28 3.40 -0.31
CA LEU I 380 -9.03 3.59 0.42
C LEU I 380 -8.84 2.53 1.52
N GLN I 381 -9.89 2.27 2.29
CA GLN I 381 -9.83 1.35 3.45
C GLN I 381 -8.90 0.14 3.29
N ASP I 382 -8.84 -0.41 2.08
CA ASP I 382 -7.97 -1.56 1.78
C ASP I 382 -6.49 -1.24 1.93
N ILE I 383 -6.11 -0.05 1.48
CA ILE I 383 -4.73 0.42 1.51
C ILE I 383 -4.35 0.90 2.91
N ILE I 384 -5.35 1.32 3.69
CA ILE I 384 -5.17 1.82 5.04
C ILE I 384 -4.96 0.66 6.02
N ALA I 385 -5.57 -0.48 5.72
CA ALA I 385 -5.48 -1.66 6.56
C ALA I 385 -4.06 -2.14 6.80
N ILE I 386 -3.19 -2.03 5.79
CA ILE I 386 -1.81 -2.48 5.91
C ILE I 386 -0.90 -1.30 6.30
N LEU I 387 -0.78 -0.33 5.38
CA LEU I 387 0.14 0.79 5.55
C LEU I 387 -0.38 1.87 6.49
N GLY I 388 -1.70 2.07 6.52
CA GLY I 388 -2.29 3.09 7.38
C GLY I 388 -2.55 4.39 6.65
N MET I 389 -2.95 5.40 7.43
CA MET I 389 -3.43 6.66 6.89
C MET I 389 -2.32 7.60 6.40
N ASP I 390 -1.15 7.49 7.02
CA ASP I 390 0.00 8.31 6.68
C ASP I 390 0.47 8.17 5.23
N GLU I 391 0.04 7.11 4.54
CA GLU I 391 0.41 6.89 3.14
C GLU I 391 -0.59 7.46 2.12
N LEU I 392 -1.69 8.04 2.59
CA LEU I 392 -2.63 8.72 1.70
C LEU I 392 -2.15 10.10 1.30
N SER I 393 -2.62 10.55 0.13
CA SER I 393 -2.31 11.91 -0.34
C SER I 393 -2.93 12.91 0.61
N GLU I 394 -2.29 14.07 0.75
CA GLU I 394 -2.82 15.13 1.60
C GLU I 394 -4.29 15.46 1.29
N GLU I 395 -4.75 15.08 0.11
CA GLU I 395 -6.14 15.26 -0.29
C GLU I 395 -7.05 14.13 0.18
N ASP I 396 -6.62 12.89 -0.02
CA ASP I 396 -7.38 11.72 0.44
C ASP I 396 -7.44 11.67 1.96
N LYS I 397 -6.46 12.25 2.64
CA LYS I 397 -6.52 12.37 4.11
C LYS I 397 -7.76 13.16 4.49
N LEU I 398 -8.05 14.19 3.69
CA LEU I 398 -9.19 15.05 3.90
C LEU I 398 -10.52 14.35 3.66
N THR I 399 -10.63 13.58 2.57
CA THR I 399 -11.86 12.85 2.31
C THR I 399 -12.07 11.82 3.41
N VAL I 400 -11.00 11.15 3.84
CA VAL I 400 -11.10 10.22 4.95
C VAL I 400 -11.70 10.89 6.17
N ALA I 401 -11.17 12.05 6.54
CA ALA I 401 -11.64 12.78 7.73
C ALA I 401 -13.14 13.07 7.68
N ARG I 402 -13.59 13.69 6.58
CA ARG I 402 -15.00 14.01 6.42
C ARG I 402 -15.84 12.75 6.32
N ALA I 403 -15.34 11.74 5.61
CA ALA I 403 -16.05 10.47 5.47
C ALA I 403 -16.31 9.85 6.83
N ARG I 404 -15.28 9.76 7.66
CA ARG I 404 -15.45 9.16 8.99
C ARG I 404 -16.41 9.96 9.86
N LYS I 405 -16.44 11.28 9.68
CA LYS I 405 -17.40 12.11 10.39
C LYS I 405 -18.80 11.87 9.84
N ILE I 406 -18.92 11.69 8.53
CA ILE I 406 -20.20 11.38 7.89
C ILE I 406 -20.72 10.01 8.30
N GLN I 407 -19.85 9.00 8.37
CA GLN I 407 -20.24 7.66 8.86
C GLN I 407 -20.95 7.72 10.20
N ARG I 408 -20.43 8.57 11.10
CA ARG I 408 -20.97 8.70 12.44
C ARG I 408 -22.21 9.57 12.47
N PHE I 409 -22.27 10.56 11.58
CA PHE I 409 -23.42 11.44 11.55
C PHE I 409 -24.63 10.72 10.97
N LEU I 410 -24.40 9.63 10.22
CA LEU I 410 -25.51 8.78 9.77
C LEU I 410 -26.09 7.96 10.93
N SER I 411 -25.30 7.77 11.99
CA SER I 411 -25.79 7.07 13.18
C SER I 411 -26.78 7.94 13.94
N GLN I 412 -27.63 7.32 14.75
CA GLN I 412 -28.73 8.06 15.38
C GLN I 412 -29.38 7.22 16.48
N PRO I 413 -29.60 7.84 17.65
CA PRO I 413 -30.28 7.14 18.75
C PRO I 413 -31.78 7.06 18.49
N PHE I 414 -32.32 5.87 18.69
CA PHE I 414 -33.73 5.61 18.48
C PHE I 414 -34.48 5.68 19.81
N ASP I 415 -35.77 6.03 19.73
CA ASP I 415 -36.63 6.01 20.92
C ASP I 415 -36.80 4.58 21.42
N VAL I 416 -37.06 3.67 20.48
CA VAL I 416 -37.32 2.28 20.81
C VAL I 416 -36.08 1.50 21.29
N ALA I 417 -34.89 2.08 21.12
CA ALA I 417 -33.64 1.46 21.57
C ALA I 417 -33.13 2.03 22.89
N LYS I 418 -33.82 3.06 23.42
CA LYS I 418 -33.51 3.60 24.75
C LYS I 418 -33.25 2.48 25.77
N VAL I 419 -34.13 1.49 25.78
CA VAL I 419 -34.01 0.32 26.65
C VAL I 419 -32.61 -0.32 26.70
N PHE I 420 -31.79 -0.16 25.66
CA PHE I 420 -30.40 -0.67 25.71
C PHE I 420 -29.33 0.43 25.68
N THR I 421 -29.55 1.47 24.88
CA THR I 421 -28.53 2.51 24.69
C THR I 421 -28.42 3.45 25.88
N GLY I 422 -29.56 3.81 26.46
CA GLY I 422 -29.63 4.81 27.52
C GLY I 422 -29.62 6.24 27.00
N SER I 423 -29.80 6.39 25.69
CA SER I 423 -29.78 7.70 25.03
C SER I 423 -31.18 8.01 24.51
N ASP I 424 -31.67 9.20 24.81
CA ASP I 424 -33.02 9.58 24.39
C ASP I 424 -33.06 9.56 22.86
N GLY I 425 -34.14 9.01 22.32
CA GLY I 425 -34.32 8.88 20.89
C GLY I 425 -34.50 10.23 20.23
N VAL I 426 -34.19 10.31 18.92
CA VAL I 426 -34.29 11.58 18.18
C VAL I 426 -34.91 11.39 16.80
N GLN I 427 -35.69 12.39 16.37
CA GLN I 427 -36.29 12.44 15.05
C GLN I 427 -35.83 13.72 14.35
N VAL I 428 -35.07 13.58 13.27
CA VAL I 428 -34.57 14.73 12.51
C VAL I 428 -35.41 14.96 11.24
N PRO I 429 -36.00 16.16 11.10
CA PRO I 429 -36.77 16.50 9.89
C PRO I 429 -35.90 16.54 8.63
N LEU I 430 -36.45 16.07 7.52
CA LEU I 430 -35.70 15.94 6.25
C LEU I 430 -34.95 17.20 5.85
N GLU I 431 -35.58 18.36 6.01
CA GLU I 431 -34.95 19.64 5.71
C GLU I 431 -33.70 19.86 6.55
N ASP I 432 -33.76 19.47 7.82
CA ASP I 432 -32.64 19.62 8.73
C ASP I 432 -31.54 18.61 8.43
N THR I 433 -31.91 17.45 7.88
CA THR I 433 -30.95 16.43 7.49
C THR I 433 -30.12 16.87 6.29
N ILE I 434 -30.76 17.40 5.25
CA ILE I 434 -30.04 17.82 4.04
C ILE I 434 -29.01 18.88 4.37
N LYS I 435 -29.46 19.91 5.08
CA LYS I 435 -28.61 21.06 5.41
C LYS I 435 -27.38 20.59 6.18
N SER I 436 -27.64 19.94 7.31
CA SER I 436 -26.60 19.39 8.17
C SER I 436 -25.53 18.66 7.34
N PHE I 437 -25.96 17.70 6.53
CA PHE I 437 -25.04 16.93 5.70
C PHE I 437 -24.33 17.76 4.63
N LYS I 438 -24.98 18.81 4.13
CA LYS I 438 -24.36 19.69 3.15
C LYS I 438 -23.17 20.43 3.78
N ALA I 439 -23.40 20.98 4.97
CA ALA I 439 -22.37 21.69 5.71
C ALA I 439 -21.14 20.82 5.98
N VAL I 440 -21.35 19.58 6.40
CA VAL I 440 -20.24 18.66 6.67
C VAL I 440 -19.45 18.40 5.39
N VAL I 441 -20.16 18.15 4.30
CA VAL I 441 -19.55 17.90 2.99
C VAL I 441 -18.75 19.11 2.51
N ALA I 442 -19.26 20.31 2.77
CA ALA I 442 -18.58 21.54 2.36
C ALA I 442 -17.39 21.91 3.27
N GLY I 443 -17.24 21.21 4.39
CA GLY I 443 -16.09 21.37 5.27
C GLY I 443 -16.28 22.30 6.44
N GLU I 444 -17.50 22.79 6.63
CA GLU I 444 -17.79 23.75 7.70
C GLU I 444 -17.56 23.21 9.12
N TYR I 445 -17.27 21.91 9.26
CA TYR I 445 -16.98 21.33 10.58
C TYR I 445 -15.73 20.46 10.60
N ASP I 446 -14.81 20.71 9.67
CA ASP I 446 -13.52 20.02 9.69
C ASP I 446 -12.77 20.24 11.00
N HIS I 447 -13.12 21.31 11.71
CA HIS I 447 -12.55 21.61 13.01
C HIS I 447 -13.23 20.90 14.18
N LEU I 448 -14.36 20.23 13.94
CA LEU I 448 -15.05 19.47 14.99
C LEU I 448 -14.52 18.04 15.05
N PRO I 449 -14.39 17.49 16.26
CA PRO I 449 -13.89 16.14 16.45
C PRO I 449 -14.92 15.09 16.05
N GLU I 450 -14.46 13.98 15.49
CA GLU I 450 -15.31 12.83 15.11
C GLU I 450 -16.40 12.52 16.12
N ALA I 451 -15.96 12.28 17.36
CA ALA I 451 -16.84 11.86 18.44
C ALA I 451 -18.06 12.75 18.59
N ALA I 452 -17.92 14.04 18.23
CA ALA I 452 -19.04 14.98 18.28
C ALA I 452 -20.21 14.59 17.37
N PHE I 453 -19.94 13.86 16.29
CA PHE I 453 -20.97 13.49 15.31
C PHE I 453 -21.69 12.17 15.62
N TYR I 454 -21.10 11.33 16.46
CA TYR I 454 -21.59 9.99 16.73
C TYR I 454 -22.80 9.97 17.68
N MET I 455 -23.87 9.29 17.25
CA MET I 455 -25.11 9.12 18.02
C MET I 455 -25.78 10.42 18.47
N VAL I 456 -26.02 11.30 17.49
CA VAL I 456 -26.80 12.53 17.71
C VAL I 456 -27.90 12.67 16.65
N GLY I 457 -28.75 13.66 16.82
CA GLY I 457 -29.81 13.95 15.84
C GLY I 457 -29.37 14.91 14.77
N GLY I 458 -29.82 16.16 14.85
CA GLY I 458 -29.44 17.21 13.89
C GLY I 458 -28.05 17.74 14.17
N ILE I 459 -27.52 18.55 13.25
CA ILE I 459 -26.15 19.04 13.40
C ILE I 459 -25.95 19.89 14.65
N GLU I 460 -26.98 20.60 15.09
CA GLU I 460 -26.89 21.41 16.29
C GLU I 460 -26.47 20.57 17.51
N ASP I 461 -26.96 19.34 17.59
CA ASP I 461 -26.55 18.40 18.64
C ASP I 461 -25.06 18.04 18.55
N VAL I 462 -24.53 18.03 17.33
CA VAL I 462 -23.11 17.74 17.09
C VAL I 462 -22.23 18.81 17.73
N LYS I 463 -22.55 20.07 17.43
CA LYS I 463 -21.80 21.21 17.95
C LYS I 463 -21.89 21.24 19.47
N ALA I 464 -23.11 21.10 19.99
CA ALA I 464 -23.34 21.06 21.44
C ALA I 464 -22.45 19.99 22.10
N LYS I 465 -22.43 18.80 21.53
CA LYS I 465 -21.58 17.71 22.03
C LYS I 465 -20.09 18.07 21.92
N ALA I 466 -19.72 18.75 20.84
CA ALA I 466 -18.35 19.22 20.67
C ALA I 466 -17.95 20.23 21.75
N GLN I 467 -18.94 20.87 22.37
CA GLN I 467 -18.75 21.80 23.48
C GLN I 467 -18.61 21.09 24.81
N ARG I 468 -19.50 20.13 25.07
CA ARG I 468 -19.41 19.26 26.25
C ARG I 468 -18.01 18.65 26.36
N LEU I 469 -17.31 18.61 25.23
CA LEU I 469 -15.89 18.31 25.19
C LEU I 469 -15.15 19.55 24.71
N SER J 3 -16.04 -15.08 -5.00
CA SER J 3 -15.41 -16.18 -5.78
C SER J 3 -14.03 -16.56 -5.21
N LEU J 4 -13.77 -17.86 -5.21
CA LEU J 4 -12.52 -18.43 -4.67
C LEU J 4 -11.28 -18.03 -5.50
N LYS J 5 -11.50 -17.94 -6.81
CA LYS J 5 -10.50 -17.46 -7.78
C LYS J 5 -9.81 -16.18 -7.33
N ASP J 6 -10.59 -15.21 -6.88
CA ASP J 6 -10.06 -13.94 -6.39
C ASP J 6 -9.36 -14.09 -5.04
N LEU J 7 -9.94 -14.88 -4.13
CA LEU J 7 -9.41 -15.04 -2.78
C LEU J 7 -8.07 -15.79 -2.74
N LYS J 8 -7.96 -16.79 -3.62
CA LYS J 8 -6.67 -17.49 -3.85
C LYS J 8 -5.54 -16.48 -4.04
N ASN J 9 -5.73 -15.59 -5.01
CA ASN J 9 -4.73 -14.59 -5.38
C ASN J 9 -4.58 -13.48 -4.32
N ARG J 10 -5.70 -13.08 -3.72
CA ARG J 10 -5.67 -12.05 -2.66
C ARG J 10 -4.84 -12.49 -1.46
N ILE J 11 -4.97 -13.76 -1.07
CA ILE J 11 -4.13 -14.33 0.00
C ILE J 11 -2.66 -14.32 -0.44
N GLY J 12 -2.42 -14.78 -1.65
CA GLY J 12 -1.07 -14.77 -2.24
C GLY J 12 -0.41 -13.40 -2.16
N SER J 13 -1.13 -12.37 -2.61
CA SER J 13 -0.59 -11.01 -2.61
C SER J 13 -0.25 -10.51 -1.21
N VAL J 14 -1.15 -10.71 -0.25
CA VAL J 14 -0.92 -10.23 1.12
C VAL J 14 0.24 -10.99 1.77
N LYS J 15 0.34 -12.28 1.46
CA LYS J 15 1.43 -13.13 1.98
C LYS J 15 2.80 -12.70 1.47
N ASN J 16 2.90 -12.43 0.18
CA ASN J 16 4.14 -11.89 -0.42
C ASN J 16 4.48 -10.51 0.14
N THR J 17 3.48 -9.62 0.16
CA THR J 17 3.68 -8.25 0.66
C THR J 17 4.17 -8.20 2.10
N ARG J 18 3.64 -9.12 2.93
CA ARG J 18 4.11 -9.27 4.32
C ARG J 18 5.59 -9.66 4.41
N LYS J 19 6.07 -10.50 3.50
CA LYS J 19 7.50 -10.84 3.44
C LYS J 19 8.37 -9.62 3.13
N ILE J 20 7.85 -8.66 2.35
CA ILE J 20 8.58 -7.43 2.07
C ILE J 20 8.62 -6.51 3.29
N THR J 21 7.46 -6.30 3.91
CA THR J 21 7.37 -5.42 5.09
C THR J 21 8.24 -5.97 6.24
N LYS J 22 8.22 -7.30 6.40
CA LYS J 22 9.05 -8.01 7.37
C LYS J 22 10.55 -7.76 7.14
N ALA J 23 10.99 -7.89 5.89
CA ALA J 23 12.37 -7.65 5.51
C ALA J 23 12.80 -6.18 5.67
N MET J 24 11.93 -5.27 5.23
CA MET J 24 12.22 -3.84 5.31
C MET J 24 12.38 -3.31 6.72
N GLN J 25 11.73 -3.95 7.70
CA GLN J 25 11.99 -3.68 9.11
C GLN J 25 13.46 -4.00 9.43
N MET J 26 13.91 -5.17 8.97
CA MET J 26 15.28 -5.63 9.21
C MET J 26 16.34 -4.77 8.51
N VAL J 27 16.01 -4.22 7.35
CA VAL J 27 16.93 -3.33 6.62
C VAL J 27 16.97 -1.96 7.28
N ALA J 28 15.80 -1.44 7.65
CA ALA J 28 15.71 -0.16 8.37
C ALA J 28 16.43 -0.23 9.71
N ALA J 29 16.38 -1.40 10.34
CA ALA J 29 17.09 -1.64 11.60
C ALA J 29 18.61 -1.58 11.42
N ALA J 30 19.09 -2.15 10.32
CA ALA J 30 20.51 -2.13 9.98
C ALA J 30 21.02 -0.71 9.69
N LYS J 31 20.20 0.05 8.96
CA LYS J 31 20.59 1.39 8.52
C LYS J 31 20.56 2.41 9.65
N LEU J 32 19.75 2.16 10.68
CA LEU J 32 19.72 3.01 11.88
C LEU J 32 21.01 2.92 12.67
N ARG J 33 21.58 1.71 12.75
CA ARG J 33 22.90 1.50 13.35
C ARG J 33 23.95 2.36 12.67
N ARG J 34 24.04 2.23 11.35
CA ARG J 34 25.08 2.92 10.57
C ARG J 34 24.89 4.44 10.55
N ALA J 35 23.62 4.87 10.62
CA ALA J 35 23.30 6.29 10.75
C ALA J 35 23.67 6.86 12.12
N GLN J 36 23.60 6.03 13.16
CA GLN J 36 24.00 6.41 14.51
C GLN J 36 25.51 6.37 14.69
N GLU J 37 26.16 5.42 14.03
CA GLU J 37 27.63 5.35 14.01
C GLU J 37 28.25 6.63 13.45
N ALA J 38 27.82 7.03 12.25
CA ALA J 38 28.29 8.28 11.62
C ALA J 38 27.95 9.55 12.42
N ALA J 39 26.85 9.49 13.16
CA ALA J 39 26.44 10.59 14.04
C ALA J 39 27.35 10.71 15.27
N GLU J 40 27.97 9.60 15.69
CA GLU J 40 28.95 9.63 16.78
C GLU J 40 30.29 10.25 16.38
N ALA J 41 30.49 10.52 15.09
CA ALA J 41 31.62 11.33 14.62
C ALA J 41 31.22 12.81 14.43
N ALA J 42 30.04 13.03 13.89
CA ALA J 42 29.51 14.38 13.71
C ALA J 42 29.28 15.13 15.04
N ARG J 43 28.95 14.39 16.11
CA ARG J 43 28.72 14.96 17.45
C ARG J 43 29.96 15.65 18.03
N PRO J 44 31.11 14.94 18.15
CA PRO J 44 32.33 15.59 18.65
C PRO J 44 32.89 16.68 17.73
N TYR J 45 32.76 16.45 16.42
CA TYR J 45 33.14 17.44 15.42
C TYR J 45 32.44 18.78 15.65
N ALA J 46 31.13 18.71 15.80
CA ALA J 46 30.31 19.89 16.05
C ALA J 46 30.51 20.45 17.46
N ASP J 47 30.85 19.60 18.43
CA ASP J 47 31.18 20.06 19.79
C ASP J 47 32.42 20.94 19.82
N ARG J 48 33.44 20.55 19.05
CA ARG J 48 34.68 21.35 18.95
C ARG J 48 34.42 22.70 18.28
N MET J 49 33.61 22.71 17.22
CA MET J 49 33.20 23.95 16.57
C MET J 49 32.41 24.83 17.53
N ALA J 50 31.52 24.22 18.31
CA ALA J 50 30.75 24.94 19.33
C ALA J 50 31.66 25.56 20.39
N ALA J 51 32.73 24.84 20.77
CA ALA J 51 33.70 25.36 21.74
C ALA J 51 34.36 26.66 21.23
N VAL J 52 34.87 26.61 20.00
CA VAL J 52 35.56 27.76 19.41
C VAL J 52 34.58 28.91 19.20
N MET J 53 33.36 28.59 18.77
CA MET J 53 32.33 29.60 18.53
C MET J 53 31.93 30.32 19.81
N ALA J 54 31.81 29.60 20.92
CA ALA J 54 31.48 30.21 22.23
C ALA J 54 32.62 31.08 22.79
N GLY J 55 33.85 30.78 22.39
CA GLY J 55 35.02 31.59 22.75
C GLY J 55 35.08 32.93 22.01
N LEU J 56 34.82 32.89 20.71
CA LEU J 56 34.86 34.09 19.87
C LEU J 56 33.73 35.03 20.25
N THR J 57 32.52 34.50 20.45
CA THR J 57 31.38 35.33 20.82
C THR J 57 31.56 36.01 22.19
N ALA J 58 32.36 35.41 23.06
CA ALA J 58 32.72 36.04 24.34
C ALA J 58 33.50 37.36 24.18
N ALA J 59 34.27 37.49 23.10
CA ALA J 59 35.08 38.70 22.83
C ALA J 59 34.83 39.31 21.44
N ALA J 60 33.55 39.53 21.12
CA ALA J 60 33.08 39.95 19.79
C ALA J 60 32.53 41.37 19.83
N ALA J 61 33.43 42.31 19.52
CA ALA J 61 33.26 43.76 19.72
C ALA J 61 31.86 44.33 19.50
N GLY J 62 31.11 44.45 20.60
CA GLY J 62 29.76 45.04 20.62
C GLY J 62 28.70 44.14 19.95
N MET J 65 27.24 50.18 18.17
CA MET J 65 27.45 48.77 18.49
C MET J 65 28.20 48.12 17.32
N ALA J 66 27.49 47.45 16.41
CA ALA J 66 28.06 46.77 15.23
C ALA J 66 28.88 45.52 15.56
N PRO J 67 28.31 44.31 15.30
CA PRO J 67 29.04 43.05 15.20
C PRO J 67 29.10 42.56 13.72
N ARG J 68 28.54 41.39 13.39
CA ARG J 68 28.40 40.96 12.00
C ARG J 68 26.97 40.45 11.74
N LEU J 69 26.47 40.68 10.52
CA LEU J 69 25.06 40.36 10.18
C LEU J 69 24.63 38.94 10.54
N LEU J 70 25.54 37.98 10.35
CA LEU J 70 25.25 36.57 10.62
C LEU J 70 25.13 36.21 12.12
N ALA J 71 25.57 37.11 13.02
CA ALA J 71 25.38 36.92 14.46
C ALA J 71 24.32 37.87 15.05
N GLY J 72 23.62 38.60 14.20
CA GLY J 72 22.59 39.52 14.68
C GLY J 72 22.22 40.48 13.59
N THR J 73 21.03 40.30 13.01
CA THR J 73 20.59 41.04 11.82
C THR J 73 20.31 42.52 12.09
N GLY J 74 19.36 42.81 12.98
CA GLY J 74 18.92 44.17 13.28
C GLY J 74 17.62 44.52 12.58
N HIS J 79 10.53 35.77 7.35
CA HIS J 79 10.90 34.47 7.87
C HIS J 79 11.11 33.45 6.75
N LEU J 80 12.24 32.74 6.81
CA LEU J 80 12.52 31.62 5.92
C LEU J 80 12.43 30.31 6.71
N LEU J 81 11.59 29.40 6.22
CA LEU J 81 11.37 28.10 6.85
C LEU J 81 12.04 27.01 6.02
N VAL J 82 12.95 26.26 6.65
CA VAL J 82 13.68 25.16 6.00
C VAL J 82 13.12 23.87 6.58
N VAL J 83 12.65 22.99 5.71
CA VAL J 83 11.91 21.80 6.13
C VAL J 83 12.57 20.56 5.55
N MET J 84 13.04 19.67 6.44
CA MET J 84 13.78 18.48 6.05
C MET J 84 12.87 17.27 6.13
N THR J 85 12.65 16.60 4.99
CA THR J 85 11.75 15.47 4.89
C THR J 85 12.38 14.38 4.02
N SER J 86 11.80 13.18 4.06
CA SER J 86 12.28 12.07 3.24
C SER J 86 11.83 12.24 1.80
N GLU J 87 12.43 11.47 0.91
CA GLU J 87 11.99 11.41 -0.49
C GLU J 87 10.95 10.30 -0.65
N ARG J 88 11.22 9.14 -0.05
CA ARG J 88 10.28 8.01 -0.07
C ARG J 88 9.46 7.95 1.21
N GLY J 89 8.23 7.45 1.11
CA GLY J 89 7.34 7.30 2.25
C GLY J 89 7.56 5.99 2.98
N LEU J 90 6.47 5.33 3.33
CA LEU J 90 6.47 4.13 4.19
C LEU J 90 7.27 4.32 5.48
N ALA J 91 7.12 5.51 6.06
CA ALA J 91 7.81 5.87 7.30
C ALA J 91 6.82 6.39 8.34
N GLY J 92 5.62 5.81 8.38
CA GLY J 92 4.57 6.24 9.30
C GLY J 92 4.36 7.75 9.27
N GLY J 93 4.13 8.34 10.44
CA GLY J 93 3.92 9.78 10.56
C GLY J 93 5.16 10.65 10.67
N PHE J 94 6.32 10.13 10.23
CA PHE J 94 7.59 10.86 10.22
C PHE J 94 7.48 12.23 9.52
N ASN J 95 7.01 12.20 8.29
CA ASN J 95 6.84 13.42 7.50
C ASN J 95 5.59 14.21 7.91
N SER J 96 4.53 13.53 8.34
CA SER J 96 3.32 14.23 8.78
C SER J 96 3.60 15.12 10.00
N SER J 97 4.28 14.55 10.99
CA SER J 97 4.59 15.24 12.25
C SER J 97 5.41 16.50 12.04
N ILE J 98 6.44 16.39 11.21
CA ILE J 98 7.33 17.51 10.94
C ILE J 98 6.63 18.63 10.18
N VAL J 99 5.79 18.26 9.22
CA VAL J 99 5.04 19.23 8.42
C VAL J 99 3.95 19.91 9.26
N LYS J 100 3.40 19.21 10.25
CA LYS J 100 2.47 19.82 11.21
C LYS J 100 3.16 20.90 12.06
N LEU J 101 4.40 20.64 12.49
CA LEU J 101 5.22 21.61 13.25
C LEU J 101 5.51 22.86 12.41
N ALA J 102 5.83 22.66 11.14
CA ALA J 102 6.05 23.77 10.22
C ALA J 102 4.77 24.62 10.07
N ARG J 103 3.66 23.94 9.78
CA ARG J 103 2.35 24.62 9.65
C ARG J 103 1.96 25.39 10.91
N LEU J 104 2.21 24.80 12.07
CA LEU J 104 1.88 25.39 13.37
C LEU J 104 2.67 26.67 13.64
N ARG J 105 3.99 26.56 13.60
CA ARG J 105 4.88 27.70 13.90
C ARG J 105 4.68 28.89 12.95
N LEU J 106 4.35 28.59 11.69
CA LEU J 106 4.02 29.60 10.68
C LEU J 106 2.69 30.30 10.98
N GLN J 107 1.72 29.53 11.47
CA GLN J 107 0.40 30.06 11.81
C GLN J 107 0.46 30.98 13.03
N GLU J 108 1.30 30.64 14.00
CA GLU J 108 1.50 31.46 15.20
C GLU J 108 2.25 32.76 14.91
N LEU J 109 3.33 32.66 14.13
CA LEU J 109 4.25 33.79 13.90
C LEU J 109 3.72 34.82 12.90
N GLN J 110 3.45 34.36 11.67
CA GLN J 110 2.99 35.26 10.61
C GLN J 110 1.47 35.26 10.50
N ALA J 111 0.85 36.41 10.79
CA ALA J 111 -0.60 36.55 10.71
C ALA J 111 -0.93 37.97 10.27
N VAL J 116 6.22 34.79 4.07
CA VAL J 116 7.26 33.79 4.35
C VAL J 116 7.90 33.25 3.08
N SER J 117 9.02 32.55 3.27
CA SER J 117 9.69 31.78 2.22
C SER J 117 9.91 30.37 2.76
N ILE J 118 9.71 29.36 1.90
CA ILE J 118 9.98 27.97 2.30
C ILE J 118 11.08 27.35 1.44
N LEU J 119 12.02 26.67 2.11
CA LEU J 119 13.02 25.84 1.47
C LEU J 119 12.64 24.38 1.73
N THR J 120 12.21 23.69 0.69
CA THR J 120 11.74 22.31 0.82
C THR J 120 12.85 21.32 0.54
N VAL J 121 13.29 20.59 1.57
CA VAL J 121 14.29 19.54 1.40
C VAL J 121 13.57 18.19 1.47
N GLY J 122 13.56 17.47 0.35
CA GLY J 122 12.89 16.18 0.26
C GLY J 122 11.51 16.29 -0.35
N LYS J 123 11.14 15.27 -1.11
CA LYS J 123 9.92 15.25 -1.91
C LYS J 123 8.66 15.29 -1.07
N LYS J 124 8.59 14.41 -0.06
CA LYS J 124 7.41 14.36 0.81
C LYS J 124 7.04 15.72 1.38
N GLY J 125 8.06 16.53 1.71
CA GLY J 125 7.82 17.88 2.22
C GLY J 125 7.24 18.81 1.19
N ARG J 126 7.95 18.93 0.07
CA ARG J 126 7.57 19.82 -1.03
C ARG J 126 6.16 19.50 -1.56
N GLU J 127 5.91 18.21 -1.76
CA GLU J 127 4.60 17.66 -2.15
C GLU J 127 3.46 18.23 -1.30
N GLN J 128 3.61 18.05 0.01
CA GLN J 128 2.58 18.46 0.96
C GLN J 128 2.43 19.97 0.99
N LEU J 129 3.55 20.68 1.04
CA LEU J 129 3.53 22.14 1.16
C LEU J 129 3.08 22.84 -0.12
N LYS J 130 3.45 22.31 -1.30
CA LYS J 130 3.01 22.87 -2.59
C LYS J 130 1.51 22.77 -2.76
N ARG J 131 0.98 21.58 -2.49
CA ARG J 131 -0.46 21.35 -2.59
C ARG J 131 -1.24 22.33 -1.69
N GLU J 132 -0.67 22.65 -0.53
CA GLU J 132 -1.29 23.61 0.39
C GLU J 132 -1.18 25.06 -0.11
N TYR J 133 0.02 25.49 -0.45
CA TYR J 133 0.29 26.90 -0.81
C TYR J 133 1.79 27.14 -0.94
N GLY J 134 2.43 26.46 -1.89
CA GLY J 134 3.90 26.52 -2.03
C GLY J 134 4.53 27.88 -2.23
N ASP J 135 4.92 28.55 -1.14
CA ASP J 135 5.72 29.79 -1.21
C ASP J 135 7.21 29.41 -1.32
N LEU J 136 7.55 28.66 -2.38
CA LEU J 136 8.77 27.88 -2.42
C LEU J 136 9.83 28.59 -3.24
N PHE J 137 10.86 29.11 -2.58
CA PHE J 137 11.93 29.84 -3.27
C PHE J 137 13.00 28.89 -3.84
N VAL J 138 13.39 27.88 -3.07
CA VAL J 138 14.39 26.87 -3.47
C VAL J 138 13.93 25.47 -3.07
N ASN J 139 14.28 24.46 -3.88
CA ASN J 139 13.92 23.06 -3.61
C ASN J 139 15.12 22.13 -3.81
N HIS J 140 15.13 21.01 -3.08
CA HIS J 140 16.21 20.04 -3.12
C HIS J 140 15.68 18.62 -3.05
N VAL J 141 16.22 17.79 -3.95
CA VAL J 141 15.94 16.35 -4.05
C VAL J 141 17.31 15.66 -4.16
N ASP J 142 17.88 15.32 -3.01
CA ASP J 142 19.26 14.82 -2.90
C ASP J 142 19.37 13.28 -2.93
N LEU J 143 19.98 12.80 -4.01
CA LEU J 143 19.86 11.40 -4.43
C LEU J 143 20.31 10.33 -3.41
N SER J 144 21.59 10.30 -3.05
CA SER J 144 22.14 9.21 -2.23
C SER J 144 21.63 9.24 -0.79
N ARG J 148 21.64 8.30 2.61
CA ARG J 148 22.61 8.92 3.49
C ARG J 148 23.69 9.67 2.69
N ILE J 149 23.45 10.96 2.49
CA ILE J 149 24.41 11.84 1.80
C ILE J 149 25.29 12.58 2.84
N GLY J 150 26.48 12.97 2.41
CA GLY J 150 27.49 13.54 3.29
C GLY J 150 27.41 15.04 3.46
N TYR J 151 28.43 15.58 4.11
CA TYR J 151 28.53 17.00 4.43
C TYR J 151 28.53 17.91 3.21
N ASP J 152 29.06 17.44 2.08
CA ASP J 152 29.14 18.23 0.84
C ASP J 152 27.78 18.75 0.36
N ASN J 153 26.73 17.96 0.56
CA ASN J 153 25.38 18.37 0.14
C ASN J 153 24.68 19.27 1.13
N ALA J 154 25.18 19.34 2.37
CA ALA J 154 24.70 20.26 3.40
C ALA J 154 25.40 21.63 3.29
N ARG J 155 26.61 21.65 2.74
CA ARG J 155 27.27 22.92 2.41
C ARG J 155 26.52 23.67 1.30
N ALA J 156 26.17 22.96 0.23
CA ALA J 156 25.40 23.54 -0.89
C ALA J 156 24.12 24.24 -0.43
N ILE J 157 23.38 23.59 0.46
CA ILE J 157 22.12 24.13 0.97
C ILE J 157 22.38 25.26 1.97
N ALA J 158 23.50 25.17 2.69
CA ALA J 158 23.91 26.23 3.60
C ALA J 158 24.37 27.46 2.84
N ASP J 159 25.07 27.28 1.72
CA ASP J 159 25.55 28.43 0.94
C ASP J 159 24.39 29.13 0.21
N GLU J 160 23.48 28.36 -0.38
CA GLU J 160 22.31 28.91 -1.06
C GLU J 160 21.39 29.69 -0.11
N ILE J 161 21.23 29.16 1.11
CA ILE J 161 20.39 29.80 2.12
C ILE J 161 21.06 31.04 2.69
N LEU J 162 22.40 31.01 2.82
CA LEU J 162 23.18 32.19 3.16
C LEU J 162 23.13 33.20 2.02
N ASP J 163 23.20 32.71 0.78
CA ASP J 163 23.06 33.57 -0.40
C ASP J 163 21.73 34.33 -0.45
N ARG J 164 20.70 33.80 0.21
CA ARG J 164 19.42 34.50 0.33
C ARG J 164 19.30 35.39 1.57
N PHE J 165 20.07 35.09 2.62
CA PHE J 165 20.14 35.94 3.82
C PHE J 165 21.00 37.17 3.55
N ASP J 166 22.13 36.94 2.88
CA ASP J 166 22.88 38.00 2.23
C ASP J 166 21.96 38.49 1.12
N ASN J 167 21.93 39.81 0.92
CA ASN J 167 20.85 40.48 0.19
C ASN J 167 19.51 40.25 0.91
N ASP J 171 15.51 37.35 5.98
CA ASP J 171 15.90 38.07 7.17
C ASP J 171 16.13 37.18 8.40
N VAL J 172 15.58 35.97 8.39
CA VAL J 172 15.82 34.95 9.43
C VAL J 172 15.51 33.58 8.86
N ALA J 173 16.40 32.61 9.08
CA ALA J 173 16.27 31.26 8.57
C ALA J 173 16.12 30.27 9.72
N THR J 174 15.10 29.41 9.63
CA THR J 174 14.79 28.43 10.66
C THR J 174 14.62 27.06 10.01
N LEU J 175 15.01 26.01 10.74
CA LEU J 175 15.18 24.67 10.18
C LEU J 175 14.40 23.60 10.97
N PHE J 176 13.44 22.96 10.31
CA PHE J 176 12.58 21.96 10.94
C PHE J 176 13.10 20.55 10.60
N TYR J 177 13.27 19.72 11.64
CA TYR J 177 13.66 18.32 11.51
C TYR J 177 13.14 17.43 12.66
N ASN J 178 13.19 16.11 12.46
CA ASN J 178 12.75 15.13 13.46
C ASN J 178 13.95 14.69 14.30
N ARG J 179 13.98 15.05 15.58
CA ARG J 179 15.03 14.59 16.50
C ARG J 179 14.73 13.16 17.00
N PHE J 180 15.77 12.38 17.28
CA PHE J 180 15.55 11.08 17.98
C PHE J 180 15.09 11.25 19.40
N GLU J 181 14.17 10.40 19.81
CA GLU J 181 14.06 10.00 21.23
C GLU J 181 14.40 8.51 21.33
N SER J 182 13.58 7.68 20.72
CA SER J 182 13.75 6.22 20.69
C SER J 182 13.41 5.72 19.28
N VAL J 183 13.57 4.41 19.06
CA VAL J 183 13.15 3.77 17.80
C VAL J 183 11.64 3.93 17.54
N ILE J 184 10.87 4.16 18.60
CA ILE J 184 9.42 4.39 18.52
C ILE J 184 9.06 5.88 18.43
N SER J 185 9.75 6.73 19.20
CA SER J 185 9.42 8.16 19.25
C SER J 185 10.45 9.04 18.52
N GLN J 186 9.97 9.93 17.67
CA GLN J 186 10.84 10.89 16.98
C GLN J 186 10.21 12.29 17.04
N VAL J 187 10.84 13.19 17.78
CA VAL J 187 10.28 14.51 18.12
C VAL J 187 10.57 15.56 17.03
N PRO J 188 9.52 16.07 16.36
CA PRO J 188 9.77 17.18 15.46
C PRO J 188 10.13 18.42 16.26
N THR J 189 11.14 19.15 15.78
CA THR J 189 11.57 20.40 16.41
C THR J 189 11.98 21.41 15.36
N ALA J 190 12.09 22.66 15.80
CA ALA J 190 12.61 23.75 14.98
C ALA J 190 13.86 24.34 15.64
N ARG J 191 14.84 24.68 14.80
CA ARG J 191 16.06 25.35 15.24
C ARG J 191 16.27 26.59 14.39
N GLN J 192 16.64 27.71 15.01
CA GLN J 192 17.03 28.91 14.24
C GLN J 192 18.47 28.74 13.77
N VAL J 193 18.70 28.96 12.48
CA VAL J 193 20.03 28.79 11.89
C VAL J 193 20.69 30.15 11.61
N ILE J 194 19.93 31.11 11.10
CA ILE J 194 20.48 32.45 10.80
C ILE J 194 19.49 33.53 11.26
N PRO J 195 19.97 34.59 11.94
CA PRO J 195 21.32 34.69 12.49
C PRO J 195 21.59 33.67 13.62
N ALA J 196 22.86 33.44 13.93
CA ALA J 196 23.26 32.43 14.92
C ALA J 196 23.03 32.92 16.35
N VAL J 197 23.00 31.97 17.28
CA VAL J 197 22.63 32.18 18.69
C VAL J 197 23.74 31.66 19.63
N ILE J 198 23.96 32.39 20.71
CA ILE J 198 25.10 32.16 21.59
C ILE J 198 24.89 30.89 22.46
N GLU J 199 26.00 30.25 22.83
CA GLU J 199 26.00 29.15 23.81
C GLU J 199 25.79 29.71 25.22
N GLU J 200 24.55 29.63 25.73
CA GLU J 200 24.21 30.09 27.08
C GLU J 200 23.19 29.17 27.74
N PRO J 213 44.17 34.74 12.41
CA PRO J 213 44.97 35.53 13.37
C PRO J 213 44.14 36.54 14.19
N ASP J 214 43.08 37.09 13.61
CA ASP J 214 42.18 38.00 14.32
C ASP J 214 40.96 37.29 14.87
N GLU J 215 40.27 37.99 15.76
CA GLU J 215 39.04 37.51 16.36
C GLU J 215 37.89 37.66 15.35
N ASN J 216 37.90 38.78 14.66
CA ASN J 216 36.81 39.12 13.74
C ASN J 216 36.95 38.41 12.42
N ALA J 217 38.21 38.13 12.04
CA ALA J 217 38.50 37.48 10.76
C ALA J 217 38.13 36.01 10.80
N ILE J 218 38.49 35.33 11.89
CA ILE J 218 38.17 33.91 12.07
C ILE J 218 36.67 33.72 12.32
N LEU J 219 36.02 34.71 12.95
CA LEU J 219 34.57 34.68 13.12
C LEU J 219 33.82 34.86 11.80
N ASN J 220 34.45 35.52 10.84
CA ASN J 220 33.88 35.72 9.50
C ASN J 220 33.80 34.42 8.67
N ASP J 221 34.67 33.46 8.96
CA ASP J 221 34.66 32.16 8.28
C ASP J 221 33.99 31.04 9.09
N LEU J 222 34.09 31.10 10.41
CA LEU J 222 33.47 30.07 11.27
C LEU J 222 31.95 30.12 11.30
N LEU J 223 31.36 31.32 11.29
CA LEU J 223 29.89 31.47 11.30
C LEU J 223 29.17 30.80 10.13
N PRO J 224 29.60 31.09 8.88
CA PRO J 224 29.03 30.34 7.76
C PRO J 224 29.39 28.85 7.80
N ARG J 225 30.57 28.51 8.33
CA ARG J 225 30.97 27.11 8.42
C ARG J 225 30.28 26.36 9.58
N SER J 226 29.78 27.10 10.58
CA SER J 226 29.06 26.49 11.70
C SER J 226 27.63 26.16 11.29
N VAL J 227 26.93 27.15 10.73
CA VAL J 227 25.61 26.98 10.10
C VAL J 227 25.59 25.73 9.23
N ALA J 228 26.60 25.61 8.38
CA ALA J 228 26.77 24.45 7.52
C ALA J 228 26.71 23.13 8.29
N THR J 229 27.45 23.05 9.41
CA THR J 229 27.52 21.82 10.21
C THR J 229 26.22 21.51 10.96
N GLN J 230 25.51 22.55 11.39
CA GLN J 230 24.22 22.35 12.05
C GLN J 230 23.27 21.68 11.09
N VAL J 231 23.21 22.20 9.86
CA VAL J 231 22.36 21.62 8.81
C VAL J 231 22.73 20.17 8.61
N PHE J 232 24.02 19.87 8.53
CA PHE J 232 24.49 18.49 8.36
C PHE J 232 24.16 17.59 9.56
N ALA J 233 24.21 18.15 10.76
CA ALA J 233 23.84 17.41 11.97
C ALA J 233 22.36 17.06 11.94
N ALA J 234 21.55 18.07 11.63
CA ALA J 234 20.10 17.90 11.49
C ALA J 234 19.73 16.87 10.43
N LEU J 235 20.50 16.80 9.35
CA LEU J 235 20.28 15.83 8.27
C LEU J 235 20.45 14.40 8.75
N LEU J 236 21.57 14.15 9.43
CA LEU J 236 21.91 12.81 9.92
C LEU J 236 20.91 12.34 10.97
N GLU J 237 20.59 13.25 11.90
CA GLU J 237 19.56 13.00 12.89
C GLU J 237 18.24 12.68 12.22
N ASN J 238 17.87 13.49 11.23
CA ASN J 238 16.60 13.34 10.51
C ASN J 238 16.53 12.04 9.71
N ALA J 239 17.67 11.59 9.19
CA ALA J 239 17.74 10.31 8.46
C ALA J 239 17.56 9.10 9.40
N ALA J 240 18.23 9.14 10.54
CA ALA J 240 18.07 8.06 11.51
C ALA J 240 16.66 8.07 12.13
N SER J 241 16.09 9.24 12.36
CA SER J 241 14.68 9.36 12.77
C SER J 241 13.74 8.75 11.70
N GLU J 242 14.07 8.98 10.41
CA GLU J 242 13.29 8.38 9.32
C GLU J 242 13.33 6.86 9.39
N GLN J 243 14.51 6.28 9.58
CA GLN J 243 14.61 4.82 9.58
C GLN J 243 14.15 4.15 10.90
N GLY J 244 14.04 4.92 11.97
CA GLY J 244 13.33 4.47 13.18
C GLY J 244 11.84 4.40 12.94
N ALA J 245 11.30 5.48 12.39
CA ALA J 245 9.88 5.57 12.04
C ALA J 245 9.47 4.48 11.05
N ARG J 246 10.33 4.21 10.07
CA ARG J 246 10.12 3.11 9.09
C ARG J 246 10.19 1.76 9.75
N MET J 247 11.09 1.62 10.70
CA MET J 247 11.23 0.36 11.45
C MET J 247 9.92 -0.04 12.14
N THR J 248 9.32 0.92 12.83
CA THR J 248 8.06 0.67 13.56
C THR J 248 6.82 0.70 12.65
N ALA J 249 6.92 1.39 11.50
CA ALA J 249 5.84 1.45 10.52
C ALA J 249 5.69 0.14 9.78
N MET J 250 6.81 -0.41 9.31
CA MET J 250 6.79 -1.68 8.60
C MET J 250 6.60 -2.87 9.53
N ASP J 251 6.97 -2.69 10.80
CA ASP J 251 6.60 -3.65 11.85
C ASP J 251 5.07 -3.81 11.93
N ASN J 252 4.38 -2.68 12.07
CA ASN J 252 2.91 -2.67 12.13
C ASN J 252 2.25 -3.25 10.87
N ALA J 253 2.82 -2.92 9.71
CA ALA J 253 2.32 -3.44 8.44
C ALA J 253 2.41 -4.96 8.37
N THR J 254 3.50 -5.51 8.90
CA THR J 254 3.71 -6.97 8.92
C THR J 254 2.64 -7.63 9.79
N ARG J 255 2.40 -7.08 10.98
CA ARG J 255 1.40 -7.64 11.89
C ARG J 255 -0.01 -7.52 11.30
N ASN J 256 -0.33 -6.35 10.73
CA ASN J 256 -1.60 -6.14 10.04
C ASN J 256 -1.82 -7.09 8.86
N ALA J 257 -0.75 -7.43 8.16
CA ALA J 257 -0.81 -8.39 7.05
C ALA J 257 -1.14 -9.80 7.54
N GLY J 258 -0.52 -10.23 8.64
CA GLY J 258 -0.82 -11.52 9.25
C GLY J 258 -2.26 -11.59 9.73
N ASP J 259 -2.75 -10.47 10.27
CA ASP J 259 -4.14 -10.38 10.71
C ASP J 259 -5.11 -10.50 9.54
N MET J 260 -4.80 -9.83 8.43
CA MET J 260 -5.61 -9.93 7.21
C MET J 260 -5.52 -11.33 6.60
N ILE J 261 -4.34 -11.98 6.69
CA ILE J 261 -4.16 -13.33 6.13
C ILE J 261 -5.02 -14.37 6.84
N ASP J 262 -5.26 -14.17 8.13
CA ASP J 262 -6.09 -15.08 8.92
C ASP J 262 -7.56 -14.97 8.52
N ARG J 263 -8.06 -13.73 8.52
CA ARG J 263 -9.45 -13.43 8.15
C ARG J 263 -9.77 -13.83 6.71
N LEU J 264 -8.80 -13.65 5.81
CA LEU J 264 -8.94 -14.06 4.41
C LEU J 264 -8.95 -15.60 4.27
N THR J 265 -8.08 -16.28 5.02
CA THR J 265 -8.05 -17.74 5.00
C THR J 265 -9.33 -18.35 5.55
N THR J 266 -9.85 -17.76 6.62
CA THR J 266 -11.13 -18.22 7.18
C THR J 266 -12.28 -18.08 6.19
N VAL J 267 -12.28 -17.00 5.41
CA VAL J 267 -13.30 -16.79 4.38
C VAL J 267 -13.05 -17.67 3.15
N TYR J 268 -11.79 -17.86 2.77
CA TYR J 268 -11.42 -18.78 1.68
C TYR J 268 -11.88 -20.21 1.96
N ASN J 269 -11.70 -20.67 3.19
CA ASN J 269 -12.09 -22.02 3.59
C ASN J 269 -13.61 -22.21 3.68
N ARG J 270 -14.33 -21.15 4.04
CA ARG J 270 -15.80 -21.16 3.99
C ARG J 270 -16.28 -21.39 2.56
N SER J 271 -15.73 -20.62 1.64
CA SER J 271 -16.11 -20.69 0.22
C SER J 271 -15.65 -21.99 -0.42
N ARG J 272 -14.49 -22.50 -0.01
CA ARG J 272 -13.99 -23.80 -0.48
C ARG J 272 -14.94 -24.93 -0.11
N GLN J 273 -15.36 -24.95 1.15
CA GLN J 273 -16.29 -25.96 1.64
C GLN J 273 -17.68 -25.81 1.01
N ALA J 274 -18.13 -24.56 0.85
CA ALA J 274 -19.43 -24.27 0.23
C ALA J 274 -19.51 -24.70 -1.25
N ALA J 275 -18.40 -24.52 -1.97
CA ALA J 275 -18.30 -24.95 -3.36
C ALA J 275 -18.45 -26.46 -3.50
N ILE J 276 -17.75 -27.20 -2.63
CA ILE J 276 -17.83 -28.66 -2.65
C ILE J 276 -19.25 -29.10 -2.28
N THR J 277 -19.79 -28.51 -1.21
CA THR J 277 -21.16 -28.83 -0.75
C THR J 277 -22.19 -28.63 -1.84
N LYS J 278 -22.12 -27.48 -2.49
CA LYS J 278 -23.11 -27.10 -3.51
C LYS J 278 -22.93 -27.84 -4.83
N GLU J 279 -21.68 -28.08 -5.24
CA GLU J 279 -21.44 -28.86 -6.46
C GLU J 279 -22.04 -30.25 -6.32
N LEU J 280 -21.79 -30.88 -5.17
CA LEU J 280 -22.32 -32.21 -4.83
C LEU J 280 -23.84 -32.28 -4.90
N ILE J 281 -24.50 -31.34 -4.25
CA ILE J 281 -25.97 -31.29 -4.21
C ILE J 281 -26.53 -31.31 -5.64
N GLU J 282 -25.92 -30.53 -6.52
CA GLU J 282 -26.34 -30.47 -7.93
C GLU J 282 -26.18 -31.82 -8.62
N ILE J 283 -25.02 -32.45 -8.43
CA ILE J 283 -24.73 -33.76 -9.01
C ILE J 283 -25.73 -34.79 -8.51
N ILE J 284 -25.95 -34.81 -7.21
CA ILE J 284 -26.83 -35.78 -6.56
C ILE J 284 -28.32 -35.50 -6.83
N SER J 285 -28.70 -34.24 -6.93
CA SER J 285 -30.10 -33.90 -7.24
C SER J 285 -30.50 -34.33 -8.65
N GLY J 286 -29.57 -34.22 -9.59
CA GLY J 286 -29.78 -34.66 -10.96
C GLY J 286 -29.87 -36.16 -11.09
N ALA J 287 -29.00 -36.87 -10.35
CA ALA J 287 -29.00 -38.34 -10.35
C ALA J 287 -30.29 -38.93 -9.77
N GLU J 288 -30.82 -38.30 -8.72
CA GLU J 288 -32.05 -38.79 -8.08
C GLU J 288 -33.32 -38.53 -8.91
N ALA J 289 -33.25 -37.63 -9.87
CA ALA J 289 -34.36 -37.40 -10.81
C ALA J 289 -34.47 -38.49 -11.88
N LEU J 290 -33.48 -39.37 -11.97
CA LEU J 290 -33.50 -40.51 -12.90
C LEU J 290 -33.70 -41.81 -12.14
N SER K 6 -47.66 -42.10 -7.51
CA SER K 6 -47.74 -42.01 -9.01
C SER K 6 -48.73 -43.04 -9.57
N ALA K 7 -48.48 -44.32 -9.31
CA ALA K 7 -49.33 -45.42 -9.80
C ALA K 7 -49.25 -45.68 -11.31
N SER K 8 -49.15 -44.62 -12.13
CA SER K 8 -48.88 -44.75 -13.57
C SER K 8 -47.76 -45.75 -13.90
N ILE K 9 -46.76 -45.86 -13.03
CA ILE K 9 -45.69 -46.85 -13.18
C ILE K 9 -46.18 -48.30 -13.33
N SER K 10 -47.31 -48.63 -12.71
CA SER K 10 -47.89 -49.99 -12.81
C SER K 10 -48.24 -50.38 -14.25
N ALA K 11 -48.67 -49.39 -15.04
CA ALA K 11 -49.02 -49.64 -16.43
C ALA K 11 -47.83 -50.10 -17.28
N ASP K 12 -46.64 -49.57 -17.01
CA ASP K 12 -45.45 -49.93 -17.79
C ASP K 12 -45.22 -51.45 -17.79
N ILE K 13 -45.19 -52.06 -16.61
CA ILE K 13 -45.05 -53.51 -16.47
C ILE K 13 -46.27 -54.25 -17.04
N ALA K 14 -47.46 -53.75 -16.68
CA ALA K 14 -48.71 -54.33 -17.16
C ALA K 14 -48.72 -54.48 -18.68
N GLY K 15 -48.40 -53.40 -19.39
CA GLY K 15 -48.32 -53.41 -20.85
C GLY K 15 -47.38 -54.48 -21.38
N ARG K 16 -46.25 -54.70 -20.71
CA ARG K 16 -45.29 -55.74 -21.12
C ARG K 16 -45.77 -57.15 -20.71
N TYR K 17 -45.89 -57.36 -19.40
CA TYR K 17 -46.29 -58.68 -18.88
C TYR K 17 -47.56 -59.19 -19.57
N ALA K 18 -48.53 -58.31 -19.75
CA ALA K 18 -49.78 -58.68 -20.42
C ALA K 18 -49.58 -58.90 -21.92
N GLN K 19 -48.59 -58.22 -22.52
CA GLN K 19 -48.29 -58.40 -23.94
C GLN K 19 -47.55 -59.71 -24.20
N ALA K 20 -46.58 -60.04 -23.35
CA ALA K 20 -45.86 -61.32 -23.45
C ALA K 20 -46.78 -62.48 -23.83
N LEU K 21 -47.78 -62.74 -22.98
CA LEU K 21 -48.76 -63.81 -23.23
C LEU K 21 -49.68 -63.49 -24.41
N PHE K 22 -50.06 -62.22 -24.54
CA PHE K 22 -50.92 -61.77 -25.64
C PHE K 22 -50.35 -62.15 -27.01
N ASP K 23 -49.02 -62.20 -27.11
CA ASP K 23 -48.35 -62.58 -28.36
C ASP K 23 -48.44 -64.09 -28.62
N LEU K 24 -48.09 -64.89 -27.61
CA LEU K 24 -48.14 -66.35 -27.72
C LEU K 24 -49.49 -66.86 -28.24
N VAL K 25 -50.58 -66.38 -27.65
CA VAL K 25 -51.93 -66.74 -28.08
C VAL K 25 -52.30 -66.17 -29.45
N ARG K 26 -51.75 -65.01 -29.78
CA ARG K 26 -52.10 -64.33 -31.04
C ARG K 26 -51.59 -65.10 -32.27
N ASP K 27 -50.31 -65.50 -32.21
CA ASP K 27 -49.65 -66.20 -33.32
C ASP K 27 -49.99 -67.70 -33.33
N SER K 28 -49.78 -68.37 -32.20
CA SER K 28 -49.99 -69.82 -32.09
C SER K 28 -51.47 -70.21 -32.17
N GLY K 29 -52.30 -69.53 -31.38
CA GLY K 29 -53.75 -69.77 -31.36
C GLY K 29 -54.31 -69.70 -29.95
N GLY K 30 -55.13 -68.69 -29.68
CA GLY K 30 -55.71 -68.51 -28.35
C GLY K 30 -56.76 -67.42 -28.22
N ILE K 31 -56.49 -66.24 -28.77
CA ILE K 31 -57.38 -65.06 -28.66
C ILE K 31 -58.85 -65.37 -28.35
N ASP K 32 -59.48 -66.14 -29.23
CA ASP K 32 -60.89 -66.49 -29.09
C ASP K 32 -61.19 -67.12 -27.73
N ALA K 33 -60.65 -68.31 -27.48
CA ALA K 33 -60.80 -68.98 -26.18
C ALA K 33 -60.14 -68.20 -25.04
N LEU K 34 -59.06 -67.49 -25.35
CA LEU K 34 -58.35 -66.69 -24.35
C LEU K 34 -59.23 -65.60 -23.73
N SER K 35 -60.09 -64.98 -24.54
CA SER K 35 -61.01 -63.95 -24.02
C SER K 35 -61.79 -64.43 -22.78
N SER K 36 -62.30 -65.65 -22.84
CA SER K 36 -63.01 -66.26 -21.71
C SER K 36 -62.13 -66.31 -20.46
N GLN K 37 -60.93 -66.85 -20.60
CA GLN K 37 -59.96 -66.93 -19.49
C GLN K 37 -59.84 -65.60 -18.73
N ILE K 38 -59.64 -64.51 -19.45
CA ILE K 38 -59.58 -63.18 -18.85
C ILE K 38 -60.92 -62.76 -18.25
N ASP K 39 -62.02 -63.04 -18.94
CA ASP K 39 -63.37 -62.73 -18.44
C ASP K 39 -63.62 -63.41 -17.09
N ASP K 40 -63.42 -64.73 -17.05
CA ASP K 40 -63.58 -65.49 -15.80
C ASP K 40 -62.58 -65.04 -14.73
N LEU K 41 -61.32 -64.82 -15.14
CA LEU K 41 -60.29 -64.35 -14.21
C LEU K 41 -60.67 -63.01 -13.60
N ALA K 42 -61.11 -62.07 -14.42
CA ALA K 42 -61.55 -60.76 -13.94
C ALA K 42 -62.77 -60.85 -13.01
N SER K 43 -63.63 -61.84 -13.22
CA SER K 43 -64.78 -62.08 -12.34
C SER K 43 -64.37 -62.53 -10.93
N ALA K 44 -63.38 -63.42 -10.83
CA ALA K 44 -62.87 -63.87 -9.53
C ALA K 44 -62.12 -62.77 -8.76
N TYR K 45 -61.39 -61.93 -9.50
CA TYR K 45 -60.70 -60.76 -8.91
C TYR K 45 -61.65 -59.79 -8.21
N ASP K 46 -62.90 -59.71 -8.65
CA ASP K 46 -63.94 -58.96 -7.95
C ASP K 46 -64.63 -59.78 -6.84
N ALA K 47 -63.87 -60.65 -6.17
CA ALA K 47 -64.20 -61.14 -4.82
C ALA K 47 -63.31 -60.39 -3.82
N SER K 48 -63.82 -59.23 -3.36
CA SER K 48 -63.02 -58.22 -2.66
C SER K 48 -62.06 -58.85 -1.67
N GLN K 49 -62.61 -59.61 -0.71
CA GLN K 49 -61.82 -60.25 0.34
C GLN K 49 -60.69 -61.12 -0.23
N ASP K 50 -61.05 -62.08 -1.08
CA ASP K 50 -60.01 -62.87 -1.76
C ASP K 50 -58.99 -62.12 -2.61
N LEU K 51 -59.51 -61.21 -3.42
CA LEU K 51 -58.69 -60.50 -4.40
C LEU K 51 -57.61 -59.71 -3.70
N ARG K 52 -58.02 -58.89 -2.74
CA ARG K 52 -57.10 -58.04 -1.99
C ARG K 52 -56.03 -58.88 -1.27
N ASP K 53 -56.49 -59.88 -0.53
CA ASP K 53 -55.58 -60.75 0.22
C ASP K 53 -54.50 -61.34 -0.69
N LEU K 54 -54.90 -61.78 -1.87
CA LEU K 54 -53.96 -62.35 -2.83
C LEU K 54 -52.99 -61.30 -3.41
N THR K 55 -53.55 -60.22 -3.92
CA THR K 55 -52.81 -59.29 -4.76
C THR K 55 -51.93 -58.31 -3.98
N LEU K 56 -52.53 -57.57 -3.07
CA LEU K 56 -51.98 -56.28 -2.61
C LEU K 56 -51.16 -56.30 -1.32
N SER K 57 -51.58 -57.14 -0.36
CA SER K 57 -50.87 -57.24 0.93
C SER K 57 -49.61 -58.07 0.79
N PRO K 58 -48.56 -57.70 1.54
CA PRO K 58 -47.31 -58.45 1.57
C PRO K 58 -47.43 -59.73 2.39
N LEU K 59 -47.36 -60.88 1.72
CA LEU K 59 -47.46 -62.21 2.35
C LEU K 59 -46.12 -62.94 2.50
N TYR K 60 -45.00 -62.20 2.51
CA TYR K 60 -43.65 -62.72 2.77
C TYR K 60 -43.14 -63.71 1.71
N ASP K 61 -43.66 -64.92 1.74
CA ASP K 61 -43.16 -65.99 0.90
C ASP K 61 -43.66 -65.88 -0.55
N ARG K 62 -42.73 -65.75 -1.48
CA ARG K 62 -43.05 -65.83 -2.92
C ARG K 62 -43.49 -67.26 -3.33
N GLN K 63 -42.90 -68.26 -2.70
CA GLN K 63 -43.33 -69.65 -2.92
C GLN K 63 -44.78 -69.83 -2.47
N GLN K 64 -45.06 -69.40 -1.24
CA GLN K 64 -46.42 -69.39 -0.69
C GLN K 64 -47.44 -68.74 -1.62
N GLN K 65 -47.05 -67.65 -2.29
CA GLN K 65 -47.93 -66.92 -3.22
C GLN K 65 -47.88 -67.43 -4.67
N GLU K 66 -46.81 -68.12 -5.06
CA GLU K 66 -46.71 -68.70 -6.41
C GLU K 66 -47.80 -69.75 -6.68
N ALA K 67 -47.81 -70.84 -5.91
CA ALA K 67 -48.82 -71.90 -6.08
C ALA K 67 -50.24 -71.41 -5.75
N ALA K 68 -50.35 -70.58 -4.71
CA ALA K 68 -51.63 -70.00 -4.31
C ALA K 68 -52.31 -69.27 -5.47
N VAL K 69 -51.55 -68.53 -6.27
CA VAL K 69 -52.09 -67.80 -7.43
C VAL K 69 -52.76 -68.73 -8.45
N GLY K 70 -51.99 -69.66 -9.02
CA GLY K 70 -52.55 -70.62 -9.98
C GLY K 70 -53.73 -71.41 -9.42
N ALA K 71 -53.70 -71.68 -8.12
CA ALA K 71 -54.77 -72.41 -7.45
C ALA K 71 -56.07 -71.59 -7.37
N LEU K 72 -55.98 -70.38 -6.85
CA LEU K 72 -57.15 -69.48 -6.72
C LEU K 72 -57.89 -69.29 -8.05
N SER K 73 -57.16 -69.36 -9.15
CA SER K 73 -57.78 -69.29 -10.48
C SER K 73 -58.52 -70.59 -10.81
N GLU K 74 -59.60 -70.46 -11.58
CA GLU K 74 -60.41 -71.60 -12.06
C GLU K 74 -59.62 -72.77 -12.70
N ARG K 75 -59.14 -73.65 -11.82
CA ARG K 75 -58.33 -74.82 -12.19
C ARG K 75 -59.03 -75.57 -13.32
N MET K 76 -59.01 -74.93 -14.48
CA MET K 76 -59.96 -75.18 -15.58
C MET K 76 -59.86 -74.07 -16.64
N GLY K 77 -60.22 -72.84 -16.27
CA GLY K 77 -60.31 -71.74 -17.24
C GLY K 77 -59.03 -70.97 -17.54
N LEU K 78 -57.86 -71.59 -17.34
CA LEU K 78 -56.58 -70.96 -17.68
C LEU K 78 -55.73 -71.90 -18.51
N SER K 79 -55.43 -71.52 -19.75
CA SER K 79 -54.51 -72.29 -20.60
C SER K 79 -53.11 -72.32 -20.00
N ALA K 80 -52.24 -73.17 -20.53
CA ALA K 80 -50.86 -73.28 -20.04
C ALA K 80 -50.25 -71.90 -19.72
N GLU K 81 -50.29 -71.01 -20.70
CA GLU K 81 -49.79 -69.64 -20.54
C GLU K 81 -50.37 -68.92 -19.32
N LEU K 82 -51.66 -69.10 -19.06
CA LEU K 82 -52.30 -68.48 -17.90
C LEU K 82 -51.65 -68.91 -16.59
N ALA K 83 -51.31 -70.20 -16.49
CA ALA K 83 -50.63 -70.74 -15.30
C ALA K 83 -49.17 -70.30 -15.26
N ASN K 84 -48.51 -70.31 -16.41
CA ASN K 84 -47.11 -69.89 -16.52
C ASN K 84 -46.92 -68.40 -16.18
N THR K 85 -47.83 -67.56 -16.69
CA THR K 85 -47.76 -66.11 -16.46
C THR K 85 -47.91 -65.74 -14.98
N LEU K 86 -48.99 -66.19 -14.36
CA LEU K 86 -49.25 -65.89 -12.95
C LEU K 86 -48.05 -66.23 -12.04
N ARG K 87 -47.49 -67.41 -12.23
CA ARG K 87 -46.33 -67.84 -11.45
C ARG K 87 -45.15 -66.90 -11.66
N LEU K 88 -44.75 -66.74 -12.93
CA LEU K 88 -43.65 -65.84 -13.29
C LEU K 88 -43.91 -64.43 -12.74
N LEU K 89 -45.11 -63.91 -12.94
CA LEU K 89 -45.51 -62.60 -12.42
C LEU K 89 -45.28 -62.53 -10.90
N ALA K 90 -45.71 -63.57 -10.20
CA ALA K 90 -45.48 -63.67 -8.75
C ALA K 90 -43.99 -63.80 -8.43
N ARG K 91 -43.29 -64.66 -9.16
CA ARG K 91 -41.85 -64.87 -8.96
C ARG K 91 -41.06 -63.56 -8.98
N ASN K 92 -41.51 -62.59 -9.78
CA ASN K 92 -40.87 -61.28 -9.86
C ASN K 92 -41.28 -60.28 -8.77
N ARG K 93 -42.11 -60.71 -7.80
CA ARG K 93 -42.65 -59.80 -6.78
C ARG K 93 -43.46 -58.64 -7.38
N ARG K 94 -44.28 -58.96 -8.37
CA ARG K 94 -45.17 -57.97 -8.98
C ARG K 94 -46.51 -58.57 -9.47
N LEU K 95 -46.89 -59.74 -8.96
CA LEU K 95 -48.20 -60.32 -9.26
C LEU K 95 -49.34 -59.42 -8.76
N PHE K 96 -49.04 -58.54 -7.80
CA PHE K 96 -49.94 -57.47 -7.35
C PHE K 96 -50.49 -56.56 -8.45
N THR K 97 -49.82 -56.46 -9.59
CA THR K 97 -50.27 -55.58 -10.68
C THR K 97 -51.35 -56.23 -11.58
N LEU K 98 -52.27 -56.98 -10.99
CA LEU K 98 -53.08 -57.94 -11.75
C LEU K 98 -54.13 -57.26 -12.60
N PRO K 99 -54.85 -56.29 -12.01
CA PRO K 99 -55.86 -55.56 -12.76
C PRO K 99 -55.23 -54.71 -13.85
N GLN K 100 -54.10 -54.09 -13.52
CA GLN K 100 -53.34 -53.30 -14.49
C GLN K 100 -53.12 -54.06 -15.80
N PHE K 101 -52.90 -55.38 -15.69
CA PHE K 101 -52.70 -56.24 -16.86
C PHE K 101 -54.01 -56.70 -17.48
N VAL K 102 -55.01 -57.03 -16.64
CA VAL K 102 -56.31 -57.48 -17.14
C VAL K 102 -56.88 -56.50 -18.16
N ALA K 103 -57.06 -55.26 -17.72
CA ALA K 103 -57.54 -54.18 -18.59
C ALA K 103 -56.70 -54.07 -19.86
N LYS K 104 -55.38 -54.22 -19.73
CA LYS K 104 -54.46 -54.20 -20.87
C LYS K 104 -54.77 -55.34 -21.84
N LEU K 105 -54.91 -56.56 -21.33
CA LEU K 105 -55.21 -57.72 -22.18
C LEU K 105 -56.55 -57.55 -22.93
N ARG K 106 -57.59 -57.17 -22.20
CA ARG K 106 -58.91 -56.94 -22.81
C ARG K 106 -58.82 -55.99 -24.00
N ASN K 107 -58.04 -54.93 -23.85
CA ASN K 107 -57.81 -53.97 -24.93
C ASN K 107 -57.11 -54.62 -26.13
N LEU K 108 -56.13 -55.48 -25.87
CA LEU K 108 -55.46 -56.23 -26.93
C LEU K 108 -56.47 -56.94 -27.84
N ILE K 109 -57.43 -57.62 -27.22
CA ILE K 109 -58.50 -58.29 -27.97
C ILE K 109 -59.26 -57.27 -28.83
N ALA K 110 -59.72 -56.19 -28.20
CA ALA K 110 -60.43 -55.13 -28.90
C ALA K 110 -59.63 -54.64 -30.12
N ASP K 111 -58.33 -54.49 -29.97
CA ASP K 111 -57.47 -54.08 -31.09
C ASP K 111 -57.49 -55.16 -32.18
N ALA K 112 -57.36 -56.42 -31.76
CA ALA K 112 -57.42 -57.56 -32.68
C ALA K 112 -58.79 -57.67 -33.37
N LYS K 113 -59.86 -57.32 -32.64
CA LYS K 113 -61.19 -57.18 -33.26
C LYS K 113 -61.26 -55.79 -33.97
N GLY K 114 -62.23 -54.96 -33.59
CA GLY K 114 -62.27 -53.55 -34.00
C GLY K 114 -63.46 -53.14 -34.87
N GLU K 115 -63.15 -52.74 -36.09
CA GLU K 115 -64.14 -52.17 -37.01
C GLU K 115 -64.09 -52.90 -38.35
N VAL L 10 40.22 16.37 12.46
CA VAL L 10 38.84 15.93 12.14
C VAL L 10 38.25 16.75 11.00
N SER L 11 37.43 16.09 10.18
CA SER L 11 36.61 16.76 9.17
C SER L 11 35.17 16.58 9.57
N PRO L 12 34.26 17.14 8.76
CA PRO L 12 32.82 17.00 8.91
C PRO L 12 32.34 15.55 9.03
N GLU L 13 33.07 14.64 8.39
CA GLU L 13 32.66 13.22 8.34
C GLU L 13 33.31 12.31 9.38
N ARG L 14 34.58 12.55 9.70
CA ARG L 14 35.32 11.60 10.56
C ARG L 14 36.59 12.18 11.17
N ASN L 15 37.25 11.34 11.98
CA ASN L 15 38.54 11.66 12.57
C ASN L 15 39.66 11.31 11.60
N LEU L 16 40.35 12.32 11.09
CA LEU L 16 41.48 12.15 10.17
C LEU L 16 42.79 11.82 10.88
N VAL L 17 43.04 12.48 12.02
CA VAL L 17 44.18 12.18 12.88
C VAL L 17 43.70 12.02 14.33
N SER L 18 44.11 10.93 14.98
CA SER L 18 43.78 10.71 16.39
C SER L 18 44.88 9.85 17.02
N VAL L 19 45.98 10.53 17.39
CA VAL L 19 47.12 9.84 18.00
C VAL L 19 48.20 10.83 18.43
N PRO L 20 49.28 10.31 19.05
CA PRO L 20 50.39 11.15 19.51
C PRO L 20 51.24 11.68 18.37
N VAL L 21 51.59 12.95 18.41
CA VAL L 21 52.46 13.56 17.42
C VAL L 21 53.47 14.48 18.12
N ARG L 22 54.64 14.62 17.51
CA ARG L 22 55.69 15.50 18.05
C ARG L 22 55.42 16.95 17.64
N GLU L 23 54.85 17.13 16.45
CA GLU L 23 54.53 18.46 15.94
C GLU L 23 53.74 18.43 14.63
N VAL L 24 53.13 19.57 14.29
CA VAL L 24 52.42 19.74 13.03
C VAL L 24 52.90 21.03 12.37
N ARG L 25 52.92 21.05 11.05
CA ARG L 25 53.25 22.24 10.27
C ARG L 25 52.06 22.49 9.36
N LEU L 26 51.43 23.66 9.50
CA LEU L 26 50.25 24.02 8.70
C LEU L 26 50.36 25.48 8.28
N PRO L 27 49.98 25.77 7.03
CA PRO L 27 50.01 27.12 6.49
C PRO L 27 48.82 27.95 6.98
N GLY L 28 49.09 28.91 7.85
CA GLY L 28 48.05 29.78 8.40
C GLY L 28 47.66 30.88 7.44
N ALA L 29 46.64 31.64 7.80
CA ALA L 29 46.16 32.75 6.98
C ALA L 29 47.19 33.88 6.84
N ASP L 30 47.97 34.10 7.90
CA ASP L 30 49.03 35.12 7.90
C ASP L 30 50.40 34.56 7.52
N GLY L 31 50.64 33.30 7.82
CA GLY L 31 51.94 32.67 7.53
C GLY L 31 52.06 31.25 8.05
N ASP L 32 53.26 30.69 7.98
CA ASP L 32 53.51 29.30 8.37
C ASP L 32 53.43 29.13 9.88
N LEU L 33 52.92 27.98 10.32
CA LEU L 33 52.80 27.66 11.74
C LEU L 33 53.37 26.28 12.05
N THR L 34 54.33 26.24 12.97
CA THR L 34 54.94 24.99 13.44
C THR L 34 54.60 24.86 14.91
N ALA L 35 53.67 23.96 15.23
CA ALA L 35 53.17 23.79 16.61
C ALA L 35 53.88 22.64 17.33
N MET L 36 54.67 22.99 18.35
CA MET L 36 55.34 21.99 19.21
C MET L 36 54.55 21.80 20.50
N PRO L 37 54.91 20.76 21.26
CA PRO L 37 54.26 20.51 22.54
C PRO L 37 54.39 21.72 23.46
N GLY L 38 53.31 22.05 24.18
CA GLY L 38 53.31 23.17 25.11
C GLY L 38 53.06 24.54 24.48
N HIS L 39 52.78 24.58 23.18
CA HIS L 39 52.50 25.86 22.53
C HIS L 39 51.30 26.52 23.19
N ALA L 40 51.32 27.86 23.28
CA ALA L 40 50.23 28.60 23.92
C ALA L 40 48.91 28.51 23.15
N PRO L 41 47.78 28.61 23.86
CA PRO L 41 46.48 28.40 23.22
C PRO L 41 46.24 29.34 22.04
N ALA L 42 45.82 28.80 20.90
CA ALA L 42 45.67 29.60 19.69
C ALA L 42 44.64 29.03 18.72
N ILE L 43 43.98 29.93 18.00
CA ILE L 43 43.02 29.60 16.97
C ILE L 43 43.39 30.38 15.70
N VAL L 44 43.55 29.67 14.59
CA VAL L 44 43.88 30.30 13.31
C VAL L 44 43.27 29.51 12.16
N ASN L 45 42.69 30.21 11.19
CA ASN L 45 42.26 29.60 9.95
C ASN L 45 43.51 29.32 9.13
N LEU L 46 43.48 28.25 8.32
CA LEU L 46 44.61 27.87 7.49
C LEU L 46 44.21 27.98 6.03
N ARG L 47 45.21 27.99 5.14
CA ARG L 47 44.98 28.03 3.70
C ARG L 47 45.04 26.62 3.11
N PRO L 48 44.38 26.42 1.95
CA PRO L 48 44.51 25.13 1.27
C PRO L 48 45.98 24.83 1.01
N GLY L 49 46.37 23.57 1.15
CA GLY L 49 47.78 23.17 1.01
C GLY L 49 48.12 21.98 1.87
N LEU L 50 49.41 21.66 1.95
CA LEU L 50 49.89 20.45 2.64
C LEU L 50 50.08 20.70 4.14
N VAL L 51 49.67 19.72 4.95
CA VAL L 51 49.88 19.75 6.39
C VAL L 51 50.94 18.70 6.68
N THR L 52 52.01 19.10 7.35
CA THR L 52 53.09 18.19 7.72
C THR L 52 52.89 17.73 9.16
N VAL L 53 52.79 16.41 9.36
CA VAL L 53 52.60 15.82 10.68
C VAL L 53 53.80 14.96 11.07
N VAL L 54 54.51 15.34 12.14
CA VAL L 54 55.59 14.53 12.68
C VAL L 54 54.99 13.67 13.79
N ALA L 55 54.61 12.45 13.41
CA ALA L 55 53.98 11.52 14.35
C ALA L 55 54.95 11.04 15.43
N GLY L 56 54.40 10.38 16.45
CA GLY L 56 55.12 9.60 17.45
C GLY L 56 56.62 9.73 17.56
N ASP L 57 57.36 8.78 16.98
CA ASP L 57 58.82 8.74 17.07
C ASP L 57 59.44 9.24 15.75
N GLY L 58 59.11 10.47 15.38
CA GLY L 58 59.75 11.14 14.26
C GLY L 58 59.27 10.83 12.84
N SER L 59 58.43 9.81 12.67
CA SER L 59 57.92 9.47 11.33
C SER L 59 57.06 10.59 10.75
N GLU L 60 57.47 11.12 9.59
CA GLU L 60 56.80 12.27 8.98
C GLU L 60 55.73 11.81 7.99
N THR L 61 54.65 12.57 7.90
CA THR L 61 53.57 12.31 6.93
C THR L 61 52.98 13.63 6.45
N GLU L 62 52.79 13.75 5.13
CA GLU L 62 52.23 14.95 4.52
C GLU L 62 50.89 14.64 3.87
N PHE L 63 49.91 15.53 4.03
CA PHE L 63 48.58 15.35 3.48
C PHE L 63 48.06 16.70 2.99
N ALA L 64 47.50 16.71 1.76
CA ALA L 64 46.95 17.93 1.18
C ALA L 64 45.56 18.19 1.73
N VAL L 65 45.35 19.37 2.30
CA VAL L 65 44.07 19.76 2.89
C VAL L 65 43.48 20.93 2.12
N THR L 66 42.16 20.97 2.02
CA THR L 66 41.45 22.06 1.36
C THR L 66 41.37 23.31 2.23
N GLY L 67 41.88 23.24 3.46
CA GLY L 67 41.86 24.36 4.40
C GLY L 67 41.11 23.98 5.66
N GLY L 68 40.80 24.98 6.48
CA GLY L 68 40.08 24.76 7.74
C GLY L 68 40.52 25.65 8.89
N PHE L 69 40.36 25.15 10.12
CA PHE L 69 40.72 25.89 11.33
C PHE L 69 41.63 25.05 12.23
N ALA L 70 42.71 25.67 12.74
CA ALA L 70 43.67 25.00 13.62
C ALA L 70 43.50 25.52 15.04
N GLU L 71 43.24 24.62 15.98
CA GLU L 71 43.06 24.97 17.39
C GLU L 71 44.14 24.32 18.25
N ILE L 72 44.96 25.17 18.90
CA ILE L 72 46.07 24.73 19.72
C ILE L 72 45.76 24.99 21.20
N ASN L 73 46.12 24.04 22.04
CA ASN L 73 46.06 24.20 23.49
C ASN L 73 47.20 23.41 24.12
N ASN L 74 47.36 23.55 25.44
CA ASN L 74 48.43 22.89 26.22
C ASN L 74 49.13 21.69 25.58
N GLU L 75 48.47 20.54 25.55
CA GLU L 75 49.02 19.35 24.91
C GLU L 75 48.54 19.28 23.46
N SER L 76 47.24 19.00 23.30
CA SER L 76 46.68 18.65 21.98
C SER L 76 46.47 19.81 20.99
N VAL L 77 46.76 19.55 19.72
CA VAL L 77 46.43 20.45 18.63
C VAL L 77 45.41 19.74 17.75
N THR L 78 44.33 20.42 17.41
CA THR L 78 43.24 19.82 16.61
C THR L 78 42.97 20.64 15.36
N LEU L 79 43.14 20.01 14.20
CA LEU L 79 42.86 20.65 12.91
C LEU L 79 41.45 20.28 12.50
N LEU L 80 40.56 21.26 12.42
CA LEU L 80 39.20 21.06 11.93
C LEU L 80 39.20 21.35 10.43
N ALA L 81 39.40 20.30 9.63
CA ALA L 81 39.60 20.46 8.19
C ALA L 81 38.32 20.49 7.38
N GLU L 82 38.24 21.41 6.43
CA GLU L 82 37.14 21.46 5.48
C GLU L 82 37.40 20.42 4.39
N ARG L 83 36.32 19.94 3.77
CA ARG L 83 36.42 19.04 2.62
C ARG L 83 36.68 19.81 1.33
N GLY L 84 36.41 21.12 1.33
CA GLY L 84 36.65 21.98 0.18
C GLY L 84 37.04 23.38 0.62
N ASN M 3 77.52 91.47 5.56
CA ASN M 3 78.43 90.79 6.56
C ASN M 3 77.65 90.19 7.74
N LEU M 4 77.79 90.72 8.95
CA LEU M 4 77.38 90.04 10.18
C LEU M 4 75.88 89.74 10.24
N GLY M 5 75.11 90.79 9.94
CA GLY M 5 73.65 90.70 9.99
C GLY M 5 73.11 89.66 9.03
N GLN M 6 73.68 89.66 7.83
CA GLN M 6 73.30 88.70 6.80
C GLN M 6 73.56 87.26 7.23
N LEU M 7 74.57 87.04 8.08
CA LEU M 7 74.83 85.71 8.67
C LEU M 7 73.64 85.20 9.48
N GLY M 8 73.03 86.10 10.25
CA GLY M 8 71.80 85.77 10.96
C GLY M 8 70.68 85.37 10.02
N GLN M 9 70.45 86.21 9.01
CA GLN M 9 69.41 85.98 8.00
C GLN M 9 69.59 84.65 7.26
N TYR M 10 70.83 84.41 6.81
CA TYR M 10 71.16 83.22 6.03
C TYR M 10 70.93 81.95 6.84
N LEU M 11 71.39 81.93 8.08
CA LEU M 11 71.20 80.77 8.96
C LEU M 11 69.71 80.55 9.29
N GLY M 12 68.96 81.65 9.32
CA GLY M 12 67.50 81.56 9.51
C GLY M 12 66.80 80.87 8.34
N ALA M 13 67.27 81.13 7.13
CA ALA M 13 66.74 80.45 5.95
C ALA M 13 66.98 78.95 6.04
N GLY M 14 68.19 78.56 6.43
CA GLY M 14 68.51 77.14 6.64
C GLY M 14 67.62 76.48 7.68
N LEU M 15 67.48 77.14 8.84
CA LEU M 15 66.59 76.62 9.89
C LEU M 15 65.14 76.46 9.38
N ALA M 16 64.70 77.39 8.54
CA ALA M 16 63.38 77.30 7.91
C ALA M 16 63.26 76.09 6.98
N CYS M 17 64.28 75.85 6.18
CA CYS M 17 64.35 74.65 5.33
C CYS M 17 64.32 73.36 6.15
N VAL M 18 65.00 73.35 7.30
CA VAL M 18 64.95 72.23 8.24
C VAL M 18 63.54 71.94 8.74
N GLY M 19 62.78 73.00 9.02
CA GLY M 19 61.36 72.88 9.39
C GLY M 19 60.50 72.08 8.42
N MET M 20 60.84 72.13 7.13
CA MET M 20 60.09 71.40 6.10
C MET M 20 60.26 69.88 6.16
N ALA M 21 61.31 69.40 6.83
CA ALA M 21 61.53 67.97 7.04
C ALA M 21 60.34 67.30 7.73
N GLY M 22 59.71 68.04 8.64
CA GLY M 22 58.53 67.54 9.32
C GLY M 22 57.29 67.52 8.44
N ALA M 23 57.08 68.61 7.69
CA ALA M 23 55.87 68.82 6.86
C ALA M 23 55.65 67.69 5.85
N ALA M 24 56.72 67.38 5.14
CA ALA M 24 56.73 66.30 4.19
C ALA M 24 56.40 64.97 4.87
N MET M 25 56.90 64.74 6.08
CA MET M 25 56.57 63.55 6.87
C MET M 25 55.08 63.44 7.20
N GLY M 26 54.50 64.51 7.75
CA GLY M 26 53.09 64.53 8.14
C GLY M 26 52.13 64.30 6.98
N VAL M 27 52.40 65.02 5.88
CA VAL M 27 51.61 64.89 4.65
C VAL M 27 51.67 63.46 4.08
N GLY M 28 52.85 62.87 4.19
CA GLY M 28 53.12 61.52 3.77
C GLY M 28 52.23 60.54 4.51
N ASN M 29 52.12 60.74 5.83
CA ASN M 29 51.22 59.94 6.65
C ASN M 29 49.81 59.94 6.08
N VAL M 30 49.31 61.16 5.83
CA VAL M 30 47.96 61.33 5.31
C VAL M 30 47.75 60.57 3.99
N ALA M 31 48.73 60.76 3.10
CA ALA M 31 48.70 60.17 1.76
C ALA M 31 48.60 58.63 1.78
N GLY M 32 49.41 58.03 2.65
CA GLY M 32 49.50 56.58 2.79
C GLY M 32 48.22 55.90 3.23
N ASN M 33 47.47 56.58 4.11
CA ASN M 33 46.16 56.08 4.53
C ASN M 33 45.19 55.97 3.34
N TYR M 34 45.24 56.96 2.45
CA TYR M 34 44.41 56.94 1.24
C TYR M 34 44.64 55.66 0.42
N LEU M 35 45.92 55.35 0.16
CA LEU M 35 46.28 54.17 -0.63
C LEU M 35 45.76 52.88 0.01
N ALA M 36 45.97 52.77 1.33
CA ALA M 36 45.50 51.59 2.06
C ALA M 36 43.97 51.45 2.01
N GLY M 37 43.28 52.59 2.10
CA GLY M 37 41.82 52.62 2.04
C GLY M 37 41.22 52.20 0.71
N ALA M 38 41.86 52.58 -0.39
CA ALA M 38 41.48 52.15 -1.74
C ALA M 38 41.44 50.63 -1.86
N LEU M 39 42.45 49.97 -1.29
CA LEU M 39 42.53 48.51 -1.27
C LEU M 39 41.30 47.87 -0.66
N ARG M 40 40.93 48.34 0.54
CA ARG M 40 39.77 47.78 1.25
C ARG M 40 38.44 48.11 0.59
N ASN M 41 38.27 49.37 0.18
CA ASN M 41 37.00 49.82 -0.36
C ASN M 41 37.15 50.71 -1.60
N PRO M 42 37.44 50.09 -2.75
CA PRO M 42 37.41 50.79 -4.04
C PRO M 42 36.06 51.46 -4.31
N SER M 43 35.00 50.86 -3.77
CA SER M 43 33.65 51.41 -3.85
C SER M 43 33.48 52.76 -3.15
N ALA M 44 34.30 53.03 -2.13
CA ALA M 44 34.26 54.29 -1.39
C ALA M 44 35.25 55.36 -1.88
N ALA M 45 35.80 55.17 -3.09
CA ALA M 45 36.63 56.19 -3.73
C ALA M 45 36.00 57.59 -3.78
N ALA M 46 34.67 57.67 -3.90
CA ALA M 46 33.94 58.95 -3.82
C ALA M 46 34.27 59.73 -2.55
N SER M 47 34.16 59.04 -1.42
CA SER M 47 34.46 59.62 -0.11
C SER M 47 35.95 59.89 0.03
N GLN M 48 36.76 58.90 -0.38
CA GLN M 48 38.21 59.02 -0.37
C GLN M 48 38.71 60.23 -1.15
N THR M 49 38.22 60.42 -2.36
CA THR M 49 38.66 61.53 -3.23
C THR M 49 38.33 62.90 -2.62
N ALA M 50 37.10 63.03 -2.12
CA ALA M 50 36.67 64.25 -1.44
C ALA M 50 37.57 64.59 -0.22
N THR M 51 37.84 63.55 0.56
CA THR M 51 38.65 63.68 1.76
C THR M 51 40.10 63.95 1.44
N LEU M 52 40.59 63.44 0.31
CA LEU M 52 41.94 63.70 -0.21
C LEU M 52 42.24 65.19 -0.27
N PHE M 53 41.32 65.94 -0.89
CA PHE M 53 41.48 67.40 -1.03
C PHE M 53 41.57 68.08 0.34
N ILE M 54 40.55 67.82 1.15
CA ILE M 54 40.41 68.47 2.45
C ILE M 54 41.62 68.18 3.34
N GLY M 55 41.91 66.89 3.48
CA GLY M 55 42.98 66.41 4.34
C GLY M 55 44.34 66.89 3.85
N MET M 56 44.52 66.86 2.52
CA MET M 56 45.80 67.24 1.94
C MET M 56 46.07 68.72 2.12
N ALA M 57 45.01 69.53 1.98
CA ALA M 57 45.11 70.99 2.12
C ALA M 57 45.67 71.37 3.48
N PHE M 58 45.13 70.75 4.52
CA PHE M 58 45.54 71.02 5.90
C PHE M 58 47.01 70.70 6.10
N ALA M 59 47.42 69.53 5.62
CA ALA M 59 48.82 69.10 5.71
C ALA M 59 49.79 70.04 4.97
N GLU M 60 49.28 70.73 3.95
CA GLU M 60 50.12 71.63 3.14
C GLU M 60 50.36 72.99 3.80
N ALA M 61 49.31 73.53 4.41
CA ALA M 61 49.23 74.96 4.75
C ALA M 61 50.41 75.50 5.57
N LEU M 62 50.78 74.72 6.60
CA LEU M 62 51.86 75.08 7.50
C LEU M 62 53.22 75.04 6.82
N GLY M 63 53.33 74.23 5.76
CA GLY M 63 54.51 74.22 4.91
C GLY M 63 54.60 75.51 4.13
N ILE M 64 53.46 75.98 3.62
CA ILE M 64 53.41 77.25 2.88
C ILE M 64 53.77 78.44 3.78
N PHE M 65 53.24 78.44 5.00
CA PHE M 65 53.53 79.53 5.95
C PHE M 65 55.03 79.61 6.29
N SER M 66 55.67 78.45 6.35
CA SER M 66 57.12 78.37 6.56
C SER M 66 57.89 78.93 5.37
N PHE M 67 57.43 78.66 4.15
CA PHE M 67 58.04 79.23 2.96
C PHE M 67 58.00 80.76 2.98
N LEU M 68 56.84 81.31 3.37
CA LEU M 68 56.70 82.77 3.50
C LEU M 68 57.73 83.35 4.49
N VAL M 69 57.87 82.68 5.63
CA VAL M 69 58.84 83.08 6.65
C VAL M 69 60.28 83.01 6.12
N ALA M 70 60.60 81.94 5.40
CA ALA M 70 61.91 81.78 4.75
C ALA M 70 62.17 82.93 3.75
N LEU M 71 61.14 83.25 2.96
CA LEU M 71 61.26 84.33 1.97
C LEU M 71 61.42 85.71 2.64
N LEU M 72 60.78 85.89 3.79
CA LEU M 72 60.95 87.10 4.58
C LEU M 72 62.40 87.23 5.07
N LEU M 73 62.91 86.17 5.69
CA LEU M 73 64.30 86.15 6.16
C LEU M 73 65.29 86.40 5.04
N LEU M 74 64.99 85.87 3.85
CA LEU M 74 65.88 86.00 2.69
C LEU M 74 65.80 87.37 2.02
N PHE M 75 64.59 87.89 1.83
CA PHE M 75 64.37 89.18 1.14
C PHE M 75 63.63 90.21 2.00
N ALA M 76 64.06 90.31 3.26
CA ALA M 76 63.62 91.33 4.25
C ALA M 76 62.13 91.26 4.64
N ASN N 3 72.24 94.93 12.25
CA ASN N 3 73.44 94.09 12.62
C ASN N 3 73.13 93.08 13.74
N LEU N 4 73.69 93.26 14.94
CA LEU N 4 73.74 92.20 15.94
C LEU N 4 72.35 91.74 16.41
N GLY N 5 71.53 92.73 16.72
CA GLY N 5 70.18 92.48 17.24
C GLY N 5 69.33 91.72 16.24
N GLN N 6 69.44 92.13 14.98
CA GLN N 6 68.72 91.48 13.89
C GLN N 6 69.12 90.01 13.73
N LEU N 7 70.36 89.66 14.08
CA LEU N 7 70.81 88.26 14.10
C LEU N 7 69.99 87.41 15.06
N GLY N 8 69.68 87.97 16.23
CA GLY N 8 68.78 87.31 17.17
C GLY N 8 67.40 87.08 16.59
N GLN N 9 66.84 88.15 16.04
CA GLN N 9 65.50 88.11 15.40
C GLN N 9 65.42 87.09 14.26
N TYR N 10 66.41 87.14 13.38
CA TYR N 10 66.45 86.27 12.21
C TYR N 10 66.51 84.80 12.59
N LEU N 11 67.39 84.47 13.55
CA LEU N 11 67.51 83.09 14.02
C LEU N 11 66.24 82.61 14.75
N GLY N 12 65.54 83.55 15.37
CA GLY N 12 64.26 83.27 15.98
C GLY N 12 63.17 82.88 14.98
N ALA N 13 63.19 83.53 13.82
CA ALA N 13 62.28 83.17 12.74
C ALA N 13 62.54 81.75 12.26
N GLY N 14 63.80 81.39 12.09
CA GLY N 14 64.17 80.02 11.71
C GLY N 14 63.71 79.00 12.74
N LEU N 15 63.99 79.26 14.01
CA LEU N 15 63.52 78.37 15.08
C LEU N 15 61.99 78.20 15.06
N ALA N 16 61.28 79.29 14.75
CA ALA N 16 59.82 79.25 14.62
C ALA N 16 59.38 78.35 13.45
N CYS N 17 60.06 78.48 12.31
CA CYS N 17 59.81 77.59 11.17
C CYS N 17 60.08 76.12 11.50
N VAL N 18 61.12 75.85 12.29
CA VAL N 18 61.41 74.49 12.80
C VAL N 18 60.26 73.93 13.62
N GLY N 19 59.64 74.77 14.46
CA GLY N 19 58.44 74.39 15.22
C GLY N 19 57.29 73.81 14.39
N MET N 20 57.17 74.28 13.15
CA MET N 20 56.10 73.80 12.26
C MET N 20 56.27 72.36 11.78
N ALA N 21 57.50 71.84 11.85
CA ALA N 21 57.78 70.43 11.52
C ALA N 21 56.91 69.46 12.34
N GLY N 22 56.64 69.83 13.58
CA GLY N 22 55.76 69.04 14.43
C GLY N 22 54.29 69.14 14.05
N ALA N 23 53.84 70.36 13.81
CA ALA N 23 52.42 70.67 13.54
C ALA N 23 51.85 69.88 12.36
N ALA N 24 52.60 69.92 11.27
CA ALA N 24 52.26 69.16 10.08
C ALA N 24 52.20 67.67 10.37
N MET N 25 53.10 67.15 11.21
CA MET N 25 53.07 65.74 11.64
C MET N 25 51.78 65.37 12.40
N GLY N 26 51.44 66.17 13.42
CA GLY N 26 50.26 65.92 14.25
C GLY N 26 48.95 65.94 13.47
N VAL N 27 48.81 66.97 12.63
CA VAL N 27 47.64 67.12 11.76
C VAL N 27 47.49 65.95 10.79
N GLY N 28 48.64 65.49 10.31
CA GLY N 28 48.74 64.35 9.41
C GLY N 28 48.18 63.11 10.06
N ASN N 29 48.54 62.89 11.33
CA ASN N 29 47.99 61.79 12.11
C ASN N 29 46.46 61.82 12.09
N VAL N 30 45.92 62.98 12.42
CA VAL N 30 44.46 63.15 12.46
C VAL N 30 43.80 62.80 11.11
N ALA N 31 44.39 63.35 10.06
CA ALA N 31 43.90 63.18 8.69
C ALA N 31 43.80 61.70 8.25
N GLY N 32 44.86 60.95 8.58
CA GLY N 32 45.01 59.55 8.21
C GLY N 32 43.96 58.64 8.81
N ASN N 33 43.57 58.93 10.06
CA ASN N 33 42.49 58.20 10.71
C ASN N 33 41.17 58.34 9.95
N TYR N 34 40.90 59.56 9.46
CA TYR N 34 39.69 59.78 8.64
C TYR N 34 39.62 58.84 7.44
N LEU N 35 40.72 58.77 6.69
CA LEU N 35 40.78 57.93 5.49
C LEU N 35 40.53 56.44 5.83
N ALA N 36 41.19 55.97 6.89
CA ALA N 36 41.00 54.59 7.33
C ALA N 36 39.55 54.31 7.75
N GLY N 37 38.94 55.29 8.42
CA GLY N 37 37.55 55.18 8.87
C GLY N 37 36.52 55.09 7.76
N ALA N 38 36.74 55.86 6.68
CA ALA N 38 35.89 55.80 5.47
C ALA N 38 35.81 54.39 4.91
N LEU N 39 36.96 53.71 4.87
CA LEU N 39 37.04 52.32 4.40
C LEU N 39 36.09 51.40 5.15
N ARG N 40 36.17 51.44 6.49
CA ARG N 40 35.35 50.59 7.33
C ARG N 40 33.87 50.94 7.30
N ASN N 41 33.56 52.24 7.37
CA ASN N 41 32.17 52.68 7.45
C ASN N 41 31.88 53.90 6.58
N PRO N 42 31.75 53.70 5.25
CA PRO N 42 31.29 54.74 4.34
C PRO N 42 29.93 55.32 4.77
N SER N 43 29.11 54.47 5.41
CA SER N 43 27.83 54.87 5.96
C SER N 43 27.91 55.91 7.07
N ALA N 44 29.04 55.95 7.79
CA ALA N 44 29.25 56.93 8.87
C ALA N 44 30.01 58.20 8.44
N ALA N 45 30.11 58.44 7.14
CA ALA N 45 30.67 59.69 6.61
C ALA N 45 30.05 60.96 7.20
N ALA N 46 28.76 60.93 7.57
CA ALA N 46 28.11 62.05 8.29
C ALA N 46 28.88 62.45 9.56
N SER N 47 29.17 61.44 10.38
CA SER N 47 29.91 61.64 11.62
C SER N 47 31.36 62.01 11.33
N GLN N 48 31.96 61.29 10.39
CA GLN N 48 33.33 61.56 9.95
C GLN N 48 33.53 62.99 9.47
N THR N 49 32.63 63.49 8.62
CA THR N 49 32.74 64.84 8.05
C THR N 49 32.65 65.92 9.13
N ALA N 50 31.67 65.76 10.02
CA ALA N 50 31.51 66.67 11.17
C ALA N 50 32.78 66.74 12.04
N THR N 51 33.31 65.54 12.32
CA THR N 51 34.49 65.41 13.16
C THR N 51 35.74 65.92 12.47
N LEU N 52 35.80 65.82 11.14
CA LEU N 52 36.88 66.38 10.32
C LEU N 52 37.14 67.83 10.63
N PHE N 53 36.06 68.63 10.63
CA PHE N 53 36.17 70.06 10.90
C PHE N 53 36.73 70.33 12.30
N ILE N 54 36.07 69.73 13.28
CA ILE N 54 36.40 69.95 14.69
C ILE N 54 37.84 69.54 14.98
N GLY N 55 38.16 68.31 14.60
CA GLY N 55 39.47 67.72 14.85
C GLY N 55 40.55 68.46 14.11
N MET N 56 40.26 68.84 12.87
CA MET N 56 41.25 69.51 12.04
C MET N 56 41.56 70.90 12.58
N ALA N 57 40.53 71.60 13.06
CA ALA N 57 40.68 72.95 13.61
C ALA N 57 41.67 72.97 14.75
N PHE N 58 41.53 72.02 15.67
CA PHE N 58 42.40 71.91 16.83
C PHE N 58 43.86 71.71 16.42
N ALA N 59 44.07 70.79 15.48
CA ALA N 59 45.41 70.50 14.96
C ALA N 59 46.06 71.72 14.29
N GLU N 60 45.22 72.62 13.75
CA GLU N 60 45.72 73.79 13.04
C GLU N 60 46.19 74.93 13.97
N ALA N 61 45.42 75.14 15.04
CA ALA N 61 45.46 76.40 15.82
C ALA N 61 46.86 76.79 16.31
N LEU N 62 47.56 75.79 16.86
CA LEU N 62 48.89 75.98 17.41
C LEU N 62 49.92 76.30 16.33
N GLY N 63 49.66 75.85 15.12
CA GLY N 63 50.46 76.23 13.96
C GLY N 63 50.27 77.69 13.63
N ILE N 64 49.03 78.15 13.71
CA ILE N 64 48.71 79.57 13.47
C ILE N 64 49.37 80.49 14.53
N PHE N 65 49.31 80.07 15.79
CA PHE N 65 49.92 80.84 16.87
C PHE N 65 51.43 80.99 16.70
N SER N 66 52.07 79.94 16.17
CA SER N 66 53.49 79.96 15.86
C SER N 66 53.80 80.92 14.72
N PHE N 67 52.93 80.98 13.70
CA PHE N 67 53.08 81.95 12.62
C PHE N 67 53.05 83.39 13.14
N LEU N 68 52.11 83.67 14.04
CA LEU N 68 52.02 85.00 14.66
C LEU N 68 53.34 85.37 15.38
N VAL N 69 53.86 84.42 16.13
CA VAL N 69 55.14 84.60 16.83
C VAL N 69 56.30 84.84 15.86
N ALA N 70 56.35 84.07 14.77
CA ALA N 70 57.34 84.27 13.71
C ALA N 70 57.23 85.67 13.11
N LEU N 71 55.99 86.11 12.84
CA LEU N 71 55.75 87.43 12.27
C LEU N 71 56.14 88.56 13.23
N LEU N 72 55.95 88.31 14.53
CA LEU N 72 56.38 89.26 15.55
C LEU N 72 57.91 89.40 15.54
N LEU N 73 58.61 88.27 15.58
CA LEU N 73 60.07 88.26 15.54
C LEU N 73 60.61 88.94 14.28
N LEU N 74 59.91 88.74 13.16
CA LEU N 74 60.34 89.31 11.87
C LEU N 74 60.02 90.81 11.74
N PHE N 75 58.82 91.22 12.14
CA PHE N 75 58.38 92.63 12.01
C PHE N 75 57.99 93.27 13.34
N ALA N 76 58.82 93.05 14.36
CA ALA N 76 58.74 93.68 15.69
C ALA N 76 57.49 93.30 16.52
N ASN O 3 69.52 95.76 21.33
CA ASN O 3 70.76 95.03 20.93
C ASN O 3 70.91 93.67 21.67
N LEU O 4 71.89 93.54 22.56
CA LEU O 4 72.33 92.22 23.06
C LEU O 4 71.23 91.46 23.80
N GLY O 5 70.59 92.19 24.71
CA GLY O 5 69.55 91.61 25.56
C GLY O 5 68.37 91.09 24.74
N GLN O 6 67.99 91.90 23.75
CA GLN O 6 66.91 91.54 22.85
C GLN O 6 67.21 90.26 22.06
N LEU O 7 68.49 89.99 21.78
CA LEU O 7 68.92 88.72 21.16
C LEU O 7 68.52 87.51 21.99
N GLY O 8 68.69 87.63 23.32
CA GLY O 8 68.23 86.59 24.24
C GLY O 8 66.73 86.37 24.15
N GLN O 9 65.99 87.48 24.24
CA GLN O 9 64.53 87.46 24.17
C GLN O 9 64.00 86.85 22.85
N TYR O 10 64.58 87.31 21.75
CA TYR O 10 64.16 86.87 20.42
C TYR O 10 64.37 85.37 20.23
N LEU O 11 65.55 84.88 20.62
CA LEU O 11 65.84 83.45 20.50
C LEU O 11 64.96 82.60 21.44
N GLY O 12 64.54 83.21 22.56
CA GLY O 12 63.60 82.56 23.46
C GLY O 12 62.22 82.37 22.83
N ALA O 13 61.78 83.36 22.06
CA ALA O 13 60.52 83.24 21.33
C ALA O 13 60.57 82.09 20.33
N GLY O 14 61.68 81.98 19.59
CA GLY O 14 61.87 80.87 18.67
C GLY O 14 61.84 79.51 19.38
N LEU O 15 62.60 79.39 20.46
CA LEU O 15 62.58 78.16 21.25
C LEU O 15 61.16 77.80 21.73
N ALA O 16 60.38 78.82 22.10
CA ALA O 16 58.99 78.63 22.49
C ALA O 16 58.13 78.10 21.33
N CYS O 17 58.31 78.66 20.14
CA CYS O 17 57.65 78.16 18.94
C CYS O 17 58.02 76.72 18.63
N VAL O 18 59.28 76.35 18.84
CA VAL O 18 59.74 74.96 18.71
C VAL O 18 59.00 74.00 19.64
N GLY O 19 58.76 74.46 20.88
CA GLY O 19 57.95 73.70 21.85
C GLY O 19 56.57 73.26 21.35
N MET O 20 55.97 74.08 20.48
CA MET O 20 54.64 73.77 19.94
C MET O 20 54.62 72.59 18.96
N ALA O 21 55.78 72.24 18.39
CA ALA O 21 55.92 71.05 17.53
C ALA O 21 55.42 69.78 18.21
N GLY O 22 55.65 69.69 19.51
CA GLY O 22 55.18 68.56 20.29
C GLY O 22 53.68 68.58 20.53
N ALA O 23 53.15 69.75 20.91
CA ALA O 23 51.75 69.93 21.29
C ALA O 23 50.76 69.48 20.20
N ALA O 24 51.04 69.97 19.00
CA ALA O 24 50.27 69.59 17.84
C ALA O 24 50.32 68.09 17.60
N MET O 25 51.48 67.45 17.82
CA MET O 25 51.61 65.99 17.73
C MET O 25 50.72 65.24 18.73
N GLY O 26 50.80 65.62 20.00
CA GLY O 26 50.02 64.96 21.06
C GLY O 26 48.52 65.05 20.87
N VAL O 27 48.07 66.27 20.54
CA VAL O 27 46.65 66.53 20.26
C VAL O 27 46.14 65.71 19.08
N GLY O 28 47.02 65.59 18.08
CA GLY O 28 46.76 64.81 16.88
C GLY O 28 46.49 63.37 17.22
N ASN O 29 47.31 62.82 18.12
CA ASN O 29 47.11 61.45 18.62
C ASN O 29 45.70 61.28 19.15
N VAL O 30 45.31 62.20 20.03
CA VAL O 30 43.98 62.16 20.65
C VAL O 30 42.86 62.16 19.60
N ALA O 31 43.00 63.09 18.66
CA ALA O 31 42.00 63.30 17.60
C ALA O 31 41.76 62.03 16.75
N GLY O 32 42.86 61.38 16.40
CA GLY O 32 42.85 60.19 15.53
C GLY O 32 42.12 59.01 16.14
N ASN O 33 42.24 58.84 17.45
CA ASN O 33 41.50 57.81 18.16
C ASN O 33 39.99 58.00 18.03
N TYR O 34 39.54 59.25 18.10
CA TYR O 34 38.13 59.57 17.92
C TYR O 34 37.59 59.06 16.58
N LEU O 35 38.31 59.38 15.51
CA LEU O 35 37.91 58.96 14.15
C LEU O 35 37.81 57.43 14.03
N ALA O 36 38.82 56.74 14.55
CA ALA O 36 38.82 55.28 14.53
C ALA O 36 37.65 54.69 15.33
N GLY O 37 37.33 55.32 16.46
CA GLY O 37 36.23 54.88 17.32
C GLY O 37 34.85 55.02 16.69
N ALA O 38 34.64 56.11 15.95
CA ALA O 38 33.40 56.32 15.19
C ALA O 38 33.10 55.17 14.24
N LEU O 39 34.16 54.69 13.55
CA LEU O 39 34.04 53.55 12.64
C LEU O 39 33.46 52.32 13.32
N ARG O 40 34.05 51.95 14.47
CA ARG O 40 33.62 50.76 15.20
C ARG O 40 32.22 50.92 15.83
N ASN O 41 31.97 52.07 16.45
CA ASN O 41 30.70 52.28 17.15
C ASN O 41 30.11 53.67 16.94
N PRO O 42 29.49 53.91 15.78
CA PRO O 42 28.73 55.14 15.53
C PRO O 42 27.63 55.36 16.57
N SER O 43 27.11 54.26 17.12
CA SER O 43 26.11 54.31 18.18
C SER O 43 26.62 54.92 19.48
N ALA O 44 27.93 54.85 19.72
CA ALA O 44 28.54 55.44 20.93
C ALA O 44 29.10 56.86 20.71
N ALA O 45 28.70 57.51 19.62
CA ALA O 45 29.01 58.92 19.40
C ALA O 45 28.67 59.84 20.57
N ALA O 46 27.63 59.53 21.34
CA ALA O 46 27.30 60.26 22.58
C ALA O 46 28.49 60.34 23.55
N SER O 47 29.08 59.17 23.82
CA SER O 47 30.25 59.06 24.69
C SER O 47 31.46 59.70 24.04
N GLN O 48 31.66 59.39 22.75
CA GLN O 48 32.75 59.96 21.97
C GLN O 48 32.75 61.49 21.98
N THR O 49 31.60 62.11 21.73
CA THR O 49 31.48 63.58 21.66
C THR O 49 31.81 64.23 23.01
N ALA O 50 31.26 63.67 24.07
CA ALA O 50 31.54 64.14 25.44
C ALA O 50 33.06 64.09 25.76
N THR O 51 33.65 62.97 25.41
CA THR O 51 35.06 62.73 25.65
C THR O 51 35.96 63.59 24.78
N LEU O 52 35.49 63.92 23.57
CA LEU O 52 36.18 64.85 22.66
C LEU O 52 36.52 66.14 23.33
N PHE O 53 35.53 66.76 23.98
CA PHE O 53 35.73 68.03 24.68
C PHE O 53 36.79 67.91 25.78
N ILE O 54 36.56 66.95 26.68
CA ILE O 54 37.41 66.75 27.85
C ILE O 54 38.86 66.47 27.44
N GLY O 55 39.00 65.47 26.57
CA GLY O 55 40.30 65.02 26.11
C GLY O 55 41.02 66.09 25.34
N MET O 56 40.26 66.80 24.49
CA MET O 56 40.87 67.84 23.65
C MET O 56 41.37 69.01 24.49
N ALA O 57 40.59 69.37 25.51
CA ALA O 57 40.93 70.49 26.39
C ALA O 57 42.30 70.28 27.03
N PHE O 58 42.53 69.07 27.55
CA PHE O 58 43.78 68.72 28.21
C PHE O 58 44.96 68.86 27.25
N ALA O 59 44.80 68.31 26.05
CA ALA O 59 45.82 68.39 25.01
C ALA O 59 46.16 69.84 24.61
N GLU O 60 45.20 70.74 24.76
CA GLU O 60 45.38 72.14 24.37
C GLU O 60 46.16 72.96 25.39
N ALA O 61 45.86 72.72 26.67
CA ALA O 61 46.20 73.66 27.75
C ALA O 61 47.68 74.05 27.81
N LEU O 62 48.54 73.04 27.70
CA LEU O 62 49.99 73.23 27.75
C LEU O 62 50.52 74.00 26.55
N GLY O 63 49.80 73.93 25.44
CA GLY O 63 50.10 74.75 24.27
C GLY O 63 49.79 76.21 24.57
N ILE O 64 48.67 76.46 25.25
CA ILE O 64 48.29 77.82 25.64
C ILE O 64 49.30 78.43 26.63
N PHE O 65 49.73 77.63 27.60
CA PHE O 65 50.71 78.09 28.58
C PHE O 65 52.05 78.49 27.93
N SER O 66 52.42 77.75 26.89
CA SER O 66 53.63 78.06 26.11
C SER O 66 53.46 79.37 25.35
N PHE O 67 52.27 79.62 24.80
CA PHE O 67 51.99 80.90 24.14
C PHE O 67 52.16 82.08 25.08
N LEU O 68 51.64 81.94 26.31
CA LEU O 68 51.80 82.98 27.33
C LEU O 68 53.29 83.27 27.60
N VAL O 69 54.07 82.21 27.74
CA VAL O 69 55.51 82.33 27.95
C VAL O 69 56.21 83.03 26.77
N ALA O 70 55.83 82.65 25.55
CA ALA O 70 56.34 83.30 24.33
C ALA O 70 56.00 84.79 24.33
N LEU O 71 54.76 85.12 24.70
CA LEU O 71 54.31 86.53 24.75
C LEU O 71 55.04 87.33 25.83
N LEU O 72 55.37 86.66 26.94
CA LEU O 72 56.17 87.28 27.99
C LEU O 72 57.57 87.61 27.48
N LEU O 73 58.23 86.63 26.88
CA LEU O 73 59.57 86.83 26.30
C LEU O 73 59.58 87.94 25.24
N LEU O 74 58.50 88.02 24.46
CA LEU O 74 58.39 89.02 23.39
C LEU O 74 58.05 90.43 23.91
N PHE O 75 57.10 90.52 24.82
CA PHE O 75 56.63 91.82 25.35
C PHE O 75 56.80 91.97 26.87
N ALA O 76 57.98 91.57 27.35
CA ALA O 76 58.53 91.84 28.73
C ALA O 76 58.15 90.82 29.82
N ASN P 3 70.77 93.11 30.14
CA ASN P 3 71.78 92.68 29.12
C ASN P 3 72.18 91.20 29.29
N LEU P 4 73.42 90.91 29.69
CA LEU P 4 74.01 89.57 29.55
C LEU P 4 73.25 88.49 30.35
N GLY P 5 73.00 88.84 31.61
CA GLY P 5 72.33 87.92 32.53
C GLY P 5 70.94 87.54 32.05
N GLN P 6 70.22 88.55 31.57
CA GLN P 6 68.88 88.36 31.03
C GLN P 6 68.88 87.42 29.83
N LEU P 7 69.97 87.39 29.05
CA LEU P 7 70.13 86.43 27.95
C LEU P 7 70.06 84.98 28.44
N GLY P 8 70.70 84.72 29.58
CA GLY P 8 70.61 83.41 30.22
C GLY P 8 69.17 83.05 30.59
N GLN P 9 68.53 84.00 31.29
CA GLN P 9 67.14 83.83 31.72
C GLN P 9 66.17 83.59 30.55
N TYR P 10 66.30 84.41 29.53
CA TYR P 10 65.43 84.35 28.35
C TYR P 10 65.54 83.01 27.64
N LEU P 11 66.79 82.56 27.42
CA LEU P 11 67.01 81.27 26.75
C LEU P 11 66.52 80.09 27.61
N GLY P 12 66.55 80.28 28.93
CA GLY P 12 66.00 79.29 29.86
C GLY P 12 64.49 79.14 29.73
N ALA P 13 63.80 80.26 29.51
CA ALA P 13 62.36 80.22 29.26
C ALA P 13 62.04 79.43 27.99
N GLY P 14 62.80 79.67 26.94
CA GLY P 14 62.65 78.91 25.69
C GLY P 14 62.86 77.42 25.89
N LEU P 15 63.96 77.06 26.55
CA LEU P 15 64.23 75.66 26.85
C LEU P 15 63.08 75.01 27.66
N ALA P 16 62.50 75.78 28.58
CA ALA P 16 61.34 75.32 29.35
C ALA P 16 60.12 75.07 28.46
N CYS P 17 59.87 75.98 27.53
CA CYS P 17 58.80 75.79 26.53
C CYS P 17 59.03 74.55 25.67
N VAL P 18 60.28 74.29 25.30
CA VAL P 18 60.65 73.07 24.57
C VAL P 18 60.30 71.80 25.36
N GLY P 19 60.53 71.83 26.67
CA GLY P 19 60.13 70.73 27.56
C GLY P 19 58.67 70.32 27.46
N MET P 20 57.79 71.27 27.16
CA MET P 20 56.35 70.99 27.05
C MET P 20 55.97 70.16 25.81
N ALA P 21 56.85 70.13 24.81
CA ALA P 21 56.65 69.28 23.62
C ALA P 21 56.43 67.82 23.99
N GLY P 22 57.12 67.37 25.03
CA GLY P 22 56.97 66.01 25.52
C GLY P 22 55.67 65.78 26.25
N ALA P 23 55.32 66.72 27.13
CA ALA P 23 54.14 66.62 28.03
C ALA P 23 52.83 66.41 27.27
N ALA P 24 52.65 67.25 26.27
CA ALA P 24 51.51 67.16 25.38
C ALA P 24 51.47 65.81 24.67
N MET P 25 52.62 65.27 24.27
CA MET P 25 52.71 63.94 23.67
C MET P 25 52.24 62.81 24.61
N GLY P 26 52.78 62.80 25.83
CA GLY P 26 52.45 61.78 26.83
C GLY P 26 50.98 61.75 27.21
N VAL P 27 50.44 62.95 27.47
CA VAL P 27 49.02 63.11 27.80
C VAL P 27 48.10 62.63 26.67
N GLY P 28 48.56 62.91 25.44
CA GLY P 28 47.88 62.51 24.23
C GLY P 28 47.74 61.01 24.16
N ASN P 29 48.84 60.31 24.49
CA ASN P 29 48.83 58.86 24.56
C ASN P 29 47.70 58.37 25.47
N VAL P 30 47.68 58.93 26.68
CA VAL P 30 46.67 58.55 27.68
C VAL P 30 45.23 58.74 27.15
N ALA P 31 45.02 59.91 26.56
CA ALA P 31 43.72 60.32 26.03
C ALA P 31 43.17 59.34 24.96
N GLY P 32 44.06 58.96 24.05
CA GLY P 32 43.73 58.09 22.93
C GLY P 32 43.28 56.70 23.32
N ASN P 33 43.87 56.16 24.39
CA ASN P 33 43.43 54.89 24.94
C ASN P 33 41.97 54.93 25.42
N TYR P 34 41.60 56.05 26.04
CA TYR P 34 40.20 56.24 26.47
C TYR P 34 39.21 56.10 25.31
N LEU P 35 39.50 56.80 24.22
CA LEU P 35 38.62 56.77 23.03
C LEU P 35 38.48 55.34 22.47
N ALA P 36 39.61 54.66 22.35
CA ALA P 36 39.61 53.28 21.86
C ALA P 36 38.79 52.34 22.79
N GLY P 37 38.92 52.56 24.10
CA GLY P 37 38.20 51.77 25.10
C GLY P 37 36.70 51.93 25.07
N ALA P 38 36.23 53.15 24.83
CA ALA P 38 34.80 53.45 24.66
C ALA P 38 34.17 52.59 23.57
N LEU P 39 34.89 52.47 22.45
CA LEU P 39 34.45 51.65 21.31
C LEU P 39 34.16 50.22 21.72
N ARG P 40 35.12 49.59 22.40
CA ARG P 40 34.99 48.20 22.83
C ARG P 40 33.93 48.00 23.91
N ASN P 41 33.93 48.87 24.92
CA ASN P 41 33.03 48.71 26.06
C ASN P 41 32.40 50.02 26.51
N PRO P 42 31.39 50.49 25.77
CA PRO P 42 30.56 51.63 26.20
C PRO P 42 29.93 51.38 27.58
N SER P 43 29.66 50.12 27.89
CA SER P 43 29.15 49.72 29.19
C SER P 43 30.10 50.00 30.36
N ALA P 44 31.41 50.05 30.09
CA ALA P 44 32.42 50.32 31.12
C ALA P 44 32.83 51.80 31.20
N ALA P 45 32.06 52.70 30.59
CA ALA P 45 32.26 54.14 30.72
C ALA P 45 32.38 54.63 32.19
N ALA P 46 31.69 53.98 33.13
CA ALA P 46 31.84 54.26 34.56
C ALA P 46 33.31 54.18 35.03
N SER P 47 33.94 53.07 34.68
CA SER P 47 35.35 52.84 35.02
C SER P 47 36.25 53.77 34.22
N GLN P 48 35.96 53.89 32.93
CA GLN P 48 36.69 54.79 32.04
C GLN P 48 36.70 56.24 32.53
N THR P 49 35.52 56.76 32.91
CA THR P 49 35.40 58.16 33.36
C THR P 49 36.20 58.43 34.64
N ALA P 50 36.08 57.50 35.59
CA ALA P 50 36.84 57.59 36.85
C ALA P 50 38.37 57.61 36.60
N THR P 51 38.79 56.72 35.71
CA THR P 51 40.20 56.57 35.36
C THR P 51 40.70 57.75 34.56
N LEU P 52 39.84 58.38 33.76
CA LEU P 52 40.13 59.60 33.01
C LEU P 52 40.72 60.68 33.91
N PHE P 53 40.03 60.94 35.02
CA PHE P 53 40.48 61.97 35.98
C PHE P 53 41.87 61.64 36.54
N ILE P 54 41.97 60.44 37.09
CA ILE P 54 43.19 60.00 37.77
C ILE P 54 44.38 60.02 36.81
N GLY P 55 44.20 59.35 35.68
CA GLY P 55 45.24 59.21 34.68
C GLY P 55 45.63 60.54 34.09
N MET P 56 44.62 61.38 33.84
CA MET P 56 44.88 62.68 33.21
C MET P 56 45.65 63.60 34.15
N ALA P 57 45.30 63.54 35.44
CA ALA P 57 45.95 64.38 36.45
C ALA P 57 47.46 64.15 36.48
N PHE P 58 47.85 62.88 36.47
CA PHE P 58 49.26 62.49 36.50
C PHE P 58 50.00 63.05 35.29
N ALA P 59 49.41 62.87 34.11
CA ALA P 59 49.99 63.36 32.87
C ALA P 59 50.16 64.89 32.86
N GLU P 60 49.32 65.59 33.62
CA GLU P 60 49.35 67.06 33.65
C GLU P 60 50.46 67.62 34.55
N ALA P 61 50.64 66.99 35.69
CA ALA P 61 51.36 67.58 36.84
C ALA P 61 52.76 68.11 36.51
N LEU P 62 53.51 67.28 35.77
CA LEU P 62 54.88 67.60 35.39
C LEU P 62 54.94 68.76 34.39
N GLY P 63 53.86 68.94 33.63
CA GLY P 63 53.71 70.11 32.77
C GLY P 63 53.54 71.36 33.60
N ILE P 64 52.75 71.26 34.67
CA ILE P 64 52.55 72.40 35.58
C ILE P 64 53.85 72.80 36.29
N PHE P 65 54.61 71.80 36.74
CA PHE P 65 55.88 72.06 37.43
C PHE P 65 56.89 72.78 36.51
N SER P 66 56.85 72.43 35.22
CA SER P 66 57.68 73.10 34.22
C SER P 66 57.25 74.55 34.02
N PHE P 67 55.94 74.82 34.03
CA PHE P 67 55.44 76.19 33.96
C PHE P 67 55.96 77.04 35.11
N LEU P 68 55.91 76.48 36.32
CA LEU P 68 56.44 77.18 37.50
C LEU P 68 57.93 77.56 37.32
N VAL P 69 58.70 76.59 36.83
CA VAL P 69 60.13 76.81 36.55
C VAL P 69 60.33 77.90 35.49
N ALA P 70 59.54 77.86 34.42
CA ALA P 70 59.57 78.90 33.39
C ALA P 70 59.25 80.28 33.98
N LEU P 71 58.24 80.34 34.84
CA LEU P 71 57.84 81.60 35.48
C LEU P 71 58.92 82.12 36.44
N LEU P 72 59.63 81.20 37.09
CA LEU P 72 60.76 81.55 37.94
C LEU P 72 61.88 82.19 37.11
N LEU P 73 62.27 81.51 36.03
CA LEU P 73 63.30 82.03 35.13
C LEU P 73 62.93 83.40 34.55
N LEU P 74 61.65 83.58 34.26
CA LEU P 74 61.15 84.83 33.67
C LEU P 74 61.03 85.98 34.69
N PHE P 75 60.47 85.68 35.86
CA PHE P 75 60.24 86.70 36.91
C PHE P 75 60.94 86.41 38.24
N ALA P 76 62.22 86.02 38.13
CA ALA P 76 63.19 85.88 39.25
C ALA P 76 63.03 84.61 40.11
N ASN Q 3 75.00 88.16 37.21
CA ASN Q 3 75.54 88.23 35.81
C ASN Q 3 75.99 86.84 35.30
N LEU Q 4 77.29 86.61 35.10
CA LEU Q 4 77.78 85.48 34.30
C LEU Q 4 77.38 84.12 34.88
N GLY Q 5 77.63 83.99 36.19
CA GLY Q 5 77.37 82.74 36.90
C GLY Q 5 75.90 82.36 36.85
N GLN Q 6 75.05 83.36 37.04
CA GLN Q 6 73.61 83.16 36.99
C GLN Q 6 73.14 82.67 35.62
N LEU Q 7 73.86 83.04 34.55
CA LEU Q 7 73.59 82.52 33.19
C LEU Q 7 73.72 81.00 33.13
N GLY Q 8 74.75 80.48 33.79
CA GLY Q 8 74.91 79.03 33.92
C GLY Q 8 73.73 78.38 34.64
N GLN Q 9 73.39 78.95 35.79
CA GLN Q 9 72.27 78.46 36.61
C GLN Q 9 70.93 78.47 35.87
N TYR Q 10 70.66 79.61 35.22
CA TYR Q 10 69.40 79.80 34.51
C TYR Q 10 69.25 78.80 33.37
N LEU Q 11 70.30 78.62 32.57
CA LEU Q 11 70.26 77.66 31.47
C LEU Q 11 70.15 76.21 31.97
N GLY Q 12 70.68 75.96 33.17
CA GLY Q 12 70.53 74.66 33.82
C GLY Q 12 69.08 74.36 34.19
N ALA Q 13 68.36 75.37 34.64
CA ALA Q 13 66.93 75.22 34.93
C ALA Q 13 66.15 74.85 33.67
N GLY Q 14 66.44 75.53 32.56
CA GLY Q 14 65.82 75.20 31.28
C GLY Q 14 66.12 73.76 30.84
N LEU Q 15 67.38 73.37 30.90
CA LEU Q 15 67.75 71.99 30.57
C LEU Q 15 67.00 70.96 31.45
N ALA Q 16 66.81 71.30 32.73
CA ALA Q 16 66.04 70.47 33.65
C ALA Q 16 64.57 70.35 33.22
N CYS Q 17 63.97 71.47 32.83
CA CYS Q 17 62.61 71.48 32.29
C CYS Q 17 62.49 70.63 31.02
N VAL Q 18 63.50 70.67 30.16
CA VAL Q 18 63.58 69.81 28.97
C VAL Q 18 63.56 68.32 29.33
N GLY Q 19 64.27 67.95 30.39
CA GLY Q 19 64.25 66.58 30.91
C GLY Q 19 62.86 66.02 31.21
N MET Q 20 61.94 66.89 31.60
CA MET Q 20 60.56 66.47 31.92
C MET Q 20 59.74 66.04 30.70
N ALA Q 21 60.16 66.46 29.50
CA ALA Q 21 59.52 66.02 28.24
C ALA Q 21 59.46 64.49 28.12
N GLY Q 22 60.51 63.84 28.62
CA GLY Q 22 60.56 62.39 28.62
C GLY Q 22 59.63 61.76 29.64
N ALA Q 23 59.65 62.30 30.86
CA ALA Q 23 58.91 61.76 32.03
C ALA Q 23 57.41 61.62 31.76
N ALA Q 24 56.85 62.72 31.26
CA ALA Q 24 55.46 62.76 30.87
C ALA Q 24 55.15 61.72 29.78
N MET Q 25 56.06 61.51 28.84
CA MET Q 25 55.92 60.46 27.82
C MET Q 25 55.85 59.04 28.42
N GLY Q 26 56.82 58.71 29.27
CA GLY Q 26 56.90 57.37 29.89
C GLY Q 26 55.69 57.03 30.74
N VAL Q 27 55.29 57.99 31.57
CA VAL Q 27 54.10 57.85 32.43
C VAL Q 27 52.82 57.63 31.60
N GLY Q 28 52.76 58.36 30.49
CA GLY Q 28 51.68 58.28 29.53
C GLY Q 28 51.54 56.88 28.99
N ASN Q 29 52.67 56.27 28.64
CA ASN Q 29 52.70 54.87 28.20
C ASN Q 29 52.01 53.97 29.21
N VAL Q 30 52.44 54.11 30.47
CA VAL Q 30 51.90 53.29 31.56
C VAL Q 30 50.37 53.45 31.68
N ALA Q 31 49.94 54.70 31.66
CA ALA Q 31 48.53 55.07 31.81
C ALA Q 31 47.62 54.43 30.75
N GLY Q 32 48.11 54.49 29.49
CA GLY Q 32 47.37 53.99 28.34
C GLY Q 32 47.10 52.50 28.36
N ASN Q 33 48.06 51.73 28.89
CA ASN Q 33 47.86 50.30 29.07
C ASN Q 33 46.70 50.00 30.01
N TYR Q 34 46.59 50.78 31.08
CA TYR Q 34 45.47 50.63 32.02
C TYR Q 34 44.12 50.74 31.31
N LEU Q 35 43.95 51.79 30.52
CA LEU Q 35 42.70 52.02 29.80
C LEU Q 35 42.35 50.85 28.86
N ALA Q 36 43.35 50.40 28.11
CA ALA Q 36 43.16 49.26 27.20
C ALA Q 36 42.76 47.98 27.96
N GLY Q 37 43.39 47.78 29.12
CA GLY Q 37 43.11 46.61 29.97
C GLY Q 37 41.70 46.56 30.54
N ALA Q 38 41.18 47.72 30.94
CA ALA Q 38 39.79 47.86 31.40
C ALA Q 38 38.79 47.33 30.38
N LEU Q 39 39.03 47.68 29.11
CA LEU Q 39 38.20 47.22 28.00
C LEU Q 39 38.08 45.69 27.95
N ARG Q 40 39.23 45.03 27.97
CA ARG Q 40 39.28 43.57 27.90
C ARG Q 40 38.72 42.88 29.15
N ASN Q 41 39.10 43.38 30.32
CA ASN Q 41 38.73 42.73 31.58
C ASN Q 41 38.30 43.72 32.66
N PRO Q 42 37.07 44.25 32.55
CA PRO Q 42 36.47 45.07 33.60
C PRO Q 42 36.41 44.33 34.95
N SER Q 43 36.29 43.00 34.88
CA SER Q 43 36.29 42.15 36.06
C SER Q 43 37.62 42.17 36.83
N ALA Q 44 38.73 42.45 36.14
CA ALA Q 44 40.06 42.52 36.77
C ALA Q 44 40.48 43.94 37.20
N ALA Q 45 39.53 44.87 37.25
CA ALA Q 45 39.77 46.20 37.80
C ALA Q 45 40.44 46.20 39.19
N ALA Q 46 40.16 45.19 40.03
CA ALA Q 46 40.85 45.02 41.31
C ALA Q 46 42.38 44.99 41.16
N SER Q 47 42.84 44.15 40.24
CA SER Q 47 44.27 44.01 39.96
C SER Q 47 44.79 45.28 39.28
N GLN Q 48 44.03 45.76 38.29
CA GLN Q 48 44.37 46.99 37.58
C GLN Q 48 44.55 48.18 38.52
N THR Q 49 43.62 48.39 39.44
CA THR Q 49 43.67 49.54 40.37
C THR Q 49 44.89 49.48 41.27
N ALA Q 50 45.15 48.29 41.83
CA ALA Q 50 46.34 48.06 42.67
C ALA Q 50 47.65 48.38 41.91
N THR Q 51 47.71 47.89 40.68
CA THR Q 51 48.87 48.07 39.82
C THR Q 51 49.03 49.50 39.37
N LEU Q 52 47.92 50.23 39.21
CA LEU Q 52 47.90 51.65 38.88
C LEU Q 52 48.77 52.45 39.82
N PHE Q 53 48.58 52.24 41.13
CA PHE Q 53 49.35 52.96 42.15
C PHE Q 53 50.85 52.67 42.03
N ILE Q 54 51.16 51.37 42.05
CA ILE Q 54 52.55 50.91 42.04
C ILE Q 54 53.28 51.40 40.80
N GLY Q 55 52.68 51.12 39.65
CA GLY Q 55 53.26 51.45 38.36
C GLY Q 55 53.38 52.94 38.18
N MET Q 56 52.36 53.67 38.61
CA MET Q 56 52.35 55.12 38.44
C MET Q 56 53.42 55.78 39.30
N ALA Q 57 53.60 55.27 40.52
CA ALA Q 57 54.58 55.81 41.46
C ALA Q 57 55.97 55.79 40.86
N PHE Q 58 56.34 54.66 40.26
CA PHE Q 58 57.66 54.48 39.64
C PHE Q 58 57.88 55.49 38.53
N ALA Q 59 56.88 55.63 37.66
CA ALA Q 59 56.94 56.58 36.55
C ALA Q 59 57.08 58.04 37.02
N GLU Q 60 56.60 58.33 38.22
CA GLU Q 60 56.63 59.69 38.76
C GLU Q 60 58.00 60.09 39.34
N ALA Q 61 58.62 59.14 40.04
CA ALA Q 61 59.71 59.42 40.98
C ALA Q 61 60.87 60.22 40.38
N LEU Q 62 61.29 59.79 39.19
CA LEU Q 62 62.40 60.40 38.47
C LEU Q 62 62.08 61.81 37.99
N GLY Q 63 60.79 62.08 37.78
CA GLY Q 63 60.32 63.43 37.50
C GLY Q 63 60.48 64.31 38.72
N ILE Q 64 60.15 63.77 39.90
CA ILE Q 64 60.31 64.50 41.16
C ILE Q 64 61.78 64.83 41.45
N PHE Q 65 62.66 63.85 41.21
CA PHE Q 65 64.09 64.05 41.44
C PHE Q 65 64.67 65.15 40.55
N SER Q 66 64.15 65.25 39.32
CA SER Q 66 64.52 66.31 38.40
C SER Q 66 64.04 67.67 38.88
N PHE Q 67 62.84 67.74 39.45
CA PHE Q 67 62.34 68.98 40.05
C PHE Q 67 63.27 69.48 41.17
N LEU Q 68 63.70 68.56 42.03
CA LEU Q 68 64.64 68.89 43.10
C LEU Q 68 65.93 69.50 42.55
N VAL Q 69 66.46 68.87 41.51
CA VAL Q 69 67.67 69.36 40.84
C VAL Q 69 67.46 70.76 40.22
N ALA Q 70 66.31 70.96 39.58
CA ALA Q 70 65.94 72.27 39.03
C ALA Q 70 65.87 73.33 40.14
N LEU Q 71 65.26 72.96 41.27
CA LEU Q 71 65.14 73.88 42.41
C LEU Q 71 66.50 74.20 43.04
N LEU Q 72 67.41 73.22 43.02
CA LEU Q 72 68.78 73.45 43.48
C LEU Q 72 69.49 74.46 42.59
N LEU Q 73 69.44 74.23 41.27
CA LEU Q 73 70.05 75.15 40.30
C LEU Q 73 69.47 76.56 40.41
N LEU Q 74 68.18 76.66 40.69
CA LEU Q 74 67.49 77.95 40.80
C LEU Q 74 67.76 78.68 42.12
N PHE Q 75 67.70 77.94 43.24
CA PHE Q 75 67.88 78.52 44.58
C PHE Q 75 69.04 77.91 45.37
N ALA Q 76 70.17 77.73 44.68
CA ALA Q 76 71.47 77.31 45.25
C ALA Q 76 71.53 75.86 45.78
N ASN R 3 81.88 81.99 39.13
CA ASN R 3 81.82 82.54 37.73
C ASN R 3 82.03 81.46 36.66
N LEU R 4 83.15 81.47 35.93
CA LEU R 4 83.28 80.72 34.67
C LEU R 4 83.15 79.20 34.87
N GLY R 5 83.89 78.72 35.86
CA GLY R 5 83.92 77.29 36.16
C GLY R 5 82.55 76.74 36.53
N GLN R 6 81.85 77.52 37.35
CA GLN R 6 80.50 77.17 37.77
C GLN R 6 79.53 77.07 36.59
N LEU R 7 79.78 77.83 35.53
CA LEU R 7 78.99 77.72 34.28
C LEU R 7 79.08 76.33 33.67
N GLY R 8 80.29 75.76 33.69
CA GLY R 8 80.49 74.38 33.25
C GLY R 8 79.68 73.40 34.09
N GLN R 9 79.83 73.53 35.41
CA GLN R 9 79.12 72.68 36.38
C GLN R 9 77.60 72.75 36.23
N TYR R 10 77.09 73.97 36.15
CA TYR R 10 75.65 74.22 36.06
C TYR R 10 75.06 73.61 34.79
N LEU R 11 75.72 73.80 33.66
CA LEU R 11 75.25 73.24 32.39
C LEU R 11 75.34 71.70 32.38
N GLY R 12 76.30 71.17 33.14
CA GLY R 12 76.41 69.72 33.33
C GLY R 12 75.22 69.14 34.08
N ALA R 13 74.74 69.87 35.08
CA ALA R 13 73.54 69.45 35.82
C ALA R 13 72.33 69.39 34.89
N GLY R 14 72.17 70.40 34.04
CA GLY R 14 71.10 70.40 33.04
C GLY R 14 71.18 69.22 32.08
N LEU R 15 72.37 69.00 31.54
CA LEU R 15 72.58 67.85 30.65
C LEU R 15 72.23 66.51 31.35
N ALA R 16 72.56 66.42 32.64
CA ALA R 16 72.21 65.25 33.45
C ALA R 16 70.69 65.08 33.59
N CYS R 17 69.99 66.18 33.84
CA CYS R 17 68.52 66.17 33.87
C CYS R 17 67.92 65.74 32.54
N VAL R 18 68.51 66.18 31.43
CA VAL R 18 68.11 65.74 30.08
C VAL R 18 68.23 64.23 29.90
N GLY R 19 69.30 63.64 30.44
CA GLY R 19 69.48 62.18 30.44
C GLY R 19 68.32 61.39 31.02
N MET R 20 67.62 61.97 32.00
CA MET R 20 66.48 61.30 32.64
C MET R 20 65.25 61.17 31.75
N ALA R 21 65.16 61.98 30.69
CA ALA R 21 64.08 61.87 29.70
C ALA R 21 63.99 60.47 29.10
N GLY R 22 65.15 59.83 28.92
CA GLY R 22 65.19 58.46 28.42
C GLY R 22 64.74 57.43 29.44
N ALA R 23 65.23 57.57 30.67
CA ALA R 23 64.99 56.60 31.77
C ALA R 23 63.51 56.38 32.05
N ALA R 24 62.81 57.49 32.19
CA ALA R 24 61.37 57.47 32.37
C ALA R 24 60.66 56.78 31.21
N MET R 25 61.13 56.98 29.98
CA MET R 25 60.60 56.29 28.80
C MET R 25 60.76 54.77 28.86
N GLY R 26 61.99 54.32 29.14
CA GLY R 26 62.30 52.88 29.20
C GLY R 26 61.51 52.13 30.27
N VAL R 27 61.48 52.73 31.46
CA VAL R 27 60.72 52.18 32.60
C VAL R 27 59.23 52.07 32.29
N GLY R 28 58.74 53.09 31.57
CA GLY R 28 57.37 53.17 31.13
C GLY R 28 57.01 51.99 30.24
N ASN R 29 57.92 51.67 29.31
CA ASN R 29 57.77 50.50 28.46
C ASN R 29 57.53 49.24 29.30
N VAL R 30 58.42 49.04 30.27
CA VAL R 30 58.35 47.87 31.14
C VAL R 30 56.98 47.77 31.85
N ALA R 31 56.59 48.92 32.42
CA ALA R 31 55.36 49.03 33.19
C ALA R 31 54.10 48.64 32.39
N GLY R 32 54.05 49.13 31.15
CA GLY R 32 52.92 48.94 30.26
C GLY R 32 52.68 47.48 29.88
N ASN R 33 53.77 46.72 29.72
CA ASN R 33 53.66 45.29 29.47
C ASN R 33 52.96 44.56 30.62
N TYR R 34 53.27 44.96 31.85
CA TYR R 34 52.62 44.38 33.03
C TYR R 34 51.08 44.53 32.96
N LEU R 35 50.63 45.75 32.68
CA LEU R 35 49.19 46.02 32.59
C LEU R 35 48.50 45.16 31.52
N ALA R 36 49.13 45.09 30.34
CA ALA R 36 48.60 44.28 29.26
C ALA R 36 48.53 42.78 29.63
N GLY R 37 49.56 42.32 30.34
CA GLY R 37 49.64 40.93 30.78
C GLY R 37 48.57 40.52 31.79
N ALA R 38 48.24 41.42 32.72
CA ALA R 38 47.15 41.22 33.67
C ALA R 38 45.83 40.92 32.98
N LEU R 39 45.55 41.67 31.90
CA LEU R 39 44.34 41.46 31.10
C LEU R 39 44.22 40.03 30.59
N ARG R 40 45.29 39.54 29.96
CA ARG R 40 45.30 38.19 29.39
C ARG R 40 45.27 37.09 30.45
N ASN R 41 46.08 37.25 31.50
CA ASN R 41 46.22 36.20 32.52
C ASN R 41 46.25 36.75 33.95
N PRO R 42 45.09 37.14 34.49
CA PRO R 42 44.95 37.51 35.89
C PRO R 42 45.41 36.37 36.83
N SER R 43 45.26 35.13 36.36
CA SER R 43 45.72 33.97 37.09
C SER R 43 47.24 33.91 37.28
N ALA R 44 47.99 34.54 36.37
CA ALA R 44 49.46 34.57 36.46
C ALA R 44 50.04 35.83 37.13
N ALA R 45 49.18 36.57 37.84
CA ALA R 45 49.63 37.69 38.68
C ALA R 45 50.79 37.35 39.63
N ALA R 46 50.86 36.11 40.12
CA ALA R 46 52.01 35.64 40.92
C ALA R 46 53.35 35.86 40.21
N SER R 47 53.41 35.40 38.97
CA SER R 47 54.61 35.56 38.14
C SER R 47 54.82 37.02 37.78
N GLN R 48 53.75 37.68 37.37
CA GLN R 48 53.77 39.11 37.04
C GLN R 48 54.31 39.96 38.19
N THR R 49 53.81 39.75 39.40
CA THR R 49 54.23 40.55 40.57
C THR R 49 55.72 40.39 40.89
N ALA R 50 56.17 39.12 40.86
CA ALA R 50 57.58 38.81 41.08
C ALA R 50 58.49 39.50 40.05
N THR R 51 58.06 39.42 38.79
CA THR R 51 58.79 40.01 37.67
C THR R 51 58.77 41.52 37.70
N LEU R 52 57.68 42.10 38.22
CA LEU R 52 57.54 43.55 38.42
C LEU R 52 58.72 44.13 39.18
N PHE R 53 59.04 43.51 40.31
CA PHE R 53 60.17 43.97 41.16
C PHE R 53 61.49 43.92 40.39
N ILE R 54 61.78 42.73 39.86
CA ILE R 54 63.06 42.49 39.19
C ILE R 54 63.25 43.43 38.00
N GLY R 55 62.24 43.43 37.13
CA GLY R 55 62.27 44.22 35.92
C GLY R 55 62.32 45.69 36.21
N MET R 56 61.54 46.12 37.20
CA MET R 56 61.47 47.54 37.55
C MET R 56 62.78 48.04 38.11
N ALA R 57 63.42 47.20 38.94
CA ALA R 57 64.71 47.55 39.56
C ALA R 57 65.75 47.89 38.52
N PHE R 58 65.85 47.06 37.49
CA PHE R 58 66.82 47.24 36.41
C PHE R 58 66.60 48.57 35.70
N ALA R 59 65.33 48.83 35.36
CA ALA R 59 64.96 50.08 34.70
C ALA R 59 65.27 51.33 35.53
N GLU R 60 65.30 51.17 36.86
CA GLU R 60 65.55 52.30 37.76
C GLU R 60 67.02 52.66 37.89
N ALA R 61 67.87 51.64 37.96
CA ALA R 61 69.25 51.76 38.46
C ALA R 61 70.08 52.85 37.77
N LEU R 62 70.00 52.86 36.44
CA LEU R 62 70.74 53.80 35.61
C LEU R 62 70.26 55.24 35.79
N GLY R 63 68.99 55.39 36.17
CA GLY R 63 68.45 56.69 36.55
C GLY R 63 69.08 57.16 37.85
N ILE R 64 69.23 56.24 38.81
CA ILE R 64 69.87 56.57 40.08
C ILE R 64 71.34 56.98 39.89
N PHE R 65 72.05 56.24 39.05
CA PHE R 65 73.47 56.54 38.78
C PHE R 65 73.65 57.94 38.16
N SER R 66 72.68 58.33 37.32
CA SER R 66 72.67 59.67 36.73
C SER R 66 72.43 60.74 37.78
N PHE R 67 71.55 60.48 38.75
CA PHE R 67 71.32 61.39 39.87
C PHE R 67 72.61 61.64 40.65
N LEU R 68 73.34 60.56 40.94
CA LEU R 68 74.62 60.67 41.64
C LEU R 68 75.60 61.59 40.88
N VAL R 69 75.68 61.39 39.57
CA VAL R 69 76.53 62.20 38.71
C VAL R 69 76.09 63.67 38.72
N ALA R 70 74.79 63.92 38.64
CA ALA R 70 74.23 65.27 38.75
C ALA R 70 74.60 65.92 40.09
N LEU R 71 74.48 65.16 41.18
CA LEU R 71 74.82 65.65 42.52
C LEU R 71 76.32 65.94 42.65
N LEU R 72 77.15 65.14 41.99
CA LEU R 72 78.59 65.39 41.95
C LEU R 72 78.89 66.71 41.24
N LEU R 73 78.33 66.89 40.05
CA LEU R 73 78.51 68.13 39.29
C LEU R 73 78.03 69.35 40.07
N LEU R 74 76.95 69.19 40.83
CA LEU R 74 76.36 70.28 41.61
C LEU R 74 77.14 70.60 42.89
N PHE R 75 77.51 69.56 43.64
CA PHE R 75 78.21 69.71 44.93
C PHE R 75 79.58 69.03 44.98
N ALA R 76 80.35 69.23 43.90
CA ALA R 76 81.78 68.83 43.78
C ALA R 76 82.04 67.32 43.73
N ASN S 3 89.27 76.44 36.39
CA ASN S 3 88.69 77.38 35.38
C ASN S 3 88.46 76.71 34.01
N LEU S 4 89.22 77.09 32.98
CA LEU S 4 88.86 76.78 31.58
C LEU S 4 88.81 75.27 31.29
N GLY S 5 89.87 74.60 31.72
CA GLY S 5 90.01 73.17 31.50
C GLY S 5 88.88 72.36 32.14
N GLN S 6 88.55 72.76 33.37
CA GLN S 6 87.46 72.13 34.11
C GLN S 6 86.12 72.27 33.40
N LEU S 7 85.94 73.36 32.64
CA LEU S 7 84.74 73.55 31.80
C LEU S 7 84.59 72.42 30.77
N GLY S 8 85.71 72.04 30.15
CA GLY S 8 85.72 70.89 29.24
C GLY S 8 85.29 69.61 29.95
N GLN S 9 85.93 69.35 31.09
CA GLN S 9 85.65 68.15 31.90
C GLN S 9 84.18 68.07 32.34
N TYR S 10 83.68 69.19 32.86
CA TYR S 10 82.33 69.27 33.39
C TYR S 10 81.29 69.01 32.30
N LEU S 11 81.46 69.63 31.14
CA LEU S 11 80.54 69.43 30.02
C LEU S 11 80.62 67.99 29.47
N GLY S 12 81.79 67.38 29.61
CA GLY S 12 81.96 65.97 29.25
C GLY S 12 81.16 65.03 30.14
N ALA S 13 81.09 65.35 31.43
CA ALA S 13 80.27 64.58 32.35
C ALA S 13 78.80 64.66 31.97
N GLY S 14 78.32 65.85 31.63
CA GLY S 14 76.94 66.03 31.15
C GLY S 14 76.65 65.23 29.89
N LEU S 15 77.55 65.33 28.90
CA LEU S 15 77.40 64.54 27.67
C LEU S 15 77.34 63.02 27.97
N ALA S 16 78.14 62.58 28.94
CA ALA S 16 78.12 61.18 29.38
C ALA S 16 76.77 60.79 29.99
N CYS S 17 76.22 61.66 30.84
CA CYS S 17 74.88 61.47 31.39
C CYS S 17 73.80 61.40 30.30
N VAL S 18 73.93 62.22 29.27
CA VAL S 18 73.05 62.18 28.11
C VAL S 18 73.08 60.82 27.40
N GLY S 19 74.27 60.24 27.29
CA GLY S 19 74.44 58.89 26.74
C GLY S 19 73.59 57.81 27.41
N MET S 20 73.32 57.97 28.70
CA MET S 20 72.51 56.99 29.44
C MET S 20 71.03 56.99 29.06
N ALA S 21 70.55 58.08 28.44
CA ALA S 21 69.17 58.15 27.93
C ALA S 21 68.85 56.98 26.98
N GLY S 22 69.84 56.59 26.19
CA GLY S 22 69.68 55.46 25.30
C GLY S 22 69.66 54.11 26.00
N ALA S 23 70.59 53.93 26.95
CA ALA S 23 70.79 52.65 27.66
C ALA S 23 69.52 52.16 28.37
N ALA S 24 68.93 53.08 29.11
CA ALA S 24 67.67 52.82 29.79
C ALA S 24 66.57 52.44 28.81
N MET S 25 66.53 53.08 27.63
CA MET S 25 65.58 52.71 26.56
C MET S 25 65.77 51.28 26.06
N GLY S 26 67.00 50.92 25.71
CA GLY S 26 67.31 49.58 25.16
C GLY S 26 66.99 48.45 26.13
N VAL S 27 67.41 48.64 27.38
CA VAL S 27 67.15 47.69 28.46
C VAL S 27 65.64 47.49 28.69
N GLY S 28 64.92 48.60 28.59
CA GLY S 28 63.48 48.65 28.72
C GLY S 28 62.83 47.77 27.69
N ASN S 29 63.30 47.86 26.45
CA ASN S 29 62.83 47.00 25.37
C ASN S 29 62.92 45.54 25.77
N VAL S 30 64.12 45.15 26.22
CA VAL S 30 64.38 43.77 26.62
C VAL S 30 63.40 43.29 27.71
N ALA S 31 63.26 44.14 28.72
CA ALA S 31 62.41 43.86 29.88
C ALA S 31 60.95 43.59 29.51
N GLY S 32 60.42 44.43 28.61
CA GLY S 32 59.04 44.37 28.18
C GLY S 32 58.66 43.09 27.45
N ASN S 33 59.60 42.56 26.66
CA ASN S 33 59.40 41.27 26.01
C ASN S 33 59.20 40.14 27.03
N TYR S 34 59.96 40.18 28.11
CA TYR S 34 59.80 39.19 29.19
C TYR S 34 58.37 39.15 29.72
N LEU S 35 57.83 40.33 30.04
CA LEU S 35 56.47 40.44 30.58
C LEU S 35 55.42 39.87 29.62
N ALA S 36 55.56 40.25 28.34
CA ALA S 36 54.65 39.75 27.31
C ALA S 36 54.72 38.21 27.17
N GLY S 37 55.95 37.69 27.26
CA GLY S 37 56.18 36.24 27.16
C GLY S 37 55.57 35.42 28.28
N ALA S 38 55.63 35.95 29.51
CA ALA S 38 54.99 35.32 30.68
C ALA S 38 53.51 35.09 30.44
N LEU S 39 52.83 36.08 29.86
CA LEU S 39 51.41 35.99 29.53
C LEU S 39 51.10 34.78 28.65
N ARG S 40 51.84 34.64 27.56
CA ARG S 40 51.63 33.55 26.62
C ARG S 40 52.01 32.18 27.19
N ASN S 41 53.16 32.11 27.85
CA ASN S 41 53.68 30.83 28.34
C ASN S 41 54.27 30.92 29.74
N PRO S 42 53.39 30.97 30.76
CA PRO S 42 53.80 30.86 32.16
C PRO S 42 54.60 29.57 32.42
N SER S 43 54.27 28.52 31.67
CA SER S 43 54.98 27.25 31.73
C SER S 43 56.45 27.34 31.34
N ALA S 44 56.81 28.30 30.48
CA ALA S 44 58.19 28.50 30.03
C ALA S 44 58.97 29.55 30.85
N ALA S 45 58.46 29.91 32.02
CA ALA S 45 59.20 30.76 32.96
C ALA S 45 60.62 30.29 33.26
N ALA S 46 60.87 28.98 33.25
CA ALA S 46 62.24 28.43 33.37
C ALA S 46 63.21 29.03 32.34
N SER S 47 62.78 28.99 31.08
CA SER S 47 63.57 29.54 29.98
C SER S 47 63.64 31.06 30.08
N GLN S 48 62.49 31.67 30.33
CA GLN S 48 62.40 33.11 30.51
C GLN S 48 63.33 33.65 31.59
N THR S 49 63.35 33.01 32.76
CA THR S 49 64.17 33.46 33.89
C THR S 49 65.66 33.38 33.57
N ALA S 50 66.07 32.26 32.98
CA ALA S 50 67.46 32.07 32.55
C ALA S 50 67.91 33.16 31.55
N THR S 51 67.02 33.41 30.59
CA THR S 51 67.28 34.40 29.54
C THR S 51 67.26 35.82 30.08
N LEU S 52 66.46 36.07 31.11
CA LEU S 52 66.42 37.36 31.82
C LEU S 52 67.79 37.81 32.24
N PHE S 53 68.53 36.92 32.91
CA PHE S 53 69.88 37.23 33.38
C PHE S 53 70.82 37.60 32.23
N ILE S 54 70.88 36.67 31.27
CA ILE S 54 71.80 36.80 30.14
C ILE S 54 71.53 38.08 29.34
N GLY S 55 70.26 38.22 28.96
CA GLY S 55 69.82 39.35 28.15
C GLY S 55 69.98 40.66 28.87
N MET S 56 69.66 40.65 30.16
CA MET S 56 69.72 41.87 30.95
C MET S 56 71.16 42.34 31.14
N ALA S 57 72.06 41.37 31.35
CA ALA S 57 73.48 41.67 31.55
C ALA S 57 74.05 42.45 30.38
N PHE S 58 73.74 41.99 29.16
CA PHE S 58 74.23 42.62 27.94
C PHE S 58 73.75 44.06 27.84
N ALA S 59 72.46 44.25 28.09
CA ALA S 59 71.86 45.59 28.06
C ALA S 59 72.48 46.56 29.09
N GLU S 60 73.00 46.00 30.17
CA GLU S 60 73.58 46.81 31.25
C GLU S 60 75.00 47.31 30.95
N ALA S 61 75.79 46.42 30.36
CA ALA S 61 77.26 46.55 30.34
C ALA S 61 77.77 47.89 29.80
N LEU S 62 77.19 48.30 28.68
CA LEU S 62 77.56 49.53 28.00
C LEU S 62 77.18 50.78 28.81
N GLY S 63 76.17 50.65 29.66
CA GLY S 63 75.81 51.68 30.61
C GLY S 63 76.88 51.81 31.67
N ILE S 64 77.39 50.68 32.14
CA ILE S 64 78.48 50.67 33.12
C ILE S 64 79.77 51.29 32.57
N PHE S 65 80.09 50.94 31.32
CA PHE S 65 81.30 51.49 30.67
C PHE S 65 81.23 53.02 30.54
N SER S 66 80.02 53.53 30.29
CA SER S 66 79.79 54.97 30.23
C SER S 66 79.97 55.62 31.59
N PHE S 67 79.52 54.97 32.65
CA PHE S 67 79.75 55.46 34.02
C PHE S 67 81.24 55.61 34.32
N LEU S 68 82.02 54.59 33.94
CA LEU S 68 83.47 54.64 34.12
C LEU S 68 84.09 55.86 33.41
N VAL S 69 83.66 56.09 32.17
CA VAL S 69 84.12 57.24 31.39
C VAL S 69 83.72 58.57 32.04
N ALA S 70 82.48 58.66 32.54
CA ALA S 70 82.02 59.83 33.28
C ALA S 70 82.87 60.07 34.52
N LEU S 71 83.19 58.99 35.26
CA LEU S 71 84.01 59.10 36.47
C LEU S 71 85.44 59.51 36.14
N LEU S 72 85.95 59.07 35.00
CA LEU S 72 87.26 59.49 34.53
C LEU S 72 87.29 60.99 34.24
N LEU S 73 86.31 61.46 33.46
CA LEU S 73 86.18 62.89 33.15
C LEU S 73 86.05 63.74 34.41
N LEU S 74 85.34 63.22 35.41
CA LEU S 74 85.09 63.94 36.66
C LEU S 74 86.29 63.93 37.60
N PHE S 75 86.93 62.77 37.77
CA PHE S 75 88.07 62.61 38.70
C PHE S 75 89.36 62.13 38.01
N ALA S 76 89.65 62.74 36.86
CA ALA S 76 90.92 62.57 36.09
C ALA S 76 91.13 61.17 35.48
N ASN T 3 95.66 72.14 29.18
CA ASN T 3 94.75 73.29 28.89
C ASN T 3 93.96 73.11 27.58
N LEU T 4 94.23 73.89 26.54
CA LEU T 4 93.32 74.03 25.38
C LEU T 4 93.11 72.71 24.63
N GLY T 5 94.24 72.06 24.34
CA GLY T 5 94.23 70.81 23.59
C GLY T 5 93.44 69.73 24.29
N GLN T 6 93.65 69.63 25.60
CA GLN T 6 92.95 68.67 26.43
C GLN T 6 91.43 68.88 26.41
N LEU T 7 90.99 70.13 26.21
CA LEU T 7 89.56 70.44 26.04
C LEU T 7 88.96 69.72 24.84
N GLY T 8 89.73 69.69 23.74
CA GLY T 8 89.33 68.93 22.56
C GLY T 8 89.19 67.44 22.86
N GLN T 9 90.23 66.89 23.48
CA GLN T 9 90.26 65.47 23.86
C GLN T 9 89.11 65.08 24.79
N TYR T 10 88.90 65.89 25.83
CA TYR T 10 87.87 65.62 26.83
C TYR T 10 86.48 65.62 26.22
N LEU T 11 86.19 66.62 25.39
CA LEU T 11 84.88 66.68 24.72
C LEU T 11 84.67 65.54 23.72
N GLY T 12 85.79 65.06 23.15
CA GLY T 12 85.75 63.88 22.29
C GLY T 12 85.35 62.61 23.03
N ALA T 13 85.83 62.47 24.26
CA ALA T 13 85.43 61.34 25.10
C ALA T 13 83.94 61.37 25.39
N GLY T 14 83.41 62.54 25.70
CA GLY T 14 81.95 62.70 25.89
C GLY T 14 81.15 62.34 24.66
N LEU T 15 81.56 62.87 23.50
CA LEU T 15 80.90 62.52 22.25
C LEU T 15 80.93 61.01 21.98
N ALA T 16 82.03 60.36 22.34
CA ALA T 16 82.15 58.90 22.22
C ALA T 16 81.16 58.17 23.13
N CYS T 17 81.03 58.64 24.37
CA CYS T 17 80.03 58.11 25.31
C CYS T 17 78.60 58.27 24.78
N VAL T 18 78.32 59.42 24.14
CA VAL T 18 77.04 59.66 23.48
C VAL T 18 76.74 58.63 22.40
N GLY T 19 77.76 58.27 21.62
CA GLY T 19 77.65 57.20 20.61
C GLY T 19 77.11 55.88 21.13
N MET T 20 77.40 55.56 22.38
CA MET T 20 76.94 54.30 22.99
C MET T 20 75.44 54.24 23.26
N ALA T 21 74.77 55.40 23.30
CA ALA T 21 73.30 55.49 23.44
C ALA T 21 72.59 54.68 22.34
N GLY T 22 73.16 54.69 21.15
CA GLY T 22 72.62 53.91 20.05
C GLY T 22 72.84 52.43 20.18
N ALA T 23 74.07 52.04 20.55
CA ALA T 23 74.51 50.64 20.62
C ALA T 23 73.63 49.79 21.55
N ALA T 24 73.42 50.33 22.75
CA ALA T 24 72.54 49.71 23.71
C ALA T 24 71.12 49.55 23.18
N MET T 25 70.63 50.53 22.42
CA MET T 25 69.32 50.44 21.76
C MET T 25 69.23 49.29 20.75
N GLY T 26 70.19 49.22 19.83
CA GLY T 26 70.21 48.19 18.79
C GLY T 26 70.29 46.77 19.33
N VAL T 27 71.20 46.58 20.29
CA VAL T 27 71.37 45.29 20.98
C VAL T 27 70.08 44.84 21.70
N GLY T 28 69.42 45.84 22.29
CA GLY T 28 68.16 45.66 22.98
C GLY T 28 67.11 45.11 22.05
N ASN T 29 67.05 45.67 20.85
CA ASN T 29 66.14 45.17 19.80
C ASN T 29 66.35 43.68 19.59
N VAL T 30 67.61 43.32 19.37
CA VAL T 30 67.97 41.92 19.11
C VAL T 30 67.50 40.99 20.25
N ALA T 31 67.82 41.43 21.47
CA ALA T 31 67.51 40.68 22.69
C ALA T 31 66.01 40.37 22.85
N GLY T 32 65.20 41.39 22.59
CA GLY T 32 63.75 41.31 22.75
C GLY T 32 63.08 40.32 21.83
N ASN T 33 63.59 40.20 20.60
CA ASN T 33 63.10 39.19 19.66
C ASN T 33 63.30 37.77 20.20
N TYR T 34 64.44 37.54 20.85
CA TYR T 34 64.70 36.23 21.46
C TYR T 34 63.61 35.85 22.48
N LEU T 35 63.30 36.77 23.37
CA LEU T 35 62.28 36.53 24.41
C LEU T 35 60.91 36.20 23.79
N ALA T 36 60.52 37.00 22.80
CA ALA T 36 59.25 36.76 22.11
C ALA T 36 59.22 35.39 21.41
N GLY T 37 60.35 35.01 20.82
CA GLY T 37 60.48 33.72 20.13
C GLY T 37 60.37 32.51 21.03
N ALA T 38 60.94 32.59 22.23
CA ALA T 38 60.81 31.54 23.25
C ALA T 38 59.36 31.22 23.56
N LEU T 39 58.53 32.27 23.68
CA LEU T 39 57.10 32.12 23.93
C LEU T 39 56.43 31.25 22.88
N ARG T 40 56.65 31.58 21.61
CA ARG T 40 56.03 30.84 20.50
C ARG T 40 56.56 29.42 20.35
N ASN T 41 57.89 29.27 20.44
CA ASN T 41 58.53 27.99 20.18
C ASN T 41 59.63 27.65 21.19
N PRO T 42 59.23 27.25 22.41
CA PRO T 42 60.17 26.72 23.41
C PRO T 42 60.97 25.52 22.87
N SER T 43 60.35 24.77 21.97
CA SER T 43 60.99 23.64 21.31
C SER T 43 62.17 24.03 20.42
N ALA T 44 62.17 25.26 19.90
CA ALA T 44 63.25 25.76 19.04
C ALA T 44 64.33 26.56 19.79
N ALA T 45 64.36 26.45 21.12
CA ALA T 45 65.44 27.01 21.93
C ALA T 45 66.86 26.65 21.45
N ALA T 46 67.04 25.46 20.87
CA ALA T 46 68.32 25.06 20.25
C ALA T 46 68.80 26.08 19.21
N SER T 47 67.89 26.42 18.29
CA SER T 47 68.17 27.39 17.23
C SER T 47 68.33 28.79 17.83
N GLN T 48 67.40 29.14 18.72
CA GLN T 48 67.43 30.42 19.42
C GLN T 48 68.74 30.66 20.16
N THR T 49 69.21 29.68 20.92
CA THR T 49 70.45 29.82 21.71
C THR T 49 71.67 30.03 20.83
N ALA T 50 71.76 29.23 19.77
CA ALA T 50 72.85 29.36 18.78
C ALA T 50 72.88 30.78 18.15
N THR T 51 71.69 31.23 17.77
CA THR T 51 71.52 32.53 17.13
C THR T 51 71.77 33.67 18.10
N LEU T 52 71.47 33.47 19.39
CA LEU T 52 71.76 34.42 20.45
C LEU T 52 73.20 34.87 20.44
N PHE T 53 74.12 33.90 20.40
CA PHE T 53 75.56 34.20 20.38
C PHE T 53 75.94 35.03 19.15
N ILE T 54 75.58 34.50 17.99
CA ILE T 54 75.96 35.11 16.71
C ILE T 54 75.42 36.53 16.60
N GLY T 55 74.12 36.65 16.82
CA GLY T 55 73.42 37.92 16.69
C GLY T 55 73.90 38.92 17.72
N MET T 56 74.14 38.44 18.94
CA MET T 56 74.56 39.34 20.02
C MET T 56 75.95 39.87 19.77
N ALA T 57 76.83 39.01 19.25
CA ALA T 57 78.22 39.39 18.97
C ALA T 57 78.29 40.58 18.03
N PHE T 58 77.50 40.52 16.96
CA PHE T 58 77.45 41.57 15.95
C PHE T 58 77.02 42.90 16.56
N ALA T 59 75.95 42.84 17.36
CA ALA T 59 75.43 44.02 18.04
C ALA T 59 76.44 44.66 19.01
N GLU T 60 77.35 43.83 19.53
CA GLU T 60 78.34 44.31 20.50
C GLU T 60 79.52 45.04 19.86
N ALA T 61 79.98 44.50 18.74
CA ALA T 61 81.32 44.81 18.19
C ALA T 61 81.61 46.31 18.01
N LEU T 62 80.62 46.99 17.43
CA LEU T 62 80.73 48.42 17.14
C LEU T 62 80.75 49.27 18.41
N GLY T 63 80.16 48.74 19.48
CA GLY T 63 80.27 49.34 20.80
C GLY T 63 81.68 49.23 21.33
N ILE T 64 82.31 48.08 21.13
CA ILE T 64 83.70 47.87 21.53
C ILE T 64 84.67 48.79 20.77
N PHE T 65 84.44 48.93 19.47
CA PHE T 65 85.29 49.79 18.63
C PHE T 65 85.22 51.26 19.08
N SER T 66 84.03 51.68 19.53
CA SER T 66 83.83 53.01 20.08
C SER T 66 84.58 53.19 21.39
N PHE T 67 84.59 52.16 22.24
CA PHE T 67 85.36 52.20 23.49
C PHE T 67 86.85 52.42 23.21
N LEU T 68 87.37 51.68 22.22
CA LEU T 68 88.78 51.85 21.83
C LEU T 68 89.09 53.30 21.41
N VAL T 69 88.20 53.87 20.61
CA VAL T 69 88.32 55.25 20.17
C VAL T 69 88.28 56.24 21.35
N ALA T 70 87.36 56.00 22.28
CA ALA T 70 87.26 56.80 23.52
C ALA T 70 88.56 56.71 24.32
N LEU T 71 89.11 55.50 24.44
CA LEU T 71 90.37 55.29 25.18
C LEU T 71 91.55 55.96 24.48
N LEU T 72 91.53 55.98 23.15
CA LEU T 72 92.55 56.69 22.38
C LEU T 72 92.50 58.20 22.67
N LEU T 73 91.30 58.77 22.56
CA LEU T 73 91.10 60.20 22.84
C LEU T 73 91.52 60.56 24.27
N LEU T 74 91.26 59.66 25.21
CA LEU T 74 91.58 59.88 26.62
C LEU T 74 93.06 59.70 26.95
N PHE T 75 93.67 58.64 26.43
CA PHE T 75 95.09 58.31 26.72
C PHE T 75 95.97 58.25 25.46
N ALA T 76 95.77 59.23 24.58
CA ALA T 76 96.60 59.47 23.37
C ALA T 76 96.53 58.38 22.29
N ASN U 3 97.52 72.19 19.62
CA ASN U 3 96.57 73.24 20.12
C ASN U 3 95.32 73.35 19.21
N LEU U 4 95.16 74.46 18.48
CA LEU U 4 93.87 74.83 17.88
C LEU U 4 93.38 73.80 16.84
N GLY U 5 94.30 73.44 15.96
CA GLY U 5 94.00 72.51 14.87
C GLY U 5 93.55 71.15 15.39
N GLN U 6 94.26 70.68 16.42
CA GLN U 6 93.95 69.42 17.06
C GLN U 6 92.56 69.42 17.68
N LEU U 7 92.06 70.59 18.11
CA LEU U 7 90.68 70.73 18.60
C LEU U 7 89.66 70.35 17.52
N GLY U 8 89.92 70.78 16.29
CA GLY U 8 89.09 70.38 15.16
C GLY U 8 89.09 68.87 14.96
N GLN U 9 90.30 68.30 14.92
CA GLN U 9 90.48 66.86 14.74
C GLN U 9 89.79 66.03 15.83
N TYR U 10 90.00 66.43 17.08
CA TYR U 10 89.46 65.73 18.23
C TYR U 10 87.94 65.72 18.23
N LEU U 11 87.33 66.88 17.96
CA LEU U 11 85.87 66.97 17.90
C LEU U 11 85.29 66.18 16.72
N GLY U 12 86.09 66.06 15.65
CA GLY U 12 85.72 65.23 14.51
C GLY U 12 85.65 63.75 14.85
N ALA U 13 86.58 63.29 15.69
CA ALA U 13 86.55 61.91 16.18
C ALA U 13 85.28 61.64 16.98
N GLY U 14 84.92 62.57 17.85
CA GLY U 14 83.67 62.46 18.62
C GLY U 14 82.44 62.39 17.72
N LEU U 15 82.35 63.32 16.76
CA LEU U 15 81.26 63.29 15.80
C LEU U 15 81.17 61.96 15.04
N ALA U 16 82.34 61.39 14.71
CA ALA U 16 82.41 60.08 14.06
C ALA U 16 81.85 58.97 14.97
N CYS U 17 82.23 58.99 16.24
CA CYS U 17 81.68 58.07 17.23
C CYS U 17 80.16 58.19 17.37
N VAL U 18 79.64 59.42 17.32
CA VAL U 18 78.20 59.68 17.31
C VAL U 18 77.49 59.02 16.12
N GLY U 19 78.13 59.06 14.95
CA GLY U 19 77.63 58.37 13.75
C GLY U 19 77.34 56.87 13.94
N MET U 20 78.12 56.22 14.81
CA MET U 20 77.94 54.79 15.08
C MET U 20 76.66 54.45 15.84
N ALA U 21 76.06 55.43 16.52
CA ALA U 21 74.77 55.25 17.20
C ALA U 21 73.69 54.75 16.26
N GLY U 22 73.74 55.20 15.02
CA GLY U 22 72.80 54.75 14.00
C GLY U 22 73.06 53.34 13.52
N ALA U 23 74.34 53.04 13.25
CA ALA U 23 74.78 51.76 12.67
C ALA U 23 74.33 50.55 13.49
N ALA U 24 74.61 50.66 14.79
CA ALA U 24 74.19 49.64 15.73
C ALA U 24 72.68 49.46 15.75
N MET U 25 71.92 50.55 15.61
CA MET U 25 70.46 50.49 15.51
C MET U 25 69.98 49.72 14.27
N GLY U 26 70.51 50.08 13.09
CA GLY U 26 70.11 49.45 11.82
C GLY U 26 70.40 47.95 11.78
N VAL U 27 71.61 47.60 12.20
CA VAL U 27 72.04 46.19 12.29
C VAL U 27 71.15 45.37 13.24
N GLY U 28 70.77 46.03 14.33
CA GLY U 28 69.89 45.46 15.33
C GLY U 28 68.56 45.09 14.73
N ASN U 29 68.02 45.99 13.90
CA ASN U 29 66.78 45.72 13.18
C ASN U 29 66.89 44.42 12.39
N VAL U 30 67.97 44.33 11.61
CA VAL U 30 68.19 43.14 10.77
C VAL U 30 68.23 41.84 11.61
N ALA U 31 68.99 41.92 12.70
CA ALA U 31 69.20 40.78 13.60
C ALA U 31 67.88 40.23 14.19
N GLY U 32 67.03 41.16 14.62
CA GLY U 32 65.76 40.85 15.27
C GLY U 32 64.78 40.11 14.38
N ASN U 33 64.78 40.45 13.09
CA ASN U 33 63.95 39.73 12.11
C ASN U 33 64.35 38.25 12.02
N TYR U 34 65.66 37.99 12.07
CA TYR U 34 66.15 36.61 12.05
C TYR U 34 65.54 35.77 13.19
N LEU U 35 65.61 36.32 14.40
CA LEU U 35 65.09 35.62 15.59
C LEU U 35 63.58 35.31 15.45
N ALA U 36 62.84 36.32 15.01
CA ALA U 36 61.40 36.14 14.81
C ALA U 36 61.09 35.07 13.75
N GLY U 37 61.90 35.06 12.69
CA GLY U 37 61.75 34.09 11.60
C GLY U 37 62.00 32.65 12.00
N ALA U 38 63.01 32.43 12.85
CA ALA U 38 63.29 31.10 13.42
C ALA U 38 62.08 30.50 14.11
N LEU U 39 61.37 31.33 14.88
CA LEU U 39 60.15 30.92 15.57
C LEU U 39 59.12 30.34 14.62
N ARG U 40 58.82 31.08 13.56
CA ARG U 40 57.82 30.65 12.58
C ARG U 40 58.25 29.44 11.75
N ASN U 41 59.49 29.46 11.28
CA ASN U 41 59.98 28.42 10.38
C ASN U 41 61.40 27.95 10.72
N PRO U 42 61.53 27.13 11.78
CA PRO U 42 62.79 26.45 12.09
C PRO U 42 63.29 25.60 10.91
N SER U 43 62.36 25.10 10.11
CA SER U 43 62.67 24.34 8.90
C SER U 43 63.40 25.15 7.84
N ALA U 44 63.22 26.47 7.84
CA ALA U 44 63.89 27.37 6.87
C ALA U 44 65.17 28.02 7.40
N ALA U 45 65.72 27.50 8.49
CA ALA U 45 67.03 27.92 8.99
C ALA U 45 68.14 27.92 7.92
N ALA U 46 68.09 27.02 6.95
CA ALA U 46 69.02 27.01 5.81
C ALA U 46 69.04 28.37 5.08
N SER U 47 67.85 28.85 4.74
CA SER U 47 67.69 30.13 4.07
C SER U 47 68.06 31.27 5.00
N GLN U 48 67.55 31.19 6.24
CA GLN U 48 67.85 32.18 7.27
C GLN U 48 69.35 32.36 7.51
N THR U 49 70.09 31.26 7.64
CA THR U 49 71.54 31.31 7.92
C THR U 49 72.31 31.96 6.78
N ALA U 50 71.98 31.55 5.55
CA ALA U 50 72.59 32.15 4.35
C ALA U 50 72.36 33.67 4.27
N THR U 51 71.11 34.06 4.54
CA THR U 51 70.71 35.45 4.51
C THR U 51 71.31 36.26 5.64
N LEU U 52 71.55 35.62 6.79
CA LEU U 52 72.23 36.22 7.94
C LEU U 52 73.54 36.85 7.54
N PHE U 53 74.37 36.07 6.83
CA PHE U 53 75.69 36.56 6.38
C PHE U 53 75.55 37.78 5.47
N ILE U 54 74.76 37.61 4.41
CA ILE U 54 74.60 38.64 3.39
C ILE U 54 74.06 39.92 3.98
N GLY U 55 72.95 39.79 4.70
CA GLY U 55 72.26 40.92 5.29
C GLY U 55 73.11 41.60 6.33
N MET U 56 73.80 40.79 7.14
CA MET U 56 74.61 41.35 8.22
C MET U 56 75.80 42.13 7.68
N ALA U 57 76.40 41.61 6.61
CA ALA U 57 77.55 42.24 5.98
C ALA U 57 77.25 43.67 5.55
N PHE U 58 76.09 43.84 4.90
CA PHE U 58 75.65 45.14 4.41
C PHE U 58 75.49 46.12 5.56
N ALA U 59 74.82 45.68 6.63
CA ALA U 59 74.61 46.50 7.81
C ALA U 59 75.93 46.92 8.50
N GLU U 60 76.98 46.12 8.32
CA GLU U 60 78.26 46.39 8.95
C GLU U 60 79.10 47.45 8.21
N ALA U 61 79.08 47.37 6.89
CA ALA U 61 80.08 48.01 6.03
C ALA U 61 80.26 49.52 6.28
N LEU U 62 79.14 50.20 6.38
CA LEU U 62 79.11 51.64 6.59
C LEU U 62 79.64 52.04 7.97
N GLY U 63 79.52 51.12 8.93
CA GLY U 63 80.14 51.29 10.24
C GLY U 63 81.64 51.22 10.13
N ILE U 64 82.14 50.29 9.31
CA ILE U 64 83.58 50.15 9.08
C ILE U 64 84.17 51.40 8.39
N PHE U 65 83.44 51.90 7.40
CA PHE U 65 83.89 53.10 6.67
C PHE U 65 83.99 54.32 7.59
N SER U 66 83.08 54.41 8.55
CA SER U 66 83.11 55.47 9.56
C SER U 66 84.32 55.32 10.48
N PHE U 67 84.67 54.09 10.85
CA PHE U 67 85.87 53.83 11.65
C PHE U 67 87.13 54.33 10.93
N LEU U 68 87.23 54.03 9.63
CA LEU U 68 88.35 54.51 8.83
C LEU U 68 88.46 56.04 8.86
N VAL U 69 87.33 56.70 8.69
CA VAL U 69 87.27 58.16 8.74
C VAL U 69 87.69 58.71 10.12
N ALA U 70 87.21 58.06 11.19
CA ALA U 70 87.62 58.41 12.55
C ALA U 70 89.13 58.25 12.74
N LEU U 71 89.68 57.15 12.22
CA LEU U 71 91.12 56.89 12.31
C LEU U 71 91.94 57.91 11.51
N LEU U 72 91.39 58.35 10.38
CA LEU U 72 92.03 59.40 9.59
C LEU U 72 92.08 60.71 10.37
N LEU U 73 90.94 61.12 10.92
CA LEU U 73 90.87 62.34 11.73
C LEU U 73 91.82 62.29 12.93
N LEU U 74 91.96 61.10 13.53
CA LEU U 74 92.80 60.92 14.70
C LEU U 74 94.29 60.86 14.37
N PHE U 75 94.66 60.11 13.33
CA PHE U 75 96.06 59.91 12.93
C PHE U 75 96.38 60.35 11.50
N ALA U 76 95.85 61.52 11.13
CA ALA U 76 96.11 62.20 9.84
C ALA U 76 95.67 61.42 8.60
N ASN V 3 96.21 74.53 10.42
CA ASN V 3 95.53 75.27 11.52
C ASN V 3 94.03 75.54 11.21
N LEU V 4 93.64 76.79 10.99
CA LEU V 4 92.22 77.20 11.04
C LEU V 4 91.37 76.49 9.97
N GLY V 5 91.88 76.51 8.76
CA GLY V 5 91.19 75.93 7.61
C GLY V 5 90.94 74.44 7.78
N GLN V 6 91.97 73.76 8.27
CA GLN V 6 91.89 72.34 8.55
C GLN V 6 90.83 72.00 9.59
N LEU V 7 90.56 72.92 10.52
CA LEU V 7 89.46 72.77 11.49
C LEU V 7 88.10 72.64 10.79
N GLY V 8 87.89 73.45 9.76
CA GLY V 8 86.69 73.32 8.92
C GLY V 8 86.59 71.96 8.28
N GLN V 9 87.68 71.56 7.61
CA GLN V 9 87.76 70.26 6.93
C GLN V 9 87.51 69.08 7.87
N TYR V 10 88.18 69.10 9.01
CA TYR V 10 88.09 68.02 9.99
C TYR V 10 86.67 67.87 10.53
N LEU V 11 86.04 68.97 10.89
CA LEU V 11 84.65 68.93 11.38
C LEU V 11 83.66 68.49 10.30
N GLY V 12 84.01 68.78 9.04
CA GLY V 12 83.22 68.31 7.90
C GLY V 12 83.25 66.79 7.75
N ALA V 13 84.42 66.20 8.00
CA ALA V 13 84.54 64.75 8.00
C ALA V 13 83.67 64.11 9.06
N GLY V 14 83.66 64.68 10.27
CA GLY V 14 82.79 64.21 11.34
C GLY V 14 81.32 64.30 10.97
N LEU V 15 80.89 65.46 10.46
CA LEU V 15 79.51 65.62 10.01
C LEU V 15 79.13 64.59 8.94
N ALA V 16 80.07 64.27 8.05
CA ALA V 16 79.88 63.23 7.04
C ALA V 16 79.68 61.84 7.66
N CYS V 17 80.51 61.51 8.66
CA CYS V 17 80.34 60.28 9.42
C CYS V 17 78.98 60.20 10.12
N VAL V 18 78.52 61.32 10.66
CA VAL V 18 77.17 61.42 11.25
C VAL V 18 76.07 61.08 10.25
N GLY V 19 76.23 61.55 9.01
CA GLY V 19 75.30 61.21 7.92
C GLY V 19 75.08 59.72 7.71
N MET V 20 76.10 58.91 7.98
CA MET V 20 76.00 57.45 7.81
C MET V 20 75.09 56.76 8.83
N ALA V 21 74.81 57.43 9.96
CA ALA V 21 73.87 56.92 10.96
C ALA V 21 72.49 56.61 10.36
N GLY V 22 72.09 57.43 9.40
CA GLY V 22 70.84 57.21 8.70
C GLY V 22 70.87 56.06 7.72
N ALA V 23 71.95 55.99 6.94
CA ALA V 23 72.11 55.00 5.85
C ALA V 23 71.99 53.56 6.34
N ALA V 24 72.72 53.28 7.42
CA ALA V 24 72.68 51.99 8.07
C ALA V 24 71.26 51.67 8.56
N MET V 25 70.54 52.66 9.07
CA MET V 25 69.14 52.48 9.48
C MET V 25 68.22 52.09 8.31
N GLY V 26 68.28 52.85 7.21
CA GLY V 26 67.43 52.60 6.04
C GLY V 26 67.65 51.22 5.43
N VAL V 27 68.92 50.88 5.24
CA VAL V 27 69.32 49.58 4.71
C VAL V 27 68.84 48.41 5.59
N GLY V 28 68.90 48.66 6.90
CA GLY V 28 68.45 47.73 7.91
C GLY V 28 66.98 47.42 7.74
N ASN V 29 66.19 48.47 7.50
CA ASN V 29 64.77 48.31 7.21
C ASN V 29 64.55 47.33 6.07
N VAL V 30 65.25 47.60 4.97
CA VAL V 30 65.13 46.75 3.77
C VAL V 30 65.45 45.27 4.07
N ALA V 31 66.56 45.09 4.77
CA ALA V 31 67.06 43.76 5.12
C ALA V 31 66.05 42.92 5.93
N GLY V 32 65.44 43.58 6.92
CA GLY V 32 64.50 42.95 7.83
C GLY V 32 63.24 42.43 7.17
N ASN V 33 62.76 43.14 6.15
CA ASN V 33 61.63 42.68 5.36
C ASN V 33 61.93 41.35 4.66
N TYR V 34 63.15 41.22 4.14
CA TYR V 34 63.58 39.97 3.52
C TYR V 34 63.42 38.77 4.46
N LEU V 35 63.95 38.92 5.68
CA LEU V 35 63.89 37.84 6.67
C LEU V 35 62.44 37.44 6.99
N ALA V 36 61.59 38.45 7.20
CA ALA V 36 60.19 38.20 7.47
C ALA V 36 59.49 37.48 6.31
N GLY V 37 59.84 37.87 5.09
CA GLY V 37 59.28 37.27 3.88
C GLY V 37 59.63 35.81 3.67
N ALA V 38 60.88 35.44 3.99
CA ALA V 38 61.33 34.04 3.95
C ALA V 38 60.45 33.14 4.80
N LEU V 39 60.10 33.62 6.00
CA LEU V 39 59.21 32.89 6.91
C LEU V 39 57.89 32.52 6.25
N ARG V 40 57.23 33.52 5.67
CA ARG V 40 55.93 33.31 5.03
C ARG V 40 56.00 32.46 3.76
N ASN V 41 56.99 32.74 2.91
CA ASN V 41 57.09 32.08 1.62
C ASN V 41 58.52 31.68 1.26
N PRO V 42 59.03 30.61 1.88
CA PRO V 42 60.30 30.00 1.48
C PRO V 42 60.31 29.61 -0.01
N SER V 43 59.13 29.28 -0.54
CA SER V 43 58.95 28.97 -1.95
C SER V 43 59.27 30.14 -2.88
N ALA V 44 59.10 31.38 -2.40
CA ALA V 44 59.38 32.58 -3.19
C ALA V 44 60.78 33.17 -2.98
N ALA V 45 61.69 32.39 -2.39
CA ALA V 45 63.10 32.78 -2.29
C ALA V 45 63.73 33.21 -3.62
N ALA V 46 63.30 32.65 -4.74
CA ALA V 46 63.73 33.10 -6.08
C ALA V 46 63.51 34.61 -6.28
N SER V 47 62.29 35.04 -6.01
CA SER V 47 61.92 36.44 -6.12
C SER V 47 62.63 37.28 -5.07
N GLN V 48 62.63 36.78 -3.84
CA GLN V 48 63.30 37.42 -2.71
C GLN V 48 64.79 37.67 -2.99
N THR V 49 65.50 36.66 -3.48
CA THR V 49 66.94 36.77 -3.74
C THR V 49 67.25 37.82 -4.81
N ALA V 50 66.47 37.78 -5.90
CA ALA V 50 66.61 38.77 -6.99
C ALA V 50 66.40 40.21 -6.47
N THR V 51 65.35 40.36 -5.67
CA THR V 51 64.99 41.65 -5.10
C THR V 51 65.98 42.13 -4.07
N LEU V 52 66.61 41.20 -3.35
CA LEU V 52 67.69 41.48 -2.40
C LEU V 52 68.78 42.33 -3.01
N PHE V 53 69.27 41.91 -4.18
CA PHE V 53 70.33 42.64 -4.89
C PHE V 53 69.89 44.06 -5.24
N ILE V 54 68.76 44.14 -5.94
CA ILE V 54 68.25 45.40 -6.45
C ILE V 54 68.00 46.39 -5.32
N GLY V 55 67.23 45.93 -4.34
CA GLY V 55 66.83 46.74 -3.20
C GLY V 55 68.01 47.16 -2.36
N MET V 56 68.93 46.22 -2.17
CA MET V 56 70.10 46.49 -1.33
C MET V 56 71.02 47.52 -1.99
N ALA V 57 71.17 47.42 -3.31
CA ALA V 57 72.02 48.34 -4.07
C ALA V 57 71.60 49.78 -3.88
N PHE V 58 70.29 50.02 -3.97
CA PHE V 58 69.73 51.36 -3.82
C PHE V 58 70.02 51.92 -2.45
N ALA V 59 69.80 51.11 -1.42
CA ALA V 59 70.05 51.50 -0.04
C ALA V 59 71.54 51.82 0.22
N GLU V 60 72.42 51.22 -0.57
CA GLU V 60 73.86 51.42 -0.37
C GLU V 60 74.39 52.72 -0.98
N ALA V 61 73.88 53.06 -2.16
CA ALA V 61 74.50 54.04 -3.07
C ALA V 61 74.80 55.40 -2.44
N LEU V 62 73.79 55.90 -1.72
CA LEU V 62 73.88 57.21 -1.06
C LEU V 62 74.88 57.21 0.10
N GLY V 63 75.12 56.03 0.68
CA GLY V 63 76.17 55.85 1.65
C GLY V 63 77.54 55.98 1.00
N ILE V 64 77.68 55.39 -0.19
CA ILE V 64 78.93 55.48 -0.95
C ILE V 64 79.23 56.94 -1.37
N PHE V 65 78.20 57.64 -1.82
CA PHE V 65 78.37 59.05 -2.23
C PHE V 65 78.84 59.93 -1.07
N SER V 66 78.35 59.62 0.13
CA SER V 66 78.77 60.32 1.35
C SER V 66 80.23 60.02 1.68
N PHE V 67 80.67 58.78 1.49
CA PHE V 67 82.08 58.41 1.67
C PHE V 67 82.99 59.24 0.75
N LEU V 68 82.58 59.36 -0.52
CA LEU V 68 83.34 60.17 -1.48
C LEU V 68 83.49 61.63 -1.00
N VAL V 69 82.38 62.19 -0.52
CA VAL V 69 82.38 63.55 0.02
C VAL V 69 83.29 63.68 1.25
N ALA V 70 83.23 62.70 2.16
CA ALA V 70 84.12 62.64 3.31
C ALA V 70 85.59 62.59 2.88
N LEU V 71 85.89 61.77 1.88
CA LEU V 71 87.26 61.64 1.36
C LEU V 71 87.74 62.93 0.69
N LEU V 72 86.82 63.64 0.04
CA LEU V 72 87.13 64.95 -0.54
C LEU V 72 87.50 65.95 0.55
N LEU V 73 86.65 66.06 1.57
CA LEU V 73 86.91 66.96 2.70
C LEU V 73 88.23 66.63 3.40
N LEU V 74 88.56 65.34 3.48
CA LEU V 74 89.78 64.89 4.15
C LEU V 74 91.04 65.09 3.31
N PHE V 75 90.98 64.73 2.02
CA PHE V 75 92.13 64.81 1.11
C PHE V 75 91.90 65.70 -0.11
N ALA V 76 91.30 66.88 0.14
CA ALA V 76 91.10 67.98 -0.83
C ALA V 76 90.16 67.66 -2.01
N ASN W 3 91.40 79.60 4.10
CA ASN W 3 91.20 79.85 5.56
C ASN W 3 89.72 80.02 5.93
N LEU W 4 89.27 81.21 6.32
CA LEU W 4 88.00 81.40 7.02
C LEU W 4 86.78 80.98 6.17
N GLY W 5 86.79 81.47 4.93
CA GLY W 5 85.70 81.21 4.00
C GLY W 5 85.52 79.73 3.72
N GLN W 6 86.65 79.06 3.53
CA GLN W 6 86.66 77.62 3.29
C GLN W 6 86.08 76.84 4.45
N LEU W 7 86.19 77.36 5.69
CA LEU W 7 85.55 76.76 6.87
C LEU W 7 84.04 76.70 6.72
N GLY W 8 83.45 77.78 6.18
CA GLY W 8 82.02 77.79 5.87
C GLY W 8 81.66 76.71 4.86
N GLN W 9 82.40 76.68 3.76
CA GLN W 9 82.19 75.71 2.68
C GLN W 9 82.30 74.26 3.17
N TYR W 10 83.36 73.99 3.91
CA TYR W 10 83.65 72.64 4.41
C TYR W 10 82.54 72.14 5.34
N LEU W 11 82.11 72.99 6.27
CA LEU W 11 81.02 72.61 7.18
C LEU W 11 79.69 72.44 6.46
N GLY W 12 79.52 73.17 5.36
CA GLY W 12 78.35 73.00 4.50
C GLY W 12 78.30 71.64 3.82
N ALA W 13 79.47 71.14 3.40
CA ALA W 13 79.56 69.79 2.84
C ALA W 13 79.15 68.74 3.86
N GLY W 14 79.63 68.88 5.09
CA GLY W 14 79.22 67.98 6.17
C GLY W 14 77.73 68.00 6.43
N LEU W 15 77.16 69.20 6.55
CA LEU W 15 75.72 69.33 6.72
C LEU W 15 74.93 68.66 5.58
N ALA W 16 75.45 68.78 4.36
CA ALA W 16 74.86 68.12 3.18
C ALA W 16 74.91 66.60 3.31
N CYS W 17 76.04 66.06 3.75
CA CYS W 17 76.16 64.62 4.04
C CYS W 17 75.18 64.15 5.12
N VAL W 18 74.97 64.97 6.15
CA VAL W 18 73.97 64.71 7.17
C VAL W 18 72.55 64.58 6.60
N GLY W 19 72.23 65.45 5.64
CA GLY W 19 70.96 65.37 4.91
C GLY W 19 70.63 64.02 4.29
N MET W 20 71.68 63.30 3.86
CA MET W 20 71.50 61.98 3.25
C MET W 20 71.04 60.88 4.22
N ALA W 21 71.23 61.10 5.51
CA ALA W 21 70.75 60.17 6.55
C ALA W 21 69.24 59.92 6.42
N GLY W 22 68.51 60.96 6.04
CA GLY W 22 67.07 60.82 5.82
C GLY W 22 66.72 60.07 4.55
N ALA W 23 67.40 60.39 3.46
CA ALA W 23 67.13 59.85 2.12
C ALA W 23 67.18 58.32 2.08
N ALA W 24 68.27 57.81 2.64
CA ALA W 24 68.45 56.37 2.76
C ALA W 24 67.34 55.74 3.59
N MET W 25 66.88 56.41 4.65
CA MET W 25 65.74 55.94 5.46
C MET W 25 64.44 55.83 4.64
N GLY W 26 64.08 56.91 3.94
CA GLY W 26 62.85 56.96 3.15
C GLY W 26 62.78 55.90 2.05
N VAL W 27 63.89 55.80 1.31
CA VAL W 27 64.03 54.80 0.24
C VAL W 27 63.90 53.36 0.78
N GLY W 28 64.48 53.17 1.96
CA GLY W 28 64.43 51.91 2.67
C GLY W 28 63.01 51.50 2.95
N ASN W 29 62.20 52.46 3.41
CA ASN W 29 60.78 52.24 3.64
C ASN W 29 60.12 51.66 2.38
N VAL W 30 60.35 52.36 1.27
CA VAL W 30 59.77 51.95 -0.01
C VAL W 30 60.15 50.51 -0.39
N ALA W 31 61.45 50.24 -0.26
CA ALA W 31 62.02 48.94 -0.61
C ALA W 31 61.39 47.76 0.17
N GLY W 32 61.22 47.98 1.47
CA GLY W 32 60.70 46.98 2.38
C GLY W 32 59.27 46.56 2.09
N ASN W 33 58.44 47.50 1.64
CA ASN W 33 57.09 47.19 1.20
C ASN W 33 57.08 46.21 0.03
N TYR W 34 58.01 46.41 -0.92
CA TYR W 34 58.13 45.49 -2.05
C TYR W 34 58.34 44.04 -1.60
N LEU W 35 59.29 43.85 -0.70
CA LEU W 35 59.60 42.50 -0.19
C LEU W 35 58.39 41.84 0.48
N ALA W 36 57.70 42.62 1.31
CA ALA W 36 56.50 42.12 1.98
C ALA W 36 55.40 41.73 0.98
N GLY W 37 55.26 42.55 -0.07
CA GLY W 37 54.27 42.32 -1.11
C GLY W 37 54.50 41.06 -1.93
N ALA W 38 55.76 40.77 -2.25
CA ALA W 38 56.14 39.53 -2.93
C ALA W 38 55.64 38.29 -2.19
N LEU W 39 55.79 38.31 -0.86
CA LEU W 39 55.31 37.21 -0.01
C LEU W 39 53.83 36.92 -0.21
N ARG W 40 53.01 37.96 -0.13
CA ARG W 40 51.56 37.82 -0.28
C ARG W 40 51.13 37.45 -1.70
N ASN W 41 51.71 38.13 -2.69
CA ASN W 41 51.31 37.94 -4.08
C ASN W 41 52.48 37.87 -5.05
N PRO W 42 53.16 36.71 -5.08
CA PRO W 42 54.19 36.43 -6.10
C PRO W 42 53.62 36.56 -7.52
N SER W 43 52.33 36.28 -7.67
CA SER W 43 51.62 36.43 -8.93
C SER W 43 51.55 37.88 -9.43
N ALA W 44 51.60 38.84 -8.52
CA ALA W 44 51.56 40.27 -8.88
C ALA W 44 52.95 40.92 -9.01
N ALA W 45 54.00 40.11 -9.11
CA ALA W 45 55.35 40.61 -9.40
C ALA W 45 55.42 41.54 -10.62
N ALA W 46 54.59 41.32 -11.63
CA ALA W 46 54.48 42.24 -12.79
C ALA W 46 54.22 43.69 -12.36
N SER W 47 53.20 43.85 -11.52
CA SER W 47 52.83 45.16 -10.99
C SER W 47 53.90 45.68 -10.04
N GLN W 48 54.37 44.80 -9.15
CA GLN W 48 55.44 45.12 -8.21
C GLN W 48 56.71 45.63 -8.91
N THR W 49 57.16 44.94 -9.95
CA THR W 49 58.40 45.30 -10.66
C THR W 49 58.28 46.68 -11.33
N ALA W 50 57.14 46.89 -11.99
CA ALA W 50 56.87 48.20 -12.63
C ALA W 50 56.89 49.35 -11.60
N THR W 51 56.24 49.10 -10.47
CA THR W 51 56.13 50.07 -9.40
C THR W 51 57.46 50.31 -8.71
N LEU W 52 58.31 49.28 -8.64
CA LEU W 52 59.67 49.37 -8.11
C LEU W 52 60.45 50.49 -8.74
N PHE W 53 60.44 50.54 -10.08
CA PHE W 53 61.16 51.59 -10.82
C PHE W 53 60.64 52.98 -10.47
N ILE W 54 59.33 53.15 -10.63
CA ILE W 54 58.68 54.44 -10.44
C ILE W 54 58.90 54.95 -9.02
N GLY W 55 58.55 54.10 -8.06
CA GLY W 55 58.63 54.44 -6.66
C GLY W 55 60.06 54.70 -6.22
N MET W 56 60.97 53.88 -6.72
CA MET W 56 62.38 54.00 -6.33
C MET W 56 62.99 55.29 -6.87
N ALA W 57 62.61 55.65 -8.10
CA ALA W 57 63.12 56.86 -8.75
C ALA W 57 62.83 58.09 -7.91
N PHE W 58 61.59 58.19 -7.44
CA PHE W 58 61.14 59.33 -6.63
C PHE W 58 61.96 59.44 -5.35
N ALA W 59 62.12 58.31 -4.67
CA ALA W 59 62.91 58.25 -3.44
C ALA W 59 64.37 58.66 -3.64
N GLU W 60 64.88 58.46 -4.85
CA GLU W 60 66.28 58.76 -5.15
C GLU W 60 66.55 60.25 -5.40
N ALA W 61 65.62 60.89 -6.12
CA ALA W 61 65.87 62.17 -6.79
C ALA W 61 66.40 63.28 -5.86
N LEU W 62 65.77 63.38 -4.70
CA LEU W 62 66.12 64.40 -3.71
C LEU W 62 67.49 64.14 -3.08
N GLY W 63 67.91 62.89 -3.08
CA GLY W 63 69.27 62.52 -2.68
C GLY W 63 70.27 63.02 -3.71
N ILE W 64 69.93 62.89 -4.99
CA ILE W 64 70.79 63.38 -6.07
C ILE W 64 70.93 64.91 -6.03
N PHE W 65 69.82 65.60 -5.80
CA PHE W 65 69.83 67.07 -5.72
C PHE W 65 70.73 67.57 -4.57
N SER W 66 70.74 66.83 -3.47
CA SER W 66 71.60 67.13 -2.33
C SER W 66 73.07 66.92 -2.68
N PHE W 67 73.38 65.88 -3.45
CA PHE W 67 74.75 65.65 -3.94
C PHE W 67 75.25 66.83 -4.77
N LEU W 68 74.39 67.31 -5.68
CA LEU W 68 74.73 68.49 -6.49
C LEU W 68 75.07 69.71 -5.62
N VAL W 69 74.24 69.94 -4.61
CA VAL W 69 74.46 71.04 -3.66
C VAL W 69 75.78 70.86 -2.89
N ALA W 70 76.06 69.64 -2.44
CA ALA W 70 77.34 69.32 -1.78
C ALA W 70 78.52 69.60 -2.70
N LEU W 71 78.40 69.19 -3.97
CA LEU W 71 79.46 69.41 -4.96
C LEU W 71 79.66 70.90 -5.26
N LEU W 72 78.57 71.66 -5.23
CA LEU W 72 78.65 73.11 -5.40
C LEU W 72 79.43 73.74 -4.24
N LEU W 73 79.04 73.40 -3.01
CA LEU W 73 79.73 73.90 -1.81
C LEU W 73 81.21 73.53 -1.81
N LEU W 74 81.53 72.34 -2.31
CA LEU W 74 82.91 71.84 -2.34
C LEU W 74 83.75 72.46 -3.46
N PHE W 75 83.19 72.55 -4.67
CA PHE W 75 83.91 73.05 -5.85
C PHE W 75 83.23 74.27 -6.50
N ALA W 76 82.78 75.20 -5.66
CA ALA W 76 82.22 76.53 -6.05
C ALA W 76 80.91 76.47 -6.84
N ASN X 3 84.54 85.79 2.64
CA ASN X 3 84.92 85.53 4.06
C ASN X 3 83.68 85.37 4.97
N LEU X 4 83.43 86.31 5.88
CA LEU X 4 82.51 86.09 7.00
C LEU X 4 81.06 85.83 6.56
N GLY X 5 80.61 86.70 5.65
CA GLY X 5 79.25 86.62 5.14
C GLY X 5 78.95 85.30 4.45
N GLN X 6 79.93 84.88 3.64
CA GLN X 6 79.84 83.61 2.93
C GLN X 6 79.73 82.42 3.87
N LEU X 7 80.30 82.52 5.08
CA LEU X 7 80.15 81.50 6.12
C LEU X 7 78.68 81.30 6.51
N GLY X 8 77.96 82.41 6.63
CA GLY X 8 76.51 82.35 6.87
C GLY X 8 75.79 81.62 5.74
N GLN X 9 76.06 82.05 4.51
CA GLN X 9 75.45 81.46 3.32
C GLN X 9 75.72 79.96 3.19
N TYR X 10 76.99 79.59 3.37
CA TYR X 10 77.43 78.21 3.23
C TYR X 10 76.75 77.29 4.24
N LEU X 11 76.71 77.73 5.50
CA LEU X 11 76.04 76.94 6.56
C LEU X 11 74.53 76.85 6.34
N GLY X 12 73.97 77.87 5.69
CA GLY X 12 72.57 77.85 5.30
C GLY X 12 72.25 76.79 4.25
N ALA X 13 73.17 76.61 3.32
CA ALA X 13 73.03 75.54 2.32
C ALA X 13 73.02 74.17 2.98
N GLY X 14 73.93 73.96 3.93
CA GLY X 14 73.96 72.71 4.69
C GLY X 14 72.67 72.46 5.46
N LEU X 15 72.20 73.47 6.18
CA LEU X 15 70.92 73.36 6.90
C LEU X 15 69.76 73.02 5.94
N ALA X 16 69.79 73.58 4.74
CA ALA X 16 68.79 73.26 3.70
C ALA X 16 68.87 71.80 3.26
N CYS X 17 70.08 71.30 3.05
CA CYS X 17 70.30 69.88 2.75
C CYS X 17 69.79 68.97 3.87
N VAL X 18 69.99 69.37 5.12
CA VAL X 18 69.44 68.65 6.29
C VAL X 18 67.92 68.56 6.25
N GLY X 19 67.26 69.63 5.83
CA GLY X 19 65.80 69.64 5.62
C GLY X 19 65.27 68.54 4.72
N MET X 20 66.07 68.13 3.73
CA MET X 20 65.66 67.08 2.80
C MET X 20 65.59 65.69 3.42
N ALA X 21 66.26 65.48 4.55
CA ALA X 21 66.19 64.22 5.30
C ALA X 21 64.74 63.83 5.65
N GLY X 22 63.92 64.84 5.93
CA GLY X 22 62.52 64.60 6.20
C GLY X 22 61.71 64.26 4.97
N ALA X 23 61.93 65.02 3.89
CA ALA X 23 61.17 64.90 2.63
C ALA X 23 61.18 63.49 2.04
N ALA X 24 62.40 62.95 1.96
CA ALA X 24 62.61 61.60 1.51
C ALA X 24 61.88 60.60 2.39
N MET X 25 61.86 60.82 3.71
CA MET X 25 61.10 59.98 4.64
C MET X 25 59.59 59.98 4.37
N GLY X 26 59.01 61.16 4.27
CA GLY X 26 57.56 61.32 4.04
C GLY X 26 57.09 60.68 2.74
N VAL X 27 57.83 60.97 1.66
CA VAL X 27 57.55 60.40 0.34
C VAL X 27 57.62 58.87 0.34
N GLY X 28 58.60 58.37 1.11
CA GLY X 28 58.82 56.95 1.30
C GLY X 28 57.60 56.30 1.91
N ASN X 29 57.03 56.95 2.93
CA ASN X 29 55.79 56.49 3.54
C ASN X 29 54.71 56.27 2.49
N VAL X 30 54.50 57.32 1.68
CA VAL X 30 53.48 57.28 0.64
C VAL X 30 53.69 56.09 -0.33
N ALA X 31 54.94 55.97 -0.77
CA ALA X 31 55.33 54.93 -1.74
C ALA X 31 55.03 53.50 -1.25
N GLY X 32 55.36 53.26 0.03
CA GLY X 32 55.21 51.95 0.65
C GLY X 32 53.77 51.47 0.75
N ASN X 33 52.85 52.41 0.98
CA ASN X 33 51.42 52.08 0.97
C ASN X 33 50.96 51.55 -0.38
N TYR X 34 51.47 52.16 -1.45
CA TYR X 34 51.15 51.69 -2.81
C TYR X 34 51.50 50.20 -3.00
N LEU X 35 52.73 49.85 -2.62
CA LEU X 35 53.20 48.46 -2.76
C LEU X 35 52.31 47.47 -1.98
N ALA X 36 52.00 47.84 -0.74
CA ALA X 36 51.14 47.00 0.09
C ALA X 36 49.73 46.83 -0.52
N GLY X 37 49.22 47.93 -1.09
CA GLY X 37 47.91 47.93 -1.73
C GLY X 37 47.79 47.04 -2.96
N ALA X 38 48.85 47.03 -3.78
CA ALA X 38 48.94 46.13 -4.95
C ALA X 38 48.74 44.68 -4.56
N LEU X 39 49.37 44.27 -3.46
CA LEU X 39 49.24 42.91 -2.93
C LEU X 39 47.79 42.53 -2.69
N ARG X 40 47.07 43.37 -1.96
CA ARG X 40 45.67 43.10 -1.62
C ARG X 40 44.73 43.17 -2.83
N ASN X 41 44.90 44.19 -3.66
CA ASN X 41 43.99 44.42 -4.78
C ASN X 41 44.71 44.81 -6.07
N PRO X 42 45.33 43.82 -6.75
CA PRO X 42 45.87 44.02 -8.09
C PRO X 42 44.82 44.53 -9.08
N SER X 43 43.56 44.17 -8.83
CA SER X 43 42.42 44.64 -9.62
C SER X 43 42.20 46.15 -9.53
N ALA X 44 42.61 46.77 -8.42
CA ALA X 44 42.45 48.21 -8.22
C ALA X 44 43.70 49.03 -8.60
N ALA X 45 44.63 48.43 -9.34
CA ALA X 45 45.77 49.16 -9.90
C ALA X 45 45.39 50.44 -10.67
N ALA X 46 44.23 50.47 -11.32
CA ALA X 46 43.70 51.69 -11.97
C ALA X 46 43.64 52.87 -10.99
N SER X 47 43.02 52.62 -9.84
CA SER X 47 42.88 53.63 -8.79
C SER X 47 44.24 53.94 -8.18
N GLN X 48 44.99 52.89 -7.87
CA GLN X 48 46.34 53.01 -7.33
C GLN X 48 47.25 53.88 -8.20
N THR X 49 47.28 53.62 -9.50
CA THR X 49 48.15 54.36 -10.43
C THR X 49 47.81 55.85 -10.49
N ALA X 50 46.51 56.13 -10.59
CA ALA X 50 46.02 57.51 -10.59
C ALA X 50 46.43 58.27 -9.30
N THR X 51 46.25 57.58 -8.18
CA THR X 51 46.57 58.13 -6.87
C THR X 51 48.07 58.29 -6.66
N LEU X 52 48.86 57.41 -7.27
CA LEU X 52 50.32 57.48 -7.26
C LEU X 52 50.82 58.85 -7.69
N PHE X 53 50.31 59.33 -8.83
CA PHE X 53 50.70 60.64 -9.36
C PHE X 53 50.37 61.77 -8.39
N ILE X 54 49.09 61.80 -8.00
CA ILE X 54 48.57 62.88 -7.15
C ILE X 54 49.31 62.92 -5.82
N GLY X 55 49.35 61.77 -5.16
CA GLY X 55 49.95 61.65 -3.85
C GLY X 55 51.44 61.92 -3.88
N MET X 56 52.09 61.43 -4.93
CA MET X 56 53.55 61.58 -5.05
C MET X 56 53.91 63.05 -5.28
N ALA X 57 53.11 63.73 -6.09
CA ALA X 57 53.35 65.14 -6.41
C ALA X 57 53.40 66.00 -5.15
N PHE X 58 52.43 65.78 -4.27
CA PHE X 58 52.33 66.53 -3.01
C PHE X 58 53.56 66.31 -2.15
N ALA X 59 53.97 65.05 -2.02
CA ALA X 59 55.15 64.70 -1.25
C ALA X 59 56.44 65.32 -1.81
N GLU X 60 56.45 65.60 -3.10
CA GLU X 60 57.64 66.15 -3.75
C GLU X 60 57.81 67.66 -3.55
N ALA X 61 56.68 68.37 -3.62
CA ALA X 61 56.67 69.82 -3.83
C ALA X 61 57.52 70.63 -2.83
N LEU X 62 57.36 70.28 -1.57
CA LEU X 62 58.07 70.94 -0.47
C LEU X 62 59.58 70.68 -0.50
N GLY X 63 59.97 69.55 -1.09
CA GLY X 63 61.36 69.24 -1.36
C GLY X 63 61.91 70.17 -2.42
N ILE X 64 61.11 70.42 -3.47
CA ILE X 64 61.51 71.34 -4.53
C ILE X 64 61.67 72.78 -4.02
N PHE X 65 60.73 73.21 -3.18
CA PHE X 65 60.78 74.55 -2.61
C PHE X 65 62.04 74.77 -1.75
N SER X 66 62.46 73.71 -1.06
CA SER X 66 63.69 73.73 -0.27
C SER X 66 64.92 73.84 -1.17
N PHE X 67 64.91 73.15 -2.31
CA PHE X 67 65.99 73.26 -3.30
C PHE X 67 66.15 74.70 -3.79
N LEU X 68 65.02 75.34 -4.10
CA LEU X 68 65.03 76.75 -4.52
C LEU X 68 65.69 77.66 -3.45
N VAL X 69 65.31 77.44 -2.20
CA VAL X 69 65.87 78.18 -1.08
C VAL X 69 67.38 77.94 -0.94
N ALA X 70 67.80 76.68 -1.07
CA ALA X 70 69.23 76.32 -1.06
C ALA X 70 69.98 77.03 -2.19
N LEU X 71 69.39 77.05 -3.38
CA LEU X 71 70.01 77.71 -4.55
C LEU X 71 70.09 79.23 -4.36
N LEU X 72 69.09 79.80 -3.68
CA LEU X 72 69.12 81.22 -3.34
C LEU X 72 70.27 81.53 -2.39
N LEU X 73 70.38 80.76 -1.31
CA LEU X 73 71.47 80.93 -0.35
C LEU X 73 72.84 80.76 -0.99
N LEU X 74 72.94 79.84 -1.96
CA LEU X 74 74.20 79.56 -2.64
C LEU X 74 74.56 80.61 -3.70
N PHE X 75 73.59 81.02 -4.52
CA PHE X 75 73.81 81.97 -5.62
C PHE X 75 72.95 83.24 -5.51
N ALA X 76 72.87 83.78 -4.30
CA ALA X 76 72.23 85.08 -3.98
C ALA X 76 70.71 85.14 -4.19
N UNK Y 1 8.69 60.63 -17.22
CA UNK Y 1 9.19 59.22 -17.30
C UNK Y 1 8.62 58.36 -16.17
N UNK Y 2 8.94 58.76 -14.94
CA UNK Y 2 8.49 58.03 -13.74
C UNK Y 2 7.01 58.31 -13.44
N UNK Y 3 6.62 59.58 -13.50
CA UNK Y 3 5.23 59.99 -13.31
C UNK Y 3 4.33 59.53 -14.46
N UNK Y 4 4.87 59.57 -15.68
CA UNK Y 4 4.15 59.10 -16.88
C UNK Y 4 3.95 57.57 -16.88
N UNK Y 5 4.98 56.83 -16.51
CA UNK Y 5 4.92 55.37 -16.43
C UNK Y 5 4.04 54.85 -15.28
N UNK Y 6 4.11 55.51 -14.13
CA UNK Y 6 3.30 55.16 -12.96
C UNK Y 6 1.82 55.51 -13.15
N UNK Y 7 1.55 56.68 -13.71
CA UNK Y 7 0.18 57.12 -13.99
C UNK Y 7 -0.48 56.31 -15.12
N UNK Y 8 0.30 55.99 -16.15
CA UNK Y 8 -0.20 55.19 -17.29
C UNK Y 8 -0.42 53.72 -16.95
N UNK Y 9 0.47 53.15 -16.13
CA UNK Y 9 0.35 51.76 -15.67
C UNK Y 9 -0.77 51.58 -14.65
N UNK Y 10 -0.90 52.53 -13.71
CA UNK Y 10 -1.97 52.52 -12.71
C UNK Y 10 -3.35 52.76 -13.33
N UNK Y 11 -3.42 53.70 -14.27
CA UNK Y 11 -4.64 53.97 -15.04
C UNK Y 11 -5.02 52.80 -15.96
N UNK Y 12 -4.02 52.09 -16.46
CA UNK Y 12 -4.23 50.86 -17.24
C UNK Y 12 -4.79 49.72 -16.39
N UNK Y 13 -4.33 49.62 -15.14
CA UNK Y 13 -4.87 48.66 -14.17
C UNK Y 13 -6.32 48.97 -13.81
N UNK Y 14 -6.62 50.26 -13.62
CA UNK Y 14 -7.98 50.73 -13.39
C UNK Y 14 -8.92 50.47 -14.58
N UNK Y 15 -8.38 50.57 -15.80
CA UNK Y 15 -9.13 50.30 -17.03
C UNK Y 15 -9.44 48.81 -17.23
N UNK Y 16 -8.45 47.96 -16.94
CA UNK Y 16 -8.64 46.50 -17.00
C UNK Y 16 -9.64 46.01 -15.96
N UNK Y 17 -9.56 46.55 -14.76
CA UNK Y 17 -10.51 46.25 -13.68
C UNK Y 17 -11.92 46.76 -13.98
N UNK Y 18 -12.03 47.91 -14.66
CA UNK Y 18 -13.33 48.50 -15.04
C UNK Y 18 -14.03 47.72 -16.15
N UNK Y 19 -13.27 47.32 -17.17
CA UNK Y 19 -13.80 46.54 -18.29
C UNK Y 19 -14.17 45.12 -17.89
N UNK Y 20 -13.31 44.48 -17.10
CA UNK Y 20 -13.56 43.12 -16.60
C UNK Y 20 -14.71 43.05 -15.59
N UNK Y 21 -14.77 44.03 -14.68
CA UNK Y 21 -15.85 44.10 -13.67
C UNK Y 21 -17.20 44.48 -14.27
N UNK Y 22 -17.19 45.39 -15.25
CA UNK Y 22 -18.42 45.79 -15.95
C UNK Y 22 -18.97 44.67 -16.84
N UNK Y 23 -18.06 43.94 -17.51
CA UNK Y 23 -18.43 42.80 -18.36
C UNK Y 23 -18.97 41.62 -17.55
N UNK Y 24 -18.30 41.31 -16.43
CA UNK Y 24 -18.72 40.21 -15.54
C UNK Y 24 -20.02 40.52 -14.80
N UNK Y 25 -20.20 41.79 -14.41
CA UNK Y 25 -21.44 42.26 -13.77
C UNK Y 25 -22.61 42.26 -14.74
N UNK Y 26 -22.35 42.67 -15.98
CA UNK Y 26 -23.36 42.65 -17.04
C UNK Y 26 -23.79 41.22 -17.39
N UNK Y 27 -22.82 40.30 -17.46
CA UNK Y 27 -23.08 38.89 -17.78
C UNK Y 27 -23.87 38.18 -16.68
N UNK Y 28 -23.44 38.36 -15.42
CA UNK Y 28 -24.08 37.72 -14.27
C UNK Y 28 -25.48 38.27 -14.00
N UNK Y 29 -25.63 39.59 -14.08
CA UNK Y 29 -26.90 40.27 -13.84
C UNK Y 29 -27.94 40.00 -14.94
N UNK Y 30 -27.50 40.07 -16.20
CA UNK Y 30 -28.37 39.81 -17.34
C UNK Y 30 -28.78 38.33 -17.44
N UNK Y 31 -27.84 37.43 -17.19
CA UNK Y 31 -28.10 35.98 -17.23
C UNK Y 31 -29.03 35.53 -16.09
N UNK Y 32 -28.76 36.03 -14.89
CA UNK Y 32 -29.57 35.70 -13.70
C UNK Y 32 -30.99 36.29 -13.80
N UNK Y 33 -31.09 37.55 -14.19
CA UNK Y 33 -32.38 38.25 -14.32
C UNK Y 33 -33.25 37.68 -15.45
N UNK Y 34 -32.62 37.38 -16.59
CA UNK Y 34 -33.33 36.81 -17.74
C UNK Y 34 -33.79 35.38 -17.46
N UNK Y 35 -32.90 34.56 -16.92
CA UNK Y 35 -33.21 33.18 -16.55
C UNK Y 35 -34.33 33.10 -15.51
N UNK Y 36 -34.29 34.00 -14.53
CA UNK Y 36 -35.34 34.10 -13.51
C UNK Y 36 -36.69 34.56 -14.10
N UNK Y 37 -36.63 35.46 -15.07
CA UNK Y 37 -37.84 35.98 -15.73
C UNK Y 37 -38.56 34.92 -16.55
N UNK Y 38 -37.83 34.24 -17.42
CA UNK Y 38 -38.38 33.19 -18.28
C UNK Y 38 -38.80 31.94 -17.50
N UNK Y 39 -38.03 31.59 -16.46
CA UNK Y 39 -38.35 30.44 -15.60
C UNK Y 39 -39.58 30.70 -14.73
N UNK Y 40 -39.72 31.94 -14.23
CA UNK Y 40 -40.89 32.34 -13.43
C UNK Y 40 -42.16 32.43 -14.28
N UNK Y 41 -42.03 32.94 -15.52
CA UNK Y 41 -43.16 33.05 -16.45
C UNK Y 41 -43.64 31.68 -16.94
N UNK Y 42 -42.70 30.82 -17.30
CA UNK Y 42 -43.01 29.46 -17.76
C UNK Y 42 -43.56 28.56 -16.64
N UNK Y 43 -43.01 28.71 -15.43
CA UNK Y 43 -43.50 27.97 -14.26
C UNK Y 43 -44.87 28.44 -13.79
N UNK Y 44 -45.13 29.75 -13.90
CA UNK Y 44 -46.43 30.33 -13.55
C UNK Y 44 -47.52 29.91 -14.53
N UNK Y 45 -47.20 29.96 -15.82
CA UNK Y 45 -48.12 29.51 -16.88
C UNK Y 45 -48.38 28.00 -16.80
N UNK Y 46 -47.37 27.23 -16.44
CA UNK Y 46 -47.48 25.78 -16.30
C UNK Y 46 -48.33 25.37 -15.10
N UNK Y 47 -48.14 26.05 -13.98
CA UNK Y 47 -48.90 25.77 -12.74
C UNK Y 47 -50.36 26.22 -12.85
N UNK Y 48 -50.60 27.39 -13.45
CA UNK Y 48 -51.96 27.91 -13.67
C UNK Y 48 -52.74 27.08 -14.70
N UNK Y 49 -52.07 26.69 -15.78
CA UNK Y 49 -52.65 25.81 -16.80
C UNK Y 49 -52.92 24.40 -16.25
N UNK Y 50 -52.07 23.94 -15.34
CA UNK Y 50 -52.27 22.66 -14.64
C UNK Y 50 -53.45 22.71 -13.67
N UNK Y 51 -53.70 23.88 -13.09
CA UNK Y 51 -54.90 24.11 -12.26
C UNK Y 51 -56.17 24.11 -13.10
N UNK Y 52 -56.10 24.74 -14.28
CA UNK Y 52 -57.25 24.79 -15.21
C UNK Y 52 -57.60 23.42 -15.79
N UNK Y 53 -56.57 22.65 -16.14
CA UNK Y 53 -56.72 21.29 -16.66
C UNK Y 53 -57.15 20.28 -15.59
N UNK Y 54 -56.69 20.50 -14.35
CA UNK Y 54 -57.12 19.68 -13.21
C UNK Y 54 -58.58 19.93 -12.85
N UNK Y 55 -59.01 21.19 -12.94
CA UNK Y 55 -60.41 21.58 -12.69
C UNK Y 55 -61.35 21.06 -13.77
N UNK Y 56 -60.92 21.16 -15.04
CA UNK Y 56 -61.67 20.60 -16.17
C UNK Y 56 -61.75 19.07 -16.11
N UNK Y 57 -60.69 18.44 -15.59
CA UNK Y 57 -60.66 16.99 -15.35
C UNK Y 57 -61.59 16.57 -14.23
N UNK Y 58 -61.73 17.41 -13.20
CA UNK Y 58 -62.68 17.19 -12.11
C UNK Y 58 -64.14 17.33 -12.57
N UNK Y 59 -64.39 18.30 -13.46
CA UNK Y 59 -65.73 18.54 -14.02
C UNK Y 59 -66.15 17.41 -14.97
N UNK Y 60 -65.23 16.99 -15.84
CA UNK Y 60 -65.47 15.89 -16.77
C UNK Y 60 -65.59 14.54 -16.05
N UNK Y 61 -64.86 14.38 -14.96
CA UNK Y 61 -64.96 13.18 -14.10
C UNK Y 61 -66.27 13.13 -13.32
N UNK Y 62 -66.77 14.29 -12.91
CA UNK Y 62 -68.07 14.41 -12.23
C UNK Y 62 -69.24 14.13 -13.18
N UNK Y 63 -69.13 14.63 -14.42
CA UNK Y 63 -70.12 14.38 -15.47
C UNK Y 63 -70.12 12.93 -15.95
N UNK Y 64 -68.94 12.32 -16.01
CA UNK Y 64 -68.79 10.91 -16.40
C UNK Y 64 -69.29 9.95 -15.31
N UNK Y 65 -69.03 10.29 -14.05
CA UNK Y 65 -69.51 9.51 -12.90
C UNK Y 65 -71.02 9.62 -12.69
N UNK Y 66 -71.57 10.82 -12.96
CA UNK Y 66 -73.02 11.05 -12.86
C UNK Y 66 -73.80 10.39 -14.00
N UNK Y 67 -73.28 10.49 -15.22
CA UNK Y 67 -73.87 9.86 -16.41
C UNK Y 67 -73.80 8.33 -16.35
N UNK Y 68 -72.66 7.81 -15.89
CA UNK Y 68 -72.46 6.37 -15.68
C UNK Y 68 -73.30 5.82 -14.52
N UNK Y 69 -73.52 6.64 -13.49
CA UNK Y 69 -74.43 6.29 -12.39
C UNK Y 69 -75.90 6.26 -12.84
N UNK Y 70 -76.26 7.14 -13.77
CA UNK Y 70 -77.61 7.20 -14.34
C UNK Y 70 -77.90 5.99 -15.27
N UNK Y 71 -76.93 5.66 -16.12
CA UNK Y 71 -77.05 4.50 -17.02
C UNK Y 71 -77.00 3.16 -16.28
N UNK Y 72 -76.15 3.08 -15.24
CA UNK Y 72 -76.02 1.87 -14.40
C UNK Y 72 -77.25 1.64 -13.51
N UNK Y 73 -77.81 2.73 -12.97
CA UNK Y 73 -79.04 2.65 -12.17
C UNK Y 73 -80.27 2.33 -13.02
N UNK Y 74 -80.33 2.93 -14.22
CA UNK Y 74 -81.41 2.66 -15.18
C UNK Y 74 -81.37 1.22 -15.72
N UNK Y 75 -80.16 0.68 -15.90
CA UNK Y 75 -79.98 -0.72 -16.30
C UNK Y 75 -80.30 -1.70 -15.16
N UNK Y 76 -79.96 -1.31 -13.93
CA UNK Y 76 -80.26 -2.11 -12.73
C UNK Y 76 -81.76 -2.21 -12.47
N UNK Y 77 -82.50 -1.12 -12.71
CA UNK Y 77 -83.96 -1.13 -12.62
C UNK Y 77 -84.56 -1.95 -13.76
N UNK Y 78 -84.21 -1.58 -15.00
CA UNK Y 78 -84.68 -2.27 -16.20
C UNK Y 78 -83.81 -3.49 -16.50
N UNK Z 1 22.49 61.93 -20.84
CA UNK Z 1 21.72 62.24 -22.09
C UNK Z 1 21.15 60.97 -22.73
N UNK Z 2 22.05 60.02 -23.04
CA UNK Z 2 21.67 58.76 -23.69
C UNK Z 2 20.87 57.84 -22.77
N UNK Z 3 21.31 57.72 -21.52
CA UNK Z 3 20.63 56.89 -20.53
C UNK Z 3 19.27 57.47 -20.10
N UNK Z 4 19.22 58.78 -19.89
CA UNK Z 4 17.99 59.47 -19.48
C UNK Z 4 16.94 59.47 -20.59
N UNK Z 5 17.37 59.74 -21.83
CA UNK Z 5 16.48 59.74 -22.99
C UNK Z 5 15.98 58.34 -23.35
N UNK Z 6 16.87 57.34 -23.30
CA UNK Z 6 16.52 55.95 -23.61
C UNK Z 6 15.60 55.32 -22.57
N UNK Z 7 15.86 55.60 -21.29
CA UNK Z 7 15.03 55.09 -20.18
C UNK Z 7 13.66 55.76 -20.12
N UNK Z 8 13.63 57.08 -20.28
CA UNK Z 8 12.39 57.86 -20.29
C UNK Z 8 11.48 57.49 -21.47
N UNK Z 9 12.10 57.36 -22.65
CA UNK Z 9 11.38 56.96 -23.88
C UNK Z 9 10.87 55.53 -23.83
N UNK Z 10 11.68 54.60 -23.30
CA UNK Z 10 11.30 53.19 -23.18
C UNK Z 10 10.16 52.97 -22.17
N UNK Z 11 10.25 53.60 -21.01
CA UNK Z 11 9.23 53.50 -19.97
C UNK Z 11 7.91 54.18 -20.36
N UNK Z 12 8.01 55.40 -20.90
CA UNK Z 12 6.83 56.17 -21.32
C UNK Z 12 6.10 55.53 -22.51
N UNK Z 13 6.86 55.04 -23.49
CA UNK Z 13 6.29 54.39 -24.68
C UNK Z 13 5.69 53.02 -24.36
N UNK Z 14 6.35 52.26 -23.49
CA UNK Z 14 5.85 50.95 -23.06
C UNK Z 14 4.55 51.07 -22.25
N UNK Z 15 4.54 52.01 -21.30
CA UNK Z 15 3.37 52.23 -20.43
C UNK Z 15 2.18 52.82 -21.18
N UNK Z 16 2.43 53.80 -22.05
CA UNK Z 16 1.40 54.42 -22.87
C UNK Z 16 0.82 53.46 -23.92
N UNK Z 17 1.67 52.61 -24.50
CA UNK Z 17 1.24 51.60 -25.48
C UNK Z 17 0.42 50.47 -24.84
N UNK Z 18 0.84 50.03 -23.66
CA UNK Z 18 0.08 49.00 -22.90
C UNK Z 18 -1.27 49.53 -22.43
N UNK Z 19 -1.30 50.78 -21.96
CA UNK Z 19 -2.56 51.44 -21.57
C UNK Z 19 -3.50 51.69 -22.77
N UNK Z 20 -2.92 51.92 -23.95
CA UNK Z 20 -3.69 52.08 -25.18
C UNK Z 20 -4.32 50.76 -25.64
N UNK Z 21 -3.56 49.68 -25.59
CA UNK Z 21 -4.05 48.34 -25.93
C UNK Z 21 -5.14 47.86 -24.96
N UNK Z 22 -4.97 48.17 -23.67
CA UNK Z 22 -5.96 47.87 -22.64
C UNK Z 22 -7.24 48.72 -22.75
N UNK Z 23 -7.09 49.95 -23.24
CA UNK Z 23 -8.24 50.84 -23.51
C UNK Z 23 -9.06 50.36 -24.70
N UNK Z 24 -8.38 49.95 -25.77
CA UNK Z 24 -9.03 49.34 -26.95
C UNK Z 24 -9.72 48.03 -26.60
N UNK Z 25 -9.09 47.24 -25.73
CA UNK Z 25 -9.68 46.01 -25.19
C UNK Z 25 -10.90 46.27 -24.29
N UNK Z 26 -10.91 47.42 -23.62
CA UNK Z 26 -12.07 47.87 -22.82
C UNK Z 26 -13.27 48.28 -23.69
N UNK Z 27 -12.99 48.96 -24.81
CA UNK Z 27 -14.05 49.34 -25.77
C UNK Z 27 -14.66 48.12 -26.47
N UNK Z 28 -13.78 47.24 -26.96
CA UNK Z 28 -14.20 45.98 -27.60
C UNK Z 28 -14.94 45.04 -26.65
N UNK Z 29 -14.50 45.00 -25.39
CA UNK Z 29 -15.17 44.21 -24.35
C UNK Z 29 -16.51 44.82 -23.91
N UNK Z 30 -16.66 46.13 -24.04
CA UNK Z 30 -17.96 46.80 -23.82
C UNK Z 30 -18.97 46.42 -24.91
N UNK Z 31 -18.52 46.46 -26.16
CA UNK Z 31 -19.35 46.05 -27.30
C UNK Z 31 -19.76 44.58 -27.21
N UNK Z 32 -18.79 43.71 -26.94
CA UNK Z 32 -19.02 42.27 -26.80
C UNK Z 32 -19.84 41.89 -25.57
N UNK Z 33 -19.78 42.71 -24.51
CA UNK Z 33 -20.57 42.49 -23.29
C UNK Z 33 -22.03 42.86 -23.50
N UNK Z 34 -22.27 44.01 -24.13
CA UNK Z 34 -23.64 44.44 -24.49
C UNK Z 34 -24.31 43.46 -25.47
N UNK Z 35 -23.54 43.01 -26.45
CA UNK Z 35 -24.02 42.05 -27.45
C UNK Z 35 -24.29 40.66 -26.86
N UNK Z 36 -23.41 40.19 -25.98
CA UNK Z 36 -23.56 38.88 -25.33
C UNK Z 36 -24.75 38.85 -24.37
N UNK Z 37 -24.90 39.90 -23.57
CA UNK Z 37 -26.00 40.01 -22.61
C UNK Z 37 -27.36 40.15 -23.30
N UNK Z 38 -27.44 41.07 -24.27
CA UNK Z 38 -28.68 41.34 -25.00
C UNK Z 38 -29.14 40.15 -25.86
N UNK Z 39 -28.20 39.58 -26.62
CA UNK Z 39 -28.49 38.44 -27.50
C UNK Z 39 -28.82 37.16 -26.72
N UNK Z 40 -28.10 36.91 -25.63
CA UNK Z 40 -28.37 35.76 -24.76
C UNK Z 40 -29.75 35.87 -24.11
N UNK Z 41 -30.07 37.05 -23.57
CA UNK Z 41 -31.37 37.30 -22.94
C UNK Z 41 -32.52 37.10 -23.92
N UNK Z 42 -32.48 37.83 -25.02
CA UNK Z 42 -33.54 37.81 -26.02
C UNK Z 42 -33.74 36.43 -26.65
N UNK Z 43 -32.64 35.83 -27.12
CA UNK Z 43 -32.69 34.54 -27.82
C UNK Z 43 -33.09 33.38 -26.91
N UNK Z 44 -32.49 33.30 -25.73
CA UNK Z 44 -32.78 32.22 -24.78
C UNK Z 44 -34.21 32.31 -24.23
N UNK Z 45 -34.63 33.52 -23.85
CA UNK Z 45 -35.97 33.75 -23.30
C UNK Z 45 -37.07 33.48 -24.33
N UNK Z 46 -36.87 33.99 -25.55
CA UNK Z 46 -37.84 33.83 -26.64
C UNK Z 46 -37.97 32.38 -27.10
N UNK Z 47 -36.83 31.73 -27.32
CA UNK Z 47 -36.79 30.35 -27.80
C UNK Z 47 -37.34 29.36 -26.77
N UNK Z 48 -36.89 29.50 -25.53
CA UNK Z 48 -37.37 28.67 -24.42
C UNK Z 48 -38.86 28.89 -24.11
N UNK Z 49 -39.33 30.13 -24.31
CA UNK Z 49 -40.74 30.47 -24.11
C UNK Z 49 -41.65 29.86 -25.17
N UNK Z 50 -41.21 29.89 -26.44
CA UNK Z 50 -41.97 29.29 -27.55
C UNK Z 50 -42.02 27.77 -27.43
N UNK Z 51 -40.86 27.16 -27.14
CA UNK Z 51 -40.75 25.70 -26.97
C UNK Z 51 -41.56 25.19 -25.79
N UNK Z 52 -41.50 25.91 -24.68
CA UNK Z 52 -42.27 25.59 -23.48
C UNK Z 52 -43.77 25.79 -23.67
N UNK Z 53 -44.16 26.78 -24.49
CA UNK Z 53 -45.56 27.03 -24.82
C UNK Z 53 -46.14 25.88 -25.66
N UNK Z 54 -45.40 25.46 -26.66
CA UNK Z 54 -45.76 24.30 -27.49
C UNK Z 54 -45.83 23.00 -26.67
N UNK Z 55 -44.91 22.87 -25.70
CA UNK Z 55 -44.91 21.73 -24.77
C UNK Z 55 -46.14 21.71 -23.87
N UNK Z 56 -46.59 22.90 -23.45
CA UNK Z 56 -47.80 23.05 -22.63
C UNK Z 56 -49.06 22.68 -23.41
N UNK Z 57 -49.12 23.11 -24.68
CA UNK Z 57 -50.25 22.79 -25.56
C UNK Z 57 -50.34 21.29 -25.87
N UNK Z 58 -49.22 20.69 -26.26
CA UNK Z 58 -49.17 19.26 -26.60
C UNK Z 58 -49.40 18.35 -25.40
N UNK Z 59 -48.79 18.70 -24.26
CA UNK Z 59 -48.90 17.90 -23.04
C UNK Z 59 -50.30 17.99 -22.41
N UNK Z 60 -50.86 19.20 -22.38
CA UNK Z 60 -52.23 19.40 -21.86
C UNK Z 60 -53.29 18.76 -22.76
N UNK Z 61 -53.07 18.81 -24.07
CA UNK Z 61 -53.94 18.12 -25.04
C UNK Z 61 -53.88 16.59 -24.89
N UNK Z 62 -52.69 16.07 -24.60
CA UNK Z 62 -52.50 14.64 -24.34
C UNK Z 62 -53.18 14.18 -23.05
N UNK Z 63 -53.09 15.01 -22.01
CA UNK Z 63 -53.72 14.73 -20.71
C UNK Z 63 -55.24 14.78 -20.79
N UNK Z 64 -55.78 15.74 -21.55
CA UNK Z 64 -57.22 15.85 -21.78
C UNK Z 64 -57.76 14.70 -22.64
N UNK Z 65 -57.00 14.28 -23.64
CA UNK Z 65 -57.37 13.17 -24.51
C UNK Z 65 -57.40 11.83 -23.76
N UNK Z 66 -56.37 11.58 -22.96
CA UNK Z 66 -56.30 10.39 -22.11
C UNK Z 66 -57.34 10.39 -20.98
N UNK Z 67 -57.69 11.58 -20.50
CA UNK Z 67 -58.77 11.73 -19.49
C UNK Z 67 -60.15 11.42 -20.09
N UNK Z 68 -60.38 11.86 -21.31
CA UNK Z 68 -61.63 11.57 -22.04
C UNK Z 68 -61.76 10.09 -22.39
N UNK Z 69 -60.64 9.47 -22.79
CA UNK Z 69 -60.60 8.02 -23.06
C UNK Z 69 -60.79 7.18 -21.79
N UNK Z 70 -60.29 7.67 -20.66
CA UNK Z 70 -60.45 6.99 -19.36
C UNK Z 70 -61.89 7.09 -18.83
N UNK Z 71 -62.52 8.24 -19.05
CA UNK Z 71 -63.93 8.46 -18.67
C UNK Z 71 -64.88 7.63 -19.54
N UNK Z 72 -64.61 7.60 -20.84
CA UNK Z 72 -65.35 6.74 -21.79
C UNK Z 72 -65.18 5.26 -21.47
N UNK Z 73 -63.98 4.89 -21.01
CA UNK Z 73 -63.69 3.51 -20.57
C UNK Z 73 -64.43 3.15 -19.28
N UNK Z 74 -64.61 4.12 -18.38
CA UNK Z 74 -65.39 3.93 -17.15
C UNK Z 74 -66.88 3.73 -17.44
N UNK Z 75 -67.43 4.56 -18.33
CA UNK Z 75 -68.84 4.46 -18.74
C UNK Z 75 -69.14 3.15 -19.48
N UNK Z 76 -68.28 2.80 -20.43
CA UNK Z 76 -68.39 1.55 -21.19
C UNK Z 76 -68.14 0.31 -20.30
N UNK Z 77 -67.37 0.46 -19.24
CA UNK Z 77 -67.16 -0.60 -18.24
C UNK Z 77 -68.39 -0.80 -17.36
N UNK Z 78 -69.11 0.27 -17.05
CA UNK Z 78 -70.38 0.20 -16.32
C UNK Z 78 -71.47 -0.47 -17.16
N UNK Z 79 -71.58 -0.05 -18.42
CA UNK Z 79 -72.51 -0.64 -19.39
C UNK Z 79 -72.17 -2.11 -19.69
N UNK Z 80 -70.88 -2.45 -19.64
CA UNK Z 80 -70.41 -3.84 -19.79
C UNK Z 80 -70.69 -4.69 -18.55
N UNK Z 81 -70.69 -4.08 -17.37
CA UNK Z 81 -71.06 -4.77 -16.13
C UNK Z 81 -72.55 -5.11 -16.12
N UNK Z 82 -73.38 -4.13 -16.48
CA UNK Z 82 -74.84 -4.34 -16.58
C UNK Z 82 -75.22 -5.34 -17.67
N UNK Z 83 -74.56 -5.23 -18.83
CA UNK Z 83 -74.80 -6.12 -19.97
C UNK Z 83 -74.32 -7.55 -19.73
N UNK Z 84 -73.22 -7.71 -18.98
CA UNK Z 84 -72.66 -9.03 -18.65
C UNK Z 84 -73.49 -9.74 -17.57
N UNK Z 85 -73.94 -8.98 -16.56
CA UNK Z 85 -74.81 -9.52 -15.51
C UNK Z 85 -76.18 -9.94 -16.07
N UNK Z 86 -76.77 -9.06 -16.88
CA UNK Z 86 -78.06 -9.33 -17.53
C UNK Z 86 -77.99 -10.49 -18.54
N UNK Z 87 -76.89 -10.56 -19.29
CA UNK Z 87 -76.67 -11.66 -20.24
C UNK Z 87 -76.44 -13.00 -19.52
N UNK Z 88 -75.83 -12.96 -18.34
CA UNK Z 88 -75.58 -14.16 -17.54
C UNK Z 88 -76.88 -14.72 -16.96
N UNK Z 89 -77.65 -13.86 -16.29
CA UNK Z 89 -78.94 -14.23 -15.70
C UNK Z 89 -79.96 -14.69 -16.75
N UNK Z 90 -79.99 -13.98 -17.88
CA UNK Z 90 -80.89 -14.30 -19.00
C UNK Z 90 -80.52 -15.59 -19.73
N UNK Z 91 -79.21 -15.84 -19.89
CA UNK Z 91 -78.73 -17.07 -20.55
C UNK Z 91 -79.00 -18.31 -19.70
N UNK Z 92 -78.69 -18.23 -18.41
CA UNK Z 92 -78.90 -19.34 -17.48
C UNK Z 92 -80.39 -19.65 -17.27
N UNK Z 93 -81.19 -18.59 -17.06
CA UNK Z 93 -82.64 -18.72 -16.85
C UNK Z 93 -83.39 -19.22 -18.09
N UNK Z 94 -83.00 -18.71 -19.27
CA UNK Z 94 -83.59 -19.15 -20.54
C UNK Z 94 -83.18 -20.58 -20.92
N UNK Z 95 -81.96 -20.97 -20.54
CA UNK Z 95 -81.48 -22.34 -20.77
C UNK Z 95 -82.23 -23.36 -19.90
N UNK Z 96 -82.39 -23.03 -18.61
CA UNK Z 96 -83.13 -23.89 -17.68
C UNK Z 96 -84.62 -23.99 -18.03
N UNK Z 97 -85.23 -22.86 -18.41
CA UNK Z 97 -86.66 -22.79 -18.75
C UNK Z 97 -86.98 -23.50 -20.07
N UNK Z 98 -86.16 -23.27 -21.08
CA UNK Z 98 -86.34 -23.89 -22.40
C UNK Z 98 -86.07 -25.40 -22.38
N UNK Z 99 -84.98 -25.79 -21.72
CA UNK Z 99 -84.61 -27.21 -21.59
C UNK Z 99 -85.62 -28.01 -20.75
N UNK Z 100 -86.07 -27.43 -19.64
CA UNK Z 100 -87.06 -28.08 -18.76
C UNK Z 100 -88.46 -28.16 -19.39
N UNK Z 101 -88.85 -27.11 -20.12
CA UNK Z 101 -90.17 -27.05 -20.77
C UNK Z 101 -90.27 -27.98 -21.97
N UNK Z 102 -89.44 -27.72 -22.99
CA UNK Z 102 -89.44 -28.52 -24.22
C UNK Z 102 -88.47 -29.69 -24.10
N UNK Z 103 -88.86 -30.68 -23.29
CA UNK Z 103 -88.00 -31.81 -22.93
C UNK Z 103 -88.42 -33.11 -23.62
N UNK Z 104 -89.65 -33.54 -23.35
CA UNK Z 104 -90.13 -34.86 -23.77
C UNK Z 104 -90.57 -34.90 -25.26
N UNK Z 105 -91.06 -36.07 -25.67
CA UNK Z 105 -91.71 -36.30 -26.98
C UNK Z 105 -90.76 -36.65 -28.12
N UNK Z 106 -91.32 -37.31 -29.13
CA UNK Z 106 -90.58 -37.82 -30.28
C UNK Z 106 -90.19 -36.73 -31.29
N UNK Z 107 -90.71 -35.51 -31.14
CA UNK Z 107 -90.24 -34.36 -31.92
C UNK Z 107 -88.80 -34.03 -31.53
N UNK Z 108 -88.58 -33.82 -30.23
CA UNK Z 108 -87.26 -33.54 -29.69
C UNK Z 108 -86.33 -34.76 -29.74
N UNK Z 109 -86.88 -35.95 -29.50
CA UNK Z 109 -86.07 -37.19 -29.52
C UNK Z 109 -85.58 -37.56 -30.94
N UNK Z 110 -86.50 -37.57 -31.90
CA UNK Z 110 -86.17 -37.88 -33.30
C UNK Z 110 -85.36 -36.77 -33.98
N UNK Z 111 -85.58 -35.51 -33.58
CA UNK Z 111 -84.75 -34.40 -34.04
C UNK Z 111 -83.32 -34.49 -33.49
N UNK Z 112 -83.18 -34.96 -32.26
CA UNK Z 112 -81.86 -35.16 -31.64
C UNK Z 112 -81.09 -36.30 -32.31
N UNK Z 113 -81.76 -37.43 -32.53
CA UNK Z 113 -81.15 -38.59 -33.21
C UNK Z 113 -80.77 -38.30 -34.67
N UNK Z 114 -81.65 -37.57 -35.37
CA UNK Z 114 -81.43 -37.22 -36.77
C UNK Z 114 -80.31 -36.19 -36.96
N UNK Z 115 -80.30 -35.16 -36.11
CA UNK Z 115 -79.27 -34.12 -36.12
C UNK Z 115 -77.90 -34.65 -35.73
N UNK Z 116 -77.86 -35.52 -34.72
CA UNK Z 116 -76.61 -36.16 -34.28
C UNK Z 116 -76.05 -37.17 -35.29
N UNK Z 117 -76.95 -37.91 -35.95
CA UNK Z 117 -76.56 -38.89 -36.99
C UNK Z 117 -76.02 -38.21 -38.24
N UNK Z 118 -76.73 -37.19 -38.72
CA UNK Z 118 -76.33 -36.42 -39.90
C UNK Z 118 -75.05 -35.60 -39.68
N UNK Z 119 -74.92 -35.03 -38.47
CA UNK Z 119 -73.73 -34.26 -38.09
C UNK Z 119 -72.49 -35.15 -37.92
N UNK Z 120 -72.69 -36.34 -37.34
CA UNK Z 120 -71.60 -37.32 -37.18
C UNK Z 120 -71.13 -37.88 -38.52
N UNK Z 121 -72.07 -38.14 -39.43
CA UNK Z 121 -71.75 -38.58 -40.79
C UNK Z 121 -71.03 -37.52 -41.61
N UNK Z 122 -71.45 -36.26 -41.45
CA UNK Z 122 -70.90 -35.13 -42.19
C UNK Z 122 -69.48 -34.77 -41.74
N UNK Z 123 -69.34 -34.48 -40.45
CA UNK Z 123 -68.07 -34.00 -39.89
C UNK Z 123 -67.01 -35.10 -39.78
N UNK Z 124 -67.22 -36.05 -38.86
CA UNK Z 124 -66.25 -37.12 -38.60
C UNK Z 124 -66.87 -38.27 -37.81
N UNK AA 1 21.89 79.52 1.44
CA UNK AA 1 22.21 78.26 0.81
C UNK AA 1 22.65 78.48 -0.64
N UNK AA 2 21.76 79.09 -1.43
CA UNK AA 2 22.01 79.36 -2.84
C UNK AA 2 23.04 80.47 -3.06
N UNK AA 3 22.99 81.51 -2.23
CA UNK AA 3 23.95 82.62 -2.28
C UNK AA 3 25.37 82.19 -1.89
N UNK AA 4 25.47 81.22 -0.98
CA UNK AA 4 26.75 80.63 -0.61
C UNK AA 4 27.43 79.90 -1.78
N UNK AA 5 26.62 79.25 -2.62
CA UNK AA 5 27.10 78.61 -3.84
C UNK AA 5 27.62 79.62 -4.88
N UNK AA 6 26.96 80.78 -4.95
CA UNK AA 6 27.41 81.90 -5.78
C UNK AA 6 28.72 82.50 -5.26
N UNK AA 7 28.86 82.57 -3.94
CA UNK AA 7 30.10 82.99 -3.30
C UNK AA 7 31.23 81.97 -3.51
N UNK AA 8 30.90 80.69 -3.40
CA UNK AA 8 31.86 79.60 -3.63
C UNK AA 8 32.29 79.50 -5.10
N UNK AA 9 31.34 79.68 -6.03
CA UNK AA 9 31.63 79.70 -7.46
C UNK AA 9 32.49 80.90 -7.87
N UNK AA 10 32.37 82.00 -7.14
CA UNK AA 10 33.19 83.20 -7.37
C UNK AA 10 34.65 82.99 -6.92
N UNK AA 11 34.81 82.49 -5.69
CA UNK AA 11 36.14 82.23 -5.12
C UNK AA 11 36.87 81.09 -5.85
N UNK AA 12 36.13 80.06 -6.24
CA UNK AA 12 36.68 78.94 -7.02
C UNK AA 12 37.11 79.37 -8.43
N UNK AA 13 36.36 80.29 -9.04
CA UNK AA 13 36.71 80.86 -10.35
C UNK AA 13 38.02 81.67 -10.29
N UNK AA 14 38.23 82.37 -9.18
CA UNK AA 14 39.48 83.09 -8.94
C UNK AA 14 40.65 82.14 -8.70
N UNK AA 15 40.40 81.09 -7.90
CA UNK AA 15 41.42 80.09 -7.56
C UNK AA 15 41.80 79.20 -8.76
N UNK AA 16 40.79 78.78 -9.53
CA UNK AA 16 41.01 77.95 -10.72
C UNK AA 16 41.80 78.69 -11.81
N UNK AA 17 41.54 79.99 -11.95
CA UNK AA 17 42.32 80.83 -12.87
C UNK AA 17 43.75 81.01 -12.36
N UNK AA 18 43.89 81.72 -11.23
CA UNK AA 18 45.19 81.99 -10.59
C UNK AA 18 46.25 82.60 -11.51
N UNK AA 19 46.88 81.76 -12.35
CA UNK AA 19 47.91 82.16 -13.33
C UNK AA 19 49.15 82.83 -12.71
N UNK AA 20 49.01 84.09 -12.28
CA UNK AA 20 50.10 84.85 -11.66
C UNK AA 20 49.75 85.21 -10.20
N UNK AA 21 49.26 84.22 -9.46
CA UNK AA 21 48.94 84.34 -8.02
C UNK AA 21 47.78 85.30 -7.69
N UNK AA 22 47.42 85.36 -6.41
CA UNK AA 22 46.40 86.29 -5.91
C UNK AA 22 46.55 86.46 -4.40
N UNK AA 23 47.67 87.06 -3.99
CA UNK AA 23 48.03 87.19 -2.57
C UNK AA 23 47.17 88.20 -1.82
N UNK AA 24 47.00 89.38 -2.41
CA UNK AA 24 46.18 90.45 -1.81
C UNK AA 24 44.68 90.12 -1.81
N UNK AA 25 44.21 89.39 -2.81
CA UNK AA 25 42.80 89.02 -2.95
C UNK AA 25 42.29 88.03 -1.89
N UNK AA 26 43.20 87.22 -1.34
CA UNK AA 26 42.85 86.23 -0.30
C UNK AA 26 42.41 86.84 1.03
N UNK AA 27 43.00 87.98 1.39
CA UNK AA 27 42.63 88.71 2.61
C UNK AA 27 41.20 89.25 2.56
N UNK AA 28 40.76 89.68 1.38
CA UNK AA 28 39.39 90.17 1.16
C UNK AA 28 38.35 89.04 1.25
N UNK AA 29 38.69 87.87 0.71
CA UNK AA 29 37.83 86.68 0.80
C UNK AA 29 37.69 86.15 2.23
N UNK AA 30 38.71 86.37 3.06
CA UNK AA 30 38.67 86.01 4.49
C UNK AA 30 37.65 86.84 5.27
N UNK AA 31 37.66 88.15 5.03
CA UNK AA 31 36.69 89.07 5.64
C UNK AA 31 35.26 88.80 5.15
N UNK AA 32 35.13 88.49 3.85
CA UNK AA 32 33.84 88.09 3.28
C UNK AA 32 33.34 86.75 3.84
N UNK AA 33 34.26 85.82 4.07
CA UNK AA 33 33.95 84.53 4.68
C UNK AA 33 33.56 84.63 6.15
N UNK AA 34 34.24 85.52 6.89
CA UNK AA 34 33.95 85.77 8.30
C UNK AA 34 32.56 86.39 8.49
N UNK AA 35 32.27 87.42 7.70
CA UNK AA 35 30.94 88.05 7.68
C UNK AA 35 29.94 87.17 6.92
N VAL AA 201 39.62 83.85 19.39
CA VAL AA 201 40.78 83.02 18.98
C VAL AA 201 40.51 82.26 17.69
N ILE AA 202 39.46 81.44 17.70
CA ILE AA 202 39.06 80.66 16.51
C ILE AA 202 38.44 81.55 15.43
N GLU AA 203 37.64 82.53 15.84
CA GLU AA 203 36.96 83.44 14.90
C GLU AA 203 37.94 84.42 14.25
N LEU AA 204 38.75 85.09 15.07
CA LEU AA 204 39.63 86.16 14.61
C LEU AA 204 40.87 85.64 13.86
N ILE AA 205 41.62 84.75 14.50
CA ILE AA 205 42.92 84.29 13.99
C ILE AA 205 42.83 83.27 12.86
N SER AA 206 41.95 82.28 13.02
CA SER AA 206 41.85 81.16 12.07
C SER AA 206 41.22 81.54 10.72
N TYR AA 207 40.22 82.43 10.75
CA TYR AA 207 39.51 82.86 9.53
C TYR AA 207 40.42 83.51 8.48
N PHE AA 208 41.39 84.31 8.94
CA PHE AA 208 42.38 84.92 8.05
C PHE AA 208 43.42 83.92 7.55
N VAL AA 209 43.81 82.98 8.41
CA VAL AA 209 44.84 81.99 8.10
C VAL AA 209 44.45 81.02 6.99
N ARG AA 210 43.19 80.60 6.98
CA ARG AA 210 42.69 79.60 6.01
C ARG AA 210 42.75 80.10 4.57
N PRO AA 211 42.28 81.34 4.32
CA PRO AA 211 42.29 82.01 3.03
C PRO AA 211 43.70 82.40 2.58
N VAL AA 212 44.51 82.92 3.50
CA VAL AA 212 45.90 83.30 3.22
C VAL AA 212 46.80 82.12 2.83
N SER AA 213 46.47 80.92 3.31
CA SER AA 213 47.20 79.70 2.95
C SER AA 213 47.05 79.31 1.48
N HIS AA 214 45.84 79.51 0.94
CA HIS AA 214 45.56 79.25 -0.48
C HIS AA 214 46.34 80.19 -1.41
N SER AA 215 46.36 81.47 -1.06
CA SER AA 215 47.16 82.47 -1.79
C SER AA 215 48.67 82.29 -1.59
N ILE AA 216 49.05 81.74 -0.43
CA ILE AA 216 50.44 81.32 -0.19
C ILE AA 216 50.85 80.18 -1.12
N ARG AA 217 49.92 79.26 -1.37
CA ARG AA 217 50.10 78.19 -2.36
C ARG AA 217 50.18 78.74 -3.80
N LEU AA 218 49.34 79.73 -4.11
CA LEU AA 218 49.38 80.42 -5.40
C LEU AA 218 50.65 81.23 -5.62
N ALA AA 219 51.20 81.79 -4.54
CA ALA AA 219 52.49 82.50 -4.58
C ALA AA 219 53.67 81.54 -4.81
N GLY AA 220 53.56 80.30 -4.31
CA GLY AA 220 54.56 79.26 -4.53
C GLY AA 220 54.74 78.81 -5.98
N ASN AA 221 53.70 78.97 -6.79
CA ASN AA 221 53.76 78.66 -8.24
C ASN AA 221 54.69 79.60 -9.00
N ILE AA 222 54.64 80.89 -8.68
CA ILE AA 222 55.57 81.88 -9.22
C ILE AA 222 57.00 81.68 -8.72
N MET AA 223 57.14 81.21 -7.48
CA MET AA 223 58.44 80.86 -6.90
C MET AA 223 59.09 79.66 -7.58
N ALA AA 224 58.28 78.64 -7.90
CA ALA AA 224 58.76 77.45 -8.59
C ALA AA 224 59.13 77.73 -10.05
N GLY AA 225 58.30 78.49 -10.74
CA GLY AA 225 58.51 78.82 -12.15
C GLY AA 225 59.67 79.77 -12.41
N HIS AA 226 59.73 80.85 -11.63
CA HIS AA 226 60.75 81.90 -11.81
C HIS AA 226 62.16 81.44 -11.38
N ALA AA 227 62.25 80.80 -10.22
CA ALA AA 227 63.54 80.35 -9.66
C ALA AA 227 64.16 79.19 -10.44
N VAL AA 228 63.33 78.30 -10.98
CA VAL AA 228 63.79 77.20 -11.83
C VAL AA 228 64.35 77.69 -13.17
N ILE AA 229 63.81 78.79 -13.69
CA ILE AA 229 64.31 79.43 -14.91
C ILE AA 229 65.72 80.04 -14.75
N LYS AA 230 66.04 80.47 -13.53
CA LYS AA 230 67.38 80.99 -13.20
C LYS AA 230 68.48 79.92 -13.23
N VAL AA 231 68.11 78.65 -13.00
CA VAL AA 231 69.07 77.54 -12.98
C VAL AA 231 69.64 77.21 -14.37
N PHE AA 232 68.78 77.20 -15.39
CA PHE AA 232 69.20 76.88 -16.76
C PHE AA 232 69.93 78.04 -17.42
N ALA AA 233 69.22 79.16 -17.60
CA ALA AA 233 69.78 80.35 -18.24
C ALA AA 233 70.65 81.14 -17.27
N MET AA 252 56.51 69.52 -13.75
CA MET AA 252 56.57 70.80 -13.06
C MET AA 252 55.21 71.48 -13.05
N TYR AA 253 54.64 71.66 -14.24
CA TYR AA 253 53.34 72.30 -14.42
C TYR AA 253 52.15 71.42 -13.99
N GLY AA 254 52.32 70.09 -14.10
CA GLY AA 254 51.29 69.13 -13.70
C GLY AA 254 50.93 69.16 -12.23
N LEU AA 255 51.96 69.28 -11.38
CA LEU AA 255 51.78 69.45 -9.93
C LEU AA 255 51.21 70.83 -9.58
N GLU AA 256 51.60 71.85 -10.34
CA GLU AA 256 51.09 73.21 -10.17
C GLU AA 256 49.63 73.36 -10.58
N VAL AA 257 49.25 72.76 -11.72
CA VAL AA 257 47.89 72.87 -12.26
C VAL AA 257 46.86 72.12 -11.42
N LEU AA 258 47.20 70.89 -11.01
CA LEU AA 258 46.32 70.05 -10.18
C LEU AA 258 46.12 70.60 -8.76
N VAL AA 259 47.17 71.22 -8.22
CA VAL AA 259 47.11 71.86 -6.89
C VAL AA 259 46.19 73.10 -6.86
N CYS AA 260 46.01 73.74 -8.02
CA CYS AA 260 45.06 74.85 -8.15
C CYS AA 260 43.61 74.41 -7.92
N LEU AA 261 43.29 73.20 -8.38
CA LEU AA 261 41.97 72.58 -8.15
C LEU AA 261 41.77 72.15 -6.70
N ILE AA 262 42.83 71.66 -6.06
CA ILE AA 262 42.79 71.24 -4.65
C ILE AA 262 42.59 72.41 -3.68
N GLN AA 263 43.19 73.56 -3.98
CA GLN AA 263 43.07 74.76 -3.15
C GLN AA 263 41.66 75.39 -3.21
N ALA AA 264 41.05 75.36 -4.39
CA ALA AA 264 39.68 75.87 -4.58
C ALA AA 264 38.61 75.08 -3.83
N TYR AA 265 38.86 73.78 -3.63
CA TYR AA 265 37.94 72.90 -2.90
C TYR AA 265 37.87 73.22 -1.40
N VAL AA 266 39.03 73.53 -0.80
CA VAL AA 266 39.12 73.85 0.63
C VAL AA 266 38.39 75.14 1.02
N PHE AA 267 38.35 76.11 0.10
CA PHE AA 267 37.59 77.36 0.29
C PHE AA 267 36.08 77.11 0.36
N THR AA 268 35.59 76.23 -0.50
CA THR AA 268 34.19 75.77 -0.46
C THR AA 268 33.91 74.97 0.81
N ILE AA 269 34.86 74.11 1.20
CA ILE AA 269 34.77 73.33 2.44
C ILE AA 269 34.83 74.19 3.71
N LEU AA 270 35.55 75.30 3.64
CA LEU AA 270 35.62 76.27 4.73
C LEU AA 270 34.27 76.94 5.04
N THR AA 271 33.46 77.14 4.00
CA THR AA 271 32.10 77.69 4.16
C THR AA 271 31.16 76.78 4.96
N CYS AA 272 31.41 75.46 4.88
CA CYS AA 272 30.66 74.47 5.67
C CYS AA 272 30.97 74.55 7.17
N VAL AA 273 32.22 74.85 7.52
CA VAL AA 273 32.63 75.01 8.92
C VAL AA 273 31.98 76.23 9.58
N TYR AA 274 31.91 77.34 8.85
CA TYR AA 274 31.30 78.58 9.35
C TYR AA 274 29.76 78.51 9.40
N LEU AA 275 29.15 77.99 8.34
CA LEU AA 275 27.69 77.95 8.20
C LEU AA 275 27.02 76.95 9.14
N LYS AA 276 27.58 75.74 9.25
CA LYS AA 276 26.96 74.66 10.02
C LYS AA 276 27.01 74.87 11.53
N ASP AA 277 28.17 75.27 12.04
CA ASP AA 277 28.36 75.55 13.47
C ASP AA 277 27.52 76.75 13.95
N ALA AA 278 27.38 77.75 13.08
CA ALA AA 278 26.58 78.95 13.38
C ALA AA 278 25.07 78.76 13.18
N LEU AA 279 24.68 77.87 12.27
CA LEU AA 279 23.25 77.63 11.96
C LEU AA 279 22.50 76.96 13.10
N HIS AA 280 23.08 75.89 13.66
CA HIS AA 280 22.51 75.19 14.81
C HIS AA 280 23.55 74.28 15.49
N PRO AA 281 23.41 74.02 16.80
CA PRO AA 281 22.35 74.52 17.67
C PRO AA 281 22.67 75.90 18.25
N UNK BA 1 32.06 87.06 -12.89
CA UNK BA 1 31.27 88.06 -13.68
C UNK BA 1 31.11 89.37 -12.92
N UNK BA 2 30.41 89.32 -11.78
CA UNK BA 2 30.10 90.50 -10.98
C UNK BA 2 31.12 90.69 -9.86
N UNK BA 3 31.26 89.66 -9.02
CA UNK BA 3 32.16 89.69 -7.86
C UNK BA 3 33.65 89.60 -8.23
N UNK BA 4 33.95 88.84 -9.29
CA UNK BA 4 35.35 88.59 -9.70
C UNK BA 4 36.05 89.83 -10.27
N UNK BA 5 35.34 90.58 -11.11
CA UNK BA 5 35.87 91.82 -11.68
C UNK BA 5 36.02 92.95 -10.65
N UNK BA 6 35.09 93.01 -9.69
CA UNK BA 6 35.11 94.03 -8.64
C UNK BA 6 36.25 93.87 -7.63
N UNK BA 7 36.54 92.63 -7.27
CA UNK BA 7 37.62 92.32 -6.31
C UNK BA 7 39.01 92.55 -6.90
N UNK BA 8 39.21 92.13 -8.15
CA UNK BA 8 40.49 92.31 -8.86
C UNK BA 8 40.79 93.77 -9.18
N UNK BA 9 39.76 94.53 -9.54
CA UNK BA 9 39.91 95.96 -9.89
C UNK BA 9 40.34 96.85 -8.72
N UNK BA 10 40.00 96.45 -7.49
CA UNK BA 10 40.40 97.18 -6.27
C UNK BA 10 41.91 97.18 -6.05
N UNK BA 11 42.55 96.03 -6.28
CA UNK BA 11 44.01 95.89 -6.17
C UNK BA 11 44.77 96.59 -7.30
N UNK BA 12 44.16 96.67 -8.48
CA UNK BA 12 44.80 97.29 -9.65
C UNK BA 12 44.95 98.82 -9.50
N UNK BA 13 43.88 99.48 -9.04
CA UNK BA 13 43.92 100.92 -8.79
C UNK BA 13 44.79 101.29 -7.59
N UNK BA 14 44.81 100.42 -6.57
CA UNK BA 14 45.64 100.62 -5.38
C UNK BA 14 47.14 100.45 -5.68
N UNK BA 15 47.48 99.49 -6.53
CA UNK BA 15 48.86 99.26 -6.96
C UNK BA 15 49.43 100.41 -7.80
N UNK BA 16 48.56 101.02 -8.63
CA UNK BA 16 48.94 102.19 -9.44
C UNK BA 16 49.21 103.42 -8.57
N UNK BA 17 48.36 103.64 -7.56
CA UNK BA 17 48.55 104.72 -6.59
C UNK BA 17 49.78 104.50 -5.71
N UNK BA 18 50.08 103.24 -5.40
CA UNK BA 18 51.29 102.87 -4.65
C UNK BA 18 52.58 103.18 -5.41
N UNK BA 19 52.56 103.05 -6.74
CA UNK BA 19 53.70 103.38 -7.59
C UNK BA 19 54.01 104.89 -7.61
N UNK BA 20 52.96 105.71 -7.60
CA UNK BA 20 53.10 107.16 -7.52
C UNK BA 20 53.56 107.62 -6.13
N UNK BA 21 53.03 107.00 -5.08
CA UNK BA 21 53.37 107.32 -3.69
C UNK BA 21 54.79 106.91 -3.32
N UNK BA 22 55.20 105.71 -3.74
CA UNK BA 22 56.55 105.19 -3.47
C UNK BA 22 57.64 105.94 -4.23
N UNK BA 23 57.37 106.24 -5.50
CA UNK BA 23 58.33 106.96 -6.36
C UNK BA 23 58.48 108.45 -6.04
N UNK BA 24 57.54 109.03 -5.29
CA UNK BA 24 57.59 110.45 -4.91
C UNK BA 24 58.77 110.75 -3.98
N UNK BA 25 58.83 110.03 -2.85
CA UNK BA 25 59.92 110.15 -1.89
C UNK BA 25 60.94 109.04 -2.13
N UNK BA 26 61.62 109.12 -3.27
CA UNK BA 26 62.55 108.06 -3.72
C UNK BA 26 63.43 108.48 -4.91
N UNK BA 27 62.78 109.04 -5.95
CA UNK BA 27 63.45 109.52 -7.18
C UNK BA 27 63.81 108.35 -8.13
N UNK BA 28 64.95 108.42 -8.82
CA UNK BA 28 65.30 107.46 -9.88
C UNK BA 28 65.46 105.99 -9.43
N UNK BA 29 65.73 105.75 -8.15
CA UNK BA 29 65.89 104.39 -7.63
C UNK BA 29 64.59 103.58 -7.70
N UNK BA 30 63.52 104.13 -7.12
CA UNK BA 30 62.20 103.48 -7.12
C UNK BA 30 61.42 103.67 -8.42
N UNK BA 31 61.70 104.76 -9.14
CA UNK BA 31 60.98 105.11 -10.38
C UNK BA 31 61.08 104.05 -11.49
N UNK BA 32 62.23 103.40 -11.59
CA UNK BA 32 62.45 102.32 -12.57
C UNK BA 32 61.65 101.06 -12.22
N UNK BA 33 61.69 100.67 -10.94
CA UNK BA 33 60.98 99.49 -10.46
C UNK BA 33 59.46 99.69 -10.37
N UNK BA 34 59.03 100.88 -9.95
CA UNK BA 34 57.61 101.19 -9.76
C UNK BA 34 56.78 101.19 -11.04
N UNK BA 35 57.40 101.51 -12.18
CA UNK BA 35 56.74 101.47 -13.49
C UNK BA 35 56.41 100.04 -13.93
N UNK BA 36 57.35 99.12 -13.70
CA UNK BA 36 57.17 97.70 -14.05
C UNK BA 36 56.16 96.98 -13.15
N UNK BA 37 56.19 97.28 -11.85
CA UNK BA 37 55.29 96.64 -10.87
C UNK BA 37 53.82 97.05 -11.04
N UNK BA 38 53.59 98.32 -11.39
CA UNK BA 38 52.24 98.84 -11.63
C UNK BA 38 51.60 98.24 -12.88
N UNK BA 39 52.39 98.10 -13.95
CA UNK BA 39 51.94 97.48 -15.20
C UNK BA 39 51.67 95.98 -15.06
N UNK BA 40 52.49 95.30 -14.24
CA UNK BA 40 52.32 93.87 -13.96
C UNK BA 40 51.08 93.59 -13.11
N UNK BA 41 50.83 94.44 -12.11
CA UNK BA 41 49.66 94.33 -11.24
C UNK BA 41 48.35 94.65 -11.97
N UNK BA 42 48.39 95.66 -12.84
CA UNK BA 42 47.22 96.08 -13.62
C UNK BA 42 46.85 95.06 -14.71
N UNK BA 43 47.86 94.50 -15.37
CA UNK BA 43 47.66 93.50 -16.43
C UNK BA 43 47.12 92.16 -15.91
N UNK BA 44 47.54 91.77 -14.71
CA UNK BA 44 47.08 90.53 -14.08
C UNK BA 44 45.60 90.63 -13.63
N UNK BA 45 45.23 91.78 -13.07
CA UNK BA 45 43.85 92.02 -12.61
C UNK BA 45 42.84 92.14 -13.75
N UNK BA 46 43.22 92.83 -14.82
CA UNK BA 46 42.36 93.00 -16.00
C UNK BA 46 42.12 91.69 -16.74
N UNK BA 47 43.18 90.89 -16.88
CA UNK BA 47 43.09 89.56 -17.50
C UNK BA 47 42.30 88.57 -16.63
N UNK BA 48 42.40 88.70 -15.31
CA UNK BA 48 41.69 87.83 -14.36
C UNK BA 48 40.17 88.03 -14.39
N UNK BA 49 39.74 89.27 -14.53
CA UNK BA 49 38.31 89.60 -14.64
C UNK BA 49 37.68 89.05 -15.93
N UNK BA 50 38.45 89.07 -17.02
CA UNK BA 50 38.02 88.50 -18.31
C UNK BA 50 37.94 86.97 -18.28
N UNK BA 51 38.86 86.34 -17.55
CA UNK BA 51 38.86 84.87 -17.40
C UNK BA 51 37.69 84.36 -16.57
N UNK BA 52 37.38 85.08 -15.47
CA UNK BA 52 36.24 84.75 -14.62
C UNK BA 52 34.91 84.98 -15.34
N UNK BA 53 34.77 86.14 -15.97
CA UNK BA 53 33.60 86.47 -16.78
C UNK BA 53 33.69 85.76 -18.14
N UNK BA 54 33.34 84.47 -18.14
CA UNK BA 54 33.38 83.65 -19.36
C UNK BA 54 32.56 82.37 -19.18
N THR CA 2 -2.26 -8.30 -7.64
CA THR CA 2 -1.75 -8.02 -6.26
C THR CA 2 -2.92 -7.68 -5.31
N THR CA 3 -2.62 -6.97 -4.21
CA THR CA 3 -3.62 -6.31 -3.35
C THR CA 3 -3.73 -4.82 -3.68
N PHE CA 4 -2.58 -4.16 -3.74
CA PHE CA 4 -2.53 -2.76 -4.15
C PHE CA 4 -2.41 -2.73 -5.67
N ASP CA 5 -3.35 -3.32 -6.42
CA ASP CA 5 -3.28 -3.33 -7.89
C ASP CA 5 -3.30 -1.91 -8.48
N ASP CA 6 -3.93 -0.99 -7.74
CA ASP CA 6 -4.03 0.42 -8.12
C ASP CA 6 -2.69 1.14 -8.00
N ARG CA 7 -2.14 1.21 -6.79
CA ARG CA 7 -0.78 1.73 -6.59
C ARG CA 7 0.21 1.06 -7.56
N GLU CA 8 0.11 -0.26 -7.71
CA GLU CA 8 0.94 -1.04 -8.66
C GLU CA 8 1.01 -0.41 -10.04
N ARG CA 9 -0.18 -0.17 -10.60
CA ARG CA 9 -0.26 0.36 -11.98
C ARG CA 9 0.10 1.85 -12.06
N ALA CA 10 -0.45 2.64 -11.16
CA ALA CA 10 -0.13 4.06 -11.02
C ALA CA 10 1.38 4.36 -10.94
N HIS CA 11 2.11 3.46 -10.26
CA HIS CA 11 3.57 3.55 -10.11
C HIS CA 11 4.26 3.20 -11.43
N GLU CA 12 3.90 2.07 -12.03
CA GLU CA 12 4.59 1.65 -13.26
C GLU CA 12 4.43 2.70 -14.37
N ALA CA 13 3.18 3.11 -14.53
CA ALA CA 13 2.78 4.14 -15.47
C ALA CA 13 3.55 5.43 -15.21
N LYS CA 14 3.64 5.85 -13.94
CA LYS CA 14 4.38 7.07 -13.60
C LYS CA 14 5.85 6.96 -14.00
N PHE CA 15 6.54 5.95 -13.49
CA PHE CA 15 7.99 5.85 -13.73
C PHE CA 15 8.32 5.54 -15.19
N ALA CA 16 7.36 5.01 -15.95
CA ALA CA 16 7.46 4.90 -17.40
C ALA CA 16 7.33 6.25 -18.08
N HIS CA 17 6.42 7.09 -17.58
CA HIS CA 17 6.26 8.48 -18.06
C HIS CA 17 7.55 9.28 -17.86
N ASP CA 18 8.11 9.23 -16.65
CA ASP CA 18 9.38 9.91 -16.32
C ASP CA 18 10.58 9.39 -17.12
N ALA CA 19 10.55 8.10 -17.45
CA ALA CA 19 11.53 7.54 -18.39
C ALA CA 19 11.38 8.21 -19.76
N GLU CA 20 10.21 8.09 -20.38
CA GLU CA 20 9.93 8.68 -21.70
C GLU CA 20 10.17 10.21 -21.72
N LEU CA 21 9.68 10.88 -20.69
CA LEU CA 21 9.87 12.32 -20.54
C LEU CA 21 11.34 12.71 -20.52
N ASN CA 22 12.19 11.92 -19.84
CA ASN CA 22 13.65 12.17 -19.85
C ASN CA 22 14.34 11.88 -21.20
N PHE CA 23 13.78 10.95 -21.98
CA PHE CA 23 14.22 10.77 -23.38
C PHE CA 23 13.86 12.00 -24.22
N LYS CA 24 12.69 12.59 -23.98
CA LYS CA 24 12.30 13.82 -24.65
C LYS CA 24 13.27 14.94 -24.29
N ALA CA 25 13.66 15.03 -23.01
CA ALA CA 25 14.66 15.99 -22.54
C ALA CA 25 16.03 15.81 -23.20
N GLU CA 26 16.41 14.55 -23.47
CA GLU CA 26 17.60 14.29 -24.27
C GLU CA 26 17.45 14.90 -25.67
N ALA CA 27 16.31 14.68 -26.31
CA ALA CA 27 16.03 15.25 -27.63
C ALA CA 27 16.02 16.78 -27.64
N ARG CA 28 15.60 17.38 -26.53
CA ARG CA 28 15.69 18.83 -26.34
C ARG CA 28 17.15 19.28 -26.31
N ARG CA 29 17.96 18.69 -25.43
CA ARG CA 29 19.38 19.12 -25.29
C ARG CA 29 20.20 18.87 -26.57
N ASN CA 30 19.88 17.79 -27.28
CA ASN CA 30 20.45 17.54 -28.60
C ASN CA 30 20.06 18.65 -29.60
N ARG CA 31 18.80 19.07 -29.55
CA ARG CA 31 18.30 20.21 -30.35
C ARG CA 31 18.86 21.58 -29.91
N LEU CA 32 19.60 21.62 -28.78
CA LEU CA 32 20.31 22.84 -28.32
C LEU CA 32 21.81 22.84 -28.68
N LEU CA 33 22.48 21.70 -28.53
CA LEU CA 33 23.83 21.50 -29.08
C LEU CA 33 23.85 21.51 -30.62
N GLU CA 83 36.74 21.43 -21.60
CA GLU CA 83 35.91 22.29 -20.76
C GLU CA 83 34.51 22.53 -21.36
N THR CA 84 34.39 22.49 -22.68
CA THR CA 84 33.21 23.03 -23.37
C THR CA 84 32.17 21.98 -23.74
N ILE CA 85 32.62 20.83 -24.24
CA ILE CA 85 31.77 19.64 -24.42
C ILE CA 85 31.11 19.27 -23.08
N ARG CA 86 31.95 19.08 -22.05
CA ARG CA 86 31.47 18.77 -20.70
C ARG CA 86 30.50 19.85 -20.23
N ALA CA 87 30.89 21.11 -20.45
CA ALA CA 87 30.08 22.26 -20.01
C ALA CA 87 28.68 22.22 -20.61
N LYS CA 88 28.59 22.28 -21.94
CA LYS CA 88 27.31 22.33 -22.64
C LYS CA 88 26.42 21.15 -22.27
N MET CA 89 27.02 19.96 -22.10
CA MET CA 89 26.25 18.76 -21.74
C MET CA 89 25.55 18.91 -20.37
N VAL CA 90 26.19 19.64 -19.45
CA VAL CA 90 25.56 20.03 -18.18
C VAL CA 90 24.58 21.20 -18.40
N GLU CA 91 25.11 22.27 -19.01
CA GLU CA 91 24.38 23.54 -19.25
C GLU CA 91 22.99 23.30 -19.86
N LEU CA 92 22.89 22.28 -20.69
CA LEU CA 92 21.72 21.99 -21.48
C LEU CA 92 21.03 20.69 -21.08
N ARG CA 93 21.64 19.91 -20.18
CA ARG CA 93 20.87 18.96 -19.35
C ARG CA 93 19.84 19.73 -18.53
N ALA CA 94 20.33 20.66 -17.69
CA ALA CA 94 19.46 21.50 -16.85
C ALA CA 94 18.50 22.34 -17.70
N THR CA 95 19.04 22.99 -18.74
CA THR CA 95 18.19 23.82 -19.62
C THR CA 95 17.07 23.01 -20.24
N ALA CA 96 17.41 21.88 -20.86
CA ALA CA 96 16.41 21.08 -21.55
C ALA CA 96 15.33 20.59 -20.58
N ARG CA 97 15.71 20.34 -19.32
CA ARG CA 97 14.76 19.86 -18.31
C ARG CA 97 13.71 20.91 -17.93
N GLU CA 98 14.17 22.17 -17.81
CA GLU CA 98 13.24 23.29 -17.66
C GLU CA 98 12.37 23.49 -18.90
N GLN CA 99 12.99 23.51 -20.09
CA GLN CA 99 12.25 23.61 -21.37
C GLN CA 99 11.08 22.62 -21.45
N ILE CA 100 11.36 21.36 -21.15
CA ILE CA 100 10.33 20.31 -21.15
C ILE CA 100 9.20 20.62 -20.18
N ILE CA 101 9.56 21.13 -18.99
CA ILE CA 101 8.53 21.55 -18.04
C ILE CA 101 8.10 22.96 -18.41
N SER CA 102 7.47 23.09 -19.56
CA SER CA 102 7.16 24.39 -20.19
C SER CA 102 6.94 24.14 -21.66
N GLU CA 103 5.68 23.92 -22.04
CA GLU CA 103 5.32 23.60 -23.43
C GLU CA 103 4.59 24.76 -24.12
N ILE CA 104 3.73 25.47 -23.40
CA ILE CA 104 3.27 26.80 -23.82
C ILE CA 104 3.08 27.67 -22.59
PG ATP DA . 1.15 -31.69 -20.98
O1G ATP DA . 1.58 -32.60 -22.11
O2G ATP DA . 0.53 -30.39 -21.42
O3G ATP DA . 0.41 -32.39 -19.85
PB ATP DA . 3.40 -32.18 -19.36
O1B ATP DA . 2.94 -31.94 -17.95
O2B ATP DA . 3.37 -33.58 -19.91
O3B ATP DA . 2.54 -31.22 -20.33
PA ATP DA . 5.82 -31.92 -20.79
O1A ATP DA . 6.86 -32.88 -20.28
O2A ATP DA . 4.96 -32.27 -21.98
O3A ATP DA . 4.88 -31.56 -19.53
O5' ATP DA . 6.59 -30.52 -21.09
C5' ATP DA . 6.02 -29.42 -21.79
C4' ATP DA . 7.08 -28.77 -22.68
O4' ATP DA . 8.19 -28.32 -21.90
C3' ATP DA . 7.62 -29.73 -23.72
O3' ATP DA . 7.61 -29.12 -25.00
C2' ATP DA . 9.03 -30.07 -23.24
O2' ATP DA . 9.97 -30.22 -24.32
C1' ATP DA . 9.42 -28.89 -22.35
N9 ATP DA . 10.26 -29.32 -21.19
C8 ATP DA . 9.85 -30.08 -20.16
N7 ATP DA . 10.85 -30.29 -19.26
C5 ATP DA . 11.93 -29.63 -19.71
C6 ATP DA . 13.31 -29.42 -19.23
N6 ATP DA . 13.74 -29.98 -18.07
N1 ATP DA . 14.13 -28.65 -19.99
C2 ATP DA . 13.71 -28.08 -21.15
N3 ATP DA . 12.46 -28.23 -21.63
C4 ATP DA . 11.53 -28.97 -20.98
MG MG EA . 2.18 -34.87 -20.67
PB ADP FA . -16.10 -25.96 25.80
O1B ADP FA . -15.25 -27.10 25.31
O2B ADP FA . -16.17 -24.79 24.84
O3B ADP FA . -17.44 -26.37 26.35
PA ADP FA . -15.26 -26.10 28.50
O1A ADP FA . -15.37 -27.59 28.28
O2A ADP FA . -16.24 -25.39 29.40
O3A ADP FA . -15.30 -25.36 27.06
O5' ADP FA . -13.79 -25.77 29.06
C5' ADP FA . -12.60 -26.03 28.31
C4' ADP FA . -11.38 -25.53 29.06
O4' ADP FA . -11.58 -24.19 29.48
C3' ADP FA . -11.07 -26.36 30.30
O3' ADP FA . -9.81 -27.02 30.17
C2' ADP FA . -11.09 -25.37 31.46
O2' ADP FA . -9.98 -25.54 32.36
C1' ADP FA . -11.04 -24.00 30.80
N9 ADP FA . -11.81 -22.97 31.56
C8 ADP FA . -13.13 -22.67 31.40
N7 ADP FA . -13.50 -21.68 32.24
C5 ADP FA . -12.42 -21.33 32.96
C6 ADP FA . -12.11 -20.35 34.05
N6 ADP FA . -13.08 -19.53 34.53
N1 ADP FA . -10.85 -20.31 34.53
C2 ADP FA . -9.87 -21.13 34.07
N3 ADP FA . -10.08 -22.03 33.09
C4 ADP FA . -11.31 -22.19 32.51
MG MG GA . -18.93 -28.27 25.81
PG ATP HA . -33.60 -3.17 -11.12
O1G ATP HA . -33.64 -3.42 -9.63
O2G ATP HA . -34.78 -2.37 -11.63
O3G ATP HA . -33.28 -4.40 -11.95
PB ATP HA . -32.11 -1.24 -12.60
O1B ATP HA . -30.64 -0.93 -12.68
O2B ATP HA . -32.82 -1.84 -13.79
O3B ATP HA . -32.32 -2.20 -11.32
PA ATP HA . -32.88 1.44 -13.11
O1A ATP HA . -32.12 1.14 -14.38
O2A ATP HA . -34.30 1.93 -13.20
O3A ATP HA . -32.87 0.12 -12.18
O5' ATP HA . -32.03 2.52 -12.26
C5' ATP HA . -32.29 2.71 -10.87
C4' ATP HA . -32.37 4.19 -10.53
O4' ATP HA . -31.17 4.86 -10.93
C3' ATP HA . -33.54 4.91 -11.21
O3' ATP HA . -34.52 5.28 -10.23
C2' ATP HA . -32.92 6.10 -11.93
O2' ATP HA . -33.58 7.34 -11.63
C1' ATP HA . -31.47 6.14 -11.48
N9 ATP HA . -30.57 6.45 -12.61
C8 ATP HA . -30.20 5.59 -13.58
N7 ATP HA . -29.37 6.20 -14.46
C5 ATP HA . -29.20 7.46 -14.06
C6 ATP HA . -28.43 8.64 -14.54
N6 ATP HA . -27.68 8.58 -15.66
N1 ATP HA . -28.53 9.79 -13.82
C2 ATP HA . -29.29 9.88 -12.70
N3 ATP HA . -29.99 8.84 -12.21
C4 ATP HA . -29.99 7.63 -12.83
MG MG IA . -34.81 -2.70 -14.10
PG ATP JA . -16.11 -14.57 -28.76
O1G ATP JA . -15.27 -15.81 -28.62
O2G ATP JA . -16.61 -14.34 -30.18
O3G ATP JA . -17.18 -14.42 -27.71
PB ATP JA . -13.53 -13.39 -28.82
O1B ATP JA . -12.84 -13.88 -27.57
O2B ATP JA . -13.31 -14.14 -30.11
O3B ATP JA . -15.12 -13.32 -28.52
PA ATP JA . -13.49 -11.04 -30.34
O1A ATP JA . -12.65 -11.58 -31.47
O2A ATP JA . -14.99 -11.00 -30.47
O3A ATP JA . -13.12 -11.85 -29.01
O5' ATP JA . -12.96 -9.57 -29.99
C5' ATP JA . -13.56 -8.79 -28.96
C4' ATP JA . -13.07 -7.35 -29.05
O4' ATP JA . -11.64 -7.32 -28.87
C3' ATP JA . -13.40 -6.70 -30.40
O3' ATP JA . -14.36 -5.65 -30.23
C2' ATP JA . -12.06 -6.21 -30.93
O2' ATP JA . -12.10 -4.82 -31.32
C1' ATP JA . -11.05 -6.41 -29.82
N9 ATP JA . -9.79 -6.94 -30.41
C8 ATP JA . -9.37 -8.23 -30.42
N7 ATP JA . -8.19 -8.34 -31.06
C5 ATP JA . -7.83 -7.12 -31.50
C6 ATP JA . -6.69 -6.53 -32.25
N6 ATP JA . -5.68 -7.30 -32.68
N1 ATP JA . -6.72 -5.19 -32.48
C2 ATP JA . -7.74 -4.40 -32.06
N3 ATP JA . -8.80 -4.88 -31.37
C4 ATP JA . -8.90 -6.20 -31.06
MG MG KA . -16.38 -15.81 -31.45
PG ATP LA . -34.89 -10.68 13.59
O1G ATP LA . -34.07 -11.59 12.71
O2G ATP LA . -35.60 -9.56 12.85
O3G ATP LA . -35.81 -11.43 14.54
PB ATP LA . -33.02 -8.60 14.30
O1B ATP LA . -31.84 -8.86 13.40
O2B ATP LA . -34.05 -7.59 13.86
O3B ATP LA . -33.81 -9.99 14.59
PA ATP LA . -33.04 -6.96 16.60
O1A ATP LA . -33.51 -5.85 15.70
O2A ATP LA . -34.02 -7.56 17.58
O3A ATP LA . -32.44 -8.17 15.73
O5' ATP LA . -31.78 -6.39 17.45
C5' ATP LA . -30.43 -6.83 17.28
C4' ATP LA . -29.49 -6.40 18.42
O4' ATP LA . -28.81 -5.20 18.07
C3' ATP LA . -30.18 -6.14 19.76
O3' ATP LA . -29.48 -6.85 20.79
C2' ATP LA . -30.11 -4.64 19.97
O2' ATP LA . -29.72 -4.33 21.32
C1' ATP LA . -29.11 -4.11 18.96
N9 ATP LA . -29.67 -2.97 18.19
C8 ATP LA . -30.48 -3.08 17.11
N7 ATP LA . -30.83 -1.86 16.64
C5 ATP LA . -30.25 -0.94 17.41
C6 ATP LA . -30.22 0.54 17.48
N6 ATP LA . -30.89 1.29 16.57
N1 ATP LA . -29.47 1.11 18.46
C2 ATP LA . -28.80 0.38 19.36
N3 ATP LA . -28.79 -0.97 19.37
C4 ATP LA . -29.49 -1.68 18.44
MG MG MA . -37.33 -9.74 14.23
#